data_3PCJ
#
_entry.id   3PCJ
#
_cell.length_a   196.200
_cell.length_b   127.100
_cell.length_c   133.700
_cell.angle_alpha   90.00
_cell.angle_beta   97.70
_cell.angle_gamma   90.00
#
_symmetry.space_group_name_H-M   'I 1 2 1'
#
loop_
_entity.id
_entity.type
_entity.pdbx_description
1 polymer 'PROTOCATECHUATE 3,4-DIOXYGENASE'
2 polymer 'PROTOCATECHUATE 3,4-DIOXYGENASE'
3 non-polymer 'FE (III) ION'
4 non-polymer BETA-MERCAPTOETHANOL
5 non-polymer '2-HYDROXYISONICOTINIC ACID N-OXIDE'
6 water water
#
loop_
_entity_poly.entity_id
_entity_poly.type
_entity_poly.pdbx_seq_one_letter_code
_entity_poly.pdbx_strand_id
1 'polypeptide(L)'
;PIELLPETPSQTAGPYVHIGLALEAAGNPTRDQEIWNRLAKPDAPGEHILLLGQVYDGNGHLVRDSFLEVWQADANGEYQ
DAYNLENAFNSFGRTATTFDAGEWTLHTVKPGVVNNAAGVPMAPHINISLFARGINIHLHTRLYFDDEAQANAKCPVLNL
IEQPQRRETLIAKRCEVDGKTAYRFDIRIQGEGETVFFDF
;
A,B,C,D,E,F
2 'polypeptide(L)'
;PAQDNSRFVIRDRNWHPKALTPDYKTSIARSPRQALVSIPQSISETTGPNFSHLGFGAHDHDLLLNFNNGGLPIGERIIV
AGRVVDQYGKPVPNTLVEMWQANAGGRYRHKNDRYLAPLDPNFGGVGRCLTDSDGYYSFRTIKPGPYPWRNGPNDWRPAH
IHFGISGPSIATKLITQLYFEGDPLIPMCPIVKSIANPEAVQQLIAKLDMNNANPMDCLAYRFDIVLRGQRKTHFENC
;
M,N,O,P,Q,R
#
loop_
_chem_comp.id
_chem_comp.type
_chem_comp.name
_chem_comp.formula
BME non-polymer BETA-MERCAPTOETHANOL 'C2 H6 O S'
FE non-polymer 'FE (III) ION' 'Fe 3'
INO non-polymer '2-HYDROXYISONICOTINIC ACID N-OXIDE' 'C6 H5 N O4'
#
# COMPACT_ATOMS: atom_id res chain seq x y z
N PRO A 1 12.15 -15.54 -24.28
CA PRO A 1 11.26 -16.62 -24.71
C PRO A 1 9.83 -16.08 -24.61
N ILE A 2 8.90 -16.95 -25.04
CA ILE A 2 7.49 -16.57 -24.95
C ILE A 2 7.03 -16.81 -23.51
N GLU A 3 6.30 -15.90 -22.96
CA GLU A 3 5.78 -16.09 -21.56
C GLU A 3 4.27 -15.93 -21.61
N LEU A 4 3.57 -16.92 -21.09
CA LEU A 4 2.06 -16.87 -21.11
C LEU A 4 1.62 -16.21 -19.81
N LEU A 5 0.31 -16.13 -19.59
CA LEU A 5 -0.16 -15.58 -18.27
C LEU A 5 0.26 -16.70 -17.28
N PRO A 6 0.72 -16.30 -16.13
CA PRO A 6 1.11 -17.22 -15.08
C PRO A 6 -0.19 -17.83 -14.48
N GLU A 7 -0.10 -19.12 -14.21
CA GLU A 7 -1.28 -19.84 -13.66
C GLU A 7 -1.54 -19.34 -12.25
N THR A 8 -2.80 -19.20 -11.84
CA THR A 8 -3.06 -18.85 -10.40
C THR A 8 -2.35 -19.83 -9.50
N PRO A 9 -1.61 -19.36 -8.51
CA PRO A 9 -0.88 -20.20 -7.58
C PRO A 9 -1.80 -21.00 -6.65
N SER A 10 -1.38 -22.23 -6.34
CA SER A 10 -2.14 -23.12 -5.46
C SER A 10 -1.95 -22.74 -4.00
N GLN A 11 -2.93 -23.16 -3.19
CA GLN A 11 -2.88 -22.96 -1.73
C GLN A 11 -3.43 -24.25 -1.12
N THR A 12 -3.05 -24.53 0.08
CA THR A 12 -3.52 -25.71 0.81
C THR A 12 -5.06 -25.62 0.89
N ALA A 13 -5.68 -26.79 0.97
CA ALA A 13 -7.15 -26.87 1.08
C ALA A 13 -7.53 -26.49 2.50
N GLY A 14 -6.58 -26.68 3.39
CA GLY A 14 -6.80 -26.33 4.84
C GLY A 14 -7.57 -27.47 5.51
N PRO A 15 -7.66 -27.37 6.83
CA PRO A 15 -8.34 -28.33 7.68
C PRO A 15 -9.83 -28.48 7.50
N TYR A 16 -10.52 -27.48 7.04
CA TYR A 16 -11.96 -27.40 6.88
C TYR A 16 -12.50 -27.58 5.49
N VAL A 17 -11.70 -28.15 4.61
CA VAL A 17 -12.06 -28.42 3.23
C VAL A 17 -13.40 -29.10 3.10
N HIS A 18 -13.75 -29.89 4.07
CA HIS A 18 -15.00 -30.65 4.15
C HIS A 18 -16.24 -29.79 4.05
N ILE A 19 -16.16 -28.61 4.64
CA ILE A 19 -17.33 -27.72 4.59
C ILE A 19 -17.69 -27.38 3.18
N GLY A 20 -16.68 -27.28 2.31
CA GLY A 20 -16.92 -26.93 0.91
C GLY A 20 -17.07 -28.08 -0.04
N LEU A 21 -16.30 -29.14 0.16
CA LEU A 21 -16.24 -30.28 -0.72
C LEU A 21 -16.66 -31.64 -0.25
N ALA A 22 -17.03 -31.81 0.96
CA ALA A 22 -17.45 -33.05 1.61
C ALA A 22 -18.40 -32.69 2.77
N LEU A 23 -19.50 -32.07 2.34
CA LEU A 23 -20.55 -31.56 3.24
C LEU A 23 -20.85 -32.46 4.42
N GLU A 24 -21.29 -33.66 4.13
CA GLU A 24 -21.61 -34.70 5.12
C GLU A 24 -20.57 -34.72 6.24
N ALA A 25 -19.34 -35.08 5.88
CA ALA A 25 -18.22 -35.19 6.81
C ALA A 25 -18.01 -33.96 7.65
N ALA A 26 -18.35 -32.81 7.08
CA ALA A 26 -18.19 -31.53 7.83
C ALA A 26 -19.22 -31.53 8.99
N GLY A 27 -20.15 -32.47 8.80
CA GLY A 27 -21.26 -32.59 9.78
C GLY A 27 -22.27 -31.48 9.45
N ASN A 28 -22.39 -31.20 8.15
CA ASN A 28 -23.34 -30.16 7.70
C ASN A 28 -24.36 -30.73 6.70
N PRO A 29 -25.50 -30.07 6.65
CA PRO A 29 -26.56 -30.43 5.71
C PRO A 29 -25.98 -30.41 4.28
N THR A 30 -26.31 -31.43 3.51
CA THR A 30 -25.82 -31.50 2.11
C THR A 30 -26.92 -30.94 1.21
N ARG A 31 -26.57 -30.76 -0.04
CA ARG A 31 -27.47 -30.25 -1.08
C ARG A 31 -28.12 -31.41 -1.81
N ASP A 32 -29.08 -31.07 -2.64
CA ASP A 32 -29.81 -32.06 -3.43
C ASP A 32 -28.81 -32.97 -4.16
N GLN A 33 -27.84 -32.41 -4.85
CA GLN A 33 -26.87 -33.22 -5.63
C GLN A 33 -25.43 -32.97 -5.19
N GLU A 34 -24.79 -34.02 -4.71
CA GLU A 34 -23.40 -33.94 -4.25
C GLU A 34 -22.52 -34.89 -5.04
N ILE A 35 -21.25 -34.52 -5.15
CA ILE A 35 -20.21 -35.32 -5.83
C ILE A 35 -19.58 -36.13 -4.67
N TRP A 36 -19.79 -37.43 -4.71
CA TRP A 36 -19.26 -38.30 -3.63
C TRP A 36 -18.58 -39.54 -4.09
N ASN A 37 -18.37 -40.51 -3.20
CA ASN A 37 -17.65 -41.75 -3.38
C ASN A 37 -18.27 -42.99 -3.96
N ARG A 38 -19.32 -42.88 -4.67
CA ARG A 38 -20.09 -43.97 -5.30
C ARG A 38 -20.09 -43.70 -6.79
N LEU A 39 -19.04 -44.12 -7.45
CA LEU A 39 -18.93 -43.88 -8.92
C LEU A 39 -19.87 -44.75 -9.72
N ALA A 40 -20.07 -45.98 -9.24
CA ALA A 40 -20.92 -46.94 -9.94
C ALA A 40 -22.23 -47.24 -9.20
N LYS A 41 -23.28 -47.29 -9.99
CA LYS A 41 -24.63 -47.70 -9.48
C LYS A 41 -24.61 -49.24 -9.66
N PRO A 42 -25.21 -49.91 -8.73
CA PRO A 42 -25.28 -51.39 -8.71
C PRO A 42 -25.41 -52.03 -10.06
N ASP A 43 -26.22 -51.45 -10.89
CA ASP A 43 -26.51 -51.93 -12.25
C ASP A 43 -25.49 -51.49 -13.27
N ALA A 44 -24.32 -51.10 -12.81
CA ALA A 44 -23.25 -50.64 -13.73
C ALA A 44 -22.43 -51.85 -14.17
N PRO A 45 -22.15 -51.89 -15.46
CA PRO A 45 -21.34 -52.95 -16.06
C PRO A 45 -19.90 -52.89 -15.55
N GLY A 46 -19.35 -54.05 -15.28
CA GLY A 46 -17.96 -54.18 -14.82
C GLY A 46 -17.92 -54.91 -13.48
N GLU A 47 -16.68 -55.18 -13.03
CA GLU A 47 -16.50 -55.83 -11.75
C GLU A 47 -16.55 -54.78 -10.62
N HIS A 48 -17.61 -54.83 -9.85
CA HIS A 48 -17.83 -53.94 -8.71
C HIS A 48 -16.82 -54.22 -7.62
N ILE A 49 -16.09 -53.17 -7.24
CA ILE A 49 -15.05 -53.23 -6.22
C ILE A 49 -15.18 -52.08 -5.24
N LEU A 50 -14.63 -52.34 -4.07
CA LEU A 50 -14.57 -51.40 -2.97
C LEU A 50 -13.07 -51.07 -2.76
N LEU A 51 -12.80 -49.78 -2.80
CA LEU A 51 -11.39 -49.31 -2.58
C LEU A 51 -11.37 -48.69 -1.17
N LEU A 52 -10.27 -48.91 -0.49
CA LEU A 52 -10.13 -48.33 0.87
C LEU A 52 -8.67 -48.10 1.16
N GLY A 53 -8.39 -47.25 2.12
CA GLY A 53 -7.05 -46.92 2.51
C GLY A 53 -6.97 -45.82 3.53
N GLN A 54 -5.74 -45.69 4.01
CA GLN A 54 -5.30 -44.70 4.99
C GLN A 54 -4.20 -43.86 4.38
N VAL A 55 -4.05 -42.68 4.96
CA VAL A 55 -3.02 -41.71 4.54
C VAL A 55 -2.13 -41.48 5.74
N TYR A 56 -0.85 -41.64 5.64
CA TYR A 56 0.12 -41.46 6.70
C TYR A 56 1.05 -40.27 6.38
N ASP A 57 1.50 -39.62 7.42
CA ASP A 57 2.43 -38.49 7.28
C ASP A 57 3.84 -39.03 7.43
N GLY A 58 4.85 -38.22 7.43
CA GLY A 58 6.23 -38.58 7.58
C GLY A 58 6.64 -39.14 8.93
N ASN A 59 5.78 -39.08 9.92
CA ASN A 59 6.06 -39.62 11.26
C ASN A 59 5.36 -40.96 11.49
N GLY A 60 4.61 -41.39 10.50
CA GLY A 60 3.85 -42.63 10.51
C GLY A 60 2.49 -42.40 11.13
N HIS A 61 2.06 -41.16 11.23
CA HIS A 61 0.73 -40.87 11.82
C HIS A 61 -0.32 -40.70 10.77
N LEU A 62 -1.54 -41.01 11.14
CA LEU A 62 -2.69 -40.90 10.22
C LEU A 62 -2.98 -39.41 9.98
N VAL A 63 -3.34 -39.13 8.76
CA VAL A 63 -3.78 -37.83 8.26
C VAL A 63 -5.31 -38.01 8.17
N ARG A 64 -6.00 -37.41 9.12
CA ARG A 64 -7.45 -37.54 9.22
C ARG A 64 -8.25 -36.47 8.56
N ASP A 65 -7.57 -35.54 7.92
CA ASP A 65 -8.28 -34.42 7.26
C ASP A 65 -8.00 -34.36 5.77
N SER A 66 -7.61 -35.48 5.20
CA SER A 66 -7.29 -35.56 3.77
C SER A 66 -8.56 -35.63 2.94
N PHE A 67 -8.45 -35.11 1.74
CA PHE A 67 -9.58 -35.07 0.76
C PHE A 67 -8.97 -35.68 -0.48
N LEU A 68 -9.69 -36.56 -1.17
CA LEU A 68 -9.18 -37.21 -2.37
C LEU A 68 -10.23 -37.13 -3.49
N GLU A 69 -9.69 -37.03 -4.69
CA GLU A 69 -10.44 -36.96 -5.92
C GLU A 69 -9.94 -38.06 -6.83
N VAL A 70 -10.85 -38.76 -7.52
CA VAL A 70 -10.49 -39.88 -8.40
C VAL A 70 -11.04 -39.67 -9.80
N TRP A 71 -10.27 -40.20 -10.75
CA TRP A 71 -10.62 -40.15 -12.19
C TRP A 71 -10.21 -41.52 -12.76
N GLN A 72 -11.22 -42.20 -13.29
CA GLN A 72 -10.98 -43.53 -13.87
C GLN A 72 -11.87 -43.79 -15.09
N ALA A 73 -11.41 -44.74 -15.90
CA ALA A 73 -12.14 -45.21 -17.09
C ALA A 73 -13.22 -46.20 -16.57
N ASP A 74 -14.25 -46.32 -17.40
CA ASP A 74 -15.32 -47.31 -17.06
C ASP A 74 -14.69 -48.66 -17.43
N ALA A 75 -15.44 -49.71 -17.32
CA ALA A 75 -15.07 -51.10 -17.58
C ALA A 75 -14.58 -51.31 -19.01
N ASN A 76 -14.99 -50.49 -19.93
CA ASN A 76 -14.63 -50.52 -21.34
C ASN A 76 -13.29 -49.84 -21.63
N GLY A 77 -12.75 -49.16 -20.64
CA GLY A 77 -11.50 -48.42 -20.75
C GLY A 77 -11.83 -47.04 -21.36
N GLU A 78 -13.01 -46.57 -21.06
CA GLU A 78 -13.51 -45.27 -21.54
C GLU A 78 -13.82 -44.27 -20.43
N TYR A 79 -13.37 -43.05 -20.68
CA TYR A 79 -13.53 -41.94 -19.72
C TYR A 79 -14.85 -41.23 -19.98
N GLN A 80 -15.66 -41.27 -18.94
CA GLN A 80 -17.03 -40.70 -18.99
C GLN A 80 -17.01 -39.36 -18.26
N ASP A 81 -16.86 -38.32 -19.05
CA ASP A 81 -16.74 -36.96 -18.51
C ASP A 81 -18.04 -36.28 -18.22
N ALA A 82 -19.10 -36.69 -18.89
CA ALA A 82 -20.40 -36.02 -18.65
C ALA A 82 -20.99 -36.49 -17.32
N TYR A 83 -20.64 -35.78 -16.24
CA TYR A 83 -21.09 -36.09 -14.89
C TYR A 83 -22.58 -35.92 -14.64
N ASN A 84 -23.19 -36.95 -14.13
CA ASN A 84 -24.64 -36.98 -13.80
C ASN A 84 -24.91 -38.10 -12.79
N LEU A 85 -25.68 -37.72 -11.76
CA LEU A 85 -26.09 -38.58 -10.66
C LEU A 85 -26.98 -39.71 -11.15
N GLU A 86 -27.56 -39.51 -12.31
CA GLU A 86 -28.43 -40.44 -13.01
C GLU A 86 -27.66 -41.47 -13.82
N ASN A 87 -26.38 -41.28 -14.06
CA ASN A 87 -25.63 -42.27 -14.86
C ASN A 87 -25.37 -43.46 -13.87
N ALA A 88 -25.26 -44.63 -14.45
CA ALA A 88 -24.96 -45.86 -13.71
C ALA A 88 -23.49 -45.84 -13.25
N PHE A 89 -22.67 -45.20 -14.07
CA PHE A 89 -21.25 -44.99 -13.86
C PHE A 89 -20.79 -43.54 -14.14
N ASN A 90 -20.00 -43.01 -13.24
CA ASN A 90 -19.36 -41.70 -13.32
C ASN A 90 -17.83 -41.97 -13.14
N SER A 91 -17.05 -41.46 -14.03
CA SER A 91 -15.59 -41.56 -14.06
C SER A 91 -14.91 -40.79 -12.93
N PHE A 92 -15.64 -39.85 -12.38
CA PHE A 92 -15.16 -38.98 -11.29
C PHE A 92 -15.88 -39.17 -9.98
N GLY A 93 -15.11 -39.04 -8.90
CA GLY A 93 -15.64 -39.12 -7.53
C GLY A 93 -14.71 -38.38 -6.55
N ARG A 94 -15.20 -38.29 -5.33
CA ARG A 94 -14.55 -37.67 -4.19
C ARG A 94 -14.74 -38.52 -2.95
N THR A 95 -13.79 -38.52 -2.07
CA THR A 95 -13.79 -39.28 -0.83
C THR A 95 -12.93 -38.49 0.16
N ALA A 96 -12.97 -38.90 1.39
CA ALA A 96 -12.21 -38.22 2.46
C ALA A 96 -12.00 -39.22 3.57
N THR A 97 -11.02 -38.97 4.41
CA THR A 97 -10.74 -39.87 5.55
C THR A 97 -11.43 -39.29 6.81
N THR A 98 -11.96 -40.27 7.54
CA THR A 98 -12.69 -40.06 8.80
C THR A 98 -11.79 -39.52 9.89
N PHE A 99 -12.39 -38.62 10.67
CA PHE A 99 -11.72 -37.99 11.79
C PHE A 99 -11.50 -38.99 12.90
N ASP A 100 -12.02 -40.17 12.73
CA ASP A 100 -11.86 -41.27 13.75
C ASP A 100 -10.69 -42.17 13.26
N ALA A 101 -11.12 -43.35 12.89
CA ALA A 101 -10.24 -44.40 12.37
C ALA A 101 -9.35 -43.85 11.25
N GLY A 102 -9.86 -42.92 10.46
CA GLY A 102 -9.15 -42.27 9.38
C GLY A 102 -8.93 -43.04 8.12
N GLU A 103 -9.99 -43.56 7.56
CA GLU A 103 -9.95 -44.39 6.34
C GLU A 103 -10.97 -43.88 5.35
N TRP A 104 -10.64 -43.92 4.08
CA TRP A 104 -11.57 -43.49 3.01
C TRP A 104 -12.04 -44.76 2.28
N THR A 105 -13.10 -44.61 1.54
CA THR A 105 -13.71 -45.71 0.77
C THR A 105 -14.31 -45.09 -0.48
N LEU A 106 -14.37 -45.90 -1.49
CA LEU A 106 -14.92 -45.54 -2.81
C LEU A 106 -15.61 -46.79 -3.33
N HIS A 107 -16.71 -46.59 -3.98
CA HIS A 107 -17.51 -47.71 -4.55
C HIS A 107 -17.47 -47.48 -6.04
N THR A 108 -16.81 -48.40 -6.73
CA THR A 108 -16.62 -48.30 -8.19
C THR A 108 -16.56 -49.66 -8.86
N VAL A 109 -16.15 -49.64 -10.10
CA VAL A 109 -15.92 -50.78 -10.98
C VAL A 109 -14.45 -50.71 -11.42
N LYS A 110 -13.89 -51.88 -11.68
CA LYS A 110 -12.48 -51.98 -12.09
C LYS A 110 -12.38 -51.37 -13.49
N PRO A 111 -11.46 -50.40 -13.59
CA PRO A 111 -11.25 -49.68 -14.86
C PRO A 111 -10.68 -50.59 -15.93
N GLY A 112 -11.03 -50.33 -17.17
CA GLY A 112 -10.50 -51.13 -18.32
C GLY A 112 -9.23 -50.41 -18.82
N VAL A 113 -8.44 -51.07 -19.61
CA VAL A 113 -7.20 -50.57 -20.19
C VAL A 113 -7.40 -49.39 -21.14
N VAL A 114 -6.53 -48.42 -21.00
CA VAL A 114 -6.47 -47.22 -21.84
C VAL A 114 -5.03 -47.18 -22.45
N ASN A 115 -4.92 -46.72 -23.65
CA ASN A 115 -3.60 -46.63 -24.33
C ASN A 115 -3.03 -45.21 -24.00
N ASN A 116 -1.72 -45.14 -23.93
CA ASN A 116 -1.01 -43.89 -23.70
C ASN A 116 -0.99 -43.15 -25.06
N ALA A 117 -0.37 -42.00 -25.08
CA ALA A 117 -0.29 -41.16 -26.27
C ALA A 117 0.31 -41.89 -27.47
N ALA A 118 1.31 -42.72 -27.26
CA ALA A 118 2.01 -43.49 -28.29
C ALA A 118 1.34 -44.80 -28.67
N GLY A 119 0.13 -45.05 -28.22
CA GLY A 119 -0.59 -46.27 -28.54
C GLY A 119 -0.24 -47.47 -27.73
N VAL A 120 0.50 -47.33 -26.64
CA VAL A 120 0.88 -48.48 -25.76
C VAL A 120 -0.12 -48.55 -24.60
N PRO A 121 -0.64 -49.72 -24.35
CA PRO A 121 -1.65 -49.90 -23.28
C PRO A 121 -1.02 -49.70 -21.91
N MET A 122 -1.78 -49.09 -21.03
CA MET A 122 -1.37 -48.84 -19.63
C MET A 122 -2.11 -49.86 -18.76
N ALA A 123 -1.58 -50.28 -17.65
CA ALA A 123 -2.37 -51.25 -16.80
C ALA A 123 -3.57 -50.50 -16.23
N PRO A 124 -4.61 -51.23 -15.91
CA PRO A 124 -5.83 -50.60 -15.31
C PRO A 124 -5.32 -49.74 -14.15
N HIS A 125 -5.81 -48.54 -14.05
CA HIS A 125 -5.39 -47.65 -12.94
C HIS A 125 -6.46 -46.59 -12.66
N ILE A 126 -6.33 -46.09 -11.43
CA ILE A 126 -7.18 -44.97 -10.96
C ILE A 126 -6.21 -43.82 -10.62
N ASN A 127 -6.54 -42.68 -11.19
CA ASN A 127 -5.81 -41.42 -11.00
C ASN A 127 -6.39 -40.79 -9.72
N ILE A 128 -5.52 -40.42 -8.83
CA ILE A 128 -5.86 -39.81 -7.55
C ILE A 128 -5.10 -38.50 -7.31
N SER A 129 -5.82 -37.56 -6.74
CA SER A 129 -5.26 -36.24 -6.36
C SER A 129 -5.53 -36.12 -4.82
N LEU A 130 -4.46 -35.94 -4.08
CA LEU A 130 -4.53 -35.82 -2.64
C LEU A 130 -4.38 -34.37 -2.19
N PHE A 131 -5.34 -33.93 -1.37
CA PHE A 131 -5.46 -32.62 -0.79
C PHE A 131 -5.59 -32.71 0.74
N ALA A 132 -5.06 -31.75 1.48
CA ALA A 132 -5.09 -31.67 2.90
C ALA A 132 -4.30 -30.43 3.41
N ARG A 133 -4.57 -30.17 4.68
CA ARG A 133 -3.85 -29.07 5.36
C ARG A 133 -2.40 -29.61 5.40
N GLY A 134 -1.47 -28.72 5.13
CA GLY A 134 -0.05 -29.01 5.11
C GLY A 134 0.47 -29.33 3.73
N ILE A 135 -0.41 -29.54 2.81
CA ILE A 135 -0.18 -29.84 1.42
C ILE A 135 -0.46 -28.58 0.58
N ASN A 136 0.60 -27.93 0.18
CA ASN A 136 0.51 -26.66 -0.52
C ASN A 136 -0.06 -26.74 -1.90
N ILE A 137 0.33 -27.82 -2.56
CA ILE A 137 -0.12 -28.12 -3.93
C ILE A 137 -0.38 -29.63 -3.90
N HIS A 138 -1.51 -30.02 -4.39
CA HIS A 138 -1.97 -31.37 -4.37
C HIS A 138 -1.01 -32.35 -5.01
N LEU A 139 -1.06 -33.56 -4.47
CA LEU A 139 -0.22 -34.68 -4.90
C LEU A 139 -1.02 -35.59 -5.84
N HIS A 140 -0.43 -35.92 -6.98
CA HIS A 140 -1.03 -36.79 -7.97
C HIS A 140 -0.33 -38.16 -7.83
N THR A 141 -1.13 -39.18 -7.88
CA THR A 141 -0.71 -40.57 -7.79
C THR A 141 -1.60 -41.47 -8.64
N ARG A 142 -1.33 -42.75 -8.58
CA ARG A 142 -2.13 -43.72 -9.40
C ARG A 142 -2.26 -45.00 -8.58
N LEU A 143 -3.41 -45.60 -8.72
CA LEU A 143 -3.66 -46.88 -7.99
C LEU A 143 -3.69 -47.96 -9.07
N TYR A 144 -2.83 -48.94 -8.91
CA TYR A 144 -2.76 -50.11 -9.80
C TYR A 144 -3.22 -51.29 -8.92
N PHE A 145 -3.56 -52.41 -9.54
CA PHE A 145 -4.06 -53.59 -8.83
C PHE A 145 -3.07 -54.74 -8.81
N ASP A 146 -2.99 -55.45 -7.70
CA ASP A 146 -2.08 -56.56 -7.53
C ASP A 146 -2.47 -57.76 -8.36
N ASP A 147 -3.68 -57.81 -8.89
CA ASP A 147 -4.13 -58.92 -9.69
C ASP A 147 -4.00 -58.67 -11.19
N GLU A 148 -3.28 -57.64 -11.55
CA GLU A 148 -3.05 -57.25 -12.93
C GLU A 148 -1.55 -57.20 -13.21
N ALA A 149 -0.86 -58.08 -12.55
CA ALA A 149 0.57 -58.30 -12.58
C ALA A 149 1.07 -58.38 -14.01
N GLN A 150 0.48 -59.23 -14.81
CA GLN A 150 0.93 -59.37 -16.22
C GLN A 150 0.88 -57.99 -16.89
N ALA A 151 -0.18 -57.26 -16.64
CA ALA A 151 -0.34 -55.91 -17.22
C ALA A 151 0.58 -54.85 -16.61
N ASN A 152 0.74 -54.90 -15.32
CA ASN A 152 1.54 -53.95 -14.57
C ASN A 152 3.01 -53.95 -15.02
N ALA A 153 3.49 -55.10 -15.40
CA ALA A 153 4.87 -55.33 -15.81
C ALA A 153 5.23 -54.59 -17.08
N LYS A 154 4.21 -54.34 -17.89
CA LYS A 154 4.31 -53.69 -19.17
C LYS A 154 3.88 -52.25 -19.20
N CYS A 155 3.39 -51.73 -18.10
CA CYS A 155 2.89 -50.33 -18.10
C CYS A 155 4.00 -49.33 -18.40
N PRO A 156 3.78 -48.58 -19.44
CA PRO A 156 4.72 -47.51 -19.86
C PRO A 156 4.86 -46.50 -18.75
N VAL A 157 3.83 -46.32 -17.93
CA VAL A 157 3.90 -45.35 -16.81
C VAL A 157 4.71 -45.88 -15.65
N LEU A 158 4.36 -47.10 -15.24
CA LEU A 158 5.02 -47.79 -14.12
C LEU A 158 6.50 -47.99 -14.43
N ASN A 159 6.81 -48.20 -15.70
CA ASN A 159 8.16 -48.40 -16.17
C ASN A 159 8.98 -47.13 -16.19
N LEU A 160 8.38 -45.95 -16.05
CA LEU A 160 9.08 -44.67 -16.02
C LEU A 160 9.71 -44.54 -14.63
N ILE A 161 9.16 -45.28 -13.67
CA ILE A 161 9.69 -45.23 -12.29
C ILE A 161 11.02 -46.02 -12.33
N GLU A 162 12.09 -45.28 -12.12
CA GLU A 162 13.45 -45.76 -12.13
C GLU A 162 13.69 -46.98 -11.28
N GLN A 163 13.29 -46.96 -10.02
CA GLN A 163 13.48 -48.04 -9.07
C GLN A 163 12.30 -48.94 -8.88
N PRO A 164 12.45 -50.18 -9.30
CA PRO A 164 11.43 -51.21 -9.17
C PRO A 164 10.79 -51.21 -7.79
N GLN A 165 11.58 -51.07 -6.74
CA GLN A 165 11.06 -51.09 -5.35
C GLN A 165 9.97 -50.05 -5.12
N ARG A 166 9.99 -48.96 -5.86
CA ARG A 166 9.04 -47.86 -5.77
C ARG A 166 7.77 -48.12 -6.56
N ARG A 167 7.87 -48.98 -7.55
CA ARG A 167 6.68 -49.28 -8.38
C ARG A 167 5.60 -49.93 -7.50
N GLU A 168 6.05 -50.64 -6.49
CA GLU A 168 5.21 -51.35 -5.55
C GLU A 168 4.36 -50.50 -4.63
N THR A 169 4.75 -49.24 -4.43
CA THR A 169 4.00 -48.31 -3.59
C THR A 169 2.68 -47.96 -4.27
N LEU A 170 2.59 -48.27 -5.55
CA LEU A 170 1.39 -47.94 -6.33
C LEU A 170 0.44 -49.08 -6.52
N ILE A 171 0.74 -50.23 -6.01
CA ILE A 171 -0.13 -51.41 -6.14
C ILE A 171 -1.08 -51.67 -5.00
N ALA A 172 -2.37 -51.59 -5.27
CA ALA A 172 -3.40 -51.87 -4.21
C ALA A 172 -3.44 -53.41 -4.01
N LYS A 173 -3.54 -53.77 -2.74
CA LYS A 173 -3.57 -55.17 -2.30
C LYS A 173 -5.02 -55.64 -2.17
N ARG A 174 -5.37 -56.61 -3.01
CA ARG A 174 -6.66 -57.23 -3.13
C ARG A 174 -7.05 -57.97 -1.85
N CYS A 175 -8.28 -57.81 -1.45
CA CYS A 175 -8.85 -58.45 -0.27
C CYS A 175 -10.36 -58.56 -0.51
N GLU A 176 -11.06 -58.80 0.57
CA GLU A 176 -12.52 -58.93 0.56
C GLU A 176 -13.09 -58.33 1.83
N VAL A 177 -14.22 -57.67 1.66
CA VAL A 177 -14.87 -56.99 2.81
C VAL A 177 -16.36 -57.33 2.67
N ASP A 178 -16.81 -58.04 3.70
CA ASP A 178 -18.25 -58.45 3.67
C ASP A 178 -18.49 -59.24 2.39
N GLY A 179 -17.58 -60.18 2.16
CA GLY A 179 -17.62 -61.05 0.99
C GLY A 179 -17.51 -60.31 -0.33
N LYS A 180 -17.10 -59.05 -0.29
CA LYS A 180 -16.96 -58.25 -1.53
C LYS A 180 -15.47 -58.00 -1.84
N THR A 181 -15.22 -57.94 -3.14
CA THR A 181 -13.86 -57.67 -3.65
C THR A 181 -13.45 -56.22 -3.32
N ALA A 182 -12.41 -56.13 -2.53
CA ALA A 182 -11.87 -54.85 -2.07
C ALA A 182 -10.37 -54.77 -2.33
N TYR A 183 -9.90 -53.52 -2.39
CA TYR A 183 -8.45 -53.27 -2.57
C TYR A 183 -8.07 -52.20 -1.54
N ARG A 184 -7.01 -52.45 -0.83
CA ARG A 184 -6.49 -51.51 0.16
C ARG A 184 -5.29 -50.76 -0.49
N PHE A 185 -5.38 -49.45 -0.44
CA PHE A 185 -4.40 -48.53 -1.01
C PHE A 185 -4.07 -47.42 0.00
N ASP A 186 -2.99 -47.66 0.69
CA ASP A 186 -2.46 -46.76 1.70
C ASP A 186 -1.43 -45.83 1.02
N ILE A 187 -1.49 -44.58 1.40
CA ILE A 187 -0.59 -43.57 0.87
C ILE A 187 0.32 -43.10 2.02
N ARG A 188 1.60 -43.17 1.76
CA ARG A 188 2.64 -42.72 2.74
C ARG A 188 3.22 -41.48 2.04
N ILE A 189 2.94 -40.34 2.66
CA ILE A 189 3.35 -39.06 2.06
C ILE A 189 4.84 -38.82 2.11
N GLN A 190 5.43 -39.34 3.16
CA GLN A 190 6.87 -39.09 3.35
C GLN A 190 7.54 -40.19 4.13
N GLY A 191 8.79 -40.45 3.77
CA GLY A 191 9.62 -41.41 4.48
C GLY A 191 9.54 -42.77 3.88
N GLU A 192 9.78 -43.72 4.75
CA GLU A 192 9.80 -45.16 4.48
C GLU A 192 8.58 -45.60 3.70
N GLY A 193 8.79 -46.19 2.55
CA GLY A 193 7.72 -46.67 1.69
C GLY A 193 6.89 -45.56 1.13
N GLU A 194 7.55 -44.40 1.01
CA GLU A 194 6.92 -43.20 0.45
C GLU A 194 6.37 -43.46 -0.93
N THR A 195 5.10 -43.19 -1.11
CA THR A 195 4.36 -43.39 -2.35
C THR A 195 4.93 -42.48 -3.45
N VAL A 196 4.83 -42.97 -4.67
CA VAL A 196 5.29 -42.25 -5.82
C VAL A 196 4.18 -41.23 -6.16
N PHE A 197 4.61 -40.01 -6.40
CA PHE A 197 3.71 -38.90 -6.81
C PHE A 197 4.29 -38.45 -8.17
N PHE A 198 3.46 -38.09 -9.08
CA PHE A 198 3.74 -37.67 -10.43
C PHE A 198 3.56 -36.17 -10.64
N ASP A 199 4.17 -35.77 -11.75
CA ASP A 199 4.10 -34.39 -12.28
C ASP A 199 3.77 -34.64 -13.77
N PHE A 200 2.83 -33.90 -14.25
CA PHE A 200 2.36 -33.99 -15.63
C PHE A 200 1.72 -32.63 -16.00
N PRO B 1 -17.48 -40.51 -25.00
CA PRO B 1 -16.60 -40.33 -23.82
C PRO B 1 -15.48 -39.36 -24.19
N ALA B 2 -14.67 -39.04 -23.18
CA ALA B 2 -13.55 -38.10 -23.33
C ALA B 2 -12.52 -38.56 -24.36
N GLN B 3 -11.93 -37.56 -25.00
CA GLN B 3 -10.89 -37.71 -26.04
C GLN B 3 -9.57 -36.97 -25.74
N ASP B 4 -8.47 -37.62 -26.09
CA ASP B 4 -7.12 -37.10 -25.91
C ASP B 4 -6.67 -36.21 -27.08
N ASN B 5 -7.19 -35.01 -27.14
CA ASN B 5 -6.85 -34.05 -28.18
C ASN B 5 -6.09 -32.86 -27.66
N SER B 6 -5.93 -32.70 -26.37
CA SER B 6 -5.25 -31.53 -25.79
C SER B 6 -3.98 -31.90 -25.05
N ARG B 7 -3.23 -30.85 -24.83
CA ARG B 7 -1.96 -30.93 -24.05
C ARG B 7 -2.06 -29.71 -23.14
N PHE B 8 -1.52 -29.76 -21.99
CA PHE B 8 -1.56 -28.66 -21.02
C PHE B 8 -0.17 -28.13 -20.76
N VAL B 9 -0.06 -26.81 -20.81
CA VAL B 9 1.25 -26.17 -20.55
C VAL B 9 1.75 -26.78 -19.26
N ILE B 10 3.01 -27.17 -19.23
CA ILE B 10 3.63 -27.74 -18.02
C ILE B 10 3.59 -26.69 -16.87
N ARG B 11 3.38 -27.18 -15.68
CA ARG B 11 3.33 -26.39 -14.50
C ARG B 11 4.67 -25.82 -14.09
N ASP B 12 4.62 -24.59 -13.62
CA ASP B 12 5.81 -23.92 -13.10
C ASP B 12 5.75 -24.16 -11.60
N ARG B 13 6.57 -25.07 -11.12
CA ARG B 13 6.69 -25.51 -9.74
C ARG B 13 7.50 -24.65 -8.83
N ASN B 14 8.03 -23.56 -9.37
CA ASN B 14 8.76 -22.54 -8.63
C ASN B 14 7.78 -21.34 -8.47
N TRP B 15 6.76 -21.28 -9.23
CA TRP B 15 5.78 -20.19 -9.17
C TRP B 15 4.78 -20.48 -8.02
N HIS B 16 4.31 -21.72 -8.03
CA HIS B 16 3.46 -22.35 -7.09
C HIS B 16 4.38 -22.57 -5.86
N PRO B 17 3.73 -22.67 -4.70
CA PRO B 17 4.46 -22.93 -3.47
C PRO B 17 5.05 -24.33 -3.56
N LYS B 18 6.16 -24.49 -2.88
CA LYS B 18 6.89 -25.77 -2.83
C LYS B 18 6.18 -26.56 -1.72
N ALA B 19 6.46 -27.84 -1.66
CA ALA B 19 5.90 -28.74 -0.70
C ALA B 19 6.36 -28.45 0.72
N LEU B 20 7.66 -28.31 0.88
CA LEU B 20 8.23 -28.10 2.22
C LEU B 20 8.50 -26.62 2.44
N THR B 21 7.67 -26.06 3.29
CA THR B 21 7.84 -24.58 3.60
C THR B 21 7.69 -24.54 5.13
N PRO B 22 8.83 -24.78 5.78
CA PRO B 22 8.93 -24.89 7.21
C PRO B 22 8.20 -23.96 8.10
N ASP B 23 7.91 -22.72 7.83
CA ASP B 23 7.21 -21.81 8.72
C ASP B 23 5.73 -22.16 8.88
N TYR B 24 5.27 -22.84 7.86
CA TYR B 24 3.92 -23.39 7.78
C TYR B 24 4.15 -24.86 8.32
N LYS B 25 4.14 -24.93 9.63
CA LYS B 25 4.41 -26.04 10.43
C LYS B 25 3.95 -27.40 9.98
N THR B 26 2.76 -27.42 9.46
CA THR B 26 2.10 -28.64 8.96
C THR B 26 2.72 -29.23 7.73
N SER B 27 3.37 -28.45 6.91
CA SER B 27 4.01 -28.85 5.67
C SER B 27 5.23 -29.76 5.86
N ILE B 28 5.82 -29.75 7.04
CA ILE B 28 6.98 -30.51 7.42
C ILE B 28 6.85 -32.02 7.30
N ALA B 29 5.86 -32.58 7.96
CA ALA B 29 5.56 -34.02 7.97
C ALA B 29 4.68 -34.49 6.83
N ARG B 30 4.15 -33.54 6.07
CA ARG B 30 3.27 -33.77 4.95
C ARG B 30 3.78 -33.38 3.60
N SER B 31 5.05 -33.52 3.39
CA SER B 31 5.67 -33.14 2.07
C SER B 31 6.59 -34.31 1.73
N PRO B 32 6.53 -34.75 0.50
CA PRO B 32 7.36 -35.90 0.06
C PRO B 32 8.84 -35.52 0.13
N ARG B 33 9.67 -36.49 0.34
CA ARG B 33 11.10 -36.31 0.38
C ARG B 33 11.70 -36.75 -0.94
N GLN B 34 11.00 -37.57 -1.71
CA GLN B 34 11.49 -37.98 -3.04
C GLN B 34 11.01 -36.98 -4.08
N ALA B 35 11.69 -36.88 -5.19
CA ALA B 35 11.31 -35.97 -6.28
C ALA B 35 10.07 -36.52 -6.96
N LEU B 36 9.25 -35.68 -7.56
CA LEU B 36 8.07 -36.13 -8.29
C LEU B 36 8.59 -36.84 -9.55
N VAL B 37 7.86 -37.79 -10.06
CA VAL B 37 8.25 -38.51 -11.29
C VAL B 37 7.44 -37.79 -12.40
N SER B 38 8.11 -37.31 -13.41
CA SER B 38 7.41 -36.62 -14.53
C SER B 38 6.89 -37.67 -15.47
N ILE B 39 5.70 -37.49 -16.00
CA ILE B 39 5.13 -38.47 -16.92
C ILE B 39 4.48 -37.71 -18.09
N PRO B 40 4.62 -38.33 -19.27
CA PRO B 40 3.99 -37.71 -20.46
C PRO B 40 2.47 -37.67 -20.19
N GLN B 41 1.76 -36.74 -20.77
CA GLN B 41 0.31 -36.57 -20.67
C GLN B 41 -0.32 -37.62 -21.62
N SER B 42 -1.39 -38.18 -21.17
CA SER B 42 -2.16 -39.22 -21.90
C SER B 42 -3.61 -38.87 -21.56
N ILE B 43 -4.52 -39.56 -22.12
CA ILE B 43 -5.96 -39.34 -21.93
C ILE B 43 -6.35 -39.36 -20.46
N SER B 44 -5.58 -40.08 -19.68
CA SER B 44 -5.80 -40.18 -18.23
C SER B 44 -5.66 -38.79 -17.59
N GLU B 45 -4.66 -38.04 -17.99
CA GLU B 45 -4.39 -36.71 -17.47
C GLU B 45 -4.94 -35.52 -18.19
N THR B 46 -5.35 -35.65 -19.43
CA THR B 46 -5.84 -34.59 -20.28
C THR B 46 -7.32 -34.48 -20.40
N THR B 47 -8.02 -35.29 -19.61
CA THR B 47 -9.46 -35.32 -19.54
C THR B 47 -9.82 -35.07 -18.10
N GLY B 48 -11.10 -34.82 -17.89
CA GLY B 48 -11.66 -34.54 -16.54
C GLY B 48 -13.17 -34.39 -16.75
N PRO B 49 -13.89 -34.33 -15.62
CA PRO B 49 -15.34 -34.21 -15.64
C PRO B 49 -15.86 -32.86 -16.08
N ASN B 50 -17.03 -32.96 -16.73
CA ASN B 50 -17.81 -31.82 -17.18
C ASN B 50 -19.08 -31.84 -16.29
N PHE B 51 -19.24 -30.82 -15.52
CA PHE B 51 -20.35 -30.68 -14.59
C PHE B 51 -21.53 -29.89 -15.16
N SER B 52 -21.66 -29.82 -16.47
CA SER B 52 -22.79 -29.10 -17.05
C SER B 52 -24.12 -29.63 -16.56
N HIS B 53 -24.25 -30.91 -16.33
CA HIS B 53 -25.48 -31.52 -15.89
C HIS B 53 -25.67 -31.68 -14.41
N LEU B 54 -24.84 -31.10 -13.59
CA LEU B 54 -25.08 -31.23 -12.12
C LEU B 54 -26.33 -30.39 -11.83
N GLY B 55 -27.16 -30.88 -10.94
CA GLY B 55 -28.45 -30.13 -10.66
C GLY B 55 -28.18 -29.13 -9.57
N PHE B 56 -27.89 -27.92 -9.96
CA PHE B 56 -27.56 -26.83 -9.02
C PHE B 56 -28.85 -26.20 -8.47
N GLY B 57 -28.87 -26.02 -7.18
CA GLY B 57 -30.02 -25.37 -6.50
C GLY B 57 -29.92 -23.89 -6.88
N ALA B 58 -31.00 -23.18 -6.75
CA ALA B 58 -31.15 -21.78 -7.07
C ALA B 58 -30.33 -20.82 -6.25
N HIS B 59 -29.90 -21.17 -5.06
CA HIS B 59 -29.09 -20.22 -4.25
C HIS B 59 -27.74 -20.86 -3.99
N ASP B 60 -27.36 -21.76 -4.90
CA ASP B 60 -26.10 -22.52 -4.75
C ASP B 60 -24.92 -21.60 -4.50
N HIS B 61 -24.98 -20.49 -5.17
CA HIS B 61 -24.00 -19.43 -5.17
C HIS B 61 -24.33 -18.20 -4.38
N ASP B 62 -25.41 -18.21 -3.61
CA ASP B 62 -25.75 -17.00 -2.81
C ASP B 62 -25.64 -17.36 -1.34
N LEU B 63 -24.51 -17.07 -0.71
CA LEU B 63 -24.27 -17.38 0.68
C LEU B 63 -25.12 -16.59 1.69
N LEU B 64 -25.90 -15.69 1.23
CA LEU B 64 -26.80 -14.83 1.95
C LEU B 64 -28.13 -15.56 2.19
N LEU B 65 -28.56 -16.35 1.24
CA LEU B 65 -29.77 -17.10 1.27
C LEU B 65 -29.66 -18.61 1.35
N ASN B 66 -28.50 -19.19 1.11
CA ASN B 66 -28.43 -20.65 1.06
C ASN B 66 -28.30 -21.40 2.31
N PHE B 67 -28.35 -20.79 3.47
CA PHE B 67 -28.23 -21.52 4.74
C PHE B 67 -29.60 -21.39 5.50
N GLY B 71 -33.49 -15.41 8.51
CA GLY B 71 -32.63 -14.24 8.68
C GLY B 71 -31.46 -14.18 7.68
N LEU B 72 -30.89 -13.00 7.73
CA LEU B 72 -29.72 -12.57 6.92
C LEU B 72 -28.51 -12.69 7.84
N PRO B 73 -27.40 -13.14 7.24
CA PRO B 73 -26.15 -13.26 8.02
C PRO B 73 -25.74 -11.85 8.43
N ILE B 74 -24.88 -11.81 9.45
CA ILE B 74 -24.31 -10.54 9.93
C ILE B 74 -22.92 -10.43 9.31
N GLY B 75 -22.59 -9.27 8.79
CA GLY B 75 -21.26 -9.08 8.15
C GLY B 75 -21.42 -8.20 6.95
N GLU B 76 -20.26 -7.88 6.37
CA GLU B 76 -20.25 -7.00 5.17
C GLU B 76 -20.76 -7.79 3.99
N ARG B 77 -21.79 -7.37 3.36
CA ARG B 77 -22.37 -7.99 2.18
C ARG B 77 -21.48 -7.64 0.97
N ILE B 78 -21.03 -8.65 0.26
CA ILE B 78 -20.21 -8.48 -0.94
C ILE B 78 -20.55 -9.53 -1.99
N ILE B 79 -20.21 -9.12 -3.20
CA ILE B 79 -20.31 -9.97 -4.40
C ILE B 79 -18.84 -10.31 -4.75
N VAL B 80 -18.60 -11.60 -4.93
CA VAL B 80 -17.21 -12.01 -5.38
C VAL B 80 -17.46 -12.48 -6.84
N ALA B 81 -16.84 -11.84 -7.79
CA ALA B 81 -17.10 -12.20 -9.20
C ALA B 81 -15.79 -12.18 -9.99
N GLY B 82 -15.79 -12.77 -11.17
CA GLY B 82 -14.50 -12.79 -11.92
C GLY B 82 -14.68 -13.71 -13.10
N ARG B 83 -13.55 -14.03 -13.69
CA ARG B 83 -13.53 -14.90 -14.88
C ARG B 83 -12.41 -15.90 -14.74
N VAL B 84 -12.66 -17.04 -15.32
CA VAL B 84 -11.75 -18.18 -15.37
C VAL B 84 -11.25 -18.27 -16.83
N VAL B 85 -9.98 -18.14 -17.02
CA VAL B 85 -9.31 -18.21 -18.33
C VAL B 85 -8.07 -19.12 -18.15
N ASP B 86 -7.49 -19.44 -19.32
CA ASP B 86 -6.27 -20.24 -19.39
C ASP B 86 -5.09 -19.31 -19.65
N GLN B 87 -3.88 -19.89 -19.66
CA GLN B 87 -2.65 -19.12 -19.89
C GLN B 87 -2.66 -18.43 -21.23
N TYR B 88 -3.39 -18.94 -22.20
CA TYR B 88 -3.49 -18.28 -23.51
C TYR B 88 -4.54 -17.19 -23.45
N GLY B 89 -5.24 -17.07 -22.31
CA GLY B 89 -6.25 -16.07 -22.10
C GLY B 89 -7.60 -16.41 -22.68
N LYS B 90 -7.82 -17.67 -22.93
CA LYS B 90 -9.10 -18.21 -23.50
C LYS B 90 -10.02 -18.50 -22.29
N PRO B 91 -11.26 -18.09 -22.42
CA PRO B 91 -12.25 -18.30 -21.35
C PRO B 91 -12.47 -19.80 -21.14
N VAL B 92 -12.80 -20.16 -19.91
CA VAL B 92 -13.11 -21.56 -19.57
C VAL B 92 -14.59 -21.57 -19.18
N PRO B 93 -15.41 -21.91 -20.18
CA PRO B 93 -16.88 -21.96 -19.99
C PRO B 93 -17.30 -23.26 -19.32
N ASN B 94 -18.47 -23.18 -18.68
CA ASN B 94 -19.10 -24.27 -18.00
C ASN B 94 -18.17 -25.06 -17.11
N THR B 95 -17.39 -24.43 -16.31
CA THR B 95 -16.45 -25.09 -15.38
C THR B 95 -16.93 -24.84 -13.95
N LEU B 96 -16.63 -25.79 -13.07
CA LEU B 96 -17.04 -25.77 -11.69
C LEU B 96 -16.15 -24.99 -10.75
N VAL B 97 -16.76 -23.99 -10.14
CA VAL B 97 -16.11 -23.14 -9.13
C VAL B 97 -16.87 -23.41 -7.79
N GLU B 98 -16.17 -23.87 -6.83
CA GLU B 98 -16.55 -24.16 -5.49
C GLU B 98 -15.79 -23.26 -4.52
N MET B 99 -16.43 -22.81 -3.46
CA MET B 99 -15.85 -21.93 -2.45
C MET B 99 -16.44 -22.22 -1.07
N TRP B 100 -15.70 -21.94 -0.04
CA TRP B 100 -16.04 -22.13 1.36
C TRP B 100 -15.22 -21.08 2.14
N GLN B 101 -15.72 -20.68 3.25
CA GLN B 101 -15.08 -19.64 4.12
C GLN B 101 -15.72 -19.66 5.52
N ALA B 102 -15.16 -18.80 6.36
CA ALA B 102 -15.63 -18.57 7.72
C ALA B 102 -16.67 -17.41 7.66
N ASN B 103 -17.31 -17.26 8.85
CA ASN B 103 -18.33 -16.19 9.01
C ASN B 103 -17.55 -14.87 9.24
N ALA B 104 -18.36 -13.85 9.52
CA ALA B 104 -17.84 -12.51 9.75
C ALA B 104 -16.87 -12.38 10.90
N GLY B 105 -16.87 -13.34 11.80
CA GLY B 105 -16.01 -13.35 12.96
C GLY B 105 -14.86 -14.27 12.86
N GLY B 106 -14.79 -14.99 11.74
CA GLY B 106 -13.68 -15.93 11.49
C GLY B 106 -13.99 -17.30 12.06
N ARG B 107 -15.26 -17.55 12.29
CA ARG B 107 -15.68 -18.88 12.82
C ARG B 107 -16.13 -19.72 11.63
N TYR B 108 -15.73 -20.96 11.60
CA TYR B 108 -16.13 -21.87 10.50
C TYR B 108 -17.20 -22.85 11.07
N ARG B 109 -18.13 -23.20 10.22
CA ARG B 109 -19.22 -24.15 10.60
C ARG B 109 -18.71 -25.54 10.24
N HIS B 110 -17.83 -26.03 11.08
CA HIS B 110 -17.14 -27.31 11.01
C HIS B 110 -16.82 -27.73 12.44
N LYS B 111 -17.07 -28.98 12.76
CA LYS B 111 -16.91 -29.61 14.05
C LYS B 111 -15.61 -29.25 14.76
N ASN B 112 -14.53 -29.41 14.00
CA ASN B 112 -13.17 -29.16 14.51
C ASN B 112 -12.87 -27.71 14.81
N ASP B 113 -13.71 -26.76 14.45
CA ASP B 113 -13.39 -25.33 14.73
C ASP B 113 -13.87 -24.95 16.13
N ARG B 114 -12.88 -24.78 16.98
CA ARG B 114 -13.04 -24.41 18.37
C ARG B 114 -12.89 -22.94 18.65
N TYR B 115 -12.66 -22.13 17.62
CA TYR B 115 -12.49 -20.68 17.86
C TYR B 115 -13.71 -20.23 18.67
N LEU B 116 -13.46 -19.38 19.62
CA LEU B 116 -14.40 -18.77 20.53
C LEU B 116 -15.30 -17.74 19.87
N ALA B 117 -15.14 -17.46 18.61
CA ALA B 117 -16.06 -16.46 17.94
C ALA B 117 -17.30 -17.33 17.64
N PRO B 118 -18.49 -16.77 17.80
CA PRO B 118 -19.73 -17.48 17.61
C PRO B 118 -20.13 -17.79 16.19
N LEU B 119 -20.94 -18.85 16.05
CA LEU B 119 -21.47 -19.18 14.72
C LEU B 119 -22.52 -18.12 14.44
N ASP B 120 -22.93 -18.03 13.21
CA ASP B 120 -23.97 -17.09 12.75
C ASP B 120 -25.11 -18.05 12.29
N PRO B 121 -26.21 -17.95 13.04
CA PRO B 121 -27.39 -18.76 12.80
C PRO B 121 -27.82 -18.81 11.33
N ASN B 122 -27.60 -17.70 10.65
CA ASN B 122 -28.00 -17.59 9.24
C ASN B 122 -26.87 -17.80 8.25
N PHE B 123 -25.76 -18.31 8.70
CA PHE B 123 -24.62 -18.47 7.73
C PHE B 123 -24.03 -19.84 7.71
N GLY B 124 -23.96 -20.38 6.48
CA GLY B 124 -23.34 -21.74 6.30
C GLY B 124 -21.89 -21.66 5.81
N GLY B 125 -21.64 -20.94 4.74
CA GLY B 125 -20.38 -20.72 4.14
C GLY B 125 -19.86 -21.56 3.02
N VAL B 126 -20.72 -22.02 2.16
CA VAL B 126 -20.39 -22.87 1.02
C VAL B 126 -21.11 -22.40 -0.21
N GLY B 127 -20.45 -22.37 -1.35
CA GLY B 127 -21.12 -21.94 -2.59
C GLY B 127 -20.48 -22.75 -3.72
N ARG B 128 -21.20 -22.79 -4.82
CA ARG B 128 -20.76 -23.44 -6.06
C ARG B 128 -21.45 -22.66 -7.18
N CYS B 129 -20.79 -22.66 -8.30
CA CYS B 129 -21.27 -21.94 -9.48
C CYS B 129 -20.57 -22.48 -10.73
N LEU B 130 -21.28 -22.68 -11.79
CA LEU B 130 -20.78 -23.13 -13.08
C LEU B 130 -20.54 -21.83 -13.89
N THR B 131 -19.31 -21.68 -14.39
CA THR B 131 -18.99 -20.48 -15.16
C THR B 131 -19.90 -20.49 -16.38
N ASP B 132 -20.20 -19.33 -16.89
CA ASP B 132 -21.03 -19.15 -18.07
C ASP B 132 -20.18 -19.32 -19.32
N SER B 133 -20.79 -19.01 -20.44
CA SER B 133 -20.16 -19.09 -21.77
C SER B 133 -18.89 -18.27 -21.89
N ASP B 134 -18.78 -17.21 -21.14
CA ASP B 134 -17.64 -16.33 -21.13
C ASP B 134 -16.60 -16.61 -20.07
N GLY B 135 -16.76 -17.65 -19.31
CA GLY B 135 -15.85 -18.01 -18.24
C GLY B 135 -16.13 -17.22 -16.97
N TYR B 136 -17.27 -16.54 -16.87
CA TYR B 136 -17.60 -15.77 -15.68
C TYR B 136 -18.40 -16.52 -14.60
N TYR B 137 -18.13 -16.10 -13.39
CA TYR B 137 -18.82 -16.64 -12.20
C TYR B 137 -19.03 -15.49 -11.21
N SER B 138 -19.90 -15.80 -10.24
CA SER B 138 -20.17 -14.83 -9.17
C SER B 138 -20.86 -15.50 -8.01
N PHE B 139 -20.53 -15.02 -6.83
CA PHE B 139 -21.02 -15.42 -5.53
C PHE B 139 -21.46 -14.14 -4.78
N ARG B 140 -22.32 -14.40 -3.82
CA ARG B 140 -22.83 -13.31 -2.95
C ARG B 140 -22.63 -13.90 -1.55
N THR B 141 -21.87 -13.19 -0.76
CA THR B 141 -21.57 -13.69 0.60
C THR B 141 -21.27 -12.47 1.47
N ILE B 142 -20.65 -12.76 2.60
CA ILE B 142 -20.21 -11.72 3.53
C ILE B 142 -18.68 -11.90 3.59
N LYS B 143 -17.99 -10.82 3.84
CA LYS B 143 -16.54 -10.83 3.98
C LYS B 143 -16.20 -11.57 5.28
N PRO B 144 -15.32 -12.55 5.13
CA PRO B 144 -14.90 -13.36 6.29
C PRO B 144 -13.90 -12.57 7.14
N GLY B 145 -13.72 -12.99 8.37
CA GLY B 145 -12.76 -12.37 9.28
C GLY B 145 -11.51 -13.25 9.43
N PRO B 146 -10.44 -12.59 9.80
CA PRO B 146 -9.14 -13.23 10.05
C PRO B 146 -9.46 -14.37 11.04
N TYR B 147 -8.52 -15.21 11.23
CA TYR B 147 -8.73 -16.41 12.12
C TYR B 147 -7.39 -16.82 12.73
N PRO B 148 -7.35 -16.91 14.04
CA PRO B 148 -6.13 -17.34 14.76
C PRO B 148 -5.99 -18.86 14.55
N TRP B 149 -4.72 -19.28 14.44
CA TRP B 149 -4.50 -20.74 14.19
C TRP B 149 -3.22 -21.12 14.92
N ARG B 150 -3.15 -22.36 15.30
CA ARG B 150 -1.96 -22.84 16.06
C ARG B 150 -0.83 -23.21 15.13
N ASN B 151 -0.04 -22.24 14.74
CA ASN B 151 1.18 -22.42 13.90
C ASN B 151 2.28 -21.81 14.82
N GLY B 152 2.50 -20.55 14.69
CA GLY B 152 3.45 -19.83 15.62
C GLY B 152 2.50 -19.49 16.80
N PRO B 153 3.05 -18.89 17.82
CA PRO B 153 2.25 -18.50 19.01
C PRO B 153 1.31 -17.35 18.75
N ASN B 154 1.47 -16.59 17.66
CA ASN B 154 0.51 -15.48 17.42
C ASN B 154 0.21 -15.34 15.95
N ASP B 155 -0.15 -16.44 15.31
CA ASP B 155 -0.47 -16.47 13.89
C ASP B 155 -1.96 -16.25 13.65
N TRP B 156 -2.22 -15.40 12.66
CA TRP B 156 -3.59 -15.10 12.24
C TRP B 156 -3.68 -15.20 10.72
N ARG B 157 -4.56 -16.04 10.23
CA ARG B 157 -4.79 -16.07 8.77
C ARG B 157 -5.51 -14.75 8.43
N PRO B 158 -5.11 -14.14 7.31
CA PRO B 158 -5.83 -12.98 6.80
C PRO B 158 -7.25 -13.49 6.45
N ALA B 159 -8.15 -12.57 6.22
CA ALA B 159 -9.51 -12.94 5.78
C ALA B 159 -9.30 -13.59 4.39
N HIS B 160 -9.97 -14.67 4.15
CA HIS B 160 -9.84 -15.40 2.86
C HIS B 160 -11.01 -16.31 2.55
N ILE B 161 -11.17 -16.57 1.26
CA ILE B 161 -12.22 -17.49 0.77
C ILE B 161 -11.46 -18.66 0.13
N HIS B 162 -11.91 -19.89 0.37
CA HIS B 162 -11.24 -21.06 -0.25
C HIS B 162 -11.90 -21.32 -1.58
N PHE B 163 -11.10 -21.53 -2.64
CA PHE B 163 -11.67 -21.77 -3.97
C PHE B 163 -11.17 -23.13 -4.54
N GLY B 164 -12.00 -23.76 -5.31
CA GLY B 164 -11.66 -25.03 -6.01
C GLY B 164 -12.18 -24.81 -7.45
N ILE B 165 -11.30 -25.02 -8.41
CA ILE B 165 -11.67 -24.80 -9.83
C ILE B 165 -11.43 -26.07 -10.60
N SER B 166 -12.40 -26.53 -11.37
CA SER B 166 -12.17 -27.82 -12.08
C SER B 166 -11.41 -27.68 -13.37
N GLY B 167 -11.91 -26.87 -14.28
CA GLY B 167 -11.24 -26.68 -15.58
C GLY B 167 -11.59 -27.88 -16.46
N PRO B 168 -10.90 -27.89 -17.62
CA PRO B 168 -11.10 -28.93 -18.61
C PRO B 168 -10.60 -30.29 -18.25
N SER B 169 -9.74 -30.45 -17.27
CA SER B 169 -9.21 -31.81 -17.00
C SER B 169 -8.59 -31.88 -15.63
N ILE B 170 -8.19 -33.06 -15.19
CA ILE B 170 -7.60 -33.21 -13.86
C ILE B 170 -6.26 -32.53 -13.75
N ALA B 171 -5.63 -32.29 -14.91
CA ALA B 171 -4.37 -31.58 -15.08
C ALA B 171 -4.50 -30.07 -14.72
N THR B 172 -5.64 -29.46 -14.94
CA THR B 172 -5.92 -28.06 -14.64
C THR B 172 -6.57 -27.86 -13.28
N LYS B 173 -7.12 -28.91 -12.70
CA LYS B 173 -7.79 -28.81 -11.39
C LYS B 173 -6.92 -28.06 -10.39
N LEU B 174 -7.50 -27.15 -9.63
CA LEU B 174 -6.81 -26.34 -8.65
C LEU B 174 -7.62 -25.95 -7.43
N ILE B 175 -6.93 -25.89 -6.31
CA ILE B 175 -7.42 -25.40 -5.04
C ILE B 175 -6.54 -24.19 -4.69
N THR B 176 -7.15 -23.09 -4.35
CA THR B 176 -6.43 -21.87 -3.99
C THR B 176 -7.19 -21.10 -2.90
N GLN B 177 -6.76 -19.88 -2.61
CA GLN B 177 -7.39 -19.02 -1.61
C GLN B 177 -7.32 -17.58 -2.17
N LEU B 178 -8.40 -16.87 -1.96
CA LEU B 178 -8.58 -15.48 -2.35
C LEU B 178 -8.27 -14.68 -1.05
N TYR B 179 -7.58 -13.58 -1.21
CA TYR B 179 -7.25 -12.68 -0.06
C TYR B 179 -7.81 -11.35 -0.46
N PHE B 180 -8.03 -10.41 0.42
CA PHE B 180 -8.62 -9.12 0.06
C PHE B 180 -7.63 -7.99 0.02
N GLU B 181 -7.81 -7.16 -0.96
CA GLU B 181 -6.97 -5.99 -1.18
C GLU B 181 -6.77 -5.14 0.05
N GLY B 182 -5.54 -4.89 0.44
CA GLY B 182 -5.06 -4.08 1.51
C GLY B 182 -4.89 -4.68 2.85
N ASP B 183 -5.33 -5.91 3.03
CA ASP B 183 -5.23 -6.68 4.28
C ASP B 183 -3.80 -6.76 4.77
N PRO B 184 -3.59 -6.12 5.94
CA PRO B 184 -2.26 -6.03 6.53
C PRO B 184 -1.67 -7.34 6.94
N LEU B 185 -2.58 -8.30 7.20
CA LEU B 185 -2.18 -9.67 7.59
C LEU B 185 -1.53 -10.46 6.46
N ILE B 186 -1.77 -10.19 5.22
CA ILE B 186 -1.26 -10.87 4.07
C ILE B 186 0.23 -11.19 4.06
N PRO B 187 1.06 -10.16 4.24
CA PRO B 187 2.52 -10.33 4.25
C PRO B 187 3.03 -11.06 5.46
N MET B 188 2.23 -11.32 6.48
CA MET B 188 2.71 -12.01 7.66
C MET B 188 2.35 -13.49 7.72
N CYS B 189 1.52 -13.93 6.82
CA CYS B 189 1.07 -15.30 6.79
C CYS B 189 2.06 -16.27 6.15
N PRO B 190 2.39 -17.28 6.94
CA PRO B 190 3.28 -18.38 6.56
C PRO B 190 2.71 -19.19 5.41
N ILE B 191 1.39 -19.25 5.30
CA ILE B 191 0.75 -19.98 4.17
C ILE B 191 0.89 -19.14 2.91
N VAL B 192 0.72 -17.80 3.10
CA VAL B 192 0.84 -16.92 1.92
C VAL B 192 2.29 -17.04 1.41
N LYS B 193 3.18 -16.83 2.30
CA LYS B 193 4.62 -16.88 2.14
C LYS B 193 5.12 -18.25 1.75
N SER B 194 4.20 -19.18 1.62
CA SER B 194 4.63 -20.55 1.15
C SER B 194 5.02 -20.26 -0.32
N ILE B 195 4.42 -19.20 -0.87
CA ILE B 195 4.63 -18.71 -2.23
C ILE B 195 5.84 -17.76 -2.28
N ALA B 196 6.93 -18.20 -2.83
CA ALA B 196 8.18 -17.49 -2.95
C ALA B 196 8.18 -16.20 -3.74
N ASN B 197 7.60 -16.16 -4.91
CA ASN B 197 7.58 -14.91 -5.71
C ASN B 197 6.42 -13.98 -5.31
N PRO B 198 6.74 -12.75 -4.97
CA PRO B 198 5.78 -11.76 -4.56
C PRO B 198 4.79 -11.44 -5.65
N GLU B 199 5.19 -11.71 -6.86
CA GLU B 199 4.27 -11.46 -8.01
C GLU B 199 3.19 -12.51 -8.02
N ALA B 200 3.49 -13.73 -7.58
CA ALA B 200 2.52 -14.81 -7.54
C ALA B 200 1.47 -14.51 -6.46
N VAL B 201 1.89 -13.91 -5.37
CA VAL B 201 1.05 -13.54 -4.27
C VAL B 201 -0.05 -12.54 -4.69
N GLN B 202 0.37 -11.65 -5.58
CA GLN B 202 -0.51 -10.62 -6.11
C GLN B 202 -1.71 -11.21 -6.82
N GLN B 203 -1.46 -12.36 -7.45
CA GLN B 203 -2.49 -13.06 -8.20
C GLN B 203 -3.63 -13.55 -7.29
N LEU B 204 -3.39 -13.67 -6.02
CA LEU B 204 -4.42 -14.16 -5.08
C LEU B 204 -5.18 -13.07 -4.38
N ILE B 205 -4.89 -11.82 -4.66
CA ILE B 205 -5.54 -10.67 -4.06
C ILE B 205 -6.69 -10.17 -4.89
N ALA B 206 -7.90 -10.24 -4.28
CA ALA B 206 -9.12 -9.74 -4.93
C ALA B 206 -9.08 -8.22 -4.75
N LYS B 207 -9.48 -7.52 -5.80
CA LYS B 207 -9.51 -6.06 -5.87
C LYS B 207 -10.96 -5.53 -5.67
N LEU B 208 -11.01 -4.48 -4.88
CA LEU B 208 -12.35 -3.83 -4.65
C LEU B 208 -12.85 -3.50 -6.08
N ASP B 209 -14.12 -3.72 -6.28
CA ASP B 209 -14.68 -3.43 -7.65
C ASP B 209 -15.96 -2.64 -7.46
N MET B 210 -15.85 -1.34 -7.41
CA MET B 210 -16.94 -0.42 -7.23
C MET B 210 -17.93 -0.48 -8.38
N ASN B 211 -17.47 -0.82 -9.57
CA ASN B 211 -18.28 -0.92 -10.78
C ASN B 211 -19.37 -1.98 -10.71
N ASN B 212 -19.13 -3.01 -9.96
CA ASN B 212 -20.00 -4.16 -9.77
C ASN B 212 -20.89 -4.12 -8.53
N ALA B 213 -20.63 -3.17 -7.63
CA ALA B 213 -21.39 -3.07 -6.40
C ALA B 213 -22.82 -2.64 -6.70
N ASN B 214 -23.67 -2.94 -5.76
CA ASN B 214 -25.08 -2.56 -5.74
C ASN B 214 -25.12 -1.44 -4.69
N PRO B 215 -25.31 -0.24 -5.20
CA PRO B 215 -25.37 0.94 -4.35
C PRO B 215 -26.39 0.73 -3.23
N MET B 216 -26.04 1.10 -2.04
CA MET B 216 -26.84 0.99 -0.82
C MET B 216 -27.12 -0.49 -0.58
N ASP B 217 -26.33 -1.40 -1.12
CA ASP B 217 -26.69 -2.84 -0.87
C ASP B 217 -25.51 -3.64 -0.44
N CYS B 218 -24.57 -3.81 -1.40
CA CYS B 218 -23.33 -4.56 -1.17
C CYS B 218 -22.22 -4.09 -2.13
N LEU B 219 -21.02 -4.36 -1.69
CA LEU B 219 -19.76 -4.07 -2.36
C LEU B 219 -19.44 -5.25 -3.26
N ALA B 220 -18.30 -5.17 -3.95
CA ALA B 220 -17.92 -6.24 -4.90
C ALA B 220 -16.39 -6.29 -5.00
N TYR B 221 -15.92 -7.52 -5.15
CA TYR B 221 -14.48 -7.86 -5.24
C TYR B 221 -14.35 -8.64 -6.54
N ARG B 222 -13.22 -8.40 -7.20
CA ARG B 222 -12.97 -9.05 -8.50
C ARG B 222 -11.86 -10.07 -8.33
N PHE B 223 -12.10 -11.27 -8.78
CA PHE B 223 -11.06 -12.33 -8.66
C PHE B 223 -11.01 -13.19 -9.90
N ASP B 224 -10.04 -12.95 -10.77
CA ASP B 224 -9.86 -13.71 -12.03
C ASP B 224 -8.89 -14.87 -11.74
N ILE B 225 -9.20 -15.99 -12.32
CA ILE B 225 -8.42 -17.22 -12.15
C ILE B 225 -7.87 -17.65 -13.51
N VAL B 226 -6.65 -18.10 -13.51
CA VAL B 226 -5.95 -18.55 -14.73
C VAL B 226 -5.54 -20.01 -14.55
N LEU B 227 -6.09 -20.83 -15.45
CA LEU B 227 -5.70 -22.29 -15.37
C LEU B 227 -4.60 -22.53 -16.44
N ARG B 228 -3.95 -23.65 -16.38
CA ARG B 228 -2.91 -24.07 -17.34
C ARG B 228 -3.40 -23.90 -18.75
N GLY B 229 -2.53 -23.39 -19.62
CA GLY B 229 -2.89 -23.17 -21.03
C GLY B 229 -3.18 -24.53 -21.66
N GLN B 230 -4.16 -24.52 -22.54
CA GLN B 230 -4.57 -25.73 -23.28
C GLN B 230 -4.17 -25.55 -24.77
N ARG B 231 -3.48 -26.51 -25.31
CA ARG B 231 -3.16 -26.44 -26.75
C ARG B 231 -3.53 -27.80 -27.36
N LYS B 232 -3.64 -27.74 -28.68
CA LYS B 232 -3.93 -28.97 -29.45
C LYS B 232 -2.55 -29.64 -29.60
N THR B 233 -2.59 -30.96 -29.64
CA THR B 233 -1.36 -31.76 -29.79
C THR B 233 -0.91 -31.46 -31.24
N HIS B 234 0.39 -31.58 -31.45
CA HIS B 234 0.91 -31.30 -32.81
C HIS B 234 2.17 -32.12 -33.01
N PHE B 235 2.32 -32.54 -34.25
CA PHE B 235 3.50 -33.33 -34.68
C PHE B 235 3.77 -34.43 -33.70
N GLU B 236 2.78 -34.95 -32.99
CA GLU B 236 3.13 -36.00 -32.01
C GLU B 236 3.49 -37.35 -32.58
N PRO C 1 1.77 -1.80 9.99
CA PRO C 1 1.59 -2.32 11.36
C PRO C 1 2.60 -1.65 12.28
N ILE C 2 2.46 -1.85 13.57
CA ILE C 2 3.39 -1.32 14.58
C ILE C 2 4.57 -2.27 14.68
N GLU C 3 5.76 -1.74 14.75
CA GLU C 3 6.98 -2.55 14.92
C GLU C 3 7.70 -2.00 16.15
N LEU C 4 8.12 -2.83 17.04
CA LEU C 4 8.86 -2.45 18.26
C LEU C 4 10.35 -2.53 17.89
N LEU C 5 11.25 -2.30 18.84
CA LEU C 5 12.68 -2.50 18.60
C LEU C 5 12.79 -4.05 18.42
N PRO C 6 13.71 -4.45 17.55
CA PRO C 6 13.94 -5.88 17.30
C PRO C 6 14.71 -6.45 18.52
N GLU C 7 14.41 -7.68 18.83
CA GLU C 7 15.15 -8.31 19.95
C GLU C 7 16.54 -8.66 19.41
N THR C 8 17.53 -8.60 20.28
CA THR C 8 18.90 -8.97 19.93
C THR C 8 18.82 -10.45 19.51
N PRO C 9 19.47 -10.77 18.40
CA PRO C 9 19.51 -12.13 17.91
C PRO C 9 20.30 -13.07 18.82
N SER C 10 19.87 -14.33 18.87
CA SER C 10 20.57 -15.38 19.62
C SER C 10 21.80 -15.83 18.75
N GLN C 11 22.76 -16.39 19.43
CA GLN C 11 23.98 -16.98 18.89
C GLN C 11 24.20 -18.27 19.68
N THR C 12 24.86 -19.24 19.11
CA THR C 12 25.11 -20.50 19.85
C THR C 12 25.96 -20.08 21.06
N ALA C 13 25.99 -20.89 22.07
CA ALA C 13 26.73 -20.71 23.32
C ALA C 13 28.16 -21.15 23.12
N GLY C 14 28.34 -21.99 22.13
CA GLY C 14 29.67 -22.50 21.76
C GLY C 14 30.07 -23.63 22.74
N PRO C 15 31.22 -24.21 22.42
CA PRO C 15 31.77 -25.32 23.16
C PRO C 15 32.42 -24.96 24.47
N TYR C 16 32.74 -23.69 24.65
CA TYR C 16 33.41 -23.19 25.85
C TYR C 16 32.45 -22.55 26.85
N VAL C 17 31.18 -22.76 26.69
CA VAL C 17 30.13 -22.23 27.55
C VAL C 17 30.47 -22.37 29.01
N HIS C 18 31.09 -23.48 29.36
CA HIS C 18 31.47 -23.82 30.72
C HIS C 18 32.36 -22.82 31.40
N ILE C 19 33.27 -22.19 30.63
CA ILE C 19 34.17 -21.24 31.31
C ILE C 19 33.33 -20.10 31.89
N GLY C 20 32.19 -19.83 31.28
CA GLY C 20 31.35 -18.71 31.72
C GLY C 20 30.20 -19.04 32.62
N LEU C 21 29.54 -20.17 32.39
CA LEU C 21 28.37 -20.59 33.14
C LEU C 21 28.47 -21.87 33.90
N ALA C 22 29.63 -22.50 33.86
CA ALA C 22 29.81 -23.80 34.58
C ALA C 22 31.30 -24.02 34.82
N LEU C 23 31.87 -23.09 35.57
CA LEU C 23 33.24 -22.99 35.95
C LEU C 23 33.95 -24.29 36.33
N GLU C 24 33.33 -25.02 37.24
CA GLU C 24 33.85 -26.35 37.70
C GLU C 24 34.11 -27.20 36.44
N ALA C 25 33.07 -27.44 35.67
CA ALA C 25 33.16 -28.24 34.44
C ALA C 25 34.27 -27.77 33.52
N ALA C 26 34.37 -26.46 33.37
CA ALA C 26 35.40 -25.82 32.54
C ALA C 26 36.79 -26.30 32.98
N GLY C 27 36.85 -26.62 34.26
CA GLY C 27 38.07 -27.10 34.92
C GLY C 27 38.79 -25.88 35.52
N ASN C 28 37.96 -24.84 35.76
CA ASN C 28 38.45 -23.59 36.33
C ASN C 28 37.99 -23.39 37.77
N PRO C 29 38.74 -22.50 38.43
CA PRO C 29 38.41 -22.15 39.83
C PRO C 29 37.06 -21.43 39.77
N THR C 30 36.27 -21.65 40.79
CA THR C 30 34.92 -21.03 40.88
C THR C 30 35.02 -19.84 41.83
N ARG C 31 33.96 -19.08 41.86
CA ARG C 31 33.84 -17.88 42.73
C ARG C 31 33.13 -18.29 44.01
N ASP C 32 33.01 -17.36 44.94
CA ASP C 32 32.31 -17.63 46.22
C ASP C 32 30.93 -18.23 45.97
N GLN C 33 30.13 -17.51 45.20
CA GLN C 33 28.77 -17.95 44.87
C GLN C 33 28.63 -18.27 43.40
N GLU C 34 28.04 -19.43 43.13
CA GLU C 34 27.82 -19.95 41.77
C GLU C 34 26.43 -20.58 41.67
N ILE C 35 25.83 -20.50 40.50
CA ILE C 35 24.48 -21.09 40.27
C ILE C 35 24.73 -22.47 39.68
N TRP C 36 24.38 -23.51 40.45
CA TRP C 36 24.62 -24.89 40.03
C TRP C 36 23.43 -25.79 40.11
N ASN C 37 23.65 -27.10 40.14
CA ASN C 37 22.63 -28.13 40.10
C ASN C 37 21.95 -28.65 41.32
N ARG C 38 21.91 -27.93 42.39
CA ARG C 38 21.30 -28.30 43.68
C ARG C 38 20.22 -27.28 44.02
N LEU C 39 19.01 -27.53 43.63
CA LEU C 39 17.89 -26.64 43.85
C LEU C 39 17.39 -26.67 45.28
N ALA C 40 17.54 -27.83 45.94
CA ALA C 40 17.08 -27.95 47.32
C ALA C 40 18.14 -28.47 48.28
N LYS C 41 18.06 -27.94 49.50
CA LYS C 41 18.95 -28.35 50.61
C LYS C 41 18.16 -29.46 51.32
N PRO C 42 18.87 -30.39 51.90
CA PRO C 42 18.29 -31.53 52.59
C PRO C 42 17.09 -31.23 53.45
N ASP C 43 17.08 -30.07 54.06
CA ASP C 43 15.95 -29.73 54.96
C ASP C 43 14.85 -29.03 54.25
N ALA C 44 14.69 -29.25 52.95
CA ALA C 44 13.64 -28.58 52.17
C ALA C 44 12.43 -29.51 52.03
N PRO C 45 11.26 -28.92 52.26
CA PRO C 45 9.98 -29.62 52.18
C PRO C 45 9.80 -30.13 50.73
N GLY C 46 9.12 -31.24 50.63
CA GLY C 46 8.81 -31.86 49.35
C GLY C 46 9.49 -33.22 49.23
N GLU C 47 9.15 -33.90 48.15
CA GLU C 47 9.74 -35.22 47.85
C GLU C 47 11.08 -35.00 47.12
N HIS C 48 12.17 -35.24 47.81
CA HIS C 48 13.51 -35.10 47.24
C HIS C 48 13.78 -36.14 46.15
N ILE C 49 14.14 -35.65 44.98
CA ILE C 49 14.44 -36.48 43.82
C ILE C 49 15.77 -36.09 43.17
N LEU C 50 16.31 -37.01 42.40
CA LEU C 50 17.54 -36.79 41.63
C LEU C 50 17.09 -36.89 40.15
N LEU C 51 17.44 -35.89 39.38
CA LEU C 51 17.09 -35.95 37.92
C LEU C 51 18.44 -36.20 37.20
N LEU C 52 18.38 -36.98 36.15
CA LEU C 52 19.55 -37.31 35.33
C LEU C 52 19.14 -37.64 33.91
N GLY C 53 20.08 -37.37 32.98
CA GLY C 53 19.82 -37.65 31.57
C GLY C 53 21.08 -37.44 30.74
N GLN C 54 20.87 -37.77 29.49
CA GLN C 54 21.77 -37.70 28.36
C GLN C 54 21.01 -36.95 27.26
N VAL C 55 21.83 -36.39 26.38
CA VAL C 55 21.34 -35.62 25.23
C VAL C 55 21.98 -36.29 23.99
N TYR C 56 21.13 -36.58 23.02
CA TYR C 56 21.51 -37.18 21.79
C TYR C 56 21.29 -36.25 20.59
N ASP C 57 22.23 -36.33 19.66
CA ASP C 57 22.14 -35.58 18.39
C ASP C 57 21.37 -36.51 17.42
N GLY C 58 21.17 -36.08 16.23
CA GLY C 58 20.47 -36.76 15.18
C GLY C 58 21.14 -38.03 14.69
N ASN C 59 22.40 -38.27 15.03
CA ASN C 59 23.11 -39.47 14.60
C ASN C 59 23.10 -40.52 15.69
N GLY C 60 22.53 -40.17 16.82
CA GLY C 60 22.43 -41.07 17.96
C GLY C 60 23.62 -40.92 18.86
N HIS C 61 24.36 -39.85 18.69
CA HIS C 61 25.56 -39.62 19.50
C HIS C 61 25.28 -38.63 20.61
N LEU C 62 25.92 -38.84 21.74
CA LEU C 62 25.81 -38.00 22.92
C LEU C 62 26.37 -36.59 22.62
N VAL C 63 25.66 -35.64 23.15
CA VAL C 63 26.09 -34.19 23.05
C VAL C 63 26.76 -33.99 24.43
N ARG C 64 28.05 -34.02 24.47
CA ARG C 64 28.80 -33.89 25.71
C ARG C 64 29.15 -32.47 26.07
N ASP C 65 28.70 -31.51 25.31
CA ASP C 65 29.02 -30.10 25.64
C ASP C 65 27.73 -29.32 25.92
N SER C 66 26.64 -30.00 26.18
CA SER C 66 25.36 -29.31 26.42
C SER C 66 25.31 -28.63 27.78
N PHE C 67 24.54 -27.58 27.87
CA PHE C 67 24.30 -26.75 29.03
C PHE C 67 22.79 -26.58 29.20
N LEU C 68 22.29 -26.82 30.39
CA LEU C 68 20.86 -26.75 30.70
C LEU C 68 20.54 -25.84 31.87
N GLU C 69 19.40 -25.19 31.70
CA GLU C 69 18.87 -24.30 32.79
C GLU C 69 17.50 -24.80 33.15
N VAL C 70 17.13 -24.90 34.40
CA VAL C 70 15.84 -25.41 34.82
C VAL C 70 15.04 -24.39 35.65
N TRP C 71 13.76 -24.45 35.51
CA TRP C 71 12.81 -23.58 36.26
C TRP C 71 11.59 -24.43 36.64
N GLN C 72 11.41 -24.50 37.96
CA GLN C 72 10.33 -25.27 38.57
C GLN C 72 9.77 -24.63 39.83
N ALA C 73 8.54 -25.09 40.13
CA ALA C 73 7.87 -24.61 41.37
C ALA C 73 8.35 -25.52 42.50
N ASP C 74 8.25 -24.93 43.71
CA ASP C 74 8.61 -25.71 44.93
C ASP C 74 7.50 -26.77 45.04
N ALA C 75 7.60 -27.50 46.13
CA ALA C 75 6.65 -28.56 46.49
C ALA C 75 5.25 -28.02 46.68
N ASN C 76 5.10 -26.78 47.08
CA ASN C 76 3.76 -26.19 47.27
C ASN C 76 3.25 -25.56 46.00
N GLY C 77 3.91 -25.88 44.87
CA GLY C 77 3.51 -25.30 43.59
C GLY C 77 3.76 -23.81 43.53
N GLU C 78 4.79 -23.31 44.18
CA GLU C 78 5.14 -21.90 44.09
C GLU C 78 6.50 -21.64 43.47
N TYR C 79 6.53 -20.59 42.64
CA TYR C 79 7.85 -20.22 41.99
C TYR C 79 8.58 -19.25 42.91
N GLN C 80 9.72 -19.72 43.37
CA GLN C 80 10.62 -18.98 44.27
C GLN C 80 11.68 -18.28 43.40
N ASP C 81 11.41 -17.05 43.02
CA ASP C 81 12.24 -16.24 42.17
C ASP C 81 13.37 -15.50 42.83
N ALA C 82 13.30 -15.33 44.14
CA ALA C 82 14.41 -14.61 44.81
C ALA C 82 15.51 -15.65 45.02
N TYR C 83 16.42 -15.74 44.06
CA TYR C 83 17.54 -16.69 44.12
C TYR C 83 18.50 -16.35 45.24
N ASN C 84 18.81 -17.31 46.06
CA ASN C 84 19.74 -17.09 47.22
C ASN C 84 20.22 -18.48 47.65
N LEU C 85 21.52 -18.58 47.87
CA LEU C 85 22.23 -19.78 48.27
C LEU C 85 21.89 -20.20 49.70
N GLU C 86 21.33 -19.28 50.43
CA GLU C 86 20.89 -19.52 51.81
C GLU C 86 19.55 -20.21 51.79
N ASN C 87 18.77 -20.09 50.73
CA ASN C 87 17.44 -20.68 50.59
C ASN C 87 17.50 -22.20 50.70
N ALA C 88 16.45 -22.72 51.32
CA ALA C 88 16.35 -24.21 51.46
C ALA C 88 16.06 -24.80 50.07
N PHE C 89 15.43 -23.98 49.25
CA PHE C 89 15.02 -24.24 47.91
C PHE C 89 15.00 -22.98 47.00
N ASN C 90 15.60 -23.16 45.83
CA ASN C 90 15.71 -22.18 44.74
C ASN C 90 14.98 -22.79 43.53
N SER C 91 14.12 -22.04 42.90
CA SER C 91 13.35 -22.47 41.74
C SER C 91 14.17 -22.66 40.47
N PHE C 92 15.33 -22.00 40.46
CA PHE C 92 16.29 -22.00 39.37
C PHE C 92 17.56 -22.78 39.65
N GLY C 93 18.06 -23.38 38.58
CA GLY C 93 19.30 -24.13 38.62
C GLY C 93 19.94 -24.28 37.23
N ARG C 94 21.16 -24.79 37.29
CA ARG C 94 21.97 -25.08 36.11
C ARG C 94 22.73 -26.37 36.29
N THR C 95 22.88 -27.02 35.15
CA THR C 95 23.59 -28.29 35.03
C THR C 95 24.24 -28.40 33.66
N ALA C 96 25.05 -29.37 33.46
CA ALA C 96 25.76 -29.59 32.17
C ALA C 96 26.09 -31.07 32.05
N THR C 97 26.35 -31.54 30.84
CA THR C 97 26.73 -32.94 30.62
C THR C 97 28.25 -33.07 30.67
N THR C 98 28.66 -34.21 31.23
CA THR C 98 30.05 -34.61 31.41
C THR C 98 30.70 -34.97 30.07
N PHE C 99 31.96 -34.53 29.93
CA PHE C 99 32.70 -34.79 28.69
C PHE C 99 33.02 -36.27 28.60
N ASP C 100 32.72 -37.01 29.65
CA ASP C 100 32.97 -38.49 29.66
C ASP C 100 31.66 -39.12 29.21
N ALA C 101 31.04 -39.84 30.12
CA ALA C 101 29.72 -40.47 29.92
C ALA C 101 28.69 -39.54 29.28
N GLY C 102 28.73 -38.28 29.64
CA GLY C 102 27.85 -37.25 29.13
C GLY C 102 26.46 -37.19 29.72
N GLU C 103 26.38 -37.30 31.02
CA GLU C 103 25.16 -37.27 31.80
C GLU C 103 25.11 -36.05 32.73
N TRP C 104 23.97 -35.39 32.76
CA TRP C 104 23.78 -34.22 33.64
C TRP C 104 22.96 -34.74 34.83
N THR C 105 23.05 -34.06 35.94
CA THR C 105 22.27 -34.44 37.13
C THR C 105 21.86 -33.12 37.79
N LEU C 106 20.78 -33.26 38.52
CA LEU C 106 20.18 -32.12 39.26
C LEU C 106 19.56 -32.68 40.53
N HIS C 107 19.78 -31.99 41.60
CA HIS C 107 19.25 -32.37 42.93
C HIS C 107 18.12 -31.41 43.25
N THR C 108 16.91 -31.95 43.29
CA THR C 108 15.73 -31.09 43.57
C THR C 108 14.65 -31.83 44.35
N VAL C 109 13.44 -31.26 44.28
CA VAL C 109 12.21 -31.76 44.87
C VAL C 109 11.14 -31.78 43.77
N LYS C 110 10.25 -32.75 43.83
CA LYS C 110 9.15 -32.83 42.85
C LYS C 110 8.27 -31.58 43.05
N PRO C 111 8.07 -30.84 41.97
CA PRO C 111 7.32 -29.59 42.00
C PRO C 111 5.83 -29.81 42.20
N GLY C 112 5.21 -28.80 42.85
CA GLY C 112 3.75 -28.86 43.08
C GLY C 112 3.05 -28.46 41.78
N VAL C 113 1.76 -28.45 41.75
CA VAL C 113 0.91 -28.11 40.63
C VAL C 113 0.67 -26.60 40.58
N VAL C 114 0.60 -26.08 39.36
CA VAL C 114 0.36 -24.67 39.06
C VAL C 114 -0.69 -24.65 37.96
N ASN C 115 -1.44 -23.57 37.94
CA ASN C 115 -2.54 -23.41 36.97
C ASN C 115 -2.05 -22.56 35.79
N ASN C 116 -2.62 -22.82 34.65
CA ASN C 116 -2.27 -22.05 33.43
C ASN C 116 -3.04 -20.72 33.59
N ALA C 117 -2.88 -19.85 32.61
CA ALA C 117 -3.57 -18.56 32.65
C ALA C 117 -5.08 -18.70 32.70
N ALA C 118 -5.68 -19.76 32.17
CA ALA C 118 -7.13 -19.94 32.22
C ALA C 118 -7.60 -20.58 33.52
N GLY C 119 -6.74 -20.72 34.50
CA GLY C 119 -7.08 -21.34 35.77
C GLY C 119 -7.10 -22.84 35.75
N VAL C 120 -6.59 -23.50 34.74
CA VAL C 120 -6.55 -25.01 34.67
C VAL C 120 -5.20 -25.51 35.16
N PRO C 121 -5.20 -26.48 36.07
CA PRO C 121 -3.95 -27.02 36.60
C PRO C 121 -3.17 -27.76 35.53
N MET C 122 -1.87 -27.60 35.64
CA MET C 122 -0.88 -28.26 34.74
C MET C 122 -0.24 -29.40 35.57
N ALA C 123 0.13 -30.46 34.94
CA ALA C 123 0.76 -31.62 35.67
C ALA C 123 2.07 -31.12 36.21
N PRO C 124 2.58 -31.65 37.30
CA PRO C 124 3.86 -31.19 37.87
C PRO C 124 4.88 -31.24 36.71
N HIS C 125 5.68 -30.18 36.60
CA HIS C 125 6.67 -30.14 35.50
C HIS C 125 7.82 -29.21 35.83
N ILE C 126 8.94 -29.54 35.15
CA ILE C 126 10.18 -28.77 35.24
C ILE C 126 10.42 -28.17 33.85
N ASN C 127 10.67 -26.86 33.84
CA ASN C 127 10.88 -26.17 32.51
C ASN C 127 12.39 -26.28 32.23
N ILE C 128 12.75 -26.60 31.03
CA ILE C 128 14.19 -26.75 30.68
C ILE C 128 14.57 -26.01 29.40
N SER C 129 15.71 -25.36 29.44
CA SER C 129 16.30 -24.64 28.31
C SER C 129 17.62 -25.37 27.98
N LEU C 130 17.76 -25.72 26.73
CA LEU C 130 19.02 -26.45 26.35
C LEU C 130 19.87 -25.59 25.42
N PHE C 131 21.12 -25.52 25.80
CA PHE C 131 22.11 -24.72 25.06
C PHE C 131 23.33 -25.60 24.74
N ALA C 132 23.95 -25.34 23.61
CA ALA C 132 25.16 -26.06 23.19
C ALA C 132 25.65 -25.54 21.84
N ARG C 133 26.82 -26.01 21.52
CA ARG C 133 27.45 -25.69 20.20
C ARG C 133 26.58 -26.41 19.14
N GLY C 134 26.24 -25.70 18.08
CA GLY C 134 25.42 -26.27 17.01
C GLY C 134 23.97 -25.87 17.20
N ILE C 135 23.65 -25.28 18.35
CA ILE C 135 22.29 -24.81 18.67
C ILE C 135 22.36 -23.28 18.58
N ASN C 136 21.75 -22.74 17.58
CA ASN C 136 21.70 -21.34 17.24
C ASN C 136 20.89 -20.53 18.24
N ILE C 137 19.76 -21.13 18.60
CA ILE C 137 18.82 -20.60 19.61
C ILE C 137 18.43 -21.74 20.53
N HIS C 138 18.48 -21.51 21.83
CA HIS C 138 18.17 -22.53 22.84
C HIS C 138 16.84 -23.19 22.62
N LEU C 139 16.77 -24.45 23.00
CA LEU C 139 15.54 -25.26 22.85
C LEU C 139 14.80 -25.26 24.20
N HIS C 140 13.50 -25.13 24.09
CA HIS C 140 12.63 -25.18 25.27
C HIS C 140 11.86 -26.53 25.30
N THR C 141 11.88 -27.10 26.50
CA THR C 141 11.11 -28.33 26.76
C THR C 141 10.56 -28.34 28.20
N ARG C 142 9.81 -29.39 28.51
CA ARG C 142 9.27 -29.63 29.85
C ARG C 142 9.52 -31.08 30.25
N LEU C 143 9.75 -31.28 31.51
CA LEU C 143 9.95 -32.64 32.06
C LEU C 143 8.70 -32.95 32.94
N TYR C 144 7.97 -33.98 32.57
CA TYR C 144 6.81 -34.47 33.35
C TYR C 144 7.27 -35.83 33.93
N PHE C 145 6.50 -36.32 34.92
CA PHE C 145 6.86 -37.59 35.61
C PHE C 145 5.93 -38.73 35.30
N ASP C 146 6.48 -39.91 35.05
CA ASP C 146 5.64 -41.06 34.67
C ASP C 146 4.69 -41.45 35.81
N ASP C 147 4.99 -41.02 37.02
CA ASP C 147 4.15 -41.41 38.16
C ASP C 147 3.01 -40.45 38.38
N GLU C 148 2.79 -39.52 37.47
CA GLU C 148 1.72 -38.53 37.55
C GLU C 148 0.81 -38.70 36.34
N ALA C 149 0.61 -39.93 35.97
CA ALA C 149 -0.23 -40.28 34.83
C ALA C 149 -1.57 -39.58 34.82
N GLN C 150 -2.30 -39.58 35.92
CA GLN C 150 -3.63 -38.93 35.98
C GLN C 150 -3.56 -37.46 35.68
N ALA C 151 -2.64 -36.75 36.30
CA ALA C 151 -2.46 -35.31 36.06
C ALA C 151 -1.96 -35.03 34.63
N ASN C 152 -1.04 -35.86 34.18
CA ASN C 152 -0.45 -35.73 32.85
C ASN C 152 -1.54 -35.80 31.78
N ALA C 153 -2.51 -36.65 32.03
CA ALA C 153 -3.56 -36.86 31.01
C ALA C 153 -4.47 -35.68 30.83
N LYS C 154 -4.54 -34.87 31.88
CA LYS C 154 -5.40 -33.68 31.82
C LYS C 154 -4.65 -32.41 31.56
N CYS C 155 -3.33 -32.41 31.49
CA CYS C 155 -2.51 -31.22 31.30
C CYS C 155 -2.93 -30.48 30.04
N PRO C 156 -3.23 -29.21 30.21
CA PRO C 156 -3.61 -28.35 29.07
C PRO C 156 -2.40 -28.16 28.14
N VAL C 157 -1.19 -28.24 28.65
CA VAL C 157 0.03 -28.06 27.83
C VAL C 157 0.31 -29.35 27.07
N LEU C 158 0.34 -30.46 27.76
CA LEU C 158 0.58 -31.78 27.11
C LEU C 158 -0.42 -32.03 25.99
N ASN C 159 -1.67 -31.66 26.25
CA ASN C 159 -2.80 -31.81 25.35
C ASN C 159 -2.69 -30.98 24.11
N LEU C 160 -1.79 -30.03 24.07
CA LEU C 160 -1.60 -29.16 22.89
C LEU C 160 -0.74 -29.91 21.85
N ILE C 161 -0.07 -30.95 22.28
CA ILE C 161 0.74 -31.77 21.37
C ILE C 161 -0.27 -32.75 20.71
N GLU C 162 -0.48 -32.45 19.44
CA GLU C 162 -1.37 -33.15 18.56
C GLU C 162 -1.25 -34.65 18.60
N GLN C 163 -0.09 -35.23 18.41
CA GLN C 163 0.14 -36.66 18.42
C GLN C 163 0.57 -37.20 19.78
N PRO C 164 -0.26 -38.03 20.38
CA PRO C 164 -0.04 -38.67 21.67
C PRO C 164 1.32 -39.33 21.84
N GLN C 165 1.85 -39.85 20.76
CA GLN C 165 3.16 -40.51 20.79
C GLN C 165 4.26 -39.50 21.09
N ARG C 166 3.99 -38.27 20.67
CA ARG C 166 4.95 -37.17 20.88
C ARG C 166 4.98 -36.72 22.31
N ARG C 167 3.84 -36.83 23.00
CA ARG C 167 3.70 -36.45 24.41
C ARG C 167 4.59 -37.28 25.31
N GLU C 168 4.73 -38.55 24.95
CA GLU C 168 5.57 -39.48 25.68
C GLU C 168 7.02 -39.10 25.79
N THR C 169 7.52 -38.29 24.88
CA THR C 169 8.90 -37.81 24.84
C THR C 169 9.20 -36.88 26.03
N LEU C 170 8.13 -36.33 26.58
CA LEU C 170 8.21 -35.40 27.72
C LEU C 170 8.13 -36.01 29.09
N ILE C 171 7.96 -37.31 29.19
CA ILE C 171 7.84 -38.05 30.42
C ILE C 171 9.08 -38.70 30.95
N ALA C 172 9.55 -38.25 32.10
CA ALA C 172 10.74 -38.85 32.76
C ALA C 172 10.33 -40.18 33.41
N LYS C 173 11.16 -41.17 33.29
CA LYS C 173 10.97 -42.51 33.82
C LYS C 173 11.61 -42.62 35.20
N ARG C 174 10.74 -42.92 36.14
CA ARG C 174 11.08 -43.07 37.54
C ARG C 174 11.98 -44.29 37.71
N CYS C 175 12.97 -44.09 38.55
CA CYS C 175 13.97 -45.12 38.83
C CYS C 175 14.57 -44.82 40.19
N GLU C 176 15.69 -45.47 40.46
CA GLU C 176 16.38 -45.25 41.75
C GLU C 176 17.87 -45.31 41.50
N VAL C 177 18.58 -44.35 42.09
CA VAL C 177 20.04 -44.22 41.98
C VAL C 177 20.52 -44.37 43.43
N ASP C 178 21.37 -45.36 43.63
CA ASP C 178 21.87 -45.67 44.99
C ASP C 178 20.69 -45.64 45.95
N GLY C 179 19.70 -46.47 45.60
CA GLY C 179 18.47 -46.63 46.34
C GLY C 179 17.76 -45.36 46.73
N LYS C 180 17.83 -44.37 45.88
CA LYS C 180 17.20 -43.04 46.10
C LYS C 180 16.40 -42.74 44.83
N THR C 181 15.24 -42.15 45.02
CA THR C 181 14.33 -41.78 43.93
C THR C 181 14.99 -40.85 42.91
N ALA C 182 14.92 -41.27 41.67
CA ALA C 182 15.47 -40.57 40.52
C ALA C 182 14.54 -40.75 39.34
N TYR C 183 14.68 -39.85 38.37
CA TYR C 183 13.86 -39.89 37.15
C TYR C 183 14.86 -39.58 36.01
N ARG C 184 14.81 -40.37 35.00
CA ARG C 184 15.66 -40.22 33.84
C ARG C 184 14.85 -39.55 32.71
N PHE C 185 15.45 -38.48 32.24
CA PHE C 185 14.90 -37.66 31.15
C PHE C 185 16.01 -37.46 30.08
N ASP C 186 15.96 -38.23 29.05
CA ASP C 186 16.92 -38.17 27.95
C ASP C 186 16.26 -37.26 26.90
N ILE C 187 17.06 -36.47 26.24
CA ILE C 187 16.64 -35.56 25.21
C ILE C 187 17.21 -36.01 23.84
N ARG C 188 16.36 -36.18 22.88
CA ARG C 188 16.76 -36.56 21.51
C ARG C 188 16.52 -35.27 20.74
N ILE C 189 17.61 -34.66 20.26
CA ILE C 189 17.47 -33.38 19.60
C ILE C 189 16.85 -33.51 18.24
N GLN C 190 17.20 -34.58 17.59
CA GLN C 190 16.69 -34.76 16.18
C GLN C 190 16.55 -36.21 15.86
N GLY C 191 15.59 -36.56 15.02
CA GLY C 191 15.40 -37.92 14.61
C GLY C 191 14.32 -38.70 15.29
N GLU C 192 14.59 -39.97 15.40
CA GLU C 192 13.70 -40.98 16.00
C GLU C 192 13.52 -40.70 17.48
N GLY C 193 12.26 -40.56 17.87
CA GLY C 193 11.92 -40.25 19.28
C GLY C 193 12.32 -38.82 19.60
N GLU C 194 12.36 -37.95 18.61
CA GLU C 194 12.78 -36.55 18.85
C GLU C 194 11.88 -35.91 19.91
N THR C 195 12.52 -35.27 20.88
CA THR C 195 11.83 -34.59 21.96
C THR C 195 11.04 -33.38 21.47
N VAL C 196 9.84 -33.22 22.08
CA VAL C 196 9.00 -32.07 21.75
C VAL C 196 9.76 -30.85 22.36
N PHE C 197 9.74 -29.78 21.62
CA PHE C 197 10.39 -28.50 22.05
C PHE C 197 9.28 -27.47 21.77
N PHE C 198 9.19 -26.50 22.63
CA PHE C 198 8.17 -25.47 22.55
C PHE C 198 8.75 -24.12 22.14
N ASP C 199 7.79 -23.30 21.75
CA ASP C 199 7.86 -21.92 21.36
C ASP C 199 6.77 -21.24 22.25
N PHE C 200 7.20 -20.19 22.87
CA PHE C 200 6.39 -19.38 23.77
C PHE C 200 6.93 -17.93 23.77
N PRO D 1 5.91 -15.46 46.31
CA PRO D 1 6.35 -16.08 45.05
C PRO D 1 6.11 -15.16 43.86
N ALA D 2 6.64 -15.63 42.73
CA ALA D 2 6.47 -14.88 41.45
C ALA D 2 5.01 -15.06 41.05
N GLN D 3 4.51 -14.10 40.29
CA GLN D 3 3.12 -14.14 39.81
C GLN D 3 3.01 -13.84 38.33
N ASP D 4 1.98 -14.43 37.76
CA ASP D 4 1.68 -14.27 36.32
C ASP D 4 1.01 -12.91 36.10
N ASN D 5 1.81 -11.87 35.92
CA ASN D 5 1.18 -10.54 35.63
C ASN D 5 1.63 -9.98 34.31
N SER D 6 2.50 -10.67 33.61
CA SER D 6 3.06 -10.22 32.33
C SER D 6 2.95 -11.20 31.18
N ARG D 7 3.02 -10.64 30.00
CA ARG D 7 3.00 -11.30 28.70
C ARG D 7 4.25 -10.76 27.95
N PHE D 8 4.86 -11.60 27.18
CA PHE D 8 6.09 -11.20 26.41
C PHE D 8 5.80 -11.26 24.93
N VAL D 9 6.24 -10.26 24.23
CA VAL D 9 6.08 -10.16 22.74
C VAL D 9 6.63 -11.47 22.16
N ILE D 10 5.88 -12.07 21.27
CA ILE D 10 6.26 -13.34 20.66
C ILE D 10 7.59 -13.19 19.90
N ARG D 11 8.49 -14.15 20.05
CA ARG D 11 9.76 -14.09 19.30
C ARG D 11 9.53 -14.18 17.79
N ASP D 12 10.38 -13.45 17.10
CA ASP D 12 10.39 -13.41 15.60
C ASP D 12 11.46 -14.39 15.19
N ARG D 13 11.03 -15.60 14.86
CA ARG D 13 11.95 -16.69 14.53
C ARG D 13 12.65 -16.64 13.19
N ASN D 14 12.34 -15.58 12.46
CA ASN D 14 12.92 -15.26 11.16
C ASN D 14 13.98 -14.18 11.35
N TRP D 15 14.01 -13.60 12.53
CA TRP D 15 15.01 -12.53 12.85
C TRP D 15 16.21 -13.22 13.51
N HIS D 16 15.81 -14.13 14.41
CA HIS D 16 16.84 -14.98 15.09
C HIS D 16 17.34 -15.96 14.01
N PRO D 17 18.52 -16.52 14.27
CA PRO D 17 19.07 -17.54 13.33
C PRO D 17 18.13 -18.76 13.37
N LYS D 18 18.09 -19.49 12.26
CA LYS D 18 17.27 -20.71 12.23
C LYS D 18 18.08 -21.83 12.82
N ALA D 19 17.39 -22.94 13.17
CA ALA D 19 18.06 -24.09 13.77
C ALA D 19 19.08 -24.74 12.79
N LEU D 20 18.63 -24.99 11.58
CA LEU D 20 19.46 -25.62 10.56
C LEU D 20 20.09 -24.62 9.60
N THR D 21 21.35 -24.47 9.73
CA THR D 21 22.16 -23.53 8.90
C THR D 21 23.43 -24.34 8.58
N PRO D 22 23.31 -25.12 7.51
CA PRO D 22 24.32 -26.06 7.05
C PRO D 22 25.75 -25.63 6.98
N ASP D 23 26.08 -24.38 6.72
CA ASP D 23 27.49 -23.89 6.65
C ASP D 23 28.17 -23.98 7.98
N TYR D 24 27.35 -23.96 9.02
CA TYR D 24 27.78 -24.13 10.43
C TYR D 24 27.45 -25.62 10.67
N LYS D 25 28.43 -26.43 10.44
CA LYS D 25 28.41 -27.87 10.46
C LYS D 25 27.70 -28.55 11.58
N THR D 26 28.01 -28.26 12.80
CA THR D 26 27.45 -28.79 14.03
C THR D 26 25.95 -28.68 14.06
N SER D 27 25.37 -27.63 13.51
CA SER D 27 23.93 -27.44 13.49
C SER D 27 23.20 -28.53 12.72
N ILE D 28 23.88 -29.24 11.85
CA ILE D 28 23.23 -30.26 11.02
C ILE D 28 22.53 -31.32 11.87
N ALA D 29 23.29 -31.94 12.75
CA ALA D 29 22.85 -32.97 13.66
C ALA D 29 22.28 -32.50 14.96
N ARG D 30 22.36 -31.21 15.26
CA ARG D 30 21.86 -30.61 16.48
C ARG D 30 20.69 -29.66 16.35
N SER D 31 19.85 -29.90 15.35
CA SER D 31 18.67 -29.16 15.00
C SER D 31 17.49 -30.12 14.87
N PRO D 32 16.38 -29.72 15.50
CA PRO D 32 15.16 -30.53 15.46
C PRO D 32 14.63 -30.57 14.03
N ARG D 33 13.94 -31.63 13.68
CA ARG D 33 13.35 -31.75 12.33
C ARG D 33 11.85 -31.53 12.45
N GLN D 34 11.29 -31.68 13.64
CA GLN D 34 9.87 -31.48 13.87
C GLN D 34 9.69 -29.99 14.23
N ALA D 35 8.51 -29.44 13.94
CA ALA D 35 8.16 -28.06 14.25
C ALA D 35 8.09 -27.84 15.77
N LEU D 36 8.45 -26.66 16.20
CA LEU D 36 8.38 -26.30 17.63
C LEU D 36 6.86 -26.27 17.96
N VAL D 37 6.46 -26.64 19.11
CA VAL D 37 5.00 -26.61 19.46
C VAL D 37 4.72 -25.29 20.19
N SER D 38 3.84 -24.50 19.61
CA SER D 38 3.49 -23.20 20.22
C SER D 38 2.58 -23.46 21.42
N ILE D 39 2.89 -22.76 22.50
CA ILE D 39 2.07 -22.90 23.73
C ILE D 39 1.81 -21.49 24.25
N PRO D 40 0.68 -21.38 24.94
CA PRO D 40 0.30 -20.06 25.51
C PRO D 40 1.18 -19.79 26.72
N GLN D 41 1.43 -18.52 27.01
CA GLN D 41 2.24 -18.16 28.18
C GLN D 41 1.41 -18.41 29.46
N SER D 42 2.11 -18.90 30.46
CA SER D 42 1.59 -19.19 31.81
C SER D 42 2.66 -18.74 32.81
N ILE D 43 2.42 -18.90 34.08
CA ILE D 43 3.36 -18.51 35.13
C ILE D 43 4.74 -19.18 34.97
N SER D 44 4.70 -20.38 34.43
CA SER D 44 5.89 -21.19 34.22
C SER D 44 6.85 -20.44 33.32
N GLU D 45 6.32 -19.79 32.28
CA GLU D 45 7.14 -19.07 31.32
C GLU D 45 7.32 -17.58 31.56
N THR D 46 6.38 -16.96 32.26
CA THR D 46 6.40 -15.51 32.49
C THR D 46 7.16 -15.06 33.69
N THR D 47 7.65 -16.00 34.46
CA THR D 47 8.45 -15.78 35.64
C THR D 47 9.88 -16.26 35.35
N GLY D 48 10.80 -15.90 36.24
CA GLY D 48 12.21 -16.26 36.14
C GLY D 48 12.88 -15.80 37.43
N PRO D 49 14.10 -16.28 37.60
CA PRO D 49 14.87 -15.95 38.80
C PRO D 49 15.30 -14.51 38.84
N ASN D 50 15.37 -13.98 40.03
CA ASN D 50 15.86 -12.65 40.35
C ASN D 50 17.23 -12.88 41.05
N PHE D 51 18.29 -12.30 40.55
CA PHE D 51 19.65 -12.44 41.06
C PHE D 51 20.16 -11.32 41.95
N SER D 52 19.24 -10.51 42.43
CA SER D 52 19.49 -9.40 43.33
C SER D 52 20.26 -9.83 44.56
N HIS D 53 20.00 -11.01 45.09
CA HIS D 53 20.73 -11.44 46.30
C HIS D 53 21.93 -12.31 46.07
N LEU D 54 22.32 -12.58 44.83
CA LEU D 54 23.55 -13.41 44.65
C LEU D 54 24.69 -12.57 45.22
N GLY D 55 25.66 -13.24 45.81
CA GLY D 55 26.81 -12.52 46.42
C GLY D 55 27.88 -12.31 45.35
N PHE D 56 27.90 -11.12 44.77
CA PHE D 56 28.89 -10.79 43.73
C PHE D 56 30.19 -10.31 44.35
N GLY D 57 31.28 -10.81 43.81
CA GLY D 57 32.64 -10.42 44.29
C GLY D 57 32.91 -9.03 43.71
N ALA D 58 33.85 -8.36 44.33
CA ALA D 58 34.28 -7.02 43.98
C ALA D 58 34.79 -6.85 42.55
N HIS D 59 35.44 -7.86 42.02
CA HIS D 59 36.00 -7.83 40.67
C HIS D 59 35.35 -8.85 39.74
N ASP D 60 34.10 -9.11 40.00
CA ASP D 60 33.33 -10.11 39.20
C ASP D 60 33.21 -9.67 37.75
N HIS D 61 33.22 -8.34 37.61
CA HIS D 61 33.06 -7.68 36.32
C HIS D 61 34.34 -7.11 35.77
N ASP D 62 35.44 -7.28 36.46
CA ASP D 62 36.74 -6.79 36.05
C ASP D 62 37.71 -7.92 35.71
N LEU D 63 37.72 -8.30 34.43
CA LEU D 63 38.59 -9.37 33.91
C LEU D 63 40.07 -9.05 33.98
N LEU D 64 40.41 -7.78 34.20
CA LEU D 64 41.80 -7.34 34.35
C LEU D 64 42.33 -7.75 35.70
N LEU D 65 41.42 -7.86 36.70
CA LEU D 65 41.78 -8.21 38.04
C LEU D 65 41.20 -9.51 38.59
N ASN D 66 40.14 -10.06 38.07
CA ASN D 66 39.51 -11.23 38.63
C ASN D 66 40.23 -12.52 38.49
N PHE D 67 41.34 -12.61 37.77
CA PHE D 67 42.01 -13.95 37.67
C PHE D 67 43.33 -13.85 38.47
N GLY D 71 50.18 -10.05 38.10
CA GLY D 71 50.16 -9.32 36.86
C GLY D 71 48.84 -8.93 36.25
N LEU D 72 48.97 -8.23 35.14
CA LEU D 72 47.95 -7.70 34.26
C LEU D 72 48.01 -8.56 32.98
N PRO D 73 46.86 -8.76 32.41
CA PRO D 73 46.79 -9.54 31.14
C PRO D 73 47.37 -8.65 30.03
N ILE D 74 47.88 -9.33 29.01
CA ILE D 74 48.44 -8.64 27.83
C ILE D 74 47.29 -8.54 26.82
N GLY D 75 47.10 -7.41 26.20
CA GLY D 75 46.05 -7.18 25.21
C GLY D 75 45.52 -5.76 25.37
N GLU D 76 44.65 -5.44 24.46
CA GLU D 76 43.98 -4.14 24.39
C GLU D 76 42.94 -4.01 25.50
N ARG D 77 43.26 -3.13 26.40
CA ARG D 77 42.40 -2.84 27.57
C ARG D 77 41.18 -2.11 27.01
N ILE D 78 40.04 -2.67 27.34
CA ILE D 78 38.76 -2.06 26.89
C ILE D 78 37.75 -2.26 28.04
N ILE D 79 36.75 -1.45 27.90
CA ILE D 79 35.56 -1.40 28.77
C ILE D 79 34.42 -1.75 27.82
N VAL D 80 33.59 -2.70 28.18
CA VAL D 80 32.43 -3.06 27.35
C VAL D 80 31.23 -2.63 28.29
N ALA D 81 30.45 -1.72 27.81
CA ALA D 81 29.34 -1.19 28.64
C ALA D 81 28.14 -1.07 27.73
N GLY D 82 26.95 -0.98 28.31
CA GLY D 82 25.72 -0.84 27.51
C GLY D 82 24.52 -0.94 28.39
N ARG D 83 23.38 -0.92 27.75
CA ARG D 83 22.11 -0.96 28.48
C ARG D 83 21.25 -2.12 27.99
N VAL D 84 20.46 -2.65 28.92
CA VAL D 84 19.51 -3.68 28.66
C VAL D 84 18.10 -3.06 28.74
N VAL D 85 17.45 -3.06 27.61
CA VAL D 85 16.09 -2.53 27.47
C VAL D 85 15.25 -3.65 26.85
N ASP D 86 13.97 -3.48 26.81
CA ASP D 86 13.03 -4.44 26.20
C ASP D 86 12.56 -3.80 24.89
N GLN D 87 11.78 -4.53 24.14
CA GLN D 87 11.25 -4.07 22.88
C GLN D 87 10.51 -2.77 22.94
N TYR D 88 9.94 -2.42 24.12
CA TYR D 88 9.22 -1.14 24.24
C TYR D 88 10.19 -0.02 24.58
N GLY D 89 11.47 -0.30 24.77
CA GLY D 89 12.50 0.65 25.11
C GLY D 89 12.69 0.85 26.61
N LYS D 90 12.09 0.01 27.39
CA LYS D 90 12.08 0.01 28.87
C LYS D 90 13.27 -0.69 29.43
N PRO D 91 13.98 -0.01 30.31
CA PRO D 91 15.18 -0.53 30.97
C PRO D 91 14.83 -1.79 31.75
N VAL D 92 15.81 -2.66 31.86
CA VAL D 92 15.69 -3.94 32.59
C VAL D 92 16.70 -3.87 33.73
N PRO D 93 16.16 -3.44 34.88
CA PRO D 93 17.02 -3.23 36.08
C PRO D 93 17.26 -4.52 36.80
N ASN D 94 18.34 -4.63 37.54
CA ASN D 94 18.76 -5.76 38.34
C ASN D 94 18.68 -7.09 37.64
N THR D 95 19.22 -7.12 36.43
CA THR D 95 19.26 -8.31 35.58
C THR D 95 20.71 -8.80 35.53
N LEU D 96 20.83 -10.12 35.38
CA LEU D 96 22.14 -10.78 35.32
C LEU D 96 22.71 -10.81 33.88
N VAL D 97 23.86 -10.24 33.72
CA VAL D 97 24.62 -10.23 32.47
C VAL D 97 25.90 -11.03 32.77
N GLU D 98 26.10 -12.11 32.02
CA GLU D 98 27.32 -12.93 32.21
C GLU D 98 28.05 -12.95 30.87
N MET D 99 29.36 -12.98 30.91
CA MET D 99 30.20 -13.02 29.68
C MET D 99 31.42 -13.90 29.85
N TRP D 100 31.96 -14.39 28.74
CA TRP D 100 33.13 -15.26 28.67
C TRP D 100 33.74 -15.06 27.26
N GLN D 101 35.06 -15.13 27.22
CA GLN D 101 35.81 -14.90 25.96
C GLN D 101 37.19 -15.54 26.03
N ALA D 102 37.87 -15.46 24.88
CA ALA D 102 39.24 -15.91 24.75
C ALA D 102 40.19 -14.78 25.23
N ASN D 103 41.46 -15.12 25.16
CA ASN D 103 42.51 -14.14 25.55
C ASN D 103 42.84 -13.33 24.26
N ALA D 104 43.83 -12.49 24.42
CA ALA D 104 44.28 -11.60 23.35
C ALA D 104 44.71 -12.34 22.08
N GLY D 105 45.13 -13.59 22.24
CA GLY D 105 45.58 -14.43 21.15
C GLY D 105 44.57 -15.39 20.61
N GLY D 106 43.38 -15.42 21.22
CA GLY D 106 42.31 -16.31 20.78
C GLY D 106 42.35 -17.67 21.45
N ARG D 107 43.02 -17.77 22.55
CA ARG D 107 43.09 -19.03 23.35
C ARG D 107 42.06 -18.93 24.51
N TYR D 108 41.26 -19.97 24.67
CA TYR D 108 40.27 -20.01 25.79
C TYR D 108 40.89 -20.79 26.95
N ARG D 109 40.50 -20.44 28.16
CA ARG D 109 41.00 -21.15 29.36
C ARG D 109 39.96 -22.24 29.68
N HIS D 110 40.00 -23.26 28.84
CA HIS D 110 39.12 -24.41 28.85
C HIS D 110 39.87 -25.65 28.34
N LYS D 111 39.73 -26.72 29.08
CA LYS D 111 40.31 -28.02 28.84
C LYS D 111 40.42 -28.35 27.35
N ASN D 112 39.24 -28.28 26.72
CA ASN D 112 39.08 -28.63 25.33
C ASN D 112 39.76 -27.71 24.35
N ASP D 113 40.31 -26.60 24.80
CA ASP D 113 40.93 -25.70 23.79
C ASP D 113 42.38 -26.07 23.55
N ARG D 114 42.62 -26.54 22.34
CA ARG D 114 43.95 -26.96 21.88
C ARG D 114 44.68 -26.00 20.97
N TYR D 115 44.10 -24.84 20.69
CA TYR D 115 44.70 -23.86 19.81
C TYR D 115 46.10 -23.60 20.39
N LEU D 116 47.02 -23.56 19.45
CA LEU D 116 48.44 -23.36 19.73
C LEU D 116 48.79 -22.02 20.31
N ALA D 117 47.89 -21.05 20.31
CA ALA D 117 48.26 -19.73 20.94
C ALA D 117 48.23 -20.01 22.46
N PRO D 118 49.12 -19.39 23.21
CA PRO D 118 49.26 -19.59 24.63
C PRO D 118 48.26 -18.88 25.51
N LEU D 119 48.16 -19.47 26.70
CA LEU D 119 47.28 -18.92 27.75
C LEU D 119 48.06 -17.72 28.32
N ASP D 120 47.29 -16.83 28.85
CA ASP D 120 47.84 -15.62 29.51
C ASP D 120 47.65 -15.93 31.02
N PRO D 121 48.76 -16.02 31.72
CA PRO D 121 48.78 -16.31 33.14
C PRO D 121 47.92 -15.44 34.02
N ASN D 122 47.65 -14.22 33.61
CA ASN D 122 46.84 -13.27 34.36
C ASN D 122 45.45 -13.08 33.77
N PHE D 123 44.96 -14.04 33.03
CA PHE D 123 43.64 -13.90 32.40
C PHE D 123 42.79 -15.15 32.50
N GLY D 124 41.56 -14.94 33.01
CA GLY D 124 40.61 -16.05 33.12
C GLY D 124 39.61 -16.12 31.99
N GLY D 125 38.88 -15.06 31.74
CA GLY D 125 37.88 -14.98 30.70
C GLY D 125 36.43 -14.96 31.09
N VAL D 126 36.08 -14.89 32.36
CA VAL D 126 34.71 -14.83 32.84
C VAL D 126 34.39 -13.52 33.58
N GLY D 127 33.19 -12.99 33.34
CA GLY D 127 32.70 -11.81 34.04
C GLY D 127 31.18 -11.92 34.20
N ARG D 128 30.61 -11.31 35.21
CA ARG D 128 29.18 -11.24 35.49
C ARG D 128 28.85 -9.89 36.09
N CYS D 129 27.74 -9.31 35.74
CA CYS D 129 27.38 -7.98 36.33
C CYS D 129 25.85 -7.93 36.43
N LEU D 130 25.34 -7.34 37.51
CA LEU D 130 23.88 -7.16 37.63
C LEU D 130 23.63 -5.75 37.08
N THR D 131 22.71 -5.53 36.20
CA THR D 131 22.45 -4.18 35.67
C THR D 131 21.91 -3.30 36.77
N ASP D 132 22.03 -1.99 36.62
CA ASP D 132 21.58 -1.04 37.64
C ASP D 132 20.14 -0.65 37.39
N SER D 133 19.71 0.41 38.09
CA SER D 133 18.33 0.89 37.99
C SER D 133 18.01 1.31 36.59
N ASP D 134 18.99 1.75 35.84
CA ASP D 134 18.72 2.18 34.46
C ASP D 134 18.98 1.11 33.45
N GLY D 135 19.33 -0.07 33.90
CA GLY D 135 19.61 -1.15 32.94
C GLY D 135 21.02 -1.14 32.39
N TYR D 136 21.93 -0.43 33.03
CA TYR D 136 23.32 -0.35 32.67
C TYR D 136 24.20 -1.42 33.31
N TYR D 137 25.15 -1.87 32.49
CA TYR D 137 26.15 -2.87 32.87
C TYR D 137 27.46 -2.37 32.25
N SER D 138 28.53 -2.89 32.78
CA SER D 138 29.87 -2.58 32.31
C SER D 138 30.80 -3.67 32.81
N PHE D 139 31.82 -3.88 32.00
CA PHE D 139 32.86 -4.86 32.25
C PHE D 139 34.17 -4.21 31.79
N ARG D 140 35.23 -4.77 32.35
CA ARG D 140 36.59 -4.27 31.91
C ARG D 140 37.36 -5.57 31.57
N THR D 141 37.97 -5.53 30.40
CA THR D 141 38.67 -6.74 29.93
C THR D 141 39.68 -6.38 28.84
N ILE D 142 40.12 -7.40 28.12
CA ILE D 142 41.01 -7.20 26.97
C ILE D 142 40.18 -7.74 25.77
N LYS D 143 40.44 -7.13 24.63
CA LYS D 143 39.79 -7.49 23.38
C LYS D 143 40.37 -8.86 23.00
N PRO D 144 39.47 -9.82 22.79
CA PRO D 144 39.86 -11.17 22.42
C PRO D 144 40.37 -11.21 20.98
N GLY D 145 41.15 -12.20 20.63
CA GLY D 145 41.65 -12.38 19.24
C GLY D 145 40.75 -13.39 18.51
N PRO D 146 40.83 -13.35 17.19
CA PRO D 146 40.16 -14.29 16.30
C PRO D 146 40.58 -15.71 16.67
N TYR D 147 39.75 -16.67 16.30
CA TYR D 147 40.03 -18.10 16.75
C TYR D 147 39.69 -19.02 15.59
N PRO D 148 40.63 -19.82 15.20
CA PRO D 148 40.44 -20.75 14.07
C PRO D 148 39.65 -21.95 14.65
N TRP D 149 38.75 -22.48 13.83
CA TRP D 149 37.97 -23.63 14.33
C TRP D 149 37.71 -24.60 13.20
N ARG D 150 37.51 -25.86 13.60
CA ARG D 150 37.31 -26.91 12.60
C ARG D 150 35.93 -26.91 12.04
N ASN D 151 35.64 -26.05 11.11
CA ASN D 151 34.31 -25.99 10.42
C ASN D 151 34.73 -26.31 8.97
N GLY D 152 34.96 -25.27 8.24
CA GLY D 152 35.53 -25.47 6.85
C GLY D 152 37.05 -25.58 7.15
N PRO D 153 37.84 -25.80 6.10
CA PRO D 153 39.27 -25.90 6.22
C PRO D 153 39.97 -24.65 6.64
N ASN D 154 39.42 -23.46 6.43
CA ASN D 154 40.10 -22.22 6.86
C ASN D 154 39.03 -21.27 7.42
N ASP D 155 38.42 -21.63 8.50
CA ASP D 155 37.35 -20.85 9.17
C ASP D 155 37.96 -20.22 10.41
N TRP D 156 37.66 -18.95 10.57
CA TRP D 156 38.17 -18.17 11.73
C TRP D 156 37.01 -17.36 12.29
N ARG D 157 36.80 -17.52 13.57
CA ARG D 157 35.75 -16.75 14.25
C ARG D 157 36.29 -15.30 14.38
N PRO D 158 35.38 -14.37 14.15
CA PRO D 158 35.75 -12.94 14.35
C PRO D 158 36.03 -12.78 15.83
N ALA D 159 36.75 -11.80 16.31
CA ALA D 159 36.97 -11.64 17.78
C ALA D 159 35.51 -11.43 18.33
N HIS D 160 35.24 -12.05 19.47
CA HIS D 160 33.85 -11.92 20.02
C HIS D 160 33.88 -12.33 21.49
N ILE D 161 32.85 -11.84 22.18
CA ILE D 161 32.61 -12.06 23.60
C ILE D 161 31.22 -12.70 23.71
N HIS D 162 31.19 -13.83 24.37
CA HIS D 162 29.89 -14.54 24.57
C HIS D 162 29.11 -13.85 25.70
N PHE D 163 27.83 -13.64 25.50
CA PHE D 163 26.98 -12.97 26.48
C PHE D 163 25.76 -13.79 26.84
N GLY D 164 25.38 -13.73 28.07
CA GLY D 164 24.14 -14.44 28.51
C GLY D 164 23.39 -13.39 29.38
N ILE D 165 22.15 -13.20 29.07
CA ILE D 165 21.30 -12.23 29.81
C ILE D 165 20.02 -12.91 30.30
N SER D 166 19.73 -12.72 31.58
CA SER D 166 18.55 -13.31 32.22
C SER D 166 17.24 -12.62 31.89
N GLY D 167 17.15 -11.35 32.17
CA GLY D 167 15.89 -10.62 31.88
C GLY D 167 14.89 -11.03 33.01
N PRO D 168 13.67 -10.59 32.84
CA PRO D 168 12.61 -10.86 33.82
C PRO D 168 12.01 -12.21 33.84
N SER D 169 12.15 -13.03 32.80
CA SER D 169 11.53 -14.39 32.89
C SER D 169 12.36 -15.37 32.11
N ILE D 170 12.00 -16.65 32.19
CA ILE D 170 12.76 -17.62 31.37
C ILE D 170 12.46 -17.36 29.90
N ALA D 171 11.40 -16.60 29.68
CA ALA D 171 10.92 -16.22 28.36
C ALA D 171 11.85 -15.22 27.70
N THR D 172 12.50 -14.37 28.48
CA THR D 172 13.41 -13.37 27.95
C THR D 172 14.87 -13.84 27.88
N LYS D 173 15.23 -14.85 28.63
CA LYS D 173 16.58 -15.35 28.70
C LYS D 173 17.24 -15.50 27.33
N LEU D 174 18.43 -14.94 27.21
CA LEU D 174 19.14 -14.99 25.93
C LEU D 174 20.64 -15.20 26.06
N ILE D 175 21.16 -15.93 25.06
CA ILE D 175 22.56 -16.21 24.90
C ILE D 175 22.92 -15.64 23.49
N THR D 176 23.96 -14.83 23.54
CA THR D 176 24.38 -14.18 22.25
C THR D 176 25.88 -13.98 22.23
N GLN D 177 26.34 -13.30 21.20
CA GLN D 177 27.76 -12.98 21.01
C GLN D 177 27.87 -11.53 20.52
N LEU D 178 28.84 -10.85 21.07
CA LEU D 178 29.17 -9.47 20.65
C LEU D 178 30.37 -9.57 19.64
N TYR D 179 30.28 -8.75 18.60
CA TYR D 179 31.39 -8.64 17.59
C TYR D 179 31.88 -7.18 17.64
N PHE D 180 33.11 -6.96 17.17
CA PHE D 180 33.71 -5.64 17.18
C PHE D 180 33.59 -4.91 15.85
N GLU D 181 33.16 -3.67 15.97
CA GLU D 181 32.99 -2.78 14.84
C GLU D 181 34.14 -2.83 13.86
N GLY D 182 33.88 -3.05 12.60
CA GLY D 182 34.84 -3.10 11.54
C GLY D 182 35.57 -4.37 11.24
N ASP D 183 35.61 -5.35 12.07
CA ASP D 183 36.27 -6.64 11.92
C ASP D 183 35.86 -7.28 10.60
N PRO D 184 36.87 -7.44 9.71
CA PRO D 184 36.60 -8.00 8.37
C PRO D 184 36.22 -9.45 8.37
N LEU D 185 36.43 -10.19 9.44
CA LEU D 185 36.04 -11.59 9.57
C LEU D 185 34.53 -11.75 9.76
N ILE D 186 33.84 -10.74 10.27
CA ILE D 186 32.42 -10.82 10.50
C ILE D 186 31.60 -11.40 9.38
N PRO D 187 31.63 -10.82 8.21
CA PRO D 187 30.85 -11.25 7.06
C PRO D 187 31.19 -12.60 6.50
N MET D 188 32.27 -13.18 6.97
CA MET D 188 32.74 -14.47 6.52
C MET D 188 32.36 -15.60 7.45
N CYS D 189 31.99 -15.33 8.69
CA CYS D 189 31.64 -16.34 9.67
C CYS D 189 30.30 -17.02 9.40
N PRO D 190 30.37 -18.34 9.31
CA PRO D 190 29.16 -19.17 9.11
C PRO D 190 28.27 -19.06 10.34
N ILE D 191 28.76 -18.93 11.53
CA ILE D 191 27.91 -18.70 12.72
C ILE D 191 27.18 -17.36 12.60
N VAL D 192 27.89 -16.29 12.26
CA VAL D 192 27.30 -14.95 12.07
C VAL D 192 26.24 -15.10 10.99
N LYS D 193 26.58 -15.77 9.90
CA LYS D 193 25.71 -15.97 8.75
C LYS D 193 24.51 -16.86 9.00
N SER D 194 24.41 -17.43 10.18
CA SER D 194 23.25 -18.26 10.60
C SER D 194 22.03 -17.32 10.65
N ILE D 195 22.34 -16.05 10.89
CA ILE D 195 21.37 -14.97 10.93
C ILE D 195 21.16 -14.51 9.47
N ALA D 196 19.98 -14.61 8.98
CA ALA D 196 19.65 -14.24 7.59
C ALA D 196 19.52 -12.77 7.31
N ASN D 197 19.02 -11.95 8.21
CA ASN D 197 18.84 -10.50 7.92
C ASN D 197 20.09 -9.74 8.30
N PRO D 198 20.68 -9.06 7.34
CA PRO D 198 21.90 -8.25 7.56
C PRO D 198 21.61 -7.23 8.67
N GLU D 199 20.38 -6.76 8.68
CA GLU D 199 19.93 -5.82 9.72
C GLU D 199 20.08 -6.41 11.09
N ALA D 200 19.85 -7.69 11.28
CA ALA D 200 19.97 -8.34 12.58
C ALA D 200 21.43 -8.46 12.99
N VAL D 201 22.29 -8.69 12.00
CA VAL D 201 23.71 -8.85 12.25
C VAL D 201 24.26 -7.59 12.91
N GLN D 202 23.88 -6.43 12.43
CA GLN D 202 24.28 -5.14 12.92
C GLN D 202 24.01 -4.96 14.40
N GLN D 203 22.93 -5.60 14.90
CA GLN D 203 22.60 -5.50 16.31
C GLN D 203 23.67 -6.14 17.20
N LEU D 204 24.47 -7.02 16.61
CA LEU D 204 25.50 -7.75 17.32
C LEU D 204 26.86 -7.07 17.34
N ILE D 205 26.95 -5.95 16.64
CA ILE D 205 28.22 -5.25 16.56
C ILE D 205 28.41 -4.15 17.55
N ALA D 206 29.29 -4.35 18.50
CA ALA D 206 29.62 -3.31 19.52
C ALA D 206 30.32 -2.15 18.80
N LYS D 207 29.92 -0.94 19.12
CA LYS D 207 30.53 0.24 18.50
C LYS D 207 31.58 0.89 19.40
N LEU D 208 32.65 1.33 18.77
CA LEU D 208 33.73 2.05 19.46
C LEU D 208 33.03 3.24 20.16
N ASP D 209 33.39 3.42 21.40
CA ASP D 209 32.80 4.51 22.21
C ASP D 209 33.89 5.35 22.86
N MET D 210 34.41 6.33 22.11
CA MET D 210 35.48 7.22 22.53
C MET D 210 35.07 8.02 23.78
N ASN D 211 33.82 8.34 23.91
CA ASN D 211 33.23 9.08 25.04
C ASN D 211 33.33 8.31 26.34
N ASN D 212 33.37 7.03 26.32
CA ASN D 212 33.45 6.17 27.48
C ASN D 212 34.85 5.72 27.83
N ALA D 213 35.80 6.00 26.89
CA ALA D 213 37.18 5.64 27.09
C ALA D 213 37.84 6.45 28.21
N ASN D 214 38.84 5.78 28.79
CA ASN D 214 39.68 6.36 29.82
C ASN D 214 40.99 6.77 29.08
N PRO D 215 41.12 8.06 28.92
CA PRO D 215 42.30 8.64 28.25
C PRO D 215 43.54 7.98 28.75
N MET D 216 44.50 7.73 27.86
CA MET D 216 45.77 7.10 28.26
C MET D 216 45.55 5.83 29.03
N ASP D 217 44.44 5.14 28.92
CA ASP D 217 44.27 3.91 29.76
C ASP D 217 43.66 2.79 29.00
N CYS D 218 42.39 2.98 28.63
CA CYS D 218 41.65 1.96 27.87
C CYS D 218 40.57 2.60 27.01
N LEU D 219 40.28 1.86 25.94
CA LEU D 219 39.21 2.23 24.99
C LEU D 219 37.89 1.66 25.52
N ALA D 220 36.81 1.95 24.85
CA ALA D 220 35.50 1.45 25.23
C ALA D 220 34.66 1.11 24.02
N TYR D 221 33.84 0.08 24.21
CA TYR D 221 32.86 -0.41 23.23
C TYR D 221 31.45 -0.33 23.81
N ARG D 222 30.51 0.05 23.00
CA ARG D 222 29.10 0.18 23.44
C ARG D 222 28.33 -1.00 22.87
N PHE D 223 27.59 -1.70 23.75
CA PHE D 223 26.78 -2.86 23.29
C PHE D 223 25.45 -2.90 24.08
N ASP D 224 24.38 -2.49 23.45
CA ASP D 224 23.05 -2.48 24.07
C ASP D 224 22.36 -3.79 23.63
N ILE D 225 21.57 -4.29 24.52
CA ILE D 225 20.84 -5.53 24.34
C ILE D 225 19.34 -5.28 24.52
N VAL D 226 18.58 -5.81 23.60
CA VAL D 226 17.13 -5.70 23.59
C VAL D 226 16.52 -7.10 23.87
N LEU D 227 15.72 -7.13 24.95
CA LEU D 227 15.00 -8.32 25.36
C LEU D 227 13.52 -8.20 24.91
N ARG D 228 12.86 -9.36 24.85
CA ARG D 228 11.45 -9.37 24.49
C ARG D 228 10.68 -8.34 25.32
N GLY D 229 9.75 -7.69 24.67
CA GLY D 229 8.91 -6.67 25.24
C GLY D 229 7.94 -7.31 26.23
N GLN D 230 7.81 -6.64 27.33
CA GLN D 230 6.94 -6.99 28.47
C GLN D 230 5.73 -6.07 28.52
N ARG D 231 4.55 -6.64 28.44
CA ARG D 231 3.29 -5.90 28.57
C ARG D 231 2.46 -6.58 29.68
N LYS D 232 1.47 -5.82 30.15
CA LYS D 232 0.52 -6.30 31.18
C LYS D 232 -0.53 -7.11 30.39
N THR D 233 -1.10 -8.04 31.11
CA THR D 233 -2.15 -8.86 30.41
C THR D 233 -3.36 -7.95 30.33
N HIS D 234 -4.17 -8.16 29.33
CA HIS D 234 -5.40 -7.41 29.12
C HIS D 234 -6.45 -8.33 28.46
N PHE D 235 -7.69 -8.07 28.82
CA PHE D 235 -8.86 -8.76 28.38
C PHE D 235 -8.71 -10.26 28.32
N GLU D 236 -7.92 -10.88 29.21
CA GLU D 236 -7.73 -12.33 29.16
C GLU D 236 -8.81 -13.14 29.90
N PRO E 1 38.96 -7.46 2.23
CA PRO E 1 39.90 -8.52 1.97
C PRO E 1 40.39 -8.66 0.53
N ILE E 2 41.45 -9.46 0.41
CA ILE E 2 42.04 -9.77 -0.92
C ILE E 2 41.14 -10.87 -1.53
N GLU E 3 40.64 -10.63 -2.71
CA GLU E 3 39.85 -11.56 -3.49
C GLU E 3 40.69 -11.96 -4.76
N LEU E 4 40.85 -13.23 -4.98
CA LEU E 4 41.56 -13.77 -6.17
C LEU E 4 40.51 -14.05 -7.25
N LEU E 5 40.93 -14.47 -8.42
CA LEU E 5 39.94 -14.85 -9.45
C LEU E 5 39.17 -16.06 -8.84
N PRO E 6 37.91 -16.08 -9.14
CA PRO E 6 37.08 -17.20 -8.62
C PRO E 6 37.42 -18.43 -9.43
N GLU E 7 37.40 -19.59 -8.80
CA GLU E 7 37.62 -20.87 -9.48
C GLU E 7 36.40 -21.20 -10.31
N THR E 8 36.61 -21.79 -11.48
CA THR E 8 35.49 -22.21 -12.35
C THR E 8 34.61 -23.18 -11.55
N PRO E 9 33.31 -22.96 -11.53
CA PRO E 9 32.39 -23.79 -10.80
C PRO E 9 32.28 -25.22 -11.38
N SER E 10 32.10 -26.16 -10.49
CA SER E 10 31.89 -27.57 -10.84
C SER E 10 30.51 -27.77 -11.41
N GLN E 11 30.31 -28.82 -12.15
CA GLN E 11 29.06 -29.25 -12.77
C GLN E 11 29.04 -30.78 -12.69
N THR E 12 27.89 -31.37 -12.64
CA THR E 12 27.78 -32.84 -12.56
C THR E 12 28.44 -33.40 -13.83
N ALA E 13 29.01 -34.55 -13.72
CA ALA E 13 29.68 -35.30 -14.79
C ALA E 13 28.61 -35.80 -15.73
N GLY E 14 27.38 -35.84 -15.20
CA GLY E 14 26.25 -36.35 -16.01
C GLY E 14 26.33 -37.88 -16.17
N PRO E 15 25.28 -38.44 -16.77
CA PRO E 15 25.15 -39.87 -16.99
C PRO E 15 26.06 -40.47 -18.05
N TYR E 16 26.49 -39.72 -19.01
CA TYR E 16 27.30 -40.11 -20.13
C TYR E 16 28.77 -39.91 -19.95
N VAL E 17 29.23 -39.69 -18.76
CA VAL E 17 30.65 -39.47 -18.41
C VAL E 17 31.62 -40.47 -18.99
N HIS E 18 31.14 -41.69 -19.25
CA HIS E 18 31.98 -42.77 -19.77
C HIS E 18 32.47 -42.50 -21.19
N ILE E 19 31.61 -41.81 -21.94
CA ILE E 19 32.01 -41.47 -23.32
C ILE E 19 33.35 -40.75 -23.31
N GLY E 20 33.57 -39.93 -22.29
CA GLY E 20 34.81 -39.17 -22.20
C GLY E 20 35.88 -39.75 -21.35
N LEU E 21 35.47 -40.38 -20.23
CA LEU E 21 36.46 -40.92 -19.31
C LEU E 21 36.48 -42.40 -19.10
N ALA E 22 35.62 -43.14 -19.73
CA ALA E 22 35.59 -44.62 -19.56
C ALA E 22 34.97 -45.19 -20.85
N LEU E 23 35.73 -45.02 -21.93
CA LEU E 23 35.41 -45.37 -23.29
C LEU E 23 34.84 -46.76 -23.48
N GLU E 24 35.49 -47.74 -22.93
CA GLU E 24 35.05 -49.14 -23.00
C GLU E 24 33.63 -49.26 -22.42
N ALA E 25 33.54 -48.82 -21.16
CA ALA E 25 32.26 -48.82 -20.42
C ALA E 25 31.14 -48.23 -21.23
N ALA E 26 31.41 -47.13 -21.94
CA ALA E 26 30.38 -46.46 -22.77
C ALA E 26 29.95 -47.39 -23.91
N GLY E 27 30.87 -48.35 -24.12
CA GLY E 27 30.69 -49.35 -25.20
C GLY E 27 31.19 -48.73 -26.52
N ASN E 28 32.22 -47.91 -26.39
CA ASN E 28 32.84 -47.26 -27.55
C ASN E 28 34.28 -47.74 -27.69
N PRO E 29 34.79 -47.60 -28.90
CA PRO E 29 36.18 -47.97 -29.22
C PRO E 29 37.10 -47.04 -28.42
N THR E 30 38.11 -47.62 -27.82
CA THR E 30 39.07 -46.80 -27.03
C THR E 30 40.19 -46.36 -27.99
N ARG E 31 41.12 -45.63 -27.40
CA ARG E 31 42.30 -45.12 -28.16
C ARG E 31 43.50 -45.97 -27.74
N ASP E 32 44.66 -45.75 -28.34
CA ASP E 32 45.88 -46.47 -28.05
C ASP E 32 46.22 -46.42 -26.55
N GLN E 33 46.15 -45.21 -26.01
CA GLN E 33 46.46 -45.03 -24.58
C GLN E 33 45.29 -44.52 -23.77
N GLU E 34 44.87 -45.30 -22.78
CA GLU E 34 43.76 -44.98 -21.89
C GLU E 34 44.15 -45.13 -20.42
N ILE E 35 43.64 -44.25 -19.57
CA ILE E 35 43.87 -44.28 -18.10
C ILE E 35 42.73 -45.14 -17.53
N TRP E 36 43.13 -46.27 -16.98
CA TRP E 36 42.15 -47.25 -16.47
C TRP E 36 42.44 -47.74 -15.08
N ASN E 37 41.86 -48.86 -14.72
CA ASN E 37 41.87 -49.50 -13.43
C ASN E 37 42.95 -50.44 -13.00
N ARG E 38 44.05 -50.49 -13.67
CA ARG E 38 45.17 -51.39 -13.37
C ARG E 38 46.38 -50.53 -13.06
N LEU E 39 46.59 -50.17 -11.82
CA LEU E 39 47.72 -49.31 -11.44
C LEU E 39 49.06 -50.00 -11.42
N ALA E 40 49.02 -51.33 -11.16
CA ALA E 40 50.25 -52.09 -11.06
C ALA E 40 50.29 -53.26 -12.06
N LYS E 41 51.45 -53.36 -12.62
CA LYS E 41 51.75 -54.48 -13.57
C LYS E 41 52.07 -55.66 -12.65
N PRO E 42 51.58 -56.85 -13.03
CA PRO E 42 51.78 -58.06 -12.24
C PRO E 42 53.14 -58.17 -11.64
N ASP E 43 54.14 -57.55 -12.23
CA ASP E 43 55.51 -57.62 -11.68
C ASP E 43 55.86 -56.42 -10.84
N ALA E 44 54.85 -55.66 -10.40
CA ALA E 44 55.17 -54.49 -9.55
C ALA E 44 55.41 -55.03 -8.12
N PRO E 45 56.35 -54.37 -7.46
CA PRO E 45 56.68 -54.71 -6.07
C PRO E 45 55.50 -54.31 -5.17
N GLY E 46 55.48 -54.95 -4.03
CA GLY E 46 54.41 -54.68 -3.01
C GLY E 46 53.44 -55.85 -3.03
N GLU E 47 52.52 -55.78 -2.10
CA GLU E 47 51.48 -56.78 -1.90
C GLU E 47 50.32 -56.48 -2.83
N HIS E 48 50.27 -57.19 -3.95
CA HIS E 48 49.21 -56.98 -4.94
C HIS E 48 47.84 -57.25 -4.38
N ILE E 49 46.91 -56.29 -4.57
CA ILE E 49 45.53 -56.54 -4.06
C ILE E 49 44.50 -56.21 -5.11
N LEU E 50 43.29 -56.63 -4.90
CA LEU E 50 42.16 -56.35 -5.76
C LEU E 50 41.15 -55.59 -4.87
N LEU E 51 40.71 -54.45 -5.40
CA LEU E 51 39.73 -53.61 -4.67
C LEU E 51 38.39 -53.69 -5.41
N LEU E 52 37.34 -53.74 -4.61
CA LEU E 52 36.02 -53.74 -5.30
C LEU E 52 34.99 -53.15 -4.36
N GLY E 53 33.88 -52.69 -4.90
CA GLY E 53 32.83 -52.15 -4.05
C GLY E 53 31.69 -51.64 -4.91
N GLN E 54 30.65 -51.33 -4.18
CA GLN E 54 29.40 -50.76 -4.70
C GLN E 54 29.23 -49.35 -4.16
N VAL E 55 28.30 -48.62 -4.73
CA VAL E 55 28.01 -47.22 -4.32
C VAL E 55 26.49 -47.23 -4.13
N TYR E 56 25.99 -46.76 -3.02
CA TYR E 56 24.53 -46.70 -2.79
C TYR E 56 24.05 -45.25 -2.63
N ASP E 57 22.85 -44.99 -3.09
CA ASP E 57 22.19 -43.66 -2.98
C ASP E 57 21.49 -43.62 -1.61
N GLY E 58 20.81 -42.54 -1.33
CA GLY E 58 20.14 -42.31 -0.07
C GLY E 58 18.98 -43.23 0.23
N ASN E 59 18.53 -43.95 -0.77
CA ASN E 59 17.41 -44.87 -0.70
C ASN E 59 17.89 -46.31 -0.62
N GLY E 60 19.17 -46.49 -0.64
CA GLY E 60 19.86 -47.77 -0.59
C GLY E 60 19.94 -48.40 -1.97
N HIS E 61 19.68 -47.61 -3.01
CA HIS E 61 19.72 -48.22 -4.38
C HIS E 61 21.10 -48.03 -4.92
N LEU E 62 21.56 -48.94 -5.73
CA LEU E 62 22.90 -48.90 -6.35
C LEU E 62 22.99 -47.73 -7.32
N VAL E 63 24.16 -47.15 -7.31
CA VAL E 63 24.46 -46.01 -8.25
C VAL E 63 25.30 -46.68 -9.34
N ARG E 64 24.67 -46.90 -10.49
CA ARG E 64 25.35 -47.59 -11.58
C ARG E 64 26.03 -46.76 -12.63
N ASP E 65 26.12 -45.47 -12.52
CA ASP E 65 26.74 -44.59 -13.52
C ASP E 65 27.81 -43.73 -12.86
N SER E 66 28.38 -44.26 -11.80
CA SER E 66 29.42 -43.49 -11.08
C SER E 66 30.78 -43.78 -11.68
N PHE E 67 31.63 -42.77 -11.55
CA PHE E 67 32.99 -42.75 -12.05
C PHE E 67 33.88 -42.44 -10.85
N LEU E 68 34.99 -43.15 -10.69
CA LEU E 68 35.90 -42.97 -9.56
C LEU E 68 37.33 -42.76 -10.07
N GLU E 69 38.07 -41.99 -9.29
CA GLU E 69 39.49 -41.71 -9.63
C GLU E 69 40.24 -41.95 -8.35
N VAL E 70 41.39 -42.58 -8.42
CA VAL E 70 42.19 -42.95 -7.24
C VAL E 70 43.61 -42.41 -7.42
N TRP E 71 44.20 -42.07 -6.33
CA TRP E 71 45.52 -41.56 -6.11
C TRP E 71 46.05 -42.25 -4.82
N GLN E 72 47.15 -42.94 -5.01
CA GLN E 72 47.81 -43.63 -3.89
C GLN E 72 49.31 -43.72 -4.10
N ALA E 73 50.00 -43.93 -3.01
CA ALA E 73 51.46 -44.12 -3.03
C ALA E 73 51.72 -45.62 -3.39
N ASP E 74 52.93 -45.84 -3.85
CA ASP E 74 53.40 -47.21 -4.21
C ASP E 74 53.73 -47.87 -2.86
N ALA E 75 54.19 -49.11 -2.92
CA ALA E 75 54.54 -49.87 -1.72
C ALA E 75 55.62 -49.28 -0.87
N ASN E 76 56.37 -48.32 -1.38
CA ASN E 76 57.44 -47.66 -0.64
C ASN E 76 57.00 -46.35 0.02
N GLY E 77 55.72 -46.06 -0.09
CA GLY E 77 55.14 -44.83 0.47
C GLY E 77 55.49 -43.65 -0.43
N GLU E 78 55.51 -43.94 -1.73
CA GLU E 78 55.85 -42.94 -2.74
C GLU E 78 54.85 -42.71 -3.82
N TYR E 79 54.68 -41.40 -4.07
CA TYR E 79 53.71 -40.97 -5.11
C TYR E 79 54.45 -40.88 -6.44
N GLN E 80 53.92 -41.64 -7.36
CA GLN E 80 54.51 -41.71 -8.73
C GLN E 80 53.59 -40.91 -9.69
N ASP E 81 53.88 -39.64 -9.78
CA ASP E 81 53.13 -38.69 -10.57
C ASP E 81 53.37 -38.76 -12.07
N ALA E 82 54.56 -39.18 -12.48
CA ALA E 82 54.81 -39.25 -13.95
C ALA E 82 54.06 -40.47 -14.44
N TYR E 83 52.88 -40.23 -14.97
CA TYR E 83 52.00 -41.27 -15.48
C TYR E 83 52.51 -41.73 -16.84
N ASN E 84 52.59 -43.06 -16.91
CA ASN E 84 53.10 -43.73 -18.13
C ASN E 84 52.62 -45.17 -18.16
N LEU E 85 52.06 -45.60 -19.27
CA LEU E 85 51.56 -46.96 -19.46
C LEU E 85 52.65 -48.01 -19.38
N GLU E 86 53.89 -47.59 -19.49
CA GLU E 86 55.04 -48.47 -19.38
C GLU E 86 55.46 -48.75 -17.96
N ASN E 87 55.21 -47.85 -17.02
CA ASN E 87 55.59 -48.09 -15.63
C ASN E 87 54.91 -49.38 -15.15
N ALA E 88 55.58 -49.99 -14.19
CA ALA E 88 55.08 -51.22 -13.53
C ALA E 88 53.94 -50.85 -12.55
N PHE E 89 54.02 -49.63 -12.05
CA PHE E 89 53.10 -49.00 -11.13
C PHE E 89 52.84 -47.51 -11.45
N ASN E 90 51.58 -47.14 -11.36
CA ASN E 90 51.10 -45.76 -11.54
C ASN E 90 50.21 -45.47 -10.29
N SER E 91 50.46 -44.29 -9.74
CA SER E 91 49.76 -43.78 -8.58
C SER E 91 48.32 -43.41 -8.82
N PHE E 92 47.99 -43.12 -10.07
CA PHE E 92 46.66 -42.70 -10.53
C PHE E 92 45.99 -43.78 -11.37
N GLY E 93 44.69 -43.88 -11.24
CA GLY E 93 43.82 -44.78 -11.97
C GLY E 93 42.37 -44.31 -11.96
N ARG E 94 41.57 -44.96 -12.80
CA ARG E 94 40.17 -44.72 -13.02
C ARG E 94 39.37 -46.02 -13.06
N THR E 95 38.16 -45.88 -12.55
CA THR E 95 37.26 -47.04 -12.48
C THR E 95 35.84 -46.50 -12.59
N ALA E 96 34.91 -47.39 -12.82
CA ALA E 96 33.49 -46.99 -12.98
C ALA E 96 32.64 -48.17 -12.61
N THR E 97 31.38 -47.96 -12.24
CA THR E 97 30.51 -49.09 -11.87
C THR E 97 29.70 -49.61 -13.05
N THR E 98 29.48 -50.94 -13.02
CA THR E 98 28.71 -51.66 -14.02
C THR E 98 27.23 -51.32 -14.10
N PHE E 99 26.77 -51.10 -15.34
CA PHE E 99 25.37 -50.78 -15.59
C PHE E 99 24.56 -52.03 -15.23
N ASP E 100 25.30 -53.07 -14.88
CA ASP E 100 24.61 -54.36 -14.50
C ASP E 100 24.66 -54.35 -12.97
N ALA E 101 25.19 -55.42 -12.45
CA ALA E 101 25.40 -55.59 -11.00
C ALA E 101 25.90 -54.31 -10.31
N GLY E 102 26.59 -53.43 -11.02
CA GLY E 102 27.11 -52.20 -10.49
C GLY E 102 28.22 -52.24 -9.46
N GLU E 103 29.33 -52.83 -9.79
CA GLU E 103 30.53 -52.97 -8.97
C GLU E 103 31.77 -52.51 -9.75
N TRP E 104 32.63 -51.76 -9.07
CA TRP E 104 33.88 -51.29 -9.69
C TRP E 104 35.00 -52.17 -9.14
N THR E 105 36.09 -52.17 -9.86
CA THR E 105 37.27 -52.94 -9.45
C THR E 105 38.50 -52.14 -9.83
N LEU E 106 39.54 -52.41 -9.10
CA LEU E 106 40.84 -51.75 -9.27
C LEU E 106 41.87 -52.84 -8.95
N HIS E 107 42.94 -52.83 -9.71
CA HIS E 107 44.04 -53.80 -9.49
C HIS E 107 45.23 -52.92 -9.16
N THR E 108 45.75 -53.12 -7.95
CA THR E 108 46.90 -52.30 -7.50
C THR E 108 47.66 -53.11 -6.46
N VAL E 109 48.41 -52.35 -5.70
CA VAL E 109 49.22 -52.77 -4.57
C VAL E 109 48.82 -51.92 -3.34
N LYS E 110 49.03 -52.52 -2.21
CA LYS E 110 48.74 -51.88 -0.90
C LYS E 110 49.78 -50.76 -0.73
N PRO E 111 49.27 -49.55 -0.43
CA PRO E 111 50.12 -48.39 -0.30
C PRO E 111 50.95 -48.44 0.97
N GLY E 112 52.12 -47.88 0.83
CA GLY E 112 53.07 -47.74 1.97
C GLY E 112 52.60 -46.47 2.72
N VAL E 113 53.21 -46.23 3.84
CA VAL E 113 52.92 -45.11 4.73
C VAL E 113 53.55 -43.82 4.26
N VAL E 114 52.77 -42.76 4.40
CA VAL E 114 53.21 -41.39 4.03
C VAL E 114 52.95 -40.55 5.31
N ASN E 115 53.72 -39.52 5.47
CA ASN E 115 53.63 -38.61 6.63
C ASN E 115 52.78 -37.41 6.24
N ASN E 116 52.11 -36.86 7.21
CA ASN E 116 51.27 -35.65 6.95
C ASN E 116 52.22 -34.46 7.00
N ALA E 117 51.68 -33.27 6.80
CA ALA E 117 52.51 -32.06 6.81
C ALA E 117 53.27 -31.93 8.11
N ALA E 118 52.69 -32.28 9.26
CA ALA E 118 53.41 -32.21 10.53
C ALA E 118 54.47 -33.27 10.72
N GLY E 119 54.62 -34.25 9.87
CA GLY E 119 55.62 -35.29 10.01
C GLY E 119 55.09 -36.56 10.65
N VAL E 120 53.80 -36.64 10.86
CA VAL E 120 53.19 -37.82 11.45
C VAL E 120 52.69 -38.75 10.35
N PRO E 121 53.03 -40.02 10.47
CA PRO E 121 52.60 -41.03 9.50
C PRO E 121 51.11 -41.30 9.57
N MET E 122 50.54 -41.40 8.37
CA MET E 122 49.14 -41.70 8.15
C MET E 122 49.06 -43.21 7.87
N ALA E 123 47.91 -43.75 8.13
CA ALA E 123 47.74 -45.22 7.87
C ALA E 123 47.65 -45.35 6.34
N PRO E 124 48.08 -46.50 5.85
CA PRO E 124 48.04 -46.79 4.39
C PRO E 124 46.65 -46.38 3.92
N HIS E 125 46.56 -45.68 2.81
CA HIS E 125 45.22 -45.26 2.31
C HIS E 125 45.27 -44.95 0.83
N ILE E 126 44.09 -45.01 0.26
CA ILE E 126 43.83 -44.68 -1.15
C ILE E 126 42.84 -43.50 -1.14
N ASN E 127 43.27 -42.42 -1.82
CA ASN E 127 42.41 -41.22 -1.93
C ASN E 127 41.43 -41.51 -3.07
N ILE E 128 40.19 -41.22 -2.88
CA ILE E 128 39.13 -41.43 -3.90
C ILE E 128 38.29 -40.18 -4.17
N SER E 129 37.98 -39.96 -5.45
CA SER E 129 37.09 -38.86 -5.88
C SER E 129 35.94 -39.58 -6.64
N LEU E 130 34.73 -39.24 -6.20
CA LEU E 130 33.54 -39.85 -6.79
C LEU E 130 32.73 -38.79 -7.53
N PHE E 131 32.38 -39.12 -8.75
CA PHE E 131 31.64 -38.35 -9.70
C PHE E 131 30.44 -39.16 -10.18
N ALA E 132 29.38 -38.43 -10.54
CA ALA E 132 28.20 -39.13 -11.11
C ALA E 132 27.12 -38.14 -11.34
N ARG E 133 26.15 -38.48 -12.13
CA ARG E 133 24.96 -37.64 -12.36
C ARG E 133 24.31 -37.50 -10.95
N GLY E 134 23.79 -36.32 -10.72
CA GLY E 134 23.16 -36.02 -9.43
C GLY E 134 24.20 -35.50 -8.45
N ILE E 135 25.45 -35.62 -8.75
CA ILE E 135 26.53 -35.14 -7.87
C ILE E 135 27.12 -33.88 -8.51
N ASN E 136 26.78 -32.73 -7.96
CA ASN E 136 27.16 -31.42 -8.44
C ASN E 136 28.65 -31.15 -8.38
N ILE E 137 29.23 -31.52 -7.28
CA ILE E 137 30.66 -31.38 -7.01
C ILE E 137 31.08 -32.73 -6.44
N HIS E 138 32.15 -33.24 -6.99
CA HIS E 138 32.64 -34.56 -6.62
C HIS E 138 32.99 -34.63 -5.17
N LEU E 139 32.85 -35.88 -4.67
CA LEU E 139 33.06 -36.27 -3.32
C LEU E 139 34.42 -36.95 -3.11
N HIS E 140 35.08 -36.44 -2.05
CA HIS E 140 36.36 -36.95 -1.61
C HIS E 140 36.21 -37.87 -0.40
N THR E 141 36.95 -38.94 -0.44
CA THR E 141 37.01 -39.94 0.63
C THR E 141 38.34 -40.67 0.57
N ARG E 142 38.58 -41.51 1.52
CA ARG E 142 39.78 -42.32 1.63
C ARG E 142 39.38 -43.76 1.94
N LEU E 143 40.19 -44.67 1.47
CA LEU E 143 39.98 -46.12 1.74
C LEU E 143 41.11 -46.58 2.67
N TYR E 144 40.70 -47.12 3.82
CA TYR E 144 41.71 -47.68 4.77
C TYR E 144 41.49 -49.19 4.74
N PHE E 145 42.42 -49.95 5.24
CA PHE E 145 42.41 -51.43 5.24
C PHE E 145 42.16 -51.94 6.64
N ASP E 146 41.25 -52.87 6.82
CA ASP E 146 40.89 -53.40 8.16
C ASP E 146 42.01 -54.18 8.83
N ASP E 147 43.01 -54.57 8.06
CA ASP E 147 44.14 -55.34 8.60
C ASP E 147 45.26 -54.44 9.08
N GLU E 148 44.99 -53.13 9.14
CA GLU E 148 46.06 -52.18 9.61
C GLU E 148 45.53 -51.41 10.80
N ALA E 149 44.73 -52.05 11.60
CA ALA E 149 44.11 -51.48 12.78
C ALA E 149 45.03 -50.65 13.65
N GLN E 150 46.25 -51.13 13.82
CA GLN E 150 47.22 -50.45 14.65
C GLN E 150 47.47 -49.05 14.12
N ALA E 151 47.83 -49.01 12.85
CA ALA E 151 48.11 -47.76 12.15
C ALA E 151 46.87 -46.89 12.06
N ASN E 152 45.75 -47.51 11.72
CA ASN E 152 44.50 -46.77 11.60
C ASN E 152 44.15 -46.03 12.90
N ALA E 153 44.49 -46.64 14.01
CA ALA E 153 44.15 -46.09 15.33
C ALA E 153 44.94 -44.84 15.65
N LYS E 154 46.03 -44.65 14.95
CA LYS E 154 46.92 -43.53 15.15
C LYS E 154 46.95 -42.54 14.01
N CYS E 155 46.16 -42.74 12.98
CA CYS E 155 46.13 -41.84 11.84
C CYS E 155 45.61 -40.46 12.30
N PRO E 156 46.35 -39.43 11.92
CA PRO E 156 45.98 -38.04 12.24
C PRO E 156 44.72 -37.64 11.47
N VAL E 157 44.52 -38.28 10.30
CA VAL E 157 43.36 -38.03 9.47
C VAL E 157 42.10 -38.70 10.05
N LEU E 158 42.18 -39.98 10.30
CA LEU E 158 41.02 -40.73 10.86
C LEU E 158 40.62 -40.10 12.18
N ASN E 159 41.61 -39.69 12.94
CA ASN E 159 41.47 -39.05 14.24
C ASN E 159 40.84 -37.69 14.19
N LEU E 160 40.61 -37.10 13.05
CA LEU E 160 39.95 -35.81 12.92
C LEU E 160 38.43 -35.98 12.87
N ILE E 161 37.99 -37.20 12.65
CA ILE E 161 36.54 -37.49 12.57
C ILE E 161 36.08 -37.64 14.04
N GLU E 162 35.28 -36.68 14.45
CA GLU E 162 34.76 -36.59 15.82
C GLU E 162 34.29 -37.92 16.36
N GLN E 163 33.35 -38.57 15.76
CA GLN E 163 32.74 -39.82 16.09
C GLN E 163 33.38 -41.07 15.57
N PRO E 164 33.82 -41.93 16.48
CA PRO E 164 34.42 -43.22 16.19
C PRO E 164 33.63 -44.09 15.24
N GLN E 165 32.32 -44.13 15.36
CA GLN E 165 31.46 -44.91 14.49
C GLN E 165 31.60 -44.51 13.01
N ARG E 166 31.89 -43.24 12.78
CA ARG E 166 32.02 -42.70 11.43
C ARG E 166 33.36 -43.07 10.79
N ARG E 167 34.35 -43.28 11.63
CA ARG E 167 35.69 -43.66 11.16
C ARG E 167 35.64 -45.00 10.46
N GLU E 168 34.76 -45.84 10.94
CA GLU E 168 34.56 -47.18 10.43
C GLU E 168 34.05 -47.24 9.01
N THR E 169 33.37 -46.20 8.55
CA THR E 169 32.84 -46.17 7.20
C THR E 169 33.96 -46.12 6.15
N LEU E 170 35.16 -45.80 6.56
CA LEU E 170 36.33 -45.69 5.71
C LEU E 170 37.17 -46.93 5.68
N ILE E 171 36.84 -47.94 6.44
CA ILE E 171 37.67 -49.19 6.49
C ILE E 171 37.18 -50.27 5.57
N ALA E 172 38.03 -50.65 4.61
CA ALA E 172 37.72 -51.70 3.65
C ALA E 172 37.92 -53.06 4.37
N LYS E 173 37.05 -53.99 4.08
CA LYS E 173 37.04 -55.33 4.65
C LYS E 173 37.74 -56.34 3.75
N ARG E 174 38.85 -56.87 4.28
CA ARG E 174 39.67 -57.86 3.58
C ARG E 174 38.85 -59.12 3.28
N CYS E 175 39.15 -59.66 2.14
CA CYS E 175 38.54 -60.87 1.57
C CYS E 175 39.55 -61.46 0.58
N GLU E 176 39.05 -62.35 -0.24
CA GLU E 176 39.84 -63.04 -1.26
C GLU E 176 38.96 -63.38 -2.44
N VAL E 177 39.51 -63.09 -3.61
CA VAL E 177 38.77 -63.37 -4.88
C VAL E 177 39.72 -64.32 -5.65
N ASP E 178 39.21 -65.51 -5.95
CA ASP E 178 40.04 -66.52 -6.64
C ASP E 178 41.40 -66.68 -5.97
N GLY E 179 41.33 -66.85 -4.66
CA GLY E 179 42.59 -67.02 -3.89
C GLY E 179 43.49 -65.81 -4.13
N LYS E 180 42.87 -64.65 -4.34
CA LYS E 180 43.64 -63.40 -4.51
C LYS E 180 43.17 -62.44 -3.41
N THR E 181 44.11 -61.73 -2.80
CA THR E 181 43.79 -60.79 -1.74
C THR E 181 42.88 -59.66 -2.31
N ALA E 182 41.80 -59.44 -1.59
CA ALA E 182 40.81 -58.45 -1.96
C ALA E 182 40.27 -57.70 -0.73
N TYR E 183 39.82 -56.48 -0.99
CA TYR E 183 39.24 -55.61 0.01
C TYR E 183 37.99 -54.97 -0.68
N ARG E 184 36.89 -55.06 0.00
CA ARG E 184 35.62 -54.53 -0.43
C ARG E 184 35.41 -53.19 0.31
N PHE E 185 35.06 -52.19 -0.47
CA PHE E 185 34.79 -50.83 -0.03
C PHE E 185 33.51 -50.29 -0.68
N ASP E 186 32.45 -50.34 0.08
CA ASP E 186 31.13 -49.86 -0.36
C ASP E 186 31.04 -48.40 0.08
N ILE E 187 30.48 -47.57 -0.78
CA ILE E 187 30.28 -46.15 -0.51
C ILE E 187 28.77 -45.90 -0.38
N ARG E 188 28.39 -45.36 0.72
CA ARG E 188 26.96 -44.99 0.99
C ARG E 188 27.00 -43.45 0.97
N ILE E 189 26.41 -42.87 -0.06
CA ILE E 189 26.44 -41.42 -0.25
C ILE E 189 25.60 -40.66 0.76
N GLN E 190 24.48 -41.30 1.10
CA GLN E 190 23.53 -40.70 2.02
C GLN E 190 22.85 -41.69 2.92
N GLY E 191 22.54 -41.22 4.12
CA GLY E 191 21.80 -41.95 5.11
C GLY E 191 22.55 -42.75 6.14
N GLU E 192 21.98 -43.92 6.40
CA GLU E 192 22.43 -44.92 7.36
C GLU E 192 23.77 -45.47 6.95
N GLY E 193 24.77 -45.25 7.79
CA GLY E 193 26.15 -45.74 7.47
C GLY E 193 26.80 -44.89 6.40
N GLU E 194 26.32 -43.67 6.23
CA GLU E 194 26.83 -42.72 5.25
C GLU E 194 28.34 -42.56 5.38
N THR E 195 29.08 -42.68 4.28
CA THR E 195 30.53 -42.55 4.31
C THR E 195 31.01 -41.14 4.61
N VAL E 196 32.15 -41.06 5.29
CA VAL E 196 32.81 -39.81 5.60
C VAL E 196 33.40 -39.26 4.25
N PHE E 197 33.09 -38.01 3.99
CA PHE E 197 33.51 -37.28 2.80
C PHE E 197 34.32 -36.08 3.36
N PHE E 198 35.42 -35.79 2.63
CA PHE E 198 36.32 -34.72 3.04
C PHE E 198 36.23 -33.48 2.14
N ASP E 199 36.80 -32.45 2.73
CA ASP E 199 37.04 -31.12 2.23
C ASP E 199 38.52 -30.79 2.59
N PHE E 200 39.21 -30.40 1.53
CA PHE E 200 40.64 -30.05 1.62
C PHE E 200 40.96 -29.03 0.53
N PRO F 1 59.78 -39.03 -7.17
CA PRO F 1 58.30 -39.03 -6.96
C PRO F 1 57.87 -37.63 -6.56
N ALA F 2 56.55 -37.45 -6.38
CA ALA F 2 55.98 -36.15 -6.01
C ALA F 2 56.42 -35.69 -4.63
N GLN F 3 56.44 -34.37 -4.46
CA GLN F 3 56.79 -33.74 -3.17
C GLN F 3 55.71 -32.74 -2.70
N ASP F 4 55.57 -32.67 -1.39
CA ASP F 4 54.63 -31.76 -0.71
C ASP F 4 55.27 -30.35 -0.65
N ASN F 5 55.16 -29.61 -1.74
CA ASN F 5 55.71 -28.26 -1.77
C ASN F 5 54.65 -27.17 -1.90
N SER F 6 53.43 -27.56 -2.27
CA SER F 6 52.37 -26.53 -2.46
C SER F 6 51.17 -26.64 -1.55
N ARG F 7 50.44 -25.51 -1.53
CA ARG F 7 49.18 -25.44 -0.75
C ARG F 7 48.17 -24.90 -1.78
N PHE F 8 46.94 -25.30 -1.69
CA PHE F 8 45.91 -24.82 -2.64
C PHE F 8 44.89 -24.03 -1.83
N VAL F 9 44.47 -22.93 -2.44
CA VAL F 9 43.49 -22.07 -1.82
C VAL F 9 42.23 -22.91 -1.53
N ILE F 10 41.76 -22.77 -0.32
CA ILE F 10 40.53 -23.48 0.08
C ILE F 10 39.39 -23.13 -0.89
N ARG F 11 38.63 -24.14 -1.27
CA ARG F 11 37.50 -23.96 -2.19
C ARG F 11 36.37 -23.14 -1.54
N ASP F 12 35.67 -22.45 -2.38
CA ASP F 12 34.51 -21.64 -1.92
C ASP F 12 33.27 -22.45 -2.28
N ARG F 13 32.78 -23.13 -1.24
CA ARG F 13 31.61 -24.01 -1.38
C ARG F 13 30.28 -23.31 -1.50
N ASN F 14 30.33 -21.99 -1.49
CA ASN F 14 29.15 -21.15 -1.70
C ASN F 14 29.22 -20.61 -3.13
N TRP F 15 30.36 -20.79 -3.82
CA TRP F 15 30.57 -20.39 -5.22
C TRP F 15 30.13 -21.55 -6.13
N HIS F 16 30.67 -22.72 -5.82
CA HIS F 16 30.29 -23.96 -6.55
C HIS F 16 28.84 -24.28 -6.10
N PRO F 17 28.17 -25.13 -6.88
CA PRO F 17 26.84 -25.61 -6.54
C PRO F 17 26.91 -26.47 -5.29
N LYS F 18 25.82 -26.42 -4.51
CA LYS F 18 25.78 -27.24 -3.26
C LYS F 18 25.34 -28.64 -3.71
N ALA F 19 25.54 -29.60 -2.84
CA ALA F 19 25.15 -31.00 -3.09
C ALA F 19 23.64 -31.14 -3.28
N LEU F 20 22.82 -30.63 -2.35
CA LEU F 20 21.36 -30.78 -2.50
C LEU F 20 20.74 -29.62 -3.20
N THR F 21 20.22 -29.78 -4.38
CA THR F 21 19.58 -28.71 -5.19
C THR F 21 18.37 -29.37 -5.78
N PRO F 22 17.30 -29.44 -4.97
CA PRO F 22 16.11 -30.16 -5.31
C PRO F 22 15.54 -30.10 -6.65
N ASP F 23 15.63 -29.02 -7.41
CA ASP F 23 15.05 -28.92 -8.77
C ASP F 23 15.77 -29.90 -9.73
N TYR F 24 16.97 -30.20 -9.32
CA TYR F 24 17.82 -31.19 -10.05
C TYR F 24 17.54 -32.49 -9.24
N LYS F 25 16.50 -33.15 -9.65
CA LYS F 25 15.89 -34.32 -9.01
C LYS F 25 16.82 -35.38 -8.49
N THR F 26 17.78 -35.79 -9.33
CA THR F 26 18.75 -36.81 -8.96
C THR F 26 19.66 -36.40 -7.82
N SER F 27 19.84 -35.13 -7.54
CA SER F 27 20.72 -34.71 -6.44
C SER F 27 20.10 -35.05 -5.10
N ILE F 28 18.76 -35.19 -5.04
CA ILE F 28 18.05 -35.52 -3.81
C ILE F 28 18.61 -36.73 -3.08
N ALA F 29 18.73 -37.84 -3.75
CA ALA F 29 19.27 -39.07 -3.13
C ALA F 29 20.77 -39.26 -3.23
N ARG F 30 21.45 -38.46 -4.02
CA ARG F 30 22.90 -38.58 -4.23
C ARG F 30 23.69 -37.47 -3.55
N SER F 31 23.11 -36.89 -2.47
CA SER F 31 23.89 -35.85 -1.73
C SER F 31 23.99 -36.26 -0.29
N PRO F 32 25.16 -36.09 0.31
CA PRO F 32 25.37 -36.46 1.72
C PRO F 32 24.52 -35.61 2.65
N ARG F 33 24.15 -36.17 3.77
CA ARG F 33 23.35 -35.41 4.75
C ARG F 33 24.32 -34.97 5.84
N GLN F 34 25.40 -35.71 6.03
CA GLN F 34 26.38 -35.27 7.07
C GLN F 34 27.24 -34.18 6.45
N ALA F 35 27.82 -33.32 7.27
CA ALA F 35 28.72 -32.26 6.81
C ALA F 35 30.04 -32.93 6.36
N LEU F 36 30.70 -32.28 5.42
CA LEU F 36 32.04 -32.79 4.97
C LEU F 36 32.99 -32.58 6.15
N VAL F 37 33.98 -33.43 6.25
CA VAL F 37 35.00 -33.30 7.32
C VAL F 37 36.22 -32.62 6.71
N SER F 38 36.61 -31.49 7.25
CA SER F 38 37.75 -30.71 6.81
C SER F 38 39.05 -31.31 7.29
N ILE F 39 40.03 -31.42 6.38
CA ILE F 39 41.34 -31.98 6.76
C ILE F 39 42.43 -31.07 6.19
N PRO F 40 43.52 -31.08 6.89
CA PRO F 40 44.70 -30.29 6.50
C PRO F 40 45.31 -30.93 5.26
N GLN F 41 45.89 -30.08 4.43
CA GLN F 41 46.49 -30.55 3.13
C GLN F 41 47.78 -31.29 3.48
N SER F 42 47.99 -32.40 2.85
CA SER F 42 49.24 -33.19 3.04
C SER F 42 49.69 -33.65 1.63
N ILE F 43 50.77 -34.36 1.54
CA ILE F 43 51.26 -34.86 0.23
C ILE F 43 50.17 -35.61 -0.49
N SER F 44 49.25 -36.17 0.29
CA SER F 44 48.16 -36.97 -0.35
C SER F 44 47.26 -36.12 -1.23
N GLU F 45 47.02 -34.89 -0.81
CA GLU F 45 46.13 -33.96 -1.50
C GLU F 45 46.80 -33.00 -2.42
N THR F 46 48.04 -32.64 -2.13
CA THR F 46 48.78 -31.63 -2.90
C THR F 46 49.58 -32.11 -4.06
N THR F 47 49.45 -33.40 -4.39
CA THR F 47 50.18 -34.00 -5.54
C THR F 47 49.08 -34.61 -6.40
N GLY F 48 49.44 -35.00 -7.60
CA GLY F 48 48.46 -35.64 -8.55
C GLY F 48 49.30 -36.07 -9.76
N PRO F 49 48.67 -36.74 -10.68
CA PRO F 49 49.37 -37.25 -11.88
C PRO F 49 49.75 -36.13 -12.86
N ASN F 50 50.81 -36.42 -13.58
CA ASN F 50 51.35 -35.58 -14.66
C ASN F 50 51.13 -36.44 -15.91
N PHE F 51 50.42 -35.95 -16.89
CA PHE F 51 50.13 -36.70 -18.11
C PHE F 51 51.04 -36.41 -19.28
N SER F 52 52.16 -35.79 -19.04
CA SER F 52 53.13 -35.43 -20.07
C SER F 52 53.62 -36.61 -20.87
N HIS F 53 53.73 -37.80 -20.34
CA HIS F 53 54.15 -38.95 -21.13
C HIS F 53 53.00 -39.77 -21.63
N LEU F 54 51.78 -39.30 -21.54
CA LEU F 54 50.64 -40.11 -22.10
C LEU F 54 50.81 -40.02 -23.62
N GLY F 55 50.57 -41.13 -24.28
CA GLY F 55 50.69 -41.18 -25.76
C GLY F 55 49.44 -40.72 -26.46
N PHE F 56 49.33 -39.44 -26.71
CA PHE F 56 48.16 -38.88 -27.41
C PHE F 56 48.28 -39.17 -28.91
N GLY F 57 47.16 -39.50 -29.49
CA GLY F 57 47.06 -39.75 -30.97
C GLY F 57 47.04 -38.34 -31.58
N ALA F 58 47.29 -38.22 -32.86
CA ALA F 58 47.36 -36.95 -33.56
C ALA F 58 46.07 -36.18 -33.70
N HIS F 59 44.96 -36.86 -33.66
CA HIS F 59 43.63 -36.27 -33.80
C HIS F 59 42.83 -36.39 -32.50
N ASP F 60 43.53 -36.52 -31.39
CA ASP F 60 42.87 -36.67 -30.09
C ASP F 60 41.98 -35.49 -29.74
N HIS F 61 42.39 -34.33 -30.17
CA HIS F 61 41.68 -33.07 -29.92
C HIS F 61 40.86 -32.60 -31.10
N ASP F 62 40.70 -33.45 -32.13
CA ASP F 62 39.95 -33.06 -33.34
C ASP F 62 38.79 -33.96 -33.57
N LEU F 63 37.60 -33.54 -33.10
CA LEU F 63 36.38 -34.33 -33.21
C LEU F 63 35.82 -34.44 -34.62
N LEU F 64 36.35 -33.65 -35.53
CA LEU F 64 35.98 -33.66 -36.95
C LEU F 64 36.66 -34.84 -37.64
N LEU F 65 37.79 -35.27 -37.13
CA LEU F 65 38.60 -36.35 -37.61
C LEU F 65 38.85 -37.55 -36.72
N ASN F 66 38.56 -37.54 -35.43
CA ASN F 66 38.87 -38.66 -34.57
C ASN F 66 37.91 -39.80 -34.49
N PHE F 67 36.85 -39.87 -35.23
CA PHE F 67 35.92 -41.04 -35.12
C PHE F 67 35.85 -41.68 -36.50
N GLY F 71 33.61 -39.69 -43.74
CA GLY F 71 33.15 -38.33 -44.04
C GLY F 71 33.30 -37.42 -42.82
N LEU F 72 32.70 -36.25 -42.99
CA LEU F 72 32.62 -35.20 -42.00
C LEU F 72 31.30 -35.27 -41.23
N PRO F 73 31.39 -34.86 -39.97
CA PRO F 73 30.19 -34.79 -39.08
C PRO F 73 29.28 -33.69 -39.63
N ILE F 74 28.00 -33.77 -39.41
CA ILE F 74 27.09 -32.67 -39.88
C ILE F 74 26.98 -31.74 -38.68
N GLY F 75 26.93 -30.45 -38.84
CA GLY F 75 26.83 -29.57 -37.64
C GLY F 75 27.72 -28.35 -37.86
N GLU F 76 27.62 -27.43 -36.92
CA GLU F 76 28.39 -26.19 -36.97
C GLU F 76 29.81 -26.48 -36.57
N ARG F 77 30.72 -26.29 -37.52
CA ARG F 77 32.15 -26.52 -37.26
C ARG F 77 32.63 -25.31 -36.42
N ILE F 78 33.28 -25.66 -35.33
CA ILE F 78 33.81 -24.68 -34.41
C ILE F 78 35.09 -25.20 -33.76
N ILE F 79 35.80 -24.20 -33.31
CA ILE F 79 37.05 -24.43 -32.52
C ILE F 79 36.66 -23.94 -31.08
N VAL F 80 37.02 -24.69 -30.09
CA VAL F 80 36.81 -24.30 -28.69
C VAL F 80 38.24 -24.18 -28.16
N ALA F 81 38.66 -23.00 -27.78
CA ALA F 81 40.03 -22.82 -27.29
C ALA F 81 39.98 -21.91 -26.08
N GLY F 82 41.02 -21.86 -25.31
CA GLY F 82 41.07 -20.98 -24.12
C GLY F 82 42.33 -21.34 -23.38
N ARG F 83 42.38 -20.89 -22.16
CA ARG F 83 43.59 -21.14 -21.33
C ARG F 83 43.23 -21.58 -19.94
N VAL F 84 44.05 -22.38 -19.32
CA VAL F 84 43.80 -22.84 -17.95
C VAL F 84 44.82 -22.06 -17.11
N VAL F 85 44.31 -21.29 -16.17
CA VAL F 85 45.14 -20.52 -15.24
C VAL F 85 44.72 -20.94 -13.81
N ASP F 86 45.42 -20.52 -12.82
CA ASP F 86 45.09 -20.81 -11.43
C ASP F 86 44.48 -19.52 -10.86
N GLN F 87 44.04 -19.43 -9.63
CA GLN F 87 43.39 -18.27 -9.07
C GLN F 87 44.32 -17.07 -8.99
N TYR F 88 45.63 -17.35 -8.99
CA TYR F 88 46.59 -16.23 -8.96
C TYR F 88 46.78 -15.75 -10.40
N GLY F 89 46.07 -16.35 -11.35
CA GLY F 89 46.20 -15.98 -12.76
C GLY F 89 47.42 -16.56 -13.46
N LYS F 90 48.03 -17.57 -12.95
CA LYS F 90 49.23 -18.26 -13.46
C LYS F 90 48.83 -19.41 -14.34
N PRO F 91 49.43 -19.56 -15.50
CA PRO F 91 49.11 -20.62 -16.45
C PRO F 91 49.41 -21.97 -15.81
N VAL F 92 48.69 -22.96 -16.28
CA VAL F 92 48.85 -24.34 -15.82
C VAL F 92 49.24 -25.15 -17.08
N PRO F 93 50.54 -25.28 -17.27
CA PRO F 93 51.11 -25.96 -18.44
C PRO F 93 51.16 -27.47 -18.27
N ASN F 94 51.03 -28.18 -19.37
CA ASN F 94 51.03 -29.59 -19.51
C ASN F 94 49.98 -30.22 -18.60
N THR F 95 48.77 -29.74 -18.63
CA THR F 95 47.70 -30.29 -17.79
C THR F 95 46.71 -30.96 -18.73
N LEU F 96 46.01 -31.96 -18.25
CA LEU F 96 45.08 -32.70 -19.07
C LEU F 96 43.65 -32.15 -19.05
N VAL F 97 43.19 -31.87 -20.26
CA VAL F 97 41.87 -31.39 -20.55
C VAL F 97 41.14 -32.46 -21.37
N GLU F 98 40.04 -32.94 -20.90
CA GLU F 98 39.23 -33.93 -21.62
C GLU F 98 37.84 -33.38 -21.81
N MET F 99 37.18 -33.70 -22.88
CA MET F 99 35.82 -33.20 -23.15
C MET F 99 35.03 -34.32 -23.83
N TRP F 100 33.71 -34.23 -23.75
CA TRP F 100 32.78 -35.20 -24.36
C TRP F 100 31.53 -34.34 -24.62
N GLN F 101 30.68 -34.77 -25.52
CA GLN F 101 29.49 -33.95 -25.85
C GLN F 101 28.61 -34.80 -26.77
N ALA F 102 27.48 -34.23 -27.13
CA ALA F 102 26.49 -34.85 -28.01
C ALA F 102 26.74 -34.37 -29.43
N ASN F 103 26.00 -34.86 -30.41
CA ASN F 103 26.16 -34.44 -31.80
C ASN F 103 25.30 -33.16 -32.02
N ALA F 104 25.32 -32.73 -33.25
CA ALA F 104 24.59 -31.53 -33.67
C ALA F 104 23.12 -31.56 -33.28
N GLY F 105 22.59 -32.75 -33.03
CA GLY F 105 21.21 -32.97 -32.70
C GLY F 105 20.85 -33.23 -31.28
N GLY F 106 21.81 -33.28 -30.36
CA GLY F 106 21.56 -33.54 -28.97
C GLY F 106 21.64 -35.02 -28.64
N ARG F 107 22.18 -35.83 -29.52
CA ARG F 107 22.30 -37.30 -29.20
C ARG F 107 23.70 -37.71 -28.86
N TYR F 108 23.87 -38.46 -27.77
CA TYR F 108 25.15 -38.96 -27.32
C TYR F 108 25.37 -40.37 -27.91
N ARG F 109 26.65 -40.64 -28.10
CA ARG F 109 27.07 -41.98 -28.66
C ARG F 109 27.38 -42.79 -27.40
N HIS F 110 26.27 -43.16 -26.74
CA HIS F 110 26.25 -43.89 -25.47
C HIS F 110 25.03 -44.83 -25.45
N LYS F 111 25.23 -46.01 -24.92
CA LYS F 111 24.24 -47.08 -24.81
C LYS F 111 22.88 -46.55 -24.30
N ASN F 112 23.03 -45.94 -23.13
CA ASN F 112 21.89 -45.41 -22.41
C ASN F 112 21.19 -44.25 -23.07
N ASP F 113 21.69 -43.73 -24.19
CA ASP F 113 20.98 -42.57 -24.81
C ASP F 113 19.94 -43.05 -25.79
N ARG F 114 18.67 -42.86 -25.39
CA ARG F 114 17.58 -43.31 -26.30
C ARG F 114 16.86 -42.14 -26.93
N TYR F 115 17.42 -40.96 -26.86
CA TYR F 115 16.74 -39.79 -27.48
C TYR F 115 16.56 -40.19 -28.95
N LEU F 116 15.46 -39.75 -29.51
CA LEU F 116 15.07 -40.08 -30.88
C LEU F 116 15.84 -39.40 -31.98
N ALA F 117 16.73 -38.52 -31.62
CA ALA F 117 17.58 -37.79 -32.62
C ALA F 117 18.67 -38.82 -32.96
N PRO F 118 18.93 -38.96 -34.26
CA PRO F 118 19.89 -39.95 -34.74
C PRO F 118 21.33 -39.63 -34.46
N LEU F 119 22.13 -40.70 -34.45
CA LEU F 119 23.59 -40.59 -34.29
C LEU F 119 24.17 -40.11 -35.64
N ASP F 120 25.35 -39.57 -35.55
CA ASP F 120 26.09 -39.09 -36.76
C ASP F 120 27.24 -40.08 -36.97
N PRO F 121 27.11 -40.81 -38.06
CA PRO F 121 28.09 -41.85 -38.45
C PRO F 121 29.54 -41.44 -38.38
N ASN F 122 29.83 -40.17 -38.55
CA ASN F 122 31.18 -39.64 -38.54
C ASN F 122 31.54 -38.90 -37.25
N PHE F 123 30.75 -39.07 -36.23
CA PHE F 123 31.00 -38.33 -34.95
C PHE F 123 30.91 -39.23 -33.74
N GLY F 124 31.96 -39.14 -32.94
CA GLY F 124 32.15 -39.87 -31.70
C GLY F 124 31.75 -39.01 -30.47
N GLY F 125 32.38 -37.87 -30.34
CA GLY F 125 32.15 -36.92 -29.31
C GLY F 125 33.07 -36.84 -28.14
N VAL F 126 34.30 -37.35 -28.31
CA VAL F 126 35.33 -37.36 -27.26
C VAL F 126 36.63 -36.72 -27.73
N GLY F 127 37.28 -35.98 -26.83
CA GLY F 127 38.55 -35.34 -27.19
C GLY F 127 39.38 -35.12 -25.93
N ARG F 128 40.67 -34.98 -26.12
CA ARG F 128 41.62 -34.75 -25.05
C ARG F 128 42.77 -33.93 -25.61
N CYS F 129 43.34 -33.13 -24.77
CA CYS F 129 44.43 -32.22 -25.14
C CYS F 129 45.23 -31.85 -23.88
N LEU F 130 46.51 -31.83 -24.01
CA LEU F 130 47.42 -31.44 -22.93
C LEU F 130 47.74 -29.96 -23.17
N THR F 131 47.45 -29.12 -22.23
CA THR F 131 47.71 -27.65 -22.37
C THR F 131 49.22 -27.49 -22.66
N ASP F 132 49.54 -26.42 -23.32
CA ASP F 132 50.90 -26.07 -23.72
C ASP F 132 51.58 -25.34 -22.58
N SER F 133 52.73 -24.80 -22.89
CA SER F 133 53.61 -24.04 -21.96
C SER F 133 52.83 -22.85 -21.39
N ASP F 134 51.95 -22.29 -22.18
CA ASP F 134 51.17 -21.14 -21.76
C ASP F 134 49.82 -21.43 -21.14
N GLY F 135 49.50 -22.71 -20.94
CA GLY F 135 48.22 -23.11 -20.40
C GLY F 135 47.12 -23.12 -21.45
N TYR F 136 47.47 -23.05 -22.74
CA TYR F 136 46.49 -23.06 -23.82
C TYR F 136 46.11 -24.47 -24.28
N TYR F 137 44.88 -24.64 -24.67
CA TYR F 137 44.29 -25.85 -25.17
C TYR F 137 43.38 -25.42 -26.35
N SER F 138 43.00 -26.43 -27.11
CA SER F 138 42.08 -26.20 -28.22
C SER F 138 41.61 -27.54 -28.79
N PHE F 139 40.35 -27.51 -29.17
CA PHE F 139 39.63 -28.62 -29.75
C PHE F 139 38.95 -28.15 -31.03
N ARG F 140 38.61 -29.09 -31.85
CA ARG F 140 37.88 -28.74 -33.11
C ARG F 140 36.70 -29.71 -33.09
N THR F 141 35.55 -29.11 -33.21
CA THR F 141 34.34 -30.01 -33.10
C THR F 141 33.21 -29.34 -33.81
N ILE F 142 32.01 -29.84 -33.47
CA ILE F 142 30.78 -29.30 -34.05
C ILE F 142 29.96 -28.91 -32.79
N LYS F 143 29.13 -27.93 -32.93
CA LYS F 143 28.32 -27.44 -31.81
C LYS F 143 27.19 -28.44 -31.51
N PRO F 144 27.17 -28.88 -30.28
CA PRO F 144 26.14 -29.83 -29.81
C PRO F 144 24.78 -29.15 -29.77
N GLY F 145 23.73 -29.97 -29.84
CA GLY F 145 22.36 -29.45 -29.76
C GLY F 145 21.84 -29.70 -28.33
N PRO F 146 20.79 -28.96 -28.00
CA PRO F 146 20.12 -29.10 -26.69
C PRO F 146 19.59 -30.56 -26.65
N TYR F 147 19.42 -30.98 -25.42
CA TYR F 147 18.98 -32.38 -25.13
C TYR F 147 17.87 -32.39 -24.06
N PRO F 148 16.80 -33.09 -24.40
CA PRO F 148 15.65 -33.26 -23.47
C PRO F 148 16.07 -34.28 -22.43
N TRP F 149 15.61 -34.15 -21.20
CA TRP F 149 15.99 -35.11 -20.15
C TRP F 149 14.84 -35.23 -19.18
N ARG F 150 14.76 -36.38 -18.54
CA ARG F 150 13.61 -36.62 -17.64
C ARG F 150 13.87 -36.06 -16.26
N ASN F 151 13.68 -34.76 -16.12
CA ASN F 151 13.85 -34.03 -14.85
C ASN F 151 12.36 -33.59 -14.60
N GLY F 152 12.03 -32.38 -14.94
CA GLY F 152 10.59 -31.96 -14.84
C GLY F 152 10.07 -32.49 -16.23
N PRO F 153 8.79 -32.28 -16.47
CA PRO F 153 8.16 -32.76 -17.69
C PRO F 153 8.63 -32.18 -18.97
N ASN F 154 9.18 -30.95 -18.99
CA ASN F 154 9.62 -30.36 -20.29
C ASN F 154 10.96 -29.70 -20.07
N ASP F 155 11.95 -30.43 -19.60
CA ASP F 155 13.29 -29.91 -19.32
C ASP F 155 14.21 -30.21 -20.50
N TRP F 156 15.00 -29.20 -20.84
CA TRP F 156 15.98 -29.28 -21.95
C TRP F 156 17.34 -28.71 -21.48
N ARG F 157 18.36 -29.55 -21.56
CA ARG F 157 19.72 -29.12 -21.21
C ARG F 157 20.06 -28.13 -22.36
N PRO F 158 20.72 -27.05 -22.01
CA PRO F 158 21.15 -26.11 -23.07
C PRO F 158 22.31 -26.82 -23.78
N ALA F 159 22.68 -26.47 -24.95
CA ALA F 159 23.87 -27.12 -25.61
C ALA F 159 25.07 -26.84 -24.68
N HIS F 160 25.80 -27.90 -24.42
CA HIS F 160 26.96 -27.87 -23.52
C HIS F 160 27.99 -28.90 -23.91
N ILE F 161 29.20 -28.65 -23.44
CA ILE F 161 30.34 -29.56 -23.63
C ILE F 161 30.81 -29.93 -22.23
N HIS F 162 31.01 -31.19 -21.94
CA HIS F 162 31.51 -31.61 -20.62
C HIS F 162 33.03 -31.50 -20.62
N PHE F 163 33.58 -30.97 -19.52
CA PHE F 163 35.04 -30.81 -19.44
C PHE F 163 35.55 -31.44 -18.14
N GLY F 164 36.73 -31.95 -18.20
CA GLY F 164 37.46 -32.57 -17.07
C GLY F 164 38.87 -31.96 -17.17
N ILE F 165 39.34 -31.43 -16.10
CA ILE F 165 40.65 -30.78 -16.05
C ILE F 165 41.41 -31.30 -14.83
N SER F 166 42.62 -31.76 -15.05
CA SER F 166 43.42 -32.33 -13.95
C SER F 166 44.03 -31.30 -12.99
N GLY F 167 44.86 -30.46 -13.56
CA GLY F 167 45.60 -29.43 -12.82
C GLY F 167 46.79 -30.17 -12.18
N PRO F 168 47.51 -29.45 -11.35
CA PRO F 168 48.67 -29.98 -10.66
C PRO F 168 48.44 -31.02 -9.60
N SER F 169 47.25 -31.11 -9.06
CA SER F 169 46.98 -32.05 -7.95
C SER F 169 45.54 -32.55 -7.94
N ILE F 170 45.27 -33.53 -7.09
CA ILE F 170 43.89 -34.04 -7.02
C ILE F 170 43.01 -32.99 -6.34
N ALA F 171 43.65 -32.03 -5.70
CA ALA F 171 43.02 -30.91 -5.00
C ALA F 171 42.45 -29.94 -6.02
N THR F 172 43.06 -29.83 -7.18
CA THR F 172 42.61 -28.96 -8.26
C THR F 172 41.71 -29.60 -9.28
N LYS F 173 41.69 -30.93 -9.35
CA LYS F 173 40.90 -31.63 -10.37
C LYS F 173 39.49 -31.17 -10.37
N LEU F 174 38.95 -30.90 -11.59
CA LEU F 174 37.57 -30.42 -11.67
C LEU F 174 36.82 -30.95 -12.90
N ILE F 175 35.53 -31.09 -12.77
CA ILE F 175 34.64 -31.46 -13.85
C ILE F 175 33.64 -30.33 -13.97
N THR F 176 33.39 -29.91 -15.16
CA THR F 176 32.44 -28.81 -15.42
C THR F 176 31.73 -28.98 -16.72
N GLN F 177 31.04 -27.92 -17.14
CA GLN F 177 30.33 -27.90 -18.42
C GLN F 177 30.52 -26.50 -18.99
N LEU F 178 30.61 -26.43 -20.29
CA LEU F 178 30.72 -25.16 -21.03
C LEU F 178 29.36 -24.93 -21.65
N TYR F 179 28.88 -23.72 -21.68
CA TYR F 179 27.62 -23.30 -22.25
C TYR F 179 27.97 -22.25 -23.32
N PHE F 180 27.11 -22.03 -24.25
CA PHE F 180 27.30 -21.12 -25.38
C PHE F 180 26.56 -19.81 -25.21
N GLU F 181 27.33 -18.78 -25.49
CA GLU F 181 26.89 -17.39 -25.40
C GLU F 181 25.53 -17.14 -25.98
N GLY F 182 24.67 -16.51 -25.13
CA GLY F 182 23.32 -16.18 -25.53
C GLY F 182 22.30 -17.27 -25.65
N ASP F 183 22.60 -18.52 -25.45
CA ASP F 183 21.56 -19.61 -25.53
C ASP F 183 20.46 -19.32 -24.52
N PRO F 184 19.22 -19.26 -24.97
CA PRO F 184 18.08 -18.93 -24.09
C PRO F 184 17.72 -19.99 -23.08
N LEU F 185 18.23 -21.21 -23.24
CA LEU F 185 17.98 -22.31 -22.36
C LEU F 185 18.75 -22.23 -21.06
N ILE F 186 19.89 -21.58 -21.04
CA ILE F 186 20.76 -21.49 -19.89
C ILE F 186 20.05 -21.18 -18.59
N PRO F 187 19.32 -20.08 -18.57
CA PRO F 187 18.60 -19.61 -17.38
C PRO F 187 17.44 -20.46 -16.92
N MET F 188 17.03 -21.42 -17.69
CA MET F 188 15.91 -22.32 -17.36
C MET F 188 16.39 -23.65 -16.85
N CYS F 189 17.66 -23.94 -17.03
CA CYS F 189 18.20 -25.23 -16.62
C CYS F 189 18.46 -25.38 -15.15
N PRO F 190 17.89 -26.44 -14.58
CA PRO F 190 18.02 -26.83 -13.18
C PRO F 190 19.44 -27.19 -12.77
N ILE F 191 20.24 -27.74 -13.66
CA ILE F 191 21.64 -28.09 -13.38
C ILE F 191 22.49 -26.83 -13.28
N VAL F 192 22.22 -25.91 -14.16
CA VAL F 192 22.87 -24.62 -14.26
C VAL F 192 22.46 -23.86 -12.98
N LYS F 193 21.17 -23.94 -12.70
CA LYS F 193 20.59 -23.28 -11.53
C LYS F 193 21.07 -23.83 -10.21
N SER F 194 21.84 -24.92 -10.28
CA SER F 194 22.43 -25.51 -9.06
C SER F 194 23.44 -24.51 -8.52
N ILE F 195 23.86 -23.57 -9.37
CA ILE F 195 24.84 -22.55 -9.03
C ILE F 195 24.06 -21.30 -8.55
N ALA F 196 24.13 -21.02 -7.27
CA ALA F 196 23.44 -19.93 -6.66
C ALA F 196 23.80 -18.56 -7.14
N ASN F 197 25.03 -18.25 -7.44
CA ASN F 197 25.45 -16.91 -7.89
C ASN F 197 25.48 -16.79 -9.40
N PRO F 198 24.70 -15.86 -9.92
CA PRO F 198 24.61 -15.63 -11.36
C PRO F 198 25.98 -15.26 -11.95
N GLU F 199 26.83 -14.74 -11.08
CA GLU F 199 28.18 -14.35 -11.51
C GLU F 199 28.99 -15.58 -11.81
N ALA F 200 28.71 -16.63 -11.05
CA ALA F 200 29.36 -17.94 -11.17
C ALA F 200 28.91 -18.60 -12.48
N VAL F 201 27.66 -18.37 -12.84
CA VAL F 201 27.10 -18.97 -14.05
C VAL F 201 27.86 -18.47 -15.29
N GLN F 202 28.18 -17.20 -15.28
CA GLN F 202 28.86 -16.48 -16.30
C GLN F 202 30.19 -17.06 -16.70
N GLN F 203 30.85 -17.67 -15.73
CA GLN F 203 32.19 -18.26 -15.96
C GLN F 203 32.08 -19.52 -16.81
N LEU F 204 30.88 -20.03 -16.93
CA LEU F 204 30.61 -21.27 -17.65
C LEU F 204 30.21 -21.04 -19.08
N ILE F 205 30.07 -19.76 -19.42
CA ILE F 205 29.68 -19.42 -20.79
C ILE F 205 30.85 -19.12 -21.72
N ALA F 206 30.91 -19.88 -22.80
CA ALA F 206 31.99 -19.69 -23.86
C ALA F 206 31.54 -18.48 -24.69
N LYS F 207 32.41 -17.56 -24.96
CA LYS F 207 32.06 -16.37 -25.77
C LYS F 207 32.47 -16.58 -27.22
N LEU F 208 31.63 -16.08 -28.12
CA LEU F 208 31.95 -16.19 -29.57
C LEU F 208 33.33 -15.50 -29.74
N ASP F 209 34.17 -16.10 -30.54
CA ASP F 209 35.52 -15.46 -30.73
C ASP F 209 35.84 -15.46 -32.23
N MET F 210 35.45 -14.43 -32.91
CA MET F 210 35.63 -14.17 -34.31
C MET F 210 37.11 -14.07 -34.74
N ASN F 211 37.94 -13.69 -33.79
CA ASN F 211 39.37 -13.52 -33.95
C ASN F 211 40.08 -14.86 -34.19
N ASN F 212 39.63 -15.89 -33.58
CA ASN F 212 40.21 -17.23 -33.67
C ASN F 212 39.48 -18.08 -34.72
N ALA F 213 38.54 -17.53 -35.42
CA ALA F 213 37.78 -18.23 -36.42
C ALA F 213 38.57 -18.35 -37.73
N ASN F 214 38.25 -19.43 -38.48
CA ASN F 214 38.85 -19.65 -39.79
C ASN F 214 37.82 -19.19 -40.83
N PRO F 215 38.05 -18.04 -41.43
CA PRO F 215 37.13 -17.49 -42.45
C PRO F 215 36.79 -18.58 -43.45
N MET F 216 35.57 -18.64 -43.89
CA MET F 216 35.00 -19.58 -44.80
C MET F 216 35.18 -21.02 -44.30
N ASP F 217 35.36 -21.24 -43.00
CA ASP F 217 35.54 -22.62 -42.51
C ASP F 217 34.82 -22.96 -41.23
N CYS F 218 35.21 -22.31 -40.15
CA CYS F 218 34.66 -22.56 -38.81
C CYS F 218 34.77 -21.34 -37.91
N LEU F 219 33.84 -21.30 -36.98
CA LEU F 219 33.75 -20.28 -35.94
C LEU F 219 34.57 -20.76 -34.75
N ALA F 220 34.71 -19.91 -33.73
CA ALA F 220 35.46 -20.23 -32.54
C ALA F 220 34.77 -19.65 -31.32
N TYR F 221 35.01 -20.39 -30.24
CA TYR F 221 34.50 -20.03 -28.90
C TYR F 221 35.69 -20.11 -27.98
N ARG F 222 35.73 -19.23 -27.05
CA ARG F 222 36.79 -19.07 -26.06
C ARG F 222 36.21 -19.45 -24.68
N PHE F 223 36.93 -20.35 -24.01
CA PHE F 223 36.59 -20.86 -22.69
C PHE F 223 37.80 -20.95 -21.79
N ASP F 224 38.02 -19.99 -20.91
CA ASP F 224 39.18 -20.04 -19.97
C ASP F 224 38.74 -20.77 -18.74
N ILE F 225 39.61 -21.46 -18.07
CA ILE F 225 39.33 -22.23 -16.88
C ILE F 225 40.28 -21.80 -15.79
N VAL F 226 39.75 -21.62 -14.58
CA VAL F 226 40.47 -21.21 -13.39
C VAL F 226 40.42 -22.31 -12.32
N LEU F 227 41.62 -22.77 -12.02
CA LEU F 227 41.80 -23.85 -11.01
C LEU F 227 42.23 -23.21 -9.70
N ARG F 228 42.12 -23.95 -8.63
CA ARG F 228 42.54 -23.46 -7.32
C ARG F 228 43.93 -22.88 -7.34
N GLY F 229 44.07 -21.73 -6.70
CA GLY F 229 45.32 -21.02 -6.56
C GLY F 229 46.32 -21.90 -5.81
N GLN F 230 47.53 -21.92 -6.37
CA GLN F 230 48.67 -22.70 -5.83
C GLN F 230 49.69 -21.71 -5.27
N ARG F 231 50.17 -21.93 -4.08
CA ARG F 231 51.12 -21.13 -3.38
C ARG F 231 52.10 -22.06 -2.69
N LYS F 232 53.27 -21.49 -2.41
CA LYS F 232 54.31 -22.32 -1.71
C LYS F 232 53.92 -22.27 -0.23
N THR F 233 54.30 -23.29 0.51
CA THR F 233 53.98 -23.39 1.94
C THR F 233 54.83 -22.33 2.65
N HIS F 234 54.33 -21.90 3.81
CA HIS F 234 55.10 -20.87 4.53
C HIS F 234 54.80 -20.94 6.03
N PHE F 235 55.88 -20.74 6.78
CA PHE F 235 55.85 -20.75 8.23
C PHE F 235 55.13 -21.98 8.75
N GLU F 236 55.29 -23.10 8.08
CA GLU F 236 54.59 -24.32 8.58
C GLU F 236 55.26 -25.00 9.72
N PRO G 1 11.12 27.06 10.82
CA PRO G 1 10.55 27.35 12.15
C PRO G 1 10.46 26.03 12.91
N ILE G 2 9.98 26.11 14.12
CA ILE G 2 9.77 25.01 15.03
C ILE G 2 8.37 24.46 14.72
N GLU G 3 8.33 23.17 14.51
CA GLU G 3 7.09 22.45 14.22
C GLU G 3 6.87 21.40 15.31
N LEU G 4 5.66 21.36 15.83
CA LEU G 4 5.35 20.37 16.93
C LEU G 4 4.63 19.19 16.26
N LEU G 5 4.17 18.23 17.05
CA LEU G 5 3.39 17.11 16.43
C LEU G 5 2.08 17.80 15.97
N PRO G 6 1.64 17.44 14.79
CA PRO G 6 0.38 17.96 14.26
C PRO G 6 -0.78 17.37 15.09
N GLU G 7 -1.73 18.21 15.38
CA GLU G 7 -2.95 17.77 16.13
C GLU G 7 -3.71 16.79 15.21
N THR G 8 -4.39 15.87 15.88
CA THR G 8 -5.24 14.92 15.10
C THR G 8 -6.33 15.72 14.40
N PRO G 9 -6.50 15.44 13.10
CA PRO G 9 -7.54 16.10 12.31
C PRO G 9 -8.95 15.73 12.79
N SER G 10 -9.84 16.65 12.74
CA SER G 10 -11.24 16.52 13.10
C SER G 10 -11.98 15.87 11.93
N GLN G 11 -13.15 15.35 12.24
CA GLN G 11 -14.04 14.72 11.29
C GLN G 11 -15.48 14.97 11.85
N THR G 12 -16.42 14.99 10.95
CA THR G 12 -17.81 15.19 11.27
C THR G 12 -18.22 14.17 12.32
N ALA G 13 -19.21 14.58 13.15
CA ALA G 13 -19.72 13.69 14.22
C ALA G 13 -20.58 12.62 13.54
N GLY G 14 -21.09 13.00 12.38
CA GLY G 14 -21.95 12.12 11.56
C GLY G 14 -23.38 12.25 12.12
N PRO G 15 -24.30 11.54 11.46
CA PRO G 15 -25.70 11.53 11.81
C PRO G 15 -26.05 10.75 13.05
N TYR G 16 -25.27 9.77 13.41
CA TYR G 16 -25.52 8.92 14.56
C TYR G 16 -24.77 9.27 15.79
N VAL G 17 -24.35 10.51 15.94
CA VAL G 17 -23.62 10.96 17.11
C VAL G 17 -24.37 10.64 18.40
N HIS G 18 -25.68 10.52 18.29
CA HIS G 18 -26.52 10.25 19.51
C HIS G 18 -26.18 8.95 20.18
N ILE G 19 -25.90 7.96 19.36
CA ILE G 19 -25.56 6.64 19.90
C ILE G 19 -24.47 6.74 20.91
N GLY G 20 -23.49 7.61 20.69
CA GLY G 20 -22.36 7.76 21.58
C GLY G 20 -22.37 8.84 22.59
N LEU G 21 -23.03 9.94 22.26
CA LEU G 21 -23.07 11.13 23.12
C LEU G 21 -24.41 11.57 23.65
N ALA G 22 -25.48 11.00 23.20
CA ALA G 22 -26.87 11.33 23.60
C ALA G 22 -27.72 10.08 23.50
N LEU G 23 -27.37 9.11 24.38
CA LEU G 23 -27.97 7.79 24.41
C LEU G 23 -29.49 7.80 24.26
N GLU G 24 -30.14 8.44 25.20
CA GLU G 24 -31.63 8.55 25.18
C GLU G 24 -32.03 8.91 23.76
N ALA G 25 -31.61 10.09 23.32
CA ALA G 25 -31.94 10.61 21.99
C ALA G 25 -31.86 9.59 20.90
N ALA G 26 -30.83 8.74 20.94
CA ALA G 26 -30.67 7.71 19.87
C ALA G 26 -31.87 6.76 19.98
N GLY G 27 -32.40 6.75 21.19
CA GLY G 27 -33.53 5.87 21.56
C GLY G 27 -32.96 4.54 22.10
N ASN G 28 -31.81 4.64 22.79
CA ASN G 28 -31.20 3.41 23.34
C ASN G 28 -31.12 3.57 24.87
N PRO G 29 -30.99 2.43 25.52
CA PRO G 29 -30.87 2.41 26.99
C PRO G 29 -29.72 3.33 27.35
N THR G 30 -29.79 3.90 28.53
CA THR G 30 -28.69 4.79 28.98
C THR G 30 -27.91 3.98 30.01
N ARG G 31 -26.86 4.58 30.52
CA ARG G 31 -26.00 3.95 31.55
C ARG G 31 -26.33 4.66 32.86
N ASP G 32 -25.78 4.24 33.95
CA ASP G 32 -26.00 4.79 35.28
C ASP G 32 -25.82 6.30 35.26
N GLN G 33 -24.65 6.72 34.78
CA GLN G 33 -24.33 8.16 34.74
C GLN G 33 -24.19 8.65 33.31
N GLU G 34 -24.95 9.67 32.96
CA GLU G 34 -24.89 10.31 31.64
C GLU G 34 -24.69 11.82 31.79
N ILE G 35 -23.98 12.39 30.84
CA ILE G 35 -23.73 13.85 30.82
C ILE G 35 -24.86 14.38 29.91
N TRP G 36 -25.78 15.08 30.56
CA TRP G 36 -26.95 15.60 29.85
C TRP G 36 -27.16 17.07 30.07
N ASN G 37 -28.35 17.53 29.77
CA ASN G 37 -28.81 18.88 29.76
C ASN G 37 -29.32 19.60 30.97
N ARG G 38 -28.99 19.13 32.14
CA ARG G 38 -29.43 19.69 33.44
C ARG G 38 -28.19 20.09 34.21
N LEU G 39 -27.78 21.33 34.14
CA LEU G 39 -26.54 21.75 34.82
C LEU G 39 -26.73 22.12 36.28
N ALA G 40 -27.97 22.47 36.60
CA ALA G 40 -28.28 22.86 38.00
C ALA G 40 -29.43 22.04 38.57
N LYS G 41 -29.23 21.69 39.81
CA LYS G 41 -30.29 20.98 40.60
C LYS G 41 -31.09 22.13 41.23
N PRO G 42 -32.34 21.86 41.53
CA PRO G 42 -33.25 22.84 42.14
C PRO G 42 -32.67 23.64 43.27
N ASP G 43 -31.82 23.07 44.08
CA ASP G 43 -31.21 23.83 45.20
C ASP G 43 -29.85 24.43 44.84
N ALA G 44 -29.59 24.67 43.58
CA ALA G 44 -28.31 25.30 43.20
C ALA G 44 -28.60 26.83 43.28
N PRO G 45 -27.63 27.51 43.84
CA PRO G 45 -27.69 28.96 44.01
C PRO G 45 -27.71 29.62 42.63
N GLY G 46 -28.38 30.72 42.57
CA GLY G 46 -28.47 31.53 41.35
C GLY G 46 -29.88 31.53 40.82
N GLU G 47 -30.06 32.26 39.75
CA GLU G 47 -31.33 32.41 39.05
C GLU G 47 -31.51 31.34 38.01
N HIS G 48 -32.42 30.43 38.27
CA HIS G 48 -32.74 29.30 37.43
C HIS G 48 -33.41 29.72 36.15
N ILE G 49 -32.75 29.34 35.02
CA ILE G 49 -33.28 29.68 33.71
C ILE G 49 -33.44 28.45 32.81
N LEU G 50 -34.19 28.67 31.76
CA LEU G 50 -34.40 27.69 30.71
C LEU G 50 -33.84 28.28 29.39
N LEU G 51 -33.03 27.43 28.78
CA LEU G 51 -32.41 27.76 27.48
C LEU G 51 -32.99 26.82 26.42
N LEU G 52 -33.42 27.41 25.35
CA LEU G 52 -33.98 26.66 24.21
C LEU G 52 -33.61 27.36 22.89
N GLY G 53 -33.69 26.60 21.82
CA GLY G 53 -33.40 27.16 20.50
C GLY G 53 -33.41 26.11 19.39
N GLN G 54 -33.36 26.65 18.19
CA GLN G 54 -33.31 25.82 16.97
C GLN G 54 -32.04 26.17 16.18
N VAL G 55 -31.69 25.27 15.28
CA VAL G 55 -30.45 25.42 14.45
C VAL G 55 -30.91 25.39 13.00
N TYR G 56 -30.49 26.38 12.28
CA TYR G 56 -30.86 26.49 10.85
C TYR G 56 -29.63 26.30 9.97
N ASP G 57 -29.90 25.79 8.80
CA ASP G 57 -28.89 25.56 7.74
C ASP G 57 -29.01 26.71 6.77
N GLY G 58 -28.20 26.76 5.75
CA GLY G 58 -28.15 27.79 4.76
C GLY G 58 -29.43 28.00 3.98
N ASN G 59 -30.28 27.00 3.94
CA ASN G 59 -31.56 27.07 3.24
C ASN G 59 -32.69 27.45 4.22
N GLY G 60 -32.36 27.72 5.46
CA GLY G 60 -33.34 28.08 6.48
C GLY G 60 -34.15 26.85 6.91
N HIS G 61 -33.57 25.69 6.74
CA HIS G 61 -34.17 24.41 7.12
C HIS G 61 -33.53 24.01 8.45
N LEU G 62 -34.33 23.47 9.34
CA LEU G 62 -33.92 23.03 10.64
C LEU G 62 -32.90 21.86 10.51
N VAL G 63 -31.97 21.95 11.44
CA VAL G 63 -30.92 20.92 11.60
C VAL G 63 -31.40 20.12 12.83
N ARG G 64 -31.91 18.95 12.50
CA ARG G 64 -32.46 18.04 13.50
C ARG G 64 -31.51 17.06 14.05
N ASP G 65 -30.27 17.03 13.61
CA ASP G 65 -29.28 16.06 14.07
C ASP G 65 -28.09 16.67 14.80
N SER G 66 -28.23 17.92 15.22
CA SER G 66 -27.17 18.61 15.93
C SER G 66 -27.01 18.12 17.36
N PHE G 67 -25.80 18.26 17.82
CA PHE G 67 -25.25 17.95 19.10
C PHE G 67 -24.53 19.21 19.65
N LEU G 68 -24.91 19.60 20.87
CA LEU G 68 -24.32 20.81 21.45
C LEU G 68 -23.68 20.53 22.79
N GLU G 69 -22.55 21.15 23.03
CA GLU G 69 -21.84 21.03 24.31
C GLU G 69 -21.78 22.44 24.88
N VAL G 70 -22.04 22.63 26.17
CA VAL G 70 -22.02 23.94 26.80
C VAL G 70 -21.03 23.99 27.94
N TRP G 71 -20.47 25.18 28.18
CA TRP G 71 -19.50 25.43 29.25
C TRP G 71 -19.78 26.83 29.80
N GLN G 72 -20.06 26.89 31.10
CA GLN G 72 -20.39 28.12 31.79
C GLN G 72 -19.94 28.17 33.24
N ALA G 73 -19.80 29.39 33.71
CA ALA G 73 -19.46 29.67 35.11
C ALA G 73 -20.77 29.53 35.93
N ASP G 74 -20.60 29.26 37.21
CA ASP G 74 -21.79 29.15 38.12
C ASP G 74 -22.28 30.58 38.31
N ALA G 75 -23.26 30.77 39.23
CA ALA G 75 -23.82 32.08 39.47
C ALA G 75 -22.81 33.02 40.09
N ASN G 76 -21.77 32.51 40.72
CA ASN G 76 -20.74 33.40 41.31
C ASN G 76 -19.61 33.68 40.30
N GLY G 77 -19.79 33.28 39.08
CA GLY G 77 -18.81 33.47 38.04
C GLY G 77 -17.60 32.56 38.17
N GLU G 78 -17.81 31.35 38.67
CA GLU G 78 -16.79 30.34 38.84
C GLU G 78 -17.04 29.09 38.01
N TYR G 79 -15.93 28.63 37.41
CA TYR G 79 -15.96 27.42 36.59
C TYR G 79 -15.73 26.20 37.47
N GLN G 80 -16.76 25.39 37.52
CA GLN G 80 -16.77 24.14 38.30
C GLN G 80 -16.39 23.01 37.35
N ASP G 81 -15.13 22.69 37.35
CA ASP G 81 -14.56 21.66 36.44
C ASP G 81 -14.71 20.23 36.90
N ALA G 82 -14.84 20.01 38.20
CA ALA G 82 -14.95 18.65 38.75
C ALA G 82 -16.35 18.16 38.49
N TYR G 83 -16.54 17.54 37.36
CA TYR G 83 -17.85 17.01 36.95
C TYR G 83 -18.35 15.92 37.87
N ASN G 84 -19.59 16.12 38.33
CA ASN G 84 -20.17 15.10 39.27
C ASN G 84 -21.68 15.29 39.33
N LEU G 85 -22.37 14.17 39.16
CA LEU G 85 -23.84 14.14 39.16
C LEU G 85 -24.38 14.50 40.54
N GLU G 86 -23.58 14.31 41.58
CA GLU G 86 -23.98 14.68 42.91
C GLU G 86 -23.96 16.17 43.15
N ASN G 87 -23.25 16.92 42.33
CA ASN G 87 -23.14 18.37 42.49
C ASN G 87 -24.48 19.06 42.21
N ALA G 88 -24.63 20.18 42.87
CA ALA G 88 -25.82 21.04 42.75
C ALA G 88 -25.78 21.75 41.38
N PHE G 89 -24.53 22.00 40.95
CA PHE G 89 -24.25 22.65 39.68
C PHE G 89 -22.98 22.07 39.02
N ASN G 90 -23.12 21.90 37.73
CA ASN G 90 -22.03 21.45 36.84
C ASN G 90 -21.91 22.54 35.77
N SER G 91 -20.69 22.96 35.51
CA SER G 91 -20.41 23.96 34.47
C SER G 91 -20.53 23.38 33.06
N PHE G 92 -20.53 22.07 32.98
CA PHE G 92 -20.60 21.36 31.72
C PHE G 92 -21.91 20.64 31.50
N GLY G 93 -22.35 20.64 30.26
CA GLY G 93 -23.55 19.97 29.85
C GLY G 93 -23.61 19.67 28.36
N ARG G 94 -24.55 18.81 28.02
CA ARG G 94 -24.84 18.38 26.66
C ARG G 94 -26.31 18.44 26.36
N THR G 95 -26.58 18.74 25.10
CA THR G 95 -27.96 18.86 24.58
C THR G 95 -27.94 18.50 23.13
N ALA G 96 -29.07 18.29 22.54
CA ALA G 96 -29.28 17.89 21.16
C ALA G 96 -30.67 18.34 20.68
N THR G 97 -30.83 18.42 19.37
CA THR G 97 -32.13 18.83 18.82
C THR G 97 -32.97 17.63 18.47
N THR G 98 -34.29 17.77 18.76
CA THR G 98 -35.27 16.70 18.48
C THR G 98 -35.42 16.40 17.00
N PHE G 99 -35.62 15.11 16.70
CA PHE G 99 -35.83 14.65 15.32
C PHE G 99 -37.20 15.10 14.83
N ASP G 100 -38.00 15.68 15.68
CA ASP G 100 -39.35 16.19 15.29
C ASP G 100 -39.15 17.71 15.15
N ALA G 101 -39.91 18.43 15.94
CA ALA G 101 -39.81 19.90 15.96
C ALA G 101 -38.35 20.38 15.96
N GLY G 102 -37.45 19.63 16.57
CA GLY G 102 -36.05 19.92 16.64
C GLY G 102 -35.59 21.13 17.38
N GLU G 103 -35.85 21.14 18.68
CA GLU G 103 -35.44 22.24 19.57
C GLU G 103 -34.60 21.59 20.66
N TRP G 104 -33.64 22.31 21.18
CA TRP G 104 -32.78 21.75 22.25
C TRP G 104 -33.19 22.59 23.47
N THR G 105 -32.91 22.05 24.64
CA THR G 105 -33.24 22.81 25.88
C THR G 105 -32.17 22.45 26.88
N LEU G 106 -31.89 23.40 27.71
CA LEU G 106 -30.86 23.22 28.79
C LEU G 106 -31.49 23.78 30.07
N HIS G 107 -31.19 23.17 31.16
CA HIS G 107 -31.67 23.65 32.51
C HIS G 107 -30.45 24.08 33.29
N THR G 108 -30.33 25.35 33.56
CA THR G 108 -29.15 25.86 34.30
C THR G 108 -29.55 27.13 35.04
N VAL G 109 -28.56 27.86 35.47
CA VAL G 109 -28.65 29.15 36.12
C VAL G 109 -27.84 30.17 35.30
N LYS G 110 -28.24 31.42 35.37
CA LYS G 110 -27.53 32.52 34.67
C LYS G 110 -26.14 32.63 35.28
N PRO G 111 -25.10 32.61 34.43
CA PRO G 111 -23.72 32.65 34.84
C PRO G 111 -23.27 34.00 35.40
N GLY G 112 -22.35 33.95 36.34
CA GLY G 112 -21.78 35.18 36.91
C GLY G 112 -20.73 35.64 35.85
N VAL G 113 -20.16 36.75 36.12
CA VAL G 113 -19.15 37.46 35.33
C VAL G 113 -17.76 36.90 35.58
N VAL G 114 -16.99 36.83 34.53
CA VAL G 114 -15.62 36.35 34.54
C VAL G 114 -14.81 37.40 33.75
N ASN G 115 -13.61 37.56 34.20
CA ASN G 115 -12.64 38.49 33.61
C ASN G 115 -11.85 37.72 32.54
N ASN G 116 -11.42 38.47 31.58
CA ASN G 116 -10.57 38.00 30.49
C ASN G 116 -9.14 38.02 31.03
N ALA G 117 -8.23 37.55 30.22
CA ALA G 117 -6.81 37.46 30.54
C ALA G 117 -6.29 38.79 31.03
N ALA G 118 -6.70 39.89 30.48
CA ALA G 118 -6.23 41.23 30.86
C ALA G 118 -6.90 41.78 32.11
N GLY G 119 -7.79 41.08 32.74
CA GLY G 119 -8.50 41.52 33.93
C GLY G 119 -9.79 42.23 33.62
N VAL G 120 -10.20 42.39 32.39
CA VAL G 120 -11.46 43.05 32.02
C VAL G 120 -12.58 42.02 32.12
N PRO G 121 -13.73 42.47 32.63
CA PRO G 121 -14.89 41.62 32.82
C PRO G 121 -15.65 41.34 31.53
N MET G 122 -16.08 40.11 31.44
CA MET G 122 -16.85 39.68 30.23
C MET G 122 -18.32 39.68 30.63
N ALA G 123 -19.20 39.98 29.73
CA ALA G 123 -20.66 39.98 30.03
C ALA G 123 -21.02 38.52 30.27
N PRO G 124 -22.03 38.27 31.07
CA PRO G 124 -22.40 36.86 31.38
C PRO G 124 -22.59 36.14 30.05
N HIS G 125 -21.99 34.96 29.96
CA HIS G 125 -22.13 34.18 28.69
C HIS G 125 -21.95 32.68 28.97
N ILE G 126 -22.46 31.92 28.02
CA ILE G 126 -22.39 30.49 27.91
C ILE G 126 -21.58 30.17 26.61
N ASN G 127 -20.59 29.34 26.74
CA ASN G 127 -19.71 28.92 25.57
C ASN G 127 -20.39 27.70 24.94
N ILE G 128 -20.65 27.69 23.69
CA ILE G 128 -21.26 26.59 22.97
C ILE G 128 -20.35 26.05 21.82
N SER G 129 -20.44 24.74 21.66
CA SER G 129 -19.76 23.98 20.62
C SER G 129 -20.85 23.20 19.87
N LEU G 130 -21.00 23.43 18.63
CA LEU G 130 -21.99 22.79 17.76
C LEU G 130 -21.36 21.73 16.88
N PHE G 131 -21.97 20.56 16.89
CA PHE G 131 -21.51 19.40 16.13
C PHE G 131 -22.69 18.82 15.37
N ALA G 132 -22.41 18.21 14.24
CA ALA G 132 -23.47 17.58 13.45
C ALA G 132 -22.85 17.10 12.11
N ARG G 133 -23.67 16.30 11.48
CA ARG G 133 -23.40 15.77 10.16
C ARG G 133 -23.30 16.99 9.23
N GLY G 134 -22.27 16.97 8.36
CA GLY G 134 -22.07 18.09 7.47
C GLY G 134 -21.19 19.16 8.06
N ILE G 135 -20.82 19.07 9.30
CA ILE G 135 -19.91 20.01 10.00
C ILE G 135 -18.63 19.18 10.23
N ASN G 136 -17.60 19.50 9.47
CA ASN G 136 -16.30 18.79 9.48
C ASN G 136 -15.53 19.06 10.73
N ILE G 137 -15.58 20.31 11.17
CA ILE G 137 -14.92 20.72 12.43
C ILE G 137 -15.99 21.51 13.22
N HIS G 138 -16.06 21.28 14.50
CA HIS G 138 -17.10 21.93 15.34
C HIS G 138 -17.05 23.43 15.32
N LEU G 139 -18.20 24.06 15.49
CA LEU G 139 -18.40 25.51 15.55
C LEU G 139 -18.48 25.98 17.00
N HIS G 140 -17.70 27.02 17.31
CA HIS G 140 -17.67 27.66 18.62
C HIS G 140 -18.46 28.98 18.57
N THR G 141 -19.34 29.17 19.51
CA THR G 141 -20.12 30.43 19.63
C THR G 141 -20.26 30.77 21.10
N ARG G 142 -20.93 31.88 21.36
CA ARG G 142 -21.23 32.34 22.73
C ARG G 142 -22.70 32.82 22.76
N LEU G 143 -23.32 32.55 23.90
CA LEU G 143 -24.74 32.96 24.13
C LEU G 143 -24.67 34.08 25.19
N TYR G 144 -25.21 35.20 24.76
CA TYR G 144 -25.29 36.43 25.57
C TYR G 144 -26.78 36.63 25.89
N PHE G 145 -27.07 37.41 26.91
CA PHE G 145 -28.52 37.61 27.32
C PHE G 145 -28.93 39.04 27.04
N ASP G 146 -30.07 39.18 26.42
CA ASP G 146 -30.64 40.47 26.06
C ASP G 146 -30.90 41.35 27.28
N ASP G 147 -31.07 40.78 28.45
CA ASP G 147 -31.33 41.56 29.66
C ASP G 147 -30.08 42.05 30.36
N GLU G 148 -28.95 41.88 29.70
CA GLU G 148 -27.63 42.30 30.21
C GLU G 148 -26.97 43.32 29.28
N ALA G 149 -27.79 44.07 28.58
CA ALA G 149 -27.37 45.09 27.64
C ALA G 149 -26.26 45.98 28.11
N GLN G 150 -26.21 46.38 29.35
CA GLN G 150 -25.13 47.26 29.84
C GLN G 150 -23.79 46.52 29.75
N ALA G 151 -23.76 45.35 30.37
CA ALA G 151 -22.57 44.49 30.39
C ALA G 151 -22.11 44.11 28.99
N ASN G 152 -23.05 43.73 28.16
CA ASN G 152 -22.84 43.34 26.79
C ASN G 152 -22.10 44.44 26.00
N ALA G 153 -22.47 45.67 26.31
CA ALA G 153 -21.91 46.83 25.64
C ALA G 153 -20.43 46.99 25.90
N LYS G 154 -19.98 46.54 27.03
CA LYS G 154 -18.58 46.63 27.44
C LYS G 154 -17.79 45.33 27.27
N CYS G 155 -18.39 44.26 26.79
CA CYS G 155 -17.67 42.98 26.68
C CYS G 155 -16.52 43.08 25.72
N PRO G 156 -15.35 42.74 26.17
CA PRO G 156 -14.13 42.76 25.31
C PRO G 156 -14.25 41.74 24.18
N VAL G 157 -14.99 40.69 24.33
CA VAL G 157 -15.14 39.69 23.29
C VAL G 157 -16.18 40.13 22.28
N LEU G 158 -17.32 40.55 22.78
CA LEU G 158 -18.40 41.04 21.91
C LEU G 158 -17.87 42.19 21.03
N ASN G 159 -17.01 43.02 21.60
CA ASN G 159 -16.43 44.15 20.94
C ASN G 159 -15.38 43.82 19.89
N LEU G 160 -14.90 42.58 19.78
CA LEU G 160 -13.90 42.21 18.78
C LEU G 160 -14.63 42.04 17.44
N ILE G 161 -15.92 41.89 17.55
CA ILE G 161 -16.78 41.69 16.37
C ILE G 161 -16.98 43.05 15.71
N GLU G 162 -16.27 43.22 14.61
CA GLU G 162 -16.21 44.41 13.83
C GLU G 162 -17.55 45.10 13.67
N GLN G 163 -18.51 44.37 13.09
CA GLN G 163 -19.83 44.90 12.81
C GLN G 163 -20.85 44.71 13.89
N PRO G 164 -21.39 45.83 14.38
CA PRO G 164 -22.43 45.85 15.40
C PRO G 164 -23.54 44.87 15.12
N GLN G 165 -24.09 44.87 13.94
CA GLN G 165 -25.18 44.00 13.54
C GLN G 165 -24.96 42.51 13.79
N ARG G 166 -23.71 42.07 13.73
CA ARG G 166 -23.34 40.68 13.92
C ARG G 166 -23.32 40.28 15.38
N ARG G 167 -23.05 41.23 16.23
CA ARG G 167 -22.99 41.08 17.68
C ARG G 167 -24.37 40.65 18.20
N GLU G 168 -25.38 41.17 17.54
CA GLU G 168 -26.76 40.89 17.90
C GLU G 168 -27.12 39.44 17.70
N THR G 169 -26.38 38.73 16.84
CA THR G 169 -26.67 37.32 16.54
C THR G 169 -26.36 36.44 17.73
N LEU G 170 -25.63 36.98 18.69
CA LEU G 170 -25.20 36.32 19.89
C LEU G 170 -26.06 36.53 21.12
N ILE G 171 -27.11 37.31 20.96
CA ILE G 171 -27.98 37.64 22.14
C ILE G 171 -29.25 36.85 22.19
N ALA G 172 -29.41 36.11 23.28
CA ALA G 172 -30.62 35.27 23.49
C ALA G 172 -31.76 36.19 23.96
N LYS G 173 -32.92 35.96 23.41
CA LYS G 173 -34.13 36.74 23.68
C LYS G 173 -34.90 36.20 24.88
N ARG G 174 -34.95 37.03 25.91
CA ARG G 174 -35.65 36.68 27.17
C ARG G 174 -37.14 36.41 26.90
N CYS G 175 -37.63 35.35 27.51
CA CYS G 175 -39.03 34.95 27.41
C CYS G 175 -39.45 34.25 28.71
N GLU G 176 -40.51 33.52 28.60
CA GLU G 176 -41.08 32.77 29.74
C GLU G 176 -41.71 31.48 29.22
N VAL G 177 -41.42 30.40 29.89
CA VAL G 177 -41.99 29.08 29.54
C VAL G 177 -42.54 28.52 30.85
N ASP G 178 -43.85 28.36 30.85
CA ASP G 178 -44.61 27.87 32.02
C ASP G 178 -44.24 28.77 33.21
N GLY G 179 -44.33 30.07 32.93
CA GLY G 179 -44.00 31.10 33.91
C GLY G 179 -42.60 30.94 34.46
N LYS G 180 -41.76 30.27 33.69
CA LYS G 180 -40.34 30.09 34.08
C LYS G 180 -39.56 31.01 33.09
N THR G 181 -38.52 31.59 33.62
CA THR G 181 -37.69 32.51 32.80
C THR G 181 -36.92 31.67 31.76
N ALA G 182 -37.10 32.00 30.52
CA ALA G 182 -36.45 31.29 29.40
C ALA G 182 -35.85 32.34 28.45
N TYR G 183 -34.89 31.89 27.68
CA TYR G 183 -34.18 32.68 26.66
C TYR G 183 -34.08 31.78 25.41
N ARG G 184 -34.46 32.36 24.31
CA ARG G 184 -34.41 31.62 23.04
C ARG G 184 -33.11 32.03 22.34
N PHE G 185 -32.42 31.06 21.82
CA PHE G 185 -31.11 31.28 21.14
C PHE G 185 -31.07 30.38 19.91
N ASP G 186 -31.43 30.96 18.82
CA ASP G 186 -31.42 30.28 17.52
C ASP G 186 -30.03 30.48 16.89
N ILE G 187 -29.61 29.41 16.22
CA ILE G 187 -28.33 29.34 15.53
C ILE G 187 -28.60 29.22 14.04
N ARG G 188 -28.01 30.15 13.34
CA ARG G 188 -28.09 30.19 11.84
C ARG G 188 -26.64 29.96 11.37
N ILE G 189 -26.41 28.72 10.95
CA ILE G 189 -25.09 28.27 10.49
C ILE G 189 -24.61 29.01 9.25
N GLN G 190 -25.58 29.28 8.38
CA GLN G 190 -25.23 29.95 7.10
C GLN G 190 -26.30 30.91 6.63
N GLY G 191 -25.94 31.93 5.90
CA GLY G 191 -26.77 32.92 5.30
C GLY G 191 -27.16 34.13 6.11
N GLU G 192 -28.31 34.68 5.75
CA GLU G 192 -28.92 35.87 6.37
C GLU G 192 -29.06 35.67 7.88
N GLY G 193 -28.36 36.51 8.64
CA GLY G 193 -28.38 36.45 10.09
C GLY G 193 -27.47 35.37 10.65
N GLU G 194 -26.53 34.96 9.80
CA GLU G 194 -25.56 33.92 10.15
C GLU G 194 -24.91 34.22 11.49
N THR G 195 -24.93 33.25 12.39
CA THR G 195 -24.36 33.45 13.74
C THR G 195 -22.85 33.61 13.65
N VAL G 196 -22.30 34.37 14.58
CA VAL G 196 -20.86 34.58 14.66
C VAL G 196 -20.28 33.30 15.33
N PHE G 197 -19.20 32.83 14.72
CA PHE G 197 -18.48 31.64 15.22
C PHE G 197 -17.05 32.14 15.45
N PHE G 198 -16.44 31.60 16.45
CA PHE G 198 -15.11 31.96 16.89
C PHE G 198 -14.07 30.87 16.60
N ASP G 199 -12.84 31.44 16.68
CA ASP G 199 -11.61 30.66 16.55
C ASP G 199 -10.81 31.12 17.79
N PHE G 200 -10.23 30.19 18.47
CA PHE G 200 -9.43 30.40 19.65
C PHE G 200 -8.51 29.22 19.91
N PRO H 1 -12.68 25.89 42.01
CA PRO H 1 -12.98 26.20 40.61
C PRO H 1 -11.73 26.11 39.73
N ALA H 2 -11.96 26.05 38.44
CA ALA H 2 -10.86 25.97 37.45
C ALA H 2 -10.19 27.32 37.35
N GLN H 3 -8.93 27.32 36.93
CA GLN H 3 -8.19 28.59 36.78
C GLN H 3 -7.48 28.65 35.42
N ASP H 4 -7.30 29.89 34.99
CA ASP H 4 -6.64 30.23 33.72
C ASP H 4 -5.12 30.23 33.90
N ASN H 5 -4.48 29.10 33.64
CA ASN H 5 -3.03 29.04 33.78
C ASN H 5 -2.34 28.47 32.55
N SER H 6 -3.07 28.20 31.49
CA SER H 6 -2.54 27.62 30.27
C SER H 6 -3.05 28.34 29.01
N ARG H 7 -2.20 28.20 28.01
CA ARG H 7 -2.46 28.69 26.63
C ARG H 7 -2.41 27.40 25.79
N PHE H 8 -3.15 27.32 24.75
CA PHE H 8 -3.16 26.16 23.84
C PHE H 8 -2.69 26.65 22.47
N VAL H 9 -1.78 25.90 21.88
CA VAL H 9 -1.23 26.26 20.55
C VAL H 9 -2.44 26.47 19.64
N ILE H 10 -2.43 27.52 18.85
CA ILE H 10 -3.50 27.79 17.90
C ILE H 10 -3.67 26.59 16.97
N ARG H 11 -4.92 26.39 16.52
CA ARG H 11 -5.31 25.35 15.63
C ARG H 11 -4.86 25.64 14.20
N ASP H 12 -4.35 24.62 13.54
CA ASP H 12 -3.96 24.83 12.12
C ASP H 12 -5.17 24.36 11.29
N ARG H 13 -5.92 25.31 10.81
CA ARG H 13 -7.13 25.10 10.02
C ARG H 13 -6.93 24.71 8.58
N ASN H 14 -5.68 24.52 8.18
CA ASN H 14 -5.30 24.04 6.87
C ASN H 14 -5.02 22.55 7.06
N TRP H 15 -4.73 22.14 8.27
CA TRP H 15 -4.48 20.74 8.64
C TRP H 15 -5.81 19.96 8.77
N HIS H 16 -6.74 20.56 9.56
CA HIS H 16 -8.09 20.08 9.74
C HIS H 16 -8.84 20.35 8.43
N PRO H 17 -9.89 19.59 8.20
CA PRO H 17 -10.74 19.80 7.00
C PRO H 17 -11.35 21.22 7.07
N LYS H 18 -11.65 21.75 5.93
CA LYS H 18 -12.27 23.10 5.80
C LYS H 18 -13.78 22.90 5.99
N ALA H 19 -14.52 23.96 6.18
CA ALA H 19 -15.96 23.90 6.42
C ALA H 19 -16.70 23.41 5.18
N LEU H 20 -16.38 24.06 4.05
CA LEU H 20 -17.00 23.77 2.77
C LEU H 20 -16.10 22.88 1.92
N THR H 21 -16.53 21.67 1.81
CA THR H 21 -15.93 20.58 1.06
C THR H 21 -17.09 19.92 0.32
N PRO H 22 -17.45 20.52 -0.81
CA PRO H 22 -18.57 20.12 -1.61
C PRO H 22 -18.79 18.73 -2.04
N ASP H 23 -17.80 17.86 -2.13
CA ASP H 23 -18.03 16.46 -2.51
C ASP H 23 -18.83 15.81 -1.38
N TYR H 24 -18.64 16.37 -0.23
CA TYR H 24 -19.37 15.92 1.00
C TYR H 24 -20.58 16.92 1.07
N LYS H 25 -21.57 16.58 0.34
CA LYS H 25 -22.78 17.25 0.06
C LYS H 25 -23.46 17.96 1.21
N THR H 26 -23.54 17.33 2.37
CA THR H 26 -24.16 17.96 3.54
C THR H 26 -23.42 19.20 4.05
N SER H 27 -22.13 19.29 3.73
CA SER H 27 -21.32 20.44 4.19
C SER H 27 -21.66 21.72 3.43
N ILE H 28 -22.37 21.59 2.32
CA ILE H 28 -22.73 22.71 1.46
C ILE H 28 -23.52 23.76 2.21
N ALA H 29 -24.63 23.34 2.78
CA ALA H 29 -25.58 24.14 3.54
C ALA H 29 -25.30 24.24 5.01
N ARG H 30 -24.31 23.48 5.48
CA ARG H 30 -23.98 23.48 6.91
C ARG H 30 -22.63 24.09 7.19
N SER H 31 -22.24 25.00 6.32
CA SER H 31 -20.89 25.62 6.56
C SER H 31 -21.08 27.11 6.55
N PRO H 32 -20.50 27.79 7.51
CA PRO H 32 -20.60 29.25 7.61
C PRO H 32 -19.97 29.96 6.41
N ARG H 33 -20.59 30.97 5.91
CA ARG H 33 -20.10 31.78 4.81
C ARG H 33 -19.23 32.93 5.30
N GLN H 34 -19.36 33.36 6.51
CA GLN H 34 -18.54 34.46 7.05
C GLN H 34 -17.27 33.88 7.67
N ALA H 35 -16.27 34.71 7.90
CA ALA H 35 -15.03 34.24 8.50
C ALA H 35 -15.23 34.07 10.00
N LEU H 36 -14.55 33.05 10.55
CA LEU H 36 -14.57 32.83 12.00
C LEU H 36 -13.96 34.13 12.59
N VAL H 37 -14.38 34.46 13.78
CA VAL H 37 -13.79 35.66 14.44
C VAL H 37 -12.78 35.19 15.48
N SER H 38 -11.52 35.44 15.32
CA SER H 38 -10.53 35.01 16.32
C SER H 38 -10.64 35.87 17.58
N ILE H 39 -10.49 35.25 18.71
CA ILE H 39 -10.53 35.89 20.01
C ILE H 39 -9.40 35.27 20.86
N PRO H 40 -8.82 36.11 21.71
CA PRO H 40 -7.76 35.66 22.63
C PRO H 40 -8.37 34.66 23.60
N GLN H 41 -7.51 33.85 24.18
CA GLN H 41 -7.92 32.82 25.15
C GLN H 41 -8.07 33.44 26.54
N SER H 42 -9.13 33.09 27.21
CA SER H 42 -9.50 33.45 28.56
C SER H 42 -9.87 32.15 29.30
N ILE H 43 -10.23 32.37 30.56
CA ILE H 43 -10.59 31.20 31.40
C ILE H 43 -11.74 30.42 30.79
N SER H 44 -12.58 31.04 30.03
CA SER H 44 -13.74 30.44 29.37
C SER H 44 -13.33 29.34 28.36
N GLU H 45 -12.22 29.59 27.71
CA GLU H 45 -11.64 28.77 26.66
C GLU H 45 -10.57 27.81 27.09
N THR H 46 -9.76 28.16 28.06
CA THR H 46 -8.65 27.37 28.55
C THR H 46 -8.98 26.42 29.68
N THR H 47 -10.25 26.31 30.03
CA THR H 47 -10.72 25.42 31.08
C THR H 47 -11.78 24.50 30.46
N GLY H 48 -12.08 23.43 31.18
CA GLY H 48 -13.08 22.45 30.73
C GLY H 48 -13.31 21.46 31.88
N PRO H 49 -14.23 20.55 31.63
CA PRO H 49 -14.61 19.55 32.61
C PRO H 49 -13.57 18.48 32.84
N ASN H 50 -13.50 18.02 34.04
CA ASN H 50 -12.67 16.93 34.52
C ASN H 50 -13.67 15.79 34.82
N PHE H 51 -13.52 14.69 34.15
CA PHE H 51 -14.42 13.54 34.31
C PHE H 51 -13.92 12.48 35.26
N SER H 52 -12.94 12.78 36.08
CA SER H 52 -12.41 11.88 37.06
C SER H 52 -13.43 11.25 37.99
N HIS H 53 -14.48 11.97 38.34
CA HIS H 53 -15.49 11.46 39.25
C HIS H 53 -16.75 10.97 38.59
N LEU H 54 -16.73 10.84 37.28
CA LEU H 54 -17.97 10.29 36.63
C LEU H 54 -17.94 8.80 37.04
N GLY H 55 -19.07 8.23 37.32
CA GLY H 55 -19.12 6.79 37.74
C GLY H 55 -19.25 5.93 36.49
N PHE H 56 -18.15 5.33 36.08
CA PHE H 56 -18.08 4.47 34.91
C PHE H 56 -18.43 3.03 35.28
N GLY H 57 -19.19 2.38 34.42
CA GLY H 57 -19.55 0.97 34.59
C GLY H 57 -18.31 0.11 34.33
N ALA H 58 -18.36 -1.10 34.80
CA ALA H 58 -17.35 -2.14 34.72
C ALA H 58 -16.96 -2.53 33.30
N HIS H 59 -17.88 -2.35 32.38
CA HIS H 59 -17.69 -2.67 30.98
C HIS H 59 -18.00 -1.49 30.09
N ASP H 60 -17.77 -0.28 30.56
CA ASP H 60 -18.06 0.91 29.73
C ASP H 60 -17.19 0.91 28.45
N HIS H 61 -16.04 0.30 28.56
CA HIS H 61 -15.08 0.22 27.46
C HIS H 61 -15.05 -1.13 26.79
N ASP H 62 -15.96 -2.01 27.18
CA ASP H 62 -15.91 -3.39 26.56
C ASP H 62 -17.15 -3.64 25.76
N LEU H 63 -17.13 -3.34 24.46
CA LEU H 63 -18.24 -3.47 23.56
C LEU H 63 -18.64 -4.90 23.29
N LEU H 64 -17.88 -5.84 23.81
CA LEU H 64 -18.15 -7.27 23.68
C LEU H 64 -19.17 -7.66 24.78
N LEU H 65 -19.12 -6.99 25.91
CA LEU H 65 -19.94 -7.21 27.05
C LEU H 65 -20.96 -6.19 27.46
N ASN H 66 -20.84 -4.93 27.11
CA ASN H 66 -21.73 -3.86 27.50
C ASN H 66 -23.09 -3.79 26.89
N PHE H 67 -23.52 -4.72 26.09
CA PHE H 67 -24.87 -4.65 25.50
C PHE H 67 -25.52 -6.05 25.77
N GLY H 71 -25.16 -13.49 25.01
CA GLY H 71 -24.38 -13.75 23.79
C GLY H 71 -23.29 -12.74 23.53
N LEU H 72 -22.44 -13.20 22.61
CA LEU H 72 -21.26 -12.51 22.10
C LEU H 72 -21.61 -11.98 20.71
N PRO H 73 -21.17 -10.77 20.47
CA PRO H 73 -21.36 -10.12 19.17
C PRO H 73 -20.61 -10.95 18.10
N ILE H 74 -21.11 -10.82 16.89
CA ILE H 74 -20.56 -11.45 15.69
C ILE H 74 -19.67 -10.41 14.98
N GLY H 75 -18.49 -10.83 14.66
CA GLY H 75 -17.50 -9.98 13.96
C GLY H 75 -16.09 -10.24 14.48
N GLU H 76 -15.15 -9.51 13.91
CA GLU H 76 -13.73 -9.66 14.25
C GLU H 76 -13.49 -8.93 15.58
N ARG H 77 -13.02 -9.72 16.48
CA ARG H 77 -12.73 -9.27 17.85
C ARG H 77 -11.40 -8.52 17.78
N ILE H 78 -11.40 -7.32 18.28
CA ILE H 78 -10.24 -6.45 18.33
C ILE H 78 -10.24 -5.58 19.57
N ILE H 79 -9.07 -5.19 19.94
CA ILE H 79 -8.76 -4.21 20.99
C ILE H 79 -8.34 -2.94 20.22
N VAL H 80 -8.82 -1.81 20.62
CA VAL H 80 -8.37 -0.51 20.00
C VAL H 80 -7.75 0.20 21.22
N ALA H 81 -6.46 0.41 21.18
CA ALA H 81 -5.72 1.02 22.28
C ALA H 81 -4.81 2.11 21.68
N GLY H 82 -4.30 2.94 22.58
CA GLY H 82 -3.40 4.00 22.09
C GLY H 82 -3.17 4.98 23.23
N ARG H 83 -2.52 6.07 22.88
CA ARG H 83 -2.24 7.07 23.94
C ARG H 83 -2.74 8.41 23.45
N VAL H 84 -3.13 9.24 24.40
CA VAL H 84 -3.56 10.61 24.11
C VAL H 84 -2.40 11.50 24.63
N VAL H 85 -1.81 12.27 23.75
CA VAL H 85 -0.69 13.16 24.09
C VAL H 85 -1.04 14.52 23.49
N ASP H 86 -0.38 15.55 23.95
CA ASP H 86 -0.56 16.91 23.36
C ASP H 86 0.56 17.07 22.32
N GLN H 87 0.57 18.21 21.67
CA GLN H 87 1.55 18.54 20.60
C GLN H 87 2.99 18.53 21.06
N TYR H 88 3.22 18.71 22.36
CA TYR H 88 4.52 18.68 22.95
C TYR H 88 4.88 17.23 23.27
N GLY H 89 4.00 16.31 23.04
CA GLY H 89 4.23 14.88 23.29
C GLY H 89 4.02 14.49 24.74
N LYS H 90 3.35 15.38 25.44
CA LYS H 90 3.02 15.18 26.90
C LYS H 90 1.73 14.41 26.98
N PRO H 91 1.69 13.39 27.80
CA PRO H 91 0.48 12.54 27.98
C PRO H 91 -0.63 13.38 28.63
N VAL H 92 -1.83 13.00 28.29
CA VAL H 92 -3.07 13.65 28.81
C VAL H 92 -3.79 12.59 29.66
N PRO H 93 -3.51 12.65 30.93
CA PRO H 93 -4.09 11.67 31.89
C PRO H 93 -5.46 12.14 32.34
N ASN H 94 -6.27 11.18 32.70
CA ASN H 94 -7.63 11.31 33.18
C ASN H 94 -8.53 12.13 32.28
N THR H 95 -8.48 11.84 31.00
CA THR H 95 -9.30 12.50 29.99
C THR H 95 -10.33 11.52 29.50
N LEU H 96 -11.47 12.06 29.04
CA LEU H 96 -12.59 11.26 28.58
C LEU H 96 -12.52 10.93 27.10
N VAL H 97 -12.56 9.64 26.85
CA VAL H 97 -12.52 9.13 25.48
C VAL H 97 -13.82 8.35 25.28
N GLU H 98 -14.58 8.75 24.31
CA GLU H 98 -15.85 8.11 23.96
C GLU H 98 -15.79 7.69 22.52
N MET H 99 -16.50 6.65 22.19
CA MET H 99 -16.53 6.08 20.83
C MET H 99 -17.84 5.43 20.55
N TRP H 100 -18.23 5.39 19.30
CA TRP H 100 -19.48 4.76 18.81
C TRP H 100 -19.13 4.22 17.42
N GLN H 101 -19.87 3.25 16.92
CA GLN H 101 -19.62 2.68 15.60
C GLN H 101 -20.79 1.76 15.21
N ALA H 102 -20.70 1.29 13.98
CA ALA H 102 -21.66 0.31 13.45
C ALA H 102 -21.21 -1.08 13.87
N ASN H 103 -22.03 -2.06 13.49
CA ASN H 103 -21.74 -3.48 13.81
C ASN H 103 -20.85 -4.04 12.68
N ALA H 104 -20.65 -5.33 12.71
CA ALA H 104 -19.83 -6.03 11.71
C ALA H 104 -20.38 -5.87 10.32
N GLY H 105 -21.66 -5.61 10.18
CA GLY H 105 -22.32 -5.44 8.91
C GLY H 105 -22.45 -4.04 8.40
N GLY H 106 -22.11 -3.05 9.21
CA GLY H 106 -22.27 -1.65 8.75
C GLY H 106 -23.62 -1.10 9.25
N ARG H 107 -24.24 -1.77 10.19
CA ARG H 107 -25.54 -1.31 10.76
C ARG H 107 -25.36 -0.57 12.06
N TYR H 108 -25.94 0.62 12.17
CA TYR H 108 -25.83 1.36 13.48
C TYR H 108 -27.15 1.09 14.27
N ARG H 109 -27.01 1.14 15.57
CA ARG H 109 -28.19 0.93 16.48
C ARG H 109 -28.72 2.35 16.80
N HIS H 110 -29.39 2.85 15.76
CA HIS H 110 -29.97 4.20 15.80
C HIS H 110 -31.19 4.21 14.90
N LYS H 111 -32.23 4.81 15.43
CA LYS H 111 -33.56 4.91 14.84
C LYS H 111 -33.55 5.24 13.35
N ASN H 112 -32.68 6.17 13.02
CA ASN H 112 -32.57 6.64 11.64
C ASN H 112 -31.80 5.77 10.68
N ASP H 113 -31.19 4.68 11.13
CA ASP H 113 -30.43 3.84 10.20
C ASP H 113 -31.33 2.81 9.57
N ARG H 114 -31.58 2.98 8.28
CA ARG H 114 -32.43 1.99 7.59
C ARG H 114 -31.64 1.03 6.73
N TYR H 115 -30.31 1.05 6.79
CA TYR H 115 -29.55 0.10 5.91
C TYR H 115 -30.11 -1.29 6.20
N LEU H 116 -30.23 -2.08 5.18
CA LEU H 116 -30.74 -3.42 5.17
C LEU H 116 -29.88 -4.43 5.87
N ALA H 117 -28.64 -4.10 6.25
CA ALA H 117 -27.83 -5.13 6.99
C ALA H 117 -28.49 -5.13 8.41
N PRO H 118 -28.63 -6.33 8.95
CA PRO H 118 -29.25 -6.55 10.25
C PRO H 118 -28.49 -6.03 11.45
N LEU H 119 -29.26 -5.80 12.54
CA LEU H 119 -28.69 -5.40 13.81
C LEU H 119 -28.16 -6.67 14.48
N ASP H 120 -27.30 -6.52 15.46
CA ASP H 120 -26.76 -7.71 16.16
C ASP H 120 -27.36 -7.60 17.58
N PRO H 121 -28.09 -8.62 17.97
CA PRO H 121 -28.76 -8.64 19.28
C PRO H 121 -27.81 -8.49 20.43
N ASN H 122 -26.51 -8.75 20.21
CA ASN H 122 -25.54 -8.62 21.33
C ASN H 122 -24.60 -7.43 21.23
N PHE H 123 -24.95 -6.51 20.37
CA PHE H 123 -24.05 -5.35 20.13
C PHE H 123 -24.79 -4.05 20.07
N GLY H 124 -24.31 -3.10 20.89
CA GLY H 124 -24.88 -1.75 20.94
C GLY H 124 -24.01 -0.76 20.14
N GLY H 125 -22.72 -0.73 20.40
CA GLY H 125 -21.75 0.09 19.73
C GLY H 125 -21.30 1.36 20.39
N VAL H 126 -21.28 1.47 21.70
CA VAL H 126 -20.86 2.68 22.41
C VAL H 126 -19.88 2.33 23.50
N GLY H 127 -18.87 3.18 23.70
CA GLY H 127 -17.89 2.89 24.78
C GLY H 127 -17.34 4.21 25.31
N ARG H 128 -16.71 4.14 26.46
CA ARG H 128 -16.11 5.31 27.10
C ARG H 128 -15.02 4.74 28.01
N CYS H 129 -14.02 5.56 28.14
CA CYS H 129 -12.83 5.18 28.93
C CYS H 129 -12.11 6.44 29.34
N LEU H 130 -11.67 6.43 30.59
CA LEU H 130 -10.89 7.59 31.09
C LEU H 130 -9.43 7.15 30.90
N THR H 131 -8.61 8.02 30.35
CA THR H 131 -7.20 7.63 30.12
C THR H 131 -6.54 7.54 31.49
N ASP H 132 -5.48 6.74 31.52
CA ASP H 132 -4.71 6.52 32.76
C ASP H 132 -3.69 7.62 32.94
N SER H 133 -2.85 7.33 33.94
CA SER H 133 -1.78 8.25 34.34
C SER H 133 -0.83 8.56 33.20
N ASP H 134 -0.72 7.70 32.24
CA ASP H 134 0.20 7.87 31.12
C ASP H 134 -0.48 8.27 29.83
N GLY H 135 -1.75 8.54 29.91
CA GLY H 135 -2.56 8.90 28.74
C GLY H 135 -3.07 7.71 27.94
N TYR H 136 -2.94 6.49 28.47
CA TYR H 136 -3.39 5.29 27.82
C TYR H 136 -4.86 5.03 27.91
N TYR H 137 -5.44 4.48 26.86
CA TYR H 137 -6.88 4.13 26.84
C TYR H 137 -6.98 2.83 26.05
N SER H 138 -8.09 2.12 26.18
CA SER H 138 -8.27 0.90 25.38
C SER H 138 -9.73 0.50 25.44
N PHE H 139 -10.18 -0.07 24.35
CA PHE H 139 -11.52 -0.58 24.16
C PHE H 139 -11.44 -2.00 23.60
N ARG H 140 -12.52 -2.71 23.83
CA ARG H 140 -12.61 -4.08 23.27
C ARG H 140 -13.89 -4.04 22.43
N THR H 141 -13.74 -4.38 21.18
CA THR H 141 -14.95 -4.30 20.30
C THR H 141 -14.76 -5.25 19.15
N ILE H 142 -15.61 -5.11 18.17
CA ILE H 142 -15.53 -5.87 16.92
C ILE H 142 -15.33 -4.80 15.82
N LYS H 143 -14.64 -5.23 14.77
CA LYS H 143 -14.39 -4.34 13.64
C LYS H 143 -15.71 -4.06 12.94
N PRO H 144 -15.97 -2.78 12.68
CA PRO H 144 -17.19 -2.36 11.99
C PRO H 144 -17.09 -2.61 10.51
N GLY H 145 -18.21 -2.58 9.83
CA GLY H 145 -18.21 -2.76 8.37
C GLY H 145 -18.50 -1.44 7.68
N PRO H 146 -18.00 -1.37 6.43
CA PRO H 146 -18.22 -0.16 5.59
C PRO H 146 -19.75 0.04 5.58
N TYR H 147 -20.12 1.25 5.26
CA TYR H 147 -21.57 1.63 5.25
C TYR H 147 -21.83 2.52 4.04
N PRO H 148 -22.84 2.19 3.26
CA PRO H 148 -23.25 2.97 2.08
C PRO H 148 -24.09 4.12 2.56
N TRP H 149 -24.04 5.25 1.91
CA TRP H 149 -24.81 6.44 2.37
C TRP H 149 -25.17 7.29 1.18
N ARG H 150 -26.23 8.07 1.33
CA ARG H 150 -26.71 8.92 0.25
C ARG H 150 -25.90 10.18 0.09
N ASN H 151 -24.82 10.12 -0.65
CA ASN H 151 -23.91 11.20 -1.01
C ASN H 151 -23.89 11.11 -2.56
N GLY H 152 -22.90 10.45 -3.08
CA GLY H 152 -22.90 10.24 -4.58
C GLY H 152 -23.73 8.94 -4.69
N PRO H 153 -24.08 8.55 -5.90
CA PRO H 153 -24.89 7.35 -6.13
C PRO H 153 -24.26 6.07 -5.68
N ASN H 154 -22.95 6.03 -5.35
CA ASN H 154 -22.33 4.78 -4.92
C ASN H 154 -21.22 5.08 -3.94
N ASP H 155 -21.52 5.78 -2.89
CA ASP H 155 -20.60 6.17 -1.84
C ASP H 155 -20.67 5.17 -0.70
N TRP H 156 -19.48 4.82 -0.22
CA TRP H 156 -19.36 3.87 0.88
C TRP H 156 -18.35 4.38 1.89
N ARG H 157 -18.78 4.49 3.14
CA ARG H 157 -17.81 4.95 4.16
C ARG H 157 -16.91 3.71 4.41
N PRO H 158 -15.63 3.99 4.63
CA PRO H 158 -14.70 2.89 5.00
C PRO H 158 -15.08 2.48 6.45
N ALA H 159 -14.67 1.27 6.85
CA ALA H 159 -14.92 0.84 8.24
C ALA H 159 -14.29 1.99 9.09
N HIS H 160 -14.99 2.47 10.09
CA HIS H 160 -14.49 3.49 10.99
C HIS H 160 -15.16 3.52 12.36
N ILE H 161 -14.43 4.05 13.34
CA ILE H 161 -14.97 4.23 14.69
C ILE H 161 -15.03 5.73 14.98
N HIS H 162 -16.15 6.20 15.53
CA HIS H 162 -16.24 7.65 15.89
C HIS H 162 -15.57 7.83 17.23
N PHE H 163 -14.85 8.91 17.44
CA PHE H 163 -14.15 9.21 18.68
C PHE H 163 -14.42 10.66 19.12
N GLY H 164 -14.57 10.83 20.41
CA GLY H 164 -14.73 12.12 21.06
C GLY H 164 -13.66 12.14 22.16
N ILE H 165 -12.95 13.24 22.30
CA ILE H 165 -11.88 13.32 23.29
C ILE H 165 -11.98 14.67 23.97
N SER H 166 -11.96 14.63 25.31
CA SER H 166 -12.12 15.87 26.05
C SER H 166 -10.87 16.72 26.11
N GLY H 167 -9.78 16.21 26.67
CA GLY H 167 -8.57 17.03 26.80
C GLY H 167 -8.85 17.93 28.07
N PRO H 168 -7.83 18.68 28.42
CA PRO H 168 -7.87 19.57 29.55
C PRO H 168 -8.79 20.79 29.45
N SER H 169 -9.31 21.16 28.30
CA SER H 169 -10.17 22.31 28.17
C SER H 169 -11.10 22.16 26.96
N ILE H 170 -12.01 23.12 26.80
CA ILE H 170 -12.94 23.14 25.68
C ILE H 170 -12.23 23.44 24.36
N ALA H 171 -11.06 24.04 24.44
CA ALA H 171 -10.19 24.39 23.32
C ALA H 171 -9.51 23.14 22.73
N THR H 172 -9.30 22.10 23.52
CA THR H 172 -8.69 20.84 23.05
C THR H 172 -9.67 19.78 22.65
N LYS H 173 -10.93 20.00 22.95
CA LYS H 173 -12.01 19.02 22.70
C LYS H 173 -12.09 18.76 21.20
N LEU H 174 -12.15 17.45 20.86
CA LEU H 174 -12.17 17.04 19.47
C LEU H 174 -13.03 15.83 19.21
N ILE H 175 -13.65 15.81 18.04
CA ILE H 175 -14.41 14.70 17.52
C ILE H 175 -13.65 14.30 16.21
N THR H 176 -13.43 13.02 16.03
CA THR H 176 -12.71 12.48 14.90
C THR H 176 -13.20 11.06 14.59
N GLN H 177 -12.49 10.45 13.62
CA GLN H 177 -12.84 9.07 13.20
C GLN H 177 -11.60 8.27 13.00
N LEU H 178 -11.62 7.01 13.37
CA LEU H 178 -10.41 6.13 13.14
C LEU H 178 -10.77 5.30 11.91
N TYR H 179 -9.80 5.05 11.03
CA TYR H 179 -9.91 4.25 9.84
C TYR H 179 -8.95 3.08 10.00
N PHE H 180 -9.14 1.98 9.29
CA PHE H 180 -8.27 0.80 9.55
C PHE H 180 -7.20 0.67 8.46
N GLU H 181 -6.00 0.43 8.87
CA GLU H 181 -4.86 0.29 7.91
C GLU H 181 -5.16 -0.60 6.74
N GLY H 182 -4.91 -0.13 5.54
CA GLY H 182 -5.07 -0.84 4.28
C GLY H 182 -6.39 -0.77 3.60
N ASP H 183 -7.45 -0.32 4.31
CA ASP H 183 -8.80 -0.22 3.72
C ASP H 183 -8.79 0.54 2.42
N PRO H 184 -9.17 -0.18 1.36
CA PRO H 184 -9.18 0.36 -0.01
C PRO H 184 -10.15 1.48 -0.20
N LEU H 185 -11.20 1.55 0.66
CA LEU H 185 -12.20 2.57 0.63
C LEU H 185 -11.72 3.91 1.09
N ILE H 186 -10.74 4.01 1.95
CA ILE H 186 -10.26 5.27 2.48
C ILE H 186 -10.08 6.38 1.48
N PRO H 187 -9.23 6.15 0.45
CA PRO H 187 -8.95 7.15 -0.57
C PRO H 187 -10.16 7.60 -1.34
N MET H 188 -11.22 6.83 -1.36
CA MET H 188 -12.42 7.17 -2.12
C MET H 188 -13.43 7.99 -1.35
N CYS H 189 -13.32 8.07 -0.05
CA CYS H 189 -14.27 8.77 0.80
C CYS H 189 -14.22 10.28 0.80
N PRO H 190 -15.35 10.90 0.43
CA PRO H 190 -15.51 12.34 0.38
C PRO H 190 -15.34 13.00 1.73
N ILE H 191 -15.69 12.32 2.82
CA ILE H 191 -15.51 12.80 4.16
C ILE H 191 -14.01 12.76 4.48
N VAL H 192 -13.38 11.62 4.22
CA VAL H 192 -11.95 11.48 4.44
C VAL H 192 -11.27 12.60 3.62
N LYS H 193 -11.65 12.73 2.38
CA LYS H 193 -11.09 13.75 1.46
C LYS H 193 -11.41 15.17 1.86
N SER H 194 -12.15 15.39 2.94
CA SER H 194 -12.45 16.77 3.42
C SER H 194 -11.09 17.31 3.89
N ILE H 195 -10.22 16.40 4.31
CA ILE H 195 -8.86 16.73 4.74
C ILE H 195 -7.99 16.86 3.48
N ALA H 196 -7.46 18.00 3.19
CA ALA H 196 -6.65 18.31 2.03
C ALA H 196 -5.25 17.71 2.00
N ASN H 197 -4.57 17.56 3.07
CA ASN H 197 -3.23 17.04 3.23
C ASN H 197 -3.21 15.54 3.50
N PRO H 198 -2.51 14.78 2.66
CA PRO H 198 -2.41 13.35 2.75
C PRO H 198 -1.75 12.86 4.00
N GLU H 199 -0.94 13.69 4.57
CA GLU H 199 -0.23 13.36 5.81
C GLU H 199 -1.23 13.40 6.98
N ALA H 200 -2.20 14.28 6.84
CA ALA H 200 -3.22 14.46 7.92
C ALA H 200 -4.04 13.19 7.93
N VAL H 201 -4.43 12.76 6.73
CA VAL H 201 -5.21 11.53 6.58
C VAL H 201 -4.57 10.33 7.27
N GLN H 202 -3.26 10.18 7.13
CA GLN H 202 -2.50 9.10 7.71
C GLN H 202 -2.67 9.04 9.22
N GLN H 203 -2.82 10.20 9.82
CA GLN H 203 -2.95 10.36 11.25
C GLN H 203 -4.22 9.72 11.80
N LEU H 204 -5.17 9.46 10.96
CA LEU H 204 -6.45 8.87 11.25
C LEU H 204 -6.49 7.35 11.04
N ILE H 205 -5.38 6.82 10.57
CA ILE H 205 -5.28 5.38 10.31
C ILE H 205 -4.65 4.60 11.42
N ALA H 206 -5.45 3.66 11.93
CA ALA H 206 -5.02 2.81 13.07
C ALA H 206 -4.15 1.74 12.46
N LYS H 207 -3.09 1.41 13.16
CA LYS H 207 -2.15 0.39 12.66
C LYS H 207 -2.41 -0.93 13.38
N LEU H 208 -2.35 -1.97 12.58
CA LEU H 208 -2.51 -3.32 13.17
C LEU H 208 -1.37 -3.45 14.19
N ASP H 209 -1.73 -3.92 15.36
CA ASP H 209 -0.70 -4.06 16.43
C ASP H 209 -0.66 -5.47 16.98
N MET H 210 0.08 -6.35 16.39
CA MET H 210 0.16 -7.75 16.80
C MET H 210 0.77 -7.89 18.17
N ASN H 211 1.45 -6.85 18.62
CA ASN H 211 2.13 -6.91 19.94
C ASN H 211 1.10 -6.86 21.08
N ASN H 212 -0.01 -6.27 20.86
CA ASN H 212 -1.10 -6.09 21.80
C ASN H 212 -2.24 -7.08 21.68
N ALA H 213 -2.24 -7.89 20.63
CA ALA H 213 -3.22 -8.89 20.35
C ALA H 213 -3.11 -10.03 21.38
N ASN H 214 -4.21 -10.71 21.53
CA ASN H 214 -4.31 -11.84 22.46
C ASN H 214 -4.35 -13.08 21.57
N PRO H 215 -3.25 -13.81 21.51
CA PRO H 215 -3.14 -15.04 20.69
C PRO H 215 -4.42 -15.86 20.77
N MET H 216 -4.91 -16.38 19.69
CA MET H 216 -6.12 -17.19 19.63
C MET H 216 -7.32 -16.46 20.24
N ASP H 217 -7.35 -15.15 20.28
CA ASP H 217 -8.50 -14.45 20.90
C ASP H 217 -8.96 -13.28 20.06
N CYS H 218 -8.12 -12.25 20.06
CA CYS H 218 -8.41 -11.03 19.29
C CYS H 218 -7.16 -10.29 18.87
N LEU H 219 -7.30 -9.64 17.73
CA LEU H 219 -6.28 -8.77 17.11
C LEU H 219 -6.31 -7.44 17.85
N ALA H 220 -5.41 -6.53 17.49
CA ALA H 220 -5.27 -5.20 18.09
C ALA H 220 -4.85 -4.16 17.08
N TYR H 221 -5.38 -2.96 17.29
CA TYR H 221 -5.14 -1.76 16.51
C TYR H 221 -4.69 -0.69 17.50
N ARG H 222 -3.75 0.09 17.05
CA ARG H 222 -3.13 1.16 17.81
C ARG H 222 -3.59 2.49 17.22
N PHE H 223 -4.17 3.31 18.08
CA PHE H 223 -4.63 4.65 17.60
C PHE H 223 -4.23 5.74 18.60
N ASP H 224 -3.20 6.46 18.27
CA ASP H 224 -2.72 7.56 19.14
C ASP H 224 -3.42 8.85 18.74
N ILE H 225 -3.73 9.63 19.74
CA ILE H 225 -4.42 10.92 19.50
C ILE H 225 -3.57 12.04 20.03
N VAL H 226 -3.50 13.09 19.22
CA VAL H 226 -2.75 14.30 19.55
C VAL H 226 -3.73 15.45 19.75
N LEU H 227 -3.59 16.07 20.92
CA LEU H 227 -4.48 17.24 21.19
C LEU H 227 -3.59 18.47 21.14
N ARG H 228 -4.15 19.64 21.08
CA ARG H 228 -3.44 20.91 21.06
C ARG H 228 -2.43 21.04 22.20
N GLY H 229 -1.23 21.49 21.85
CA GLY H 229 -0.15 21.67 22.82
C GLY H 229 -0.62 22.69 23.85
N GLN H 230 -0.31 22.37 25.08
CA GLN H 230 -0.62 23.17 26.27
C GLN H 230 0.66 23.72 26.87
N ARG H 231 0.70 25.02 27.04
CA ARG H 231 1.88 25.65 27.67
C ARG H 231 1.37 26.61 28.77
N LYS H 232 2.31 26.96 29.60
CA LYS H 232 2.12 27.92 30.70
C LYS H 232 2.12 29.31 30.02
N THR H 233 1.44 30.24 30.64
CA THR H 233 1.42 31.61 30.02
C THR H 233 2.80 32.22 30.34
N HIS H 234 3.14 33.21 29.56
CA HIS H 234 4.46 33.88 29.81
C HIS H 234 4.40 35.31 29.33
N PHE H 235 5.03 36.17 30.10
CA PHE H 235 5.11 37.60 29.82
C PHE H 235 3.77 38.15 29.34
N GLU H 236 2.66 37.69 29.92
CA GLU H 236 1.36 38.17 29.47
C GLU H 236 0.95 39.53 30.00
N PRO I 1 -8.00 -1.06 -6.49
CA PRO I 1 -9.32 -1.48 -6.95
C PRO I 1 -9.27 -1.62 -8.47
N ILE I 2 -10.35 -2.15 -9.03
CA ILE I 2 -10.44 -2.28 -10.47
C ILE I 2 -10.82 -0.91 -11.04
N GLU I 3 -10.15 -0.47 -12.06
CA GLU I 3 -10.47 0.81 -12.74
C GLU I 3 -10.88 0.50 -14.18
N LEU I 4 -11.91 1.11 -14.70
CA LEU I 4 -12.33 0.83 -16.11
C LEU I 4 -11.70 1.92 -17.02
N LEU I 5 -11.99 1.94 -18.28
CA LEU I 5 -11.47 3.06 -19.11
C LEU I 5 -12.35 4.24 -18.58
N PRO I 6 -11.80 5.39 -18.58
CA PRO I 6 -12.51 6.61 -18.17
C PRO I 6 -13.47 7.06 -19.29
N GLU I 7 -14.65 7.47 -18.83
CA GLU I 7 -15.66 8.00 -19.75
C GLU I 7 -15.08 9.30 -20.34
N THR I 8 -15.49 9.58 -21.56
CA THR I 8 -15.05 10.86 -22.19
C THR I 8 -15.63 11.98 -21.38
N PRO I 9 -14.83 12.99 -21.07
CA PRO I 9 -15.29 14.18 -20.34
C PRO I 9 -16.25 15.03 -21.13
N SER I 10 -17.23 15.55 -20.41
CA SER I 10 -18.26 16.45 -20.94
C SER I 10 -17.63 17.84 -21.12
N GLN I 11 -18.20 18.59 -22.04
CA GLN I 11 -17.84 19.98 -22.32
C GLN I 11 -19.18 20.71 -22.57
N THR I 12 -19.26 21.96 -22.33
CA THR I 12 -20.47 22.76 -22.56
C THR I 12 -20.85 22.64 -24.03
N ALA I 13 -22.15 22.79 -24.30
CA ALA I 13 -22.70 22.70 -25.65
C ALA I 13 -22.40 23.98 -26.42
N GLY I 14 -22.08 25.02 -25.73
CA GLY I 14 -21.73 26.32 -26.28
C GLY I 14 -23.00 27.01 -26.76
N PRO I 15 -22.84 28.28 -27.16
CA PRO I 15 -23.94 29.09 -27.63
C PRO I 15 -24.57 28.76 -28.95
N TYR I 16 -23.88 28.05 -29.84
CA TYR I 16 -24.37 27.72 -31.16
C TYR I 16 -24.87 26.31 -31.26
N VAL I 17 -25.24 25.75 -30.10
CA VAL I 17 -25.73 24.37 -30.07
C VAL I 17 -26.80 24.13 -31.13
N HIS I 18 -27.52 25.20 -31.41
CA HIS I 18 -28.67 25.15 -32.34
C HIS I 18 -28.32 24.69 -33.73
N ILE I 19 -27.19 25.23 -34.20
CA ILE I 19 -26.72 24.83 -35.53
C ILE I 19 -26.67 23.34 -35.68
N GLY I 20 -26.24 22.58 -34.66
CA GLY I 20 -26.18 21.12 -34.78
C GLY I 20 -27.36 20.31 -34.31
N LEU I 21 -28.18 20.83 -33.39
CA LEU I 21 -29.28 20.08 -32.81
C LEU I 21 -30.65 20.75 -32.78
N ALA I 22 -30.73 21.96 -33.24
CA ALA I 22 -31.96 22.78 -33.27
C ALA I 22 -31.80 23.76 -34.43
N LEU I 23 -31.74 23.17 -35.63
CA LEU I 23 -31.52 23.81 -36.91
C LEU I 23 -32.38 25.03 -37.21
N GLU I 24 -33.67 24.78 -37.20
CA GLU I 24 -34.68 25.85 -37.41
C GLU I 24 -34.19 27.05 -36.58
N ALA I 25 -34.19 26.86 -35.28
CA ALA I 25 -33.76 27.85 -34.30
C ALA I 25 -32.53 28.61 -34.78
N ALA I 26 -31.53 27.84 -35.19
CA ALA I 26 -30.25 28.42 -35.66
C ALA I 26 -30.51 29.38 -36.81
N GLY I 27 -31.67 29.11 -37.41
CA GLY I 27 -32.17 29.88 -38.56
C GLY I 27 -31.46 29.36 -39.84
N ASN I 28 -31.30 28.03 -39.87
CA ASN I 28 -30.67 27.40 -41.04
C ASN I 28 -31.64 26.33 -41.55
N PRO I 29 -31.47 25.98 -42.82
CA PRO I 29 -32.29 24.95 -43.47
C PRO I 29 -32.21 23.68 -42.64
N THR I 30 -33.32 22.98 -42.58
CA THR I 30 -33.37 21.72 -41.80
C THR I 30 -33.30 20.60 -42.83
N ARG I 31 -33.14 19.41 -42.29
CA ARG I 31 -33.03 18.18 -43.12
C ARG I 31 -34.37 17.50 -43.17
N ASP I 32 -34.46 16.49 -44.02
CA ASP I 32 -35.70 15.73 -44.19
C ASP I 32 -36.31 15.38 -42.85
N GLN I 33 -35.56 14.60 -42.06
CA GLN I 33 -36.03 14.17 -40.74
C GLN I 33 -35.26 14.83 -39.61
N GLU I 34 -35.99 15.54 -38.75
CA GLU I 34 -35.41 16.24 -37.60
C GLU I 34 -36.09 15.73 -36.32
N ILE I 35 -35.40 15.86 -35.22
CA ILE I 35 -35.87 15.44 -33.88
C ILE I 35 -36.25 16.70 -33.14
N TRP I 36 -37.55 16.88 -32.97
CA TRP I 36 -38.03 18.13 -32.32
C TRP I 36 -39.02 17.95 -31.23
N ASN I 37 -39.78 18.99 -30.92
CA ASN I 37 -40.72 19.11 -29.82
C ASN I 37 -42.11 18.58 -29.92
N ARG I 38 -42.42 17.77 -30.89
CA ARG I 38 -43.77 17.21 -31.03
C ARG I 38 -43.72 15.71 -30.84
N LEU I 39 -43.87 15.19 -29.63
CA LEU I 39 -43.79 13.78 -29.33
C LEU I 39 -44.97 12.93 -29.75
N ALA I 40 -46.13 13.57 -29.79
CA ALA I 40 -47.38 12.86 -30.14
C ALA I 40 -48.04 13.48 -31.35
N LYS I 41 -48.57 12.56 -32.13
CA LYS I 41 -49.38 12.99 -33.33
C LYS I 41 -50.82 13.06 -32.77
N PRO I 42 -51.63 13.89 -33.40
CA PRO I 42 -53.00 14.13 -32.98
C PRO I 42 -53.72 12.88 -32.54
N ASP I 43 -53.50 11.82 -33.30
CA ASP I 43 -54.18 10.55 -33.05
C ASP I 43 -53.43 9.63 -32.14
N ALA I 44 -52.61 10.20 -31.27
CA ALA I 44 -51.86 9.38 -30.30
C ALA I 44 -52.76 9.35 -29.04
N PRO I 45 -52.87 8.15 -28.50
CA PRO I 45 -53.69 7.93 -27.31
C PRO I 45 -53.10 8.61 -26.07
N GLY I 46 -54.02 9.06 -25.21
CA GLY I 46 -53.62 9.69 -23.95
C GLY I 46 -54.10 11.13 -23.96
N GLU I 47 -53.98 11.72 -22.77
CA GLU I 47 -54.44 13.13 -22.66
C GLU I 47 -53.35 14.00 -23.27
N HIS I 48 -53.66 14.68 -24.35
CA HIS I 48 -52.78 15.59 -25.03
C HIS I 48 -52.52 16.85 -24.24
N ILE I 49 -51.25 17.17 -24.06
CA ILE I 49 -50.87 18.38 -23.31
C ILE I 49 -49.77 19.17 -23.99
N LEU I 50 -49.67 20.41 -23.57
CA LEU I 50 -48.72 21.40 -24.02
C LEU I 50 -47.82 21.70 -22.80
N LEU I 51 -46.51 21.61 -23.02
CA LEU I 51 -45.59 21.89 -21.86
C LEU I 51 -44.85 23.17 -22.27
N LEU I 52 -44.65 24.04 -21.33
CA LEU I 52 -43.92 25.28 -21.64
C LEU I 52 -43.24 25.76 -20.38
N GLY I 53 -42.17 26.51 -20.53
CA GLY I 53 -41.44 27.07 -19.40
C GLY I 53 -40.28 27.92 -19.86
N GLN I 54 -39.74 28.60 -18.85
CA GLN I 54 -38.57 29.45 -18.99
C GLN I 54 -37.47 28.87 -18.08
N VAL I 55 -36.25 29.22 -18.43
CA VAL I 55 -35.04 28.86 -17.70
C VAL I 55 -34.44 30.15 -17.13
N TYR I 56 -34.12 30.14 -15.86
CA TYR I 56 -33.53 31.26 -15.17
C TYR I 56 -32.13 30.97 -14.66
N ASP I 57 -31.28 31.97 -14.70
CA ASP I 57 -29.91 31.88 -14.22
C ASP I 57 -29.94 32.36 -12.77
N GLY I 58 -28.84 32.30 -12.11
CA GLY I 58 -28.60 32.66 -10.74
C GLY I 58 -28.94 34.09 -10.38
N ASN I 59 -28.95 34.98 -11.34
CA ASN I 59 -29.26 36.40 -11.10
C ASN I 59 -30.74 36.66 -11.42
N GLY I 60 -31.44 35.64 -11.86
CA GLY I 60 -32.83 35.72 -12.21
C GLY I 60 -33.14 36.11 -13.64
N HIS I 61 -32.12 36.09 -14.47
CA HIS I 61 -32.21 36.46 -15.90
C HIS I 61 -32.52 35.22 -16.71
N LEU I 62 -33.22 35.39 -17.80
CA LEU I 62 -33.59 34.26 -18.66
C LEU I 62 -32.33 33.77 -19.42
N VAL I 63 -32.37 32.47 -19.57
CA VAL I 63 -31.34 31.70 -20.28
C VAL I 63 -31.97 31.44 -21.67
N ARG I 64 -31.59 32.28 -22.60
CA ARG I 64 -32.16 32.19 -23.95
C ARG I 64 -31.47 31.29 -24.90
N ASP I 65 -30.49 30.54 -24.46
CA ASP I 65 -29.72 29.64 -25.34
C ASP I 65 -29.75 28.21 -24.83
N SER I 66 -30.78 27.88 -24.03
CA SER I 66 -30.86 26.52 -23.50
C SER I 66 -31.39 25.56 -24.56
N PHE I 67 -31.03 24.32 -24.34
CA PHE I 67 -31.38 23.20 -25.19
C PHE I 67 -31.81 22.08 -24.25
N LEU I 68 -32.95 21.47 -24.51
CA LEU I 68 -33.47 20.44 -23.61
C LEU I 68 -33.81 19.17 -24.37
N GLU I 69 -33.63 18.05 -23.67
CA GLU I 69 -33.98 16.74 -24.22
C GLU I 69 -34.96 16.10 -23.22
N VAL I 70 -35.99 15.43 -23.75
CA VAL I 70 -36.96 14.81 -22.79
C VAL I 70 -37.13 13.35 -23.09
N TRP I 71 -37.42 12.60 -22.07
CA TRP I 71 -37.65 11.13 -22.18
C TRP I 71 -38.84 10.88 -21.22
N GLN I 72 -39.89 10.33 -21.77
CA GLN I 72 -41.12 10.01 -21.00
C GLN I 72 -41.80 8.77 -21.59
N ALA I 73 -42.57 8.14 -20.73
CA ALA I 73 -43.37 6.96 -21.11
C ALA I 73 -44.61 7.51 -21.86
N ASP I 74 -45.24 6.59 -22.56
CA ASP I 74 -46.47 6.94 -23.30
C ASP I 74 -47.60 6.91 -22.24
N ALA I 75 -48.81 7.13 -22.74
CA ALA I 75 -50.02 7.16 -21.87
C ALA I 75 -50.18 5.81 -21.19
N ASN I 76 -49.62 4.76 -21.75
CA ASN I 76 -49.73 3.43 -21.14
C ASN I 76 -48.64 3.12 -20.15
N GLY I 77 -47.77 4.07 -19.90
CA GLY I 77 -46.66 3.89 -18.97
C GLY I 77 -45.59 3.03 -19.66
N GLU I 78 -45.48 3.14 -20.98
CA GLU I 78 -44.47 2.39 -21.72
C GLU I 78 -43.44 3.33 -22.36
N TYR I 79 -42.22 2.82 -22.40
CA TYR I 79 -41.11 3.64 -23.02
C TYR I 79 -40.97 3.15 -24.47
N GLN I 80 -41.29 4.05 -25.36
CA GLN I 80 -41.24 3.74 -26.81
C GLN I 80 -39.87 4.14 -27.35
N ASP I 81 -38.91 3.28 -27.27
CA ASP I 81 -37.54 3.54 -27.70
C ASP I 81 -37.25 3.61 -29.18
N ALA I 82 -37.94 2.83 -29.98
CA ALA I 82 -37.70 2.82 -31.45
C ALA I 82 -38.13 4.13 -32.03
N TYR I 83 -37.27 5.16 -32.02
CA TYR I 83 -37.65 6.47 -32.56
C TYR I 83 -38.13 6.34 -34.00
N ASN I 84 -39.08 7.18 -34.36
CA ASN I 84 -39.62 7.10 -35.75
C ASN I 84 -40.58 8.27 -35.96
N LEU I 85 -40.44 8.95 -37.08
CA LEU I 85 -41.26 10.11 -37.40
C LEU I 85 -42.70 9.72 -37.73
N GLU I 86 -42.86 8.46 -38.06
CA GLU I 86 -44.13 7.86 -38.44
C GLU I 86 -44.96 7.47 -37.21
N ASN I 87 -44.26 7.18 -36.12
CA ASN I 87 -44.88 6.80 -34.84
C ASN I 87 -45.95 7.84 -34.47
N ALA I 88 -46.98 7.35 -33.83
CA ALA I 88 -48.04 8.34 -33.40
C ALA I 88 -47.46 8.99 -32.12
N PHE I 89 -46.60 8.20 -31.50
CA PHE I 89 -45.92 8.64 -30.30
C PHE I 89 -44.46 8.16 -30.24
N ASN I 90 -43.60 9.10 -29.84
CA ASN I 90 -42.16 8.89 -29.61
C ASN I 90 -41.91 9.31 -28.15
N SER I 91 -41.17 8.48 -27.41
CA SER I 91 -40.86 8.79 -26.01
C SER I 91 -39.82 9.89 -25.86
N PHE I 92 -39.14 10.22 -26.95
CA PHE I 92 -38.07 11.21 -27.03
C PHE I 92 -38.38 12.44 -27.85
N GLY I 93 -37.82 13.56 -27.38
CA GLY I 93 -37.96 14.85 -28.02
C GLY I 93 -36.89 15.83 -27.58
N ARG I 94 -36.93 16.98 -28.27
CA ARG I 94 -35.96 18.04 -28.02
C ARG I 94 -36.64 19.38 -28.27
N THR I 95 -36.21 20.35 -27.49
CA THR I 95 -36.80 21.70 -27.66
C THR I 95 -35.73 22.68 -27.18
N ALA I 96 -35.98 23.95 -27.33
CA ALA I 96 -35.00 24.98 -26.95
C ALA I 96 -35.76 26.27 -26.60
N THR I 97 -35.10 27.21 -25.96
CA THR I 97 -35.70 28.51 -25.60
C THR I 97 -35.40 29.58 -26.63
N THR I 98 -36.46 30.37 -26.90
CA THR I 98 -36.39 31.46 -27.90
C THR I 98 -35.45 32.57 -27.48
N PHE I 99 -34.72 33.12 -28.44
CA PHE I 99 -33.77 34.20 -28.19
C PHE I 99 -34.52 35.48 -27.88
N ASP I 100 -35.82 35.45 -28.01
CA ASP I 100 -36.65 36.64 -27.65
C ASP I 100 -37.07 36.40 -26.18
N ALA I 101 -38.37 36.24 -26.03
CA ALA I 101 -38.97 35.97 -24.70
C ALA I 101 -38.17 34.82 -24.06
N GLY I 102 -37.91 33.82 -24.90
CA GLY I 102 -37.13 32.66 -24.41
C GLY I 102 -37.90 31.66 -23.57
N GLU I 103 -38.86 31.05 -24.23
CA GLU I 103 -39.71 30.01 -23.59
C GLU I 103 -39.64 28.80 -24.52
N TRP I 104 -39.69 27.61 -24.00
CA TRP I 104 -39.64 26.40 -24.84
C TRP I 104 -41.05 25.83 -24.74
N THR I 105 -41.39 25.01 -25.71
CA THR I 105 -42.69 24.36 -25.73
C THR I 105 -42.47 22.94 -26.25
N LEU I 106 -43.37 22.09 -25.85
CA LEU I 106 -43.30 20.67 -26.26
C LEU I 106 -44.74 20.20 -26.35
N HIS I 107 -44.99 19.40 -27.37
CA HIS I 107 -46.33 18.83 -27.61
C HIS I 107 -46.24 17.33 -27.38
N THR I 108 -46.94 16.87 -26.37
CA THR I 108 -46.93 15.47 -25.95
C THR I 108 -48.24 15.06 -25.32
N VAL I 109 -48.22 13.94 -24.65
CA VAL I 109 -49.31 13.32 -23.94
C VAL I 109 -48.82 13.03 -22.49
N LYS I 110 -49.71 13.19 -21.56
CA LYS I 110 -49.37 12.96 -20.13
C LYS I 110 -48.97 11.47 -20.02
N PRO I 111 -47.80 11.29 -19.38
CA PRO I 111 -47.21 9.98 -19.20
C PRO I 111 -47.91 9.12 -18.16
N GLY I 112 -47.95 7.85 -18.44
CA GLY I 112 -48.49 6.78 -17.63
C GLY I 112 -47.45 6.47 -16.55
N VAL I 113 -47.84 5.80 -15.52
CA VAL I 113 -47.04 5.38 -14.38
C VAL I 113 -46.08 4.27 -14.69
N VAL I 114 -44.88 4.32 -14.11
CA VAL I 114 -43.85 3.28 -14.28
C VAL I 114 -43.31 3.00 -12.86
N ASN I 115 -42.87 1.78 -12.65
CA ASN I 115 -42.34 1.30 -11.39
C ASN I 115 -40.81 1.46 -11.31
N ASN I 116 -40.33 1.79 -10.14
CA ASN I 116 -38.87 1.90 -9.95
C ASN I 116 -38.38 0.45 -9.98
N ALA I 117 -37.10 0.24 -9.80
CA ALA I 117 -36.46 -1.05 -9.80
C ALA I 117 -37.00 -1.98 -8.75
N ALA I 118 -37.37 -1.45 -7.60
CA ALA I 118 -37.91 -2.20 -6.47
C ALA I 118 -39.36 -2.59 -6.65
N GLY I 119 -40.00 -2.21 -7.75
CA GLY I 119 -41.38 -2.50 -8.06
C GLY I 119 -42.40 -1.52 -7.53
N VAL I 120 -41.97 -0.40 -7.01
CA VAL I 120 -42.82 0.67 -6.48
C VAL I 120 -43.10 1.65 -7.58
N PRO I 121 -44.34 2.07 -7.74
CA PRO I 121 -44.75 3.03 -8.76
C PRO I 121 -44.26 4.45 -8.50
N MET I 122 -43.85 5.07 -9.60
CA MET I 122 -43.36 6.47 -9.60
C MET I 122 -44.50 7.35 -10.14
N ALA I 123 -44.59 8.56 -9.68
CA ALA I 123 -45.65 9.49 -10.14
C ALA I 123 -45.30 9.79 -11.59
N PRO I 124 -46.32 9.99 -12.43
CA PRO I 124 -46.12 10.27 -13.86
C PRO I 124 -45.05 11.36 -13.92
N HIS I 125 -44.04 11.21 -14.77
CA HIS I 125 -43.00 12.27 -14.85
C HIS I 125 -42.30 12.22 -16.20
N ILE I 126 -41.71 13.36 -16.50
CA ILE I 126 -40.92 13.60 -17.69
C ILE I 126 -39.46 13.87 -17.23
N ASN I 127 -38.57 13.02 -17.74
CA ASN I 127 -37.10 13.16 -17.44
C ASN I 127 -36.61 14.25 -18.40
N ILE I 128 -35.85 15.19 -17.90
CA ILE I 128 -35.33 16.29 -18.77
C ILE I 128 -33.83 16.48 -18.52
N SER I 129 -33.14 16.74 -19.60
CA SER I 129 -31.67 17.03 -19.59
C SER I 129 -31.52 18.48 -20.09
N LEU I 130 -30.81 19.32 -19.39
CA LEU I 130 -30.67 20.73 -19.86
C LEU I 130 -29.22 20.99 -20.27
N PHE I 131 -29.07 21.67 -21.39
CA PHE I 131 -27.77 22.00 -21.98
C PHE I 131 -27.77 23.50 -22.32
N ALA I 132 -26.57 24.06 -22.18
CA ALA I 132 -26.45 25.49 -22.47
C ALA I 132 -25.01 25.92 -22.26
N ARG I 133 -24.76 27.12 -22.78
CA ARG I 133 -23.43 27.71 -22.62
C ARG I 133 -23.35 27.99 -21.10
N GLY I 134 -22.22 27.73 -20.50
CA GLY I 134 -22.01 27.97 -19.08
C GLY I 134 -22.28 26.73 -18.24
N ILE I 135 -22.79 25.70 -18.86
CA ILE I 135 -23.09 24.42 -18.18
C ILE I 135 -22.07 23.40 -18.72
N ASN I 136 -21.13 23.04 -17.90
CA ASN I 136 -20.02 22.13 -18.30
C ASN I 136 -20.52 20.73 -18.58
N ILE I 137 -21.43 20.33 -17.74
CA ILE I 137 -22.09 18.98 -17.83
C ILE I 137 -23.59 19.23 -17.68
N HIS I 138 -24.37 18.54 -18.49
CA HIS I 138 -25.81 18.77 -18.46
C HIS I 138 -26.45 18.44 -17.12
N LEU I 139 -27.50 19.19 -16.84
CA LEU I 139 -28.29 19.03 -15.55
C LEU I 139 -29.47 18.12 -15.85
N HIS I 140 -29.69 17.19 -14.93
CA HIS I 140 -30.78 16.24 -14.99
C HIS I 140 -31.87 16.65 -13.94
N THR I 141 -33.09 16.66 -14.43
CA THR I 141 -34.27 16.97 -13.63
C THR I 141 -35.49 16.17 -14.03
N ARG I 142 -36.55 16.31 -13.22
CA ARG I 142 -37.83 15.62 -13.52
C ARG I 142 -38.99 16.61 -13.50
N LEU I 143 -39.99 16.38 -14.36
CA LEU I 143 -41.18 17.25 -14.37
C LEU I 143 -42.33 16.41 -13.83
N TYR I 144 -42.94 16.82 -12.76
CA TYR I 144 -44.10 16.18 -12.13
C TYR I 144 -45.26 17.20 -12.28
N PHE I 145 -46.46 16.67 -12.23
CA PHE I 145 -47.72 17.42 -12.44
C PHE I 145 -48.49 17.67 -11.14
N ASP I 146 -48.90 18.93 -11.00
CA ASP I 146 -49.63 19.42 -9.83
C ASP I 146 -50.95 18.74 -9.59
N ASP I 147 -51.55 18.17 -10.61
CA ASP I 147 -52.82 17.46 -10.48
C ASP I 147 -52.69 15.98 -10.19
N GLU I 148 -51.59 15.56 -9.61
CA GLU I 148 -51.32 14.14 -9.27
C GLU I 148 -50.76 14.05 -7.85
N ALA I 149 -51.22 15.01 -7.06
CA ALA I 149 -50.82 15.10 -5.64
C ALA I 149 -50.84 13.76 -4.96
N GLN I 150 -51.86 12.94 -5.17
CA GLN I 150 -51.89 11.63 -4.49
C GLN I 150 -50.64 10.82 -4.84
N ALA I 151 -50.36 10.76 -6.15
CA ALA I 151 -49.20 10.00 -6.65
C ALA I 151 -47.88 10.65 -6.22
N ASN I 152 -47.84 11.96 -6.38
CA ASN I 152 -46.61 12.69 -6.04
C ASN I 152 -46.16 12.38 -4.63
N ALA I 153 -47.15 12.30 -3.73
CA ALA I 153 -46.82 12.10 -2.32
C ALA I 153 -46.17 10.78 -2.05
N LYS I 154 -46.52 9.78 -2.81
CA LYS I 154 -45.99 8.44 -2.64
C LYS I 154 -44.74 8.15 -3.51
N CYS I 155 -44.32 9.07 -4.36
CA CYS I 155 -43.18 8.76 -5.25
C CYS I 155 -41.89 8.49 -4.52
N PRO I 156 -41.32 7.32 -4.78
CA PRO I 156 -40.04 6.93 -4.16
C PRO I 156 -38.92 7.88 -4.56
N VAL I 157 -38.99 8.52 -5.71
CA VAL I 157 -37.96 9.45 -6.16
C VAL I 157 -38.13 10.81 -5.50
N LEU I 158 -39.35 11.30 -5.58
CA LEU I 158 -39.70 12.60 -4.95
C LEU I 158 -39.47 12.48 -3.43
N ASN I 159 -39.67 11.29 -2.88
CA ASN I 159 -39.42 11.10 -1.45
C ASN I 159 -37.97 11.10 -1.08
N LEU I 160 -37.03 10.94 -2.01
CA LEU I 160 -35.59 10.95 -1.70
C LEU I 160 -35.10 12.37 -1.45
N ILE I 161 -35.86 13.35 -1.92
CA ILE I 161 -35.47 14.77 -1.69
C ILE I 161 -35.73 15.07 -0.20
N GLU I 162 -34.64 15.30 0.53
CA GLU I 162 -34.65 15.57 1.93
C GLU I 162 -35.68 16.55 2.45
N GLN I 163 -35.70 17.77 1.94
CA GLN I 163 -36.61 18.83 2.34
C GLN I 163 -37.80 18.95 1.40
N PRO I 164 -38.99 18.83 1.98
CA PRO I 164 -40.24 18.94 1.27
C PRO I 164 -40.41 20.17 0.40
N GLN I 165 -39.83 21.29 0.79
CA GLN I 165 -39.95 22.54 0.01
C GLN I 165 -39.25 22.43 -1.35
N ARG I 166 -38.22 21.58 -1.37
CA ARG I 166 -37.45 21.34 -2.61
C ARG I 166 -38.20 20.44 -3.58
N ARG I 167 -39.13 19.63 -3.09
CA ARG I 167 -39.91 18.74 -3.94
C ARG I 167 -40.86 19.51 -4.84
N GLU I 168 -41.29 20.63 -4.28
CA GLU I 168 -42.22 21.55 -4.96
C GLU I 168 -41.64 22.12 -6.24
N THR I 169 -40.31 22.23 -6.25
CA THR I 169 -39.60 22.82 -7.38
C THR I 169 -39.82 21.96 -8.62
N LEU I 170 -40.08 20.71 -8.45
CA LEU I 170 -40.29 19.75 -9.49
C LEU I 170 -41.70 19.60 -10.04
N ILE I 171 -42.65 20.36 -9.53
CA ILE I 171 -44.04 20.30 -9.93
C ILE I 171 -44.47 21.34 -10.91
N ALA I 172 -44.98 20.85 -12.05
CA ALA I 172 -45.47 21.73 -13.12
C ALA I 172 -46.91 22.18 -12.72
N LYS I 173 -47.18 23.42 -13.00
CA LYS I 173 -48.46 24.06 -12.69
C LYS I 173 -49.35 24.03 -13.92
N ARG I 174 -50.47 23.32 -13.74
CA ARG I 174 -51.45 23.16 -14.81
C ARG I 174 -52.16 24.48 -15.09
N CYS I 175 -52.27 24.75 -16.37
CA CYS I 175 -52.94 25.96 -16.88
C CYS I 175 -53.62 25.55 -18.18
N GLU I 176 -53.99 26.56 -18.94
CA GLU I 176 -54.67 26.31 -20.24
C GLU I 176 -54.15 27.33 -21.24
N VAL I 177 -53.86 26.83 -22.42
CA VAL I 177 -53.34 27.72 -23.49
C VAL I 177 -54.27 27.51 -24.69
N ASP I 178 -54.89 28.62 -25.07
CA ASP I 178 -55.85 28.61 -26.18
C ASP I 178 -56.86 27.49 -25.87
N GLY I 179 -57.27 27.40 -24.61
CA GLY I 179 -58.22 26.38 -24.20
C GLY I 179 -57.63 24.98 -24.15
N LYS I 180 -56.34 24.87 -24.43
CA LYS I 180 -55.66 23.55 -24.39
C LYS I 180 -55.00 23.40 -23.00
N THR I 181 -54.96 22.14 -22.55
CA THR I 181 -54.38 21.80 -21.25
C THR I 181 -52.84 21.96 -21.40
N ALA I 182 -52.31 22.75 -20.51
CA ALA I 182 -50.87 23.01 -20.49
C ALA I 182 -50.38 22.92 -19.06
N TYR I 183 -49.08 22.89 -18.95
CA TYR I 183 -48.39 22.83 -17.63
C TYR I 183 -47.13 23.69 -17.78
N ARG I 184 -46.92 24.58 -16.88
CA ARG I 184 -45.74 25.46 -16.96
C ARG I 184 -44.72 24.88 -15.99
N PHE I 185 -43.49 24.79 -16.47
CA PHE I 185 -42.37 24.25 -15.66
C PHE I 185 -41.14 25.13 -15.89
N ASP I 186 -40.92 25.97 -14.92
CA ASP I 186 -39.77 26.89 -14.99
C ASP I 186 -38.62 26.22 -14.22
N ILE I 187 -37.41 26.40 -14.75
CA ILE I 187 -36.21 25.83 -14.12
C ILE I 187 -35.41 27.01 -13.57
N ARG I 188 -34.93 26.94 -12.42
CA ARG I 188 -34.11 27.95 -11.72
C ARG I 188 -32.78 27.20 -11.48
N ILE I 189 -31.79 27.56 -12.34
CA ILE I 189 -30.52 26.85 -12.22
C ILE I 189 -29.86 27.14 -10.88
N GLN I 190 -29.97 28.40 -10.51
CA GLN I 190 -29.26 28.77 -9.24
C GLN I 190 -30.03 29.72 -8.37
N GLY I 191 -29.84 29.66 -7.07
CA GLY I 191 -30.43 30.58 -6.15
C GLY I 191 -31.79 30.22 -5.59
N GLU I 192 -32.50 31.28 -5.25
CA GLU I 192 -33.85 31.24 -4.64
C GLU I 192 -34.76 30.34 -5.42
N GLY I 193 -35.18 29.25 -4.84
CA GLY I 193 -36.10 28.30 -5.47
C GLY I 193 -35.44 27.46 -6.56
N GLU I 194 -34.17 27.19 -6.37
CA GLU I 194 -33.31 26.45 -7.30
C GLU I 194 -33.92 25.07 -7.53
N THR I 195 -34.07 24.68 -8.74
CA THR I 195 -34.64 23.34 -9.05
C THR I 195 -33.69 22.22 -8.62
N VAL I 196 -34.32 21.14 -8.16
CA VAL I 196 -33.61 19.92 -7.79
C VAL I 196 -33.08 19.35 -9.16
N PHE I 197 -31.87 18.93 -9.09
CA PHE I 197 -31.06 18.32 -10.18
C PHE I 197 -30.56 16.97 -9.60
N PHE I 198 -30.69 15.97 -10.44
CA PHE I 198 -30.33 14.62 -10.05
C PHE I 198 -28.98 14.15 -10.61
N ASP I 199 -28.48 13.14 -9.92
CA ASP I 199 -27.24 12.42 -10.32
C ASP I 199 -27.66 10.94 -10.28
N PHE I 200 -27.43 10.25 -11.35
CA PHE I 200 -27.73 8.81 -11.52
C PHE I 200 -26.71 8.16 -12.52
N PRO J 1 -41.58 -2.14 -26.34
CA PRO J 1 -41.00 -1.03 -25.58
C PRO J 1 -39.73 -1.43 -24.85
N ALA J 2 -39.08 -0.42 -24.29
CA ALA J 2 -37.83 -0.57 -23.54
C ALA J 2 -38.04 -1.25 -22.18
N GLN J 3 -36.99 -1.94 -21.74
CA GLN J 3 -36.95 -2.61 -20.45
C GLN J 3 -35.67 -2.28 -19.67
N ASP J 4 -35.85 -2.31 -18.38
CA ASP J 4 -34.82 -2.06 -17.39
C ASP J 4 -34.04 -3.37 -17.19
N ASN J 5 -32.97 -3.53 -17.91
CA ASN J 5 -32.16 -4.75 -17.79
C ASN J 5 -30.69 -4.41 -17.55
N SER J 6 -30.38 -3.13 -17.61
CA SER J 6 -29.00 -2.66 -17.43
C SER J 6 -28.83 -1.66 -16.31
N ARG J 7 -27.59 -1.53 -15.92
CA ARG J 7 -27.07 -0.61 -14.94
C ARG J 7 -25.82 0.06 -15.55
N PHE J 8 -25.70 1.34 -15.29
CA PHE J 8 -24.57 2.13 -15.83
C PHE J 8 -23.63 2.46 -14.70
N VAL J 9 -22.36 2.36 -15.00
CA VAL J 9 -21.30 2.65 -13.96
C VAL J 9 -21.53 4.09 -13.50
N ILE J 10 -21.41 4.37 -12.21
CA ILE J 10 -21.64 5.73 -11.74
C ILE J 10 -20.68 6.70 -12.38
N ARG J 11 -21.11 7.88 -12.78
CA ARG J 11 -20.22 8.85 -13.35
C ARG J 11 -19.21 9.38 -12.32
N ASP J 12 -18.00 9.61 -12.79
CA ASP J 12 -16.95 10.19 -11.90
C ASP J 12 -17.00 11.70 -12.11
N ARG J 13 -17.69 12.38 -11.21
CA ARG J 13 -17.83 13.85 -11.32
C ARG J 13 -16.63 14.66 -10.97
N ASN J 14 -15.51 14.04 -10.68
CA ASN J 14 -14.23 14.75 -10.44
C ASN J 14 -13.36 14.59 -11.72
N TRP J 15 -13.83 13.73 -12.62
CA TRP J 15 -13.16 13.45 -13.89
C TRP J 15 -13.74 14.46 -14.92
N HIS J 16 -15.05 14.59 -14.84
CA HIS J 16 -15.80 15.53 -15.72
C HIS J 16 -15.55 16.90 -15.06
N PRO J 17 -15.72 17.96 -15.83
CA PRO J 17 -15.54 19.32 -15.29
C PRO J 17 -16.64 19.60 -14.24
N LYS J 18 -16.31 20.32 -13.22
CA LYS J 18 -17.31 20.73 -12.18
C LYS J 18 -18.17 21.83 -12.83
N ALA J 19 -19.30 22.08 -12.13
CA ALA J 19 -20.23 23.12 -12.57
C ALA J 19 -19.66 24.53 -12.52
N LEU J 20 -19.08 24.88 -11.38
CA LEU J 20 -18.52 26.19 -11.15
C LEU J 20 -16.99 26.18 -11.38
N THR J 21 -16.63 26.77 -12.48
CA THR J 21 -15.25 26.95 -12.98
C THR J 21 -15.27 28.43 -13.39
N PRO J 22 -14.97 29.28 -12.40
CA PRO J 22 -15.03 30.71 -12.52
C PRO J 22 -14.32 31.35 -13.68
N ASP J 23 -13.26 30.75 -14.19
CA ASP J 23 -12.49 31.35 -15.33
C ASP J 23 -13.35 31.33 -16.57
N TYR J 24 -14.24 30.37 -16.59
CA TYR J 24 -15.24 30.28 -17.72
C TYR J 24 -16.43 31.09 -17.08
N LYS J 25 -16.42 32.38 -17.33
CA LYS J 25 -17.32 33.32 -16.79
C LYS J 25 -18.80 33.01 -16.71
N THR J 26 -19.40 32.45 -17.70
CA THR J 26 -20.81 32.12 -17.80
C THR J 26 -21.27 31.03 -16.88
N SER J 27 -20.36 30.25 -16.37
CA SER J 27 -20.66 29.15 -15.47
C SER J 27 -20.92 29.64 -14.06
N ILE J 28 -20.54 30.90 -13.77
CA ILE J 28 -20.73 31.44 -12.41
C ILE J 28 -22.24 31.46 -12.11
N ALA J 29 -23.00 32.05 -13.02
CA ALA J 29 -24.47 32.17 -12.86
C ALA J 29 -25.28 31.02 -13.36
N ARG J 30 -24.65 30.07 -14.04
CA ARG J 30 -25.37 28.90 -14.56
C ARG J 30 -24.98 27.60 -13.90
N SER J 31 -24.56 27.68 -12.65
CA SER J 31 -24.20 26.47 -11.88
C SER J 31 -25.06 26.44 -10.61
N PRO J 32 -25.58 25.28 -10.29
CA PRO J 32 -26.38 25.05 -9.09
C PRO J 32 -25.48 25.21 -7.86
N ARG J 33 -26.08 25.73 -6.80
CA ARG J 33 -25.38 25.92 -5.53
C ARG J 33 -25.74 24.76 -4.59
N GLN J 34 -26.86 24.14 -4.84
CA GLN J 34 -27.29 22.99 -4.03
C GLN J 34 -26.64 21.72 -4.56
N ALA J 35 -26.39 20.71 -3.71
CA ALA J 35 -25.78 19.47 -4.23
C ALA J 35 -26.82 18.75 -5.09
N LEU J 36 -26.32 17.97 -6.02
CA LEU J 36 -27.26 17.18 -6.91
C LEU J 36 -27.82 16.10 -5.95
N VAL J 37 -29.01 15.65 -6.24
CA VAL J 37 -29.61 14.56 -5.43
C VAL J 37 -29.40 13.23 -6.15
N SER J 38 -28.74 12.30 -5.53
CA SER J 38 -28.49 10.98 -6.12
C SER J 38 -29.76 10.15 -6.01
N ILE J 39 -30.08 9.48 -7.12
CA ILE J 39 -31.26 8.58 -7.12
C ILE J 39 -30.82 7.26 -7.79
N PRO J 40 -31.43 6.20 -7.34
CA PRO J 40 -31.13 4.86 -7.89
C PRO J 40 -31.70 4.83 -9.30
N GLN J 41 -31.03 4.09 -10.14
CA GLN J 41 -31.39 3.92 -11.55
C GLN J 41 -32.66 3.06 -11.64
N SER J 42 -33.50 3.47 -12.55
CA SER J 42 -34.78 2.82 -12.89
C SER J 42 -34.89 2.86 -14.44
N ILE J 43 -35.99 2.33 -14.93
CA ILE J 43 -36.28 2.25 -16.35
C ILE J 43 -36.27 3.62 -16.97
N SER J 44 -36.53 4.62 -16.11
CA SER J 44 -36.56 6.00 -16.63
C SER J 44 -35.19 6.46 -17.08
N GLU J 45 -34.17 6.15 -16.33
CA GLU J 45 -32.78 6.45 -16.52
C GLU J 45 -31.95 5.47 -17.31
N THR J 46 -32.29 4.18 -17.30
CA THR J 46 -31.54 3.18 -17.98
C THR J 46 -31.95 2.87 -19.40
N THR J 47 -32.85 3.67 -19.94
CA THR J 47 -33.34 3.46 -21.31
C THR J 47 -33.16 4.78 -22.05
N GLY J 48 -33.40 4.72 -23.35
CA GLY J 48 -33.23 5.96 -24.17
C GLY J 48 -33.60 5.54 -25.59
N PRO J 49 -33.73 6.54 -26.42
CA PRO J 49 -34.10 6.33 -27.82
C PRO J 49 -32.99 5.64 -28.61
N ASN J 50 -33.44 4.91 -29.61
CA ASN J 50 -32.67 4.16 -30.59
C ASN J 50 -33.01 4.91 -31.91
N PHE J 51 -32.00 5.30 -32.65
CA PHE J 51 -32.17 6.07 -33.87
C PHE J 51 -31.97 5.29 -35.14
N SER J 52 -32.06 3.98 -35.05
CA SER J 52 -31.90 3.04 -36.11
C SER J 52 -32.83 3.25 -37.30
N HIS J 53 -34.03 3.73 -37.04
CA HIS J 53 -34.97 3.99 -38.13
C HIS J 53 -35.03 5.42 -38.57
N LEU J 54 -34.19 6.29 -38.00
CA LEU J 54 -34.23 7.72 -38.44
C LEU J 54 -33.84 7.72 -39.93
N GLY J 55 -34.46 8.60 -40.67
CA GLY J 55 -34.20 8.68 -42.14
C GLY J 55 -33.04 9.61 -42.44
N PHE J 56 -31.85 9.05 -42.43
CA PHE J 56 -30.62 9.85 -42.70
C PHE J 56 -30.44 10.12 -44.20
N GLY J 57 -30.06 11.32 -44.52
CA GLY J 57 -29.77 11.68 -45.94
C GLY J 57 -28.38 11.08 -46.23
N ALA J 58 -28.13 10.97 -47.53
CA ALA J 58 -26.91 10.39 -48.08
C ALA J 58 -25.65 11.11 -47.68
N HIS J 59 -25.68 12.39 -47.51
CA HIS J 59 -24.52 13.20 -47.13
C HIS J 59 -24.73 13.86 -45.77
N ASP J 60 -25.41 13.13 -44.89
CA ASP J 60 -25.69 13.73 -43.55
C ASP J 60 -24.36 13.96 -42.80
N HIS J 61 -23.46 13.05 -43.10
CA HIS J 61 -22.14 13.04 -42.49
C HIS J 61 -21.06 13.61 -43.38
N ASP J 62 -21.38 14.25 -44.46
CA ASP J 62 -20.33 14.84 -45.35
C ASP J 62 -20.53 16.35 -45.43
N LEU J 63 -19.74 17.06 -44.62
CA LEU J 63 -19.90 18.54 -44.59
C LEU J 63 -19.33 19.23 -45.79
N LEU J 64 -18.71 18.43 -46.66
CA LEU J 64 -18.11 18.97 -47.92
C LEU J 64 -19.23 19.03 -48.96
N LEU J 65 -20.26 18.21 -48.80
CA LEU J 65 -21.38 18.18 -49.73
C LEU J 65 -22.75 18.52 -49.17
N ASN J 66 -22.96 18.43 -47.88
CA ASN J 66 -24.26 18.65 -47.28
C ASN J 66 -24.83 20.01 -47.22
N PHE J 67 -24.18 21.07 -47.63
CA PHE J 67 -24.74 22.43 -47.59
C PHE J 67 -24.65 22.99 -49.05
N GLY J 71 -20.20 24.88 -55.00
CA GLY J 71 -18.74 24.63 -54.86
C GLY J 71 -18.43 23.80 -53.64
N LEU J 72 -17.17 23.76 -53.29
CA LEU J 72 -16.56 23.07 -52.16
C LEU J 72 -16.13 24.13 -51.15
N PRO J 73 -16.23 23.79 -49.88
CA PRO J 73 -15.78 24.72 -48.84
C PRO J 73 -14.28 24.97 -49.03
N ILE J 74 -13.86 26.10 -48.47
CA ILE J 74 -12.40 26.45 -48.50
C ILE J 74 -11.87 25.98 -47.13
N GLY J 75 -10.71 25.37 -47.06
CA GLY J 75 -10.16 24.91 -45.75
C GLY J 75 -9.58 23.52 -45.92
N GLU J 76 -8.91 23.05 -44.90
CA GLU J 76 -8.28 21.74 -44.89
C GLU J 76 -9.28 20.62 -44.81
N ARG J 77 -9.32 19.85 -45.83
CA ARG J 77 -10.19 18.68 -46.02
C ARG J 77 -9.66 17.59 -45.08
N ILE J 78 -10.57 17.17 -44.21
CA ILE J 78 -10.22 16.10 -43.27
C ILE J 78 -11.39 15.14 -43.09
N ILE J 79 -11.00 13.98 -42.60
CA ILE J 79 -11.93 12.94 -42.21
C ILE J 79 -11.80 12.85 -40.65
N VAL J 80 -12.96 12.86 -39.99
CA VAL J 80 -12.93 12.64 -38.50
C VAL J 80 -13.64 11.27 -38.31
N ALA J 81 -12.90 10.31 -37.81
CA ALA J 81 -13.41 8.96 -37.63
C ALA J 81 -13.04 8.44 -36.27
N GLY J 82 -13.62 7.36 -35.85
CA GLY J 82 -13.28 6.82 -34.50
C GLY J 82 -14.34 5.79 -34.15
N ARG J 83 -14.23 5.35 -32.92
CA ARG J 83 -15.14 4.28 -32.45
C ARG J 83 -15.78 4.74 -31.14
N VAL J 84 -16.96 4.24 -30.88
CA VAL J 84 -17.70 4.52 -29.60
C VAL J 84 -17.77 3.20 -28.83
N VAL J 85 -17.12 3.19 -27.68
CA VAL J 85 -17.08 2.04 -26.79
C VAL J 85 -17.58 2.49 -25.40
N ASP J 86 -17.86 1.51 -24.57
CA ASP J 86 -18.31 1.86 -23.18
C ASP J 86 -17.08 1.63 -22.30
N GLN J 87 -17.20 1.93 -21.01
CA GLN J 87 -16.01 1.76 -20.14
C GLN J 87 -15.52 0.33 -20.09
N TYR J 88 -16.32 -0.62 -20.52
CA TYR J 88 -15.89 -2.03 -20.51
C TYR J 88 -15.11 -2.39 -21.77
N GLY J 89 -15.04 -1.45 -22.68
CA GLY J 89 -14.34 -1.54 -23.94
C GLY J 89 -15.21 -2.15 -25.04
N LYS J 90 -16.50 -2.25 -24.75
CA LYS J 90 -17.48 -2.85 -25.71
C LYS J 90 -17.97 -1.79 -26.63
N PRO J 91 -18.16 -2.17 -27.91
CA PRO J 91 -18.64 -1.26 -28.95
C PRO J 91 -20.09 -0.91 -28.68
N VAL J 92 -20.47 0.24 -29.12
CA VAL J 92 -21.85 0.78 -29.01
C VAL J 92 -22.31 0.98 -30.46
N PRO J 93 -22.92 -0.06 -30.98
CA PRO J 93 -23.40 -0.04 -32.39
C PRO J 93 -24.74 0.68 -32.42
N ASN J 94 -25.03 1.22 -33.56
CA ASN J 94 -26.24 1.92 -33.95
C ASN J 94 -26.59 3.07 -33.05
N THR J 95 -25.58 3.83 -32.68
CA THR J 95 -25.80 4.99 -31.79
C THR J 95 -25.65 6.25 -32.60
N LEU J 96 -26.32 7.29 -32.13
CA LEU J 96 -26.33 8.58 -32.80
C LEU J 96 -25.22 9.52 -32.37
N VAL J 97 -24.43 9.89 -33.38
CA VAL J 97 -23.34 10.85 -33.18
C VAL J 97 -23.71 12.06 -34.04
N GLU J 98 -23.68 13.21 -33.42
CA GLU J 98 -23.98 14.48 -34.11
C GLU J 98 -22.84 15.43 -33.84
N MET J 99 -22.53 16.28 -34.85
CA MET J 99 -21.40 17.25 -34.61
C MET J 99 -21.75 18.56 -35.28
N TRP J 100 -21.18 19.64 -34.91
CA TRP J 100 -21.35 20.98 -35.42
C TRP J 100 -20.07 21.74 -35.12
N GLN J 101 -19.69 22.66 -36.01
CA GLN J 101 -18.42 23.41 -35.82
C GLN J 101 -18.46 24.71 -36.61
N ALA J 102 -17.44 25.51 -36.48
CA ALA J 102 -17.33 26.76 -37.29
C ALA J 102 -16.64 26.36 -38.63
N ASN J 103 -16.48 27.32 -39.47
CA ASN J 103 -15.82 27.20 -40.79
C ASN J 103 -14.31 27.36 -40.57
N ALA J 104 -13.61 27.33 -41.70
CA ALA J 104 -12.11 27.42 -41.70
C ALA J 104 -11.59 28.66 -41.04
N GLY J 105 -12.44 29.71 -41.05
CA GLY J 105 -12.11 31.02 -40.48
C GLY J 105 -12.53 31.17 -39.02
N GLY J 106 -13.31 30.23 -38.59
CA GLY J 106 -13.79 30.22 -37.17
C GLY J 106 -15.11 30.98 -37.07
N ARG J 107 -15.86 30.91 -38.15
CA ARG J 107 -17.17 31.61 -38.23
C ARG J 107 -18.25 30.54 -38.21
N TYR J 108 -19.23 30.70 -37.34
CA TYR J 108 -20.33 29.74 -37.27
C TYR J 108 -21.49 30.24 -38.13
N ARG J 109 -22.19 29.28 -38.73
CA ARG J 109 -23.39 29.73 -39.54
C ARG J 109 -24.57 29.82 -38.52
N HIS J 110 -24.51 30.94 -37.77
CA HIS J 110 -25.55 31.16 -36.73
C HIS J 110 -25.79 32.63 -36.52
N LYS J 111 -27.05 33.02 -36.40
CA LYS J 111 -27.54 34.38 -36.24
C LYS J 111 -26.66 35.22 -35.32
N ASN J 112 -26.48 34.66 -34.14
CA ASN J 112 -25.71 35.27 -33.09
C ASN J 112 -24.22 35.30 -33.28
N ASP J 113 -23.69 34.78 -34.37
CA ASP J 113 -22.19 34.81 -34.53
C ASP J 113 -21.87 36.09 -35.28
N ARG J 114 -21.24 37.01 -34.57
CA ARG J 114 -20.86 38.30 -35.13
C ARG J 114 -19.37 38.41 -35.43
N TYR J 115 -18.65 37.30 -35.39
CA TYR J 115 -17.19 37.36 -35.68
C TYR J 115 -17.04 37.88 -37.12
N LEU J 116 -16.01 38.68 -37.32
CA LEU J 116 -15.68 39.32 -38.57
C LEU J 116 -15.21 38.40 -39.65
N ALA J 117 -14.82 37.17 -39.34
CA ALA J 117 -14.39 36.22 -40.39
C ALA J 117 -15.68 35.92 -41.18
N PRO J 118 -15.52 35.84 -42.49
CA PRO J 118 -16.65 35.60 -43.36
C PRO J 118 -17.18 34.18 -43.31
N LEU J 119 -18.39 34.04 -43.79
CA LEU J 119 -19.05 32.74 -43.93
C LEU J 119 -18.50 32.22 -45.28
N ASP J 120 -18.59 30.94 -45.42
CA ASP J 120 -18.16 30.23 -46.63
C ASP J 120 -19.43 29.76 -47.31
N PRO J 121 -19.69 30.35 -48.47
CA PRO J 121 -20.89 30.03 -49.26
C PRO J 121 -21.16 28.56 -49.35
N ASN J 122 -20.15 27.68 -49.26
CA ASN J 122 -20.44 26.24 -49.37
C ASN J 122 -20.25 25.48 -48.08
N PHE J 123 -20.42 26.10 -46.94
CA PHE J 123 -20.21 25.38 -45.67
C PHE J 123 -21.33 25.70 -44.69
N GLY J 124 -21.94 24.63 -44.24
CA GLY J 124 -23.05 24.68 -43.23
C GLY J 124 -22.45 24.43 -41.84
N GLY J 125 -21.86 23.29 -41.60
CA GLY J 125 -21.22 22.89 -40.38
C GLY J 125 -21.96 21.97 -39.45
N VAL J 126 -22.86 21.17 -39.96
CA VAL J 126 -23.63 20.21 -39.18
C VAL J 126 -23.58 18.83 -39.77
N GLY J 127 -23.32 17.80 -38.97
CA GLY J 127 -23.33 16.42 -39.55
C GLY J 127 -23.89 15.48 -38.49
N ARG J 128 -24.29 14.29 -38.92
CA ARG J 128 -24.83 13.25 -38.09
C ARG J 128 -24.47 11.92 -38.76
N CYS J 129 -24.30 10.92 -37.93
CA CYS J 129 -23.91 9.58 -38.40
C CYS J 129 -24.31 8.55 -37.34
N LEU J 130 -24.87 7.44 -37.80
CA LEU J 130 -25.25 6.37 -36.84
C LEU J 130 -24.02 5.44 -36.84
N THR J 131 -23.51 5.07 -35.69
CA THR J 131 -22.33 4.19 -35.61
C THR J 131 -22.76 2.84 -36.18
N ASP J 132 -21.75 2.11 -36.66
CA ASP J 132 -21.97 0.82 -37.28
C ASP J 132 -21.97 -0.26 -36.22
N SER J 133 -22.09 -1.47 -36.73
CA SER J 133 -22.10 -2.66 -35.86
C SER J 133 -20.87 -2.75 -35.03
N ASP J 134 -19.77 -2.09 -35.39
CA ASP J 134 -18.56 -2.17 -34.54
C ASP J 134 -18.33 -0.89 -33.74
N GLY J 135 -19.27 0.02 -33.80
CA GLY J 135 -19.14 1.28 -33.09
C GLY J 135 -18.38 2.34 -33.82
N TYR J 136 -18.12 2.18 -35.13
CA TYR J 136 -17.42 3.17 -35.92
C TYR J 136 -18.38 4.20 -36.52
N TYR J 137 -17.87 5.41 -36.60
CA TYR J 137 -18.54 6.56 -37.18
C TYR J 137 -17.42 7.27 -38.00
N SER J 138 -17.87 8.14 -38.88
CA SER J 138 -16.90 8.91 -39.66
C SER J 138 -17.67 10.08 -40.30
N PHE J 139 -16.99 11.17 -40.41
CA PHE J 139 -17.44 12.40 -41.00
C PHE J 139 -16.29 12.91 -41.92
N ARG J 140 -16.68 13.73 -42.84
CA ARG J 140 -15.70 14.38 -43.76
C ARG J 140 -16.05 15.88 -43.66
N THR J 141 -15.04 16.65 -43.39
CA THR J 141 -15.30 18.12 -43.22
C THR J 141 -14.01 18.86 -43.45
N ILE J 142 -14.00 20.12 -43.08
CA ILE J 142 -12.80 20.96 -43.14
C ILE J 142 -12.51 21.29 -41.65
N LYS J 143 -11.25 21.47 -41.38
CA LYS J 143 -10.75 21.78 -40.02
C LYS J 143 -11.18 23.17 -39.64
N PRO J 144 -11.85 23.33 -38.49
CA PRO J 144 -12.32 24.64 -38.03
C PRO J 144 -11.19 25.53 -37.55
N GLY J 145 -11.39 26.84 -37.63
CA GLY J 145 -10.37 27.81 -37.14
C GLY J 145 -10.69 28.23 -35.71
N PRO J 146 -9.65 28.63 -35.00
CA PRO J 146 -9.79 29.12 -33.60
C PRO J 146 -10.85 30.23 -33.66
N TYR J 147 -11.39 30.52 -32.49
CA TYR J 147 -12.53 31.54 -32.43
C TYR J 147 -12.32 32.38 -31.20
N PRO J 148 -12.38 33.68 -31.39
CA PRO J 148 -12.22 34.65 -30.26
C PRO J 148 -13.59 34.72 -29.59
N TRP J 149 -13.63 34.90 -28.29
CA TRP J 149 -14.95 34.93 -27.58
C TRP J 149 -14.76 35.87 -26.40
N ARG J 150 -15.88 36.44 -25.98
CA ARG J 150 -15.83 37.40 -24.88
C ARG J 150 -15.82 36.81 -23.51
N ASN J 151 -14.68 36.35 -23.07
CA ASN J 151 -14.51 35.76 -21.70
C ASN J 151 -13.51 36.75 -21.08
N GLY J 152 -12.25 36.37 -21.19
CA GLY J 152 -11.17 37.31 -20.71
C GLY J 152 -11.04 38.27 -21.92
N PRO J 153 -10.28 39.34 -21.75
CA PRO J 153 -10.05 40.30 -22.83
C PRO J 153 -9.37 39.72 -24.04
N ASN J 154 -8.71 38.55 -23.96
CA ASN J 154 -8.06 38.03 -25.22
C ASN J 154 -8.14 36.53 -25.24
N ASP J 155 -9.33 36.00 -25.10
CA ASP J 155 -9.62 34.57 -25.09
C ASP J 155 -9.93 34.10 -26.49
N TRP J 156 -9.42 32.90 -26.80
CA TRP J 156 -9.61 32.25 -28.09
C TRP J 156 -9.85 30.75 -27.89
N ARG J 157 -10.90 30.27 -28.50
CA ARG J 157 -11.19 28.80 -28.36
C ARG J 157 -10.25 28.13 -29.35
N PRO J 158 -9.70 27.02 -28.88
CA PRO J 158 -8.83 26.23 -29.81
C PRO J 158 -9.81 25.74 -30.92
N ALA J 159 -9.24 25.41 -32.04
CA ALA J 159 -10.11 24.87 -33.14
C ALA J 159 -10.78 23.64 -32.46
N HIS J 160 -12.09 23.54 -32.64
CA HIS J 160 -12.80 22.37 -32.04
C HIS J 160 -14.07 22.04 -32.79
N ILE J 161 -14.46 20.76 -32.66
CA ILE J 161 -15.72 20.27 -33.25
C ILE J 161 -16.67 19.90 -32.08
N HIS J 162 -17.88 20.38 -32.09
CA HIS J 162 -18.83 19.96 -30.96
C HIS J 162 -19.41 18.59 -31.30
N PHE J 163 -19.52 17.74 -30.28
CA PHE J 163 -20.10 16.40 -30.50
C PHE J 163 -21.20 16.14 -29.42
N GLY J 164 -22.14 15.36 -29.85
CA GLY J 164 -23.25 14.84 -29.06
C GLY J 164 -23.33 13.33 -29.32
N ILE J 165 -23.31 12.53 -28.29
CA ILE J 165 -23.44 11.08 -28.45
C ILE J 165 -24.63 10.62 -27.59
N SER J 166 -25.50 9.78 -28.19
CA SER J 166 -26.66 9.27 -27.50
C SER J 166 -26.38 8.11 -26.59
N GLY J 167 -25.81 7.06 -27.15
CA GLY J 167 -25.54 5.83 -26.33
C GLY J 167 -26.86 5.07 -26.16
N PRO J 168 -26.82 4.02 -25.37
CA PRO J 168 -27.99 3.17 -25.14
C PRO J 168 -29.08 3.67 -24.20
N SER J 169 -28.87 4.78 -23.53
CA SER J 169 -29.81 5.33 -22.54
C SER J 169 -29.50 6.81 -22.30
N ILE J 170 -30.44 7.46 -21.54
CA ILE J 170 -30.24 8.89 -21.30
C ILE J 170 -29.12 9.13 -20.30
N ALA J 171 -28.79 8.07 -19.59
CA ALA J 171 -27.75 8.01 -18.57
C ALA J 171 -26.36 8.10 -19.27
N THR J 172 -26.30 7.62 -20.45
CA THR J 172 -25.03 7.64 -21.23
C THR J 172 -24.84 8.86 -22.09
N LYS J 173 -25.90 9.55 -22.46
CA LYS J 173 -25.89 10.72 -23.33
C LYS J 173 -24.84 11.69 -22.87
N LEU J 174 -24.14 12.25 -23.91
CA LEU J 174 -23.05 13.19 -23.60
C LEU J 174 -22.81 14.15 -24.74
N ILE J 175 -22.42 15.34 -24.34
CA ILE J 175 -22.02 16.42 -25.27
C ILE J 175 -20.58 16.78 -24.80
N THR J 176 -19.73 16.87 -25.81
CA THR J 176 -18.30 17.17 -25.58
C THR J 176 -17.75 17.94 -26.77
N GLN J 177 -16.42 18.16 -26.73
CA GLN J 177 -15.77 18.88 -27.84
C GLN J 177 -14.49 18.18 -28.20
N LEU J 178 -14.20 18.10 -29.47
CA LEU J 178 -12.93 17.49 -29.99
C LEU J 178 -11.97 18.66 -30.24
N TYR J 179 -10.73 18.46 -29.85
CA TYR J 179 -9.63 19.40 -30.03
C TYR J 179 -8.61 18.70 -30.95
N PHE J 180 -7.72 19.41 -31.57
CA PHE J 180 -6.74 18.80 -32.51
C PHE J 180 -5.36 18.70 -31.94
N GLU J 181 -4.75 17.53 -32.14
CA GLU J 181 -3.37 17.27 -31.68
C GLU J 181 -2.44 18.44 -31.99
N GLY J 182 -1.69 18.87 -31.00
CA GLY J 182 -0.72 19.92 -31.04
C GLY J 182 -1.10 21.32 -30.88
N ASP J 183 -2.38 21.65 -31.05
CA ASP J 183 -2.89 23.04 -30.93
C ASP J 183 -2.37 23.70 -29.68
N PRO J 184 -1.63 24.80 -29.83
CA PRO J 184 -1.04 25.52 -28.71
C PRO J 184 -2.06 26.28 -27.89
N LEU J 185 -3.26 26.46 -28.41
CA LEU J 185 -4.34 27.17 -27.71
C LEU J 185 -5.04 26.30 -26.67
N ILE J 186 -4.97 24.99 -26.75
CA ILE J 186 -5.61 24.11 -25.84
C ILE J 186 -5.40 24.39 -24.38
N PRO J 187 -4.16 24.39 -23.92
CA PRO J 187 -3.83 24.63 -22.53
C PRO J 187 -4.14 26.00 -22.02
N MET J 188 -4.58 26.92 -22.85
CA MET J 188 -4.89 28.29 -22.41
C MET J 188 -6.41 28.48 -22.32
N CYS J 189 -7.19 27.49 -22.73
CA CYS J 189 -8.64 27.59 -22.75
C CYS J 189 -9.34 27.34 -21.42
N PRO J 190 -10.01 28.38 -20.94
CA PRO J 190 -10.77 28.29 -19.66
C PRO J 190 -11.78 27.18 -19.75
N ILE J 191 -12.40 26.94 -20.88
CA ILE J 191 -13.34 25.85 -21.07
C ILE J 191 -12.69 24.49 -20.93
N VAL J 192 -11.52 24.32 -21.57
CA VAL J 192 -10.74 23.11 -21.51
C VAL J 192 -10.37 22.91 -20.03
N LYS J 193 -9.85 24.01 -19.47
CA LYS J 193 -9.41 23.97 -18.06
C LYS J 193 -10.49 23.74 -17.04
N SER J 194 -11.75 23.75 -17.52
CA SER J 194 -12.88 23.44 -16.58
C SER J 194 -12.63 22.01 -16.11
N ILE J 195 -11.81 21.26 -16.85
CA ILE J 195 -11.45 19.89 -16.50
C ILE J 195 -10.17 19.94 -15.65
N ALA J 196 -10.27 19.57 -14.41
CA ALA J 196 -9.19 19.56 -13.46
C ALA J 196 -8.03 18.62 -13.76
N ASN J 197 -8.33 17.43 -14.21
CA ASN J 197 -7.30 16.41 -14.47
C ASN J 197 -6.72 16.45 -15.86
N PRO J 198 -5.43 16.66 -15.98
CA PRO J 198 -4.70 16.69 -17.25
C PRO J 198 -4.94 15.49 -18.12
N GLU J 199 -5.03 14.32 -17.52
CA GLU J 199 -5.26 13.09 -18.24
C GLU J 199 -6.60 13.11 -18.99
N ALA J 200 -7.60 13.73 -18.41
CA ALA J 200 -8.96 13.82 -18.95
C ALA J 200 -8.97 14.70 -20.18
N VAL J 201 -8.18 15.73 -20.13
CA VAL J 201 -8.06 16.66 -21.27
C VAL J 201 -7.56 15.87 -22.49
N GLN J 202 -6.59 15.02 -22.21
CA GLN J 202 -5.94 14.17 -23.21
C GLN J 202 -6.96 13.35 -23.98
N GLN J 203 -8.10 13.09 -23.34
CA GLN J 203 -9.16 12.28 -23.97
C GLN J 203 -9.94 13.02 -25.03
N LEU J 204 -9.83 14.33 -25.07
CA LEU J 204 -10.53 15.21 -25.96
C LEU J 204 -9.68 15.58 -27.18
N ILE J 205 -8.49 15.05 -27.27
CA ILE J 205 -7.59 15.36 -28.38
C ILE J 205 -7.60 14.38 -29.52
N ALA J 206 -8.11 14.81 -30.66
CA ALA J 206 -8.11 13.90 -31.85
C ALA J 206 -6.66 13.81 -32.32
N LYS J 207 -6.20 12.62 -32.68
CA LYS J 207 -4.82 12.39 -33.13
C LYS J 207 -4.80 12.26 -34.66
N LEU J 208 -3.79 12.88 -35.24
CA LEU J 208 -3.62 12.80 -36.73
C LEU J 208 -3.54 11.29 -37.04
N ASP J 209 -4.25 10.89 -38.05
CA ASP J 209 -4.24 9.46 -38.45
C ASP J 209 -3.90 9.36 -39.94
N MET J 210 -2.59 9.28 -40.27
CA MET J 210 -2.11 9.20 -41.64
C MET J 210 -2.63 7.92 -42.32
N ASN J 211 -2.79 6.88 -41.55
CA ASN J 211 -3.24 5.59 -42.10
C ASN J 211 -4.59 5.68 -42.74
N ASN J 212 -5.41 6.60 -42.33
CA ASN J 212 -6.79 6.73 -42.84
C ASN J 212 -6.98 7.92 -43.76
N ALA J 213 -5.91 8.61 -44.05
CA ALA J 213 -5.91 9.79 -44.92
C ALA J 213 -5.98 9.25 -46.37
N ASN J 214 -6.55 10.10 -47.20
CA ASN J 214 -6.68 9.81 -48.64
C ASN J 214 -5.55 10.61 -49.31
N PRO J 215 -4.54 9.88 -49.73
CA PRO J 215 -3.37 10.50 -50.38
C PRO J 215 -3.78 11.52 -51.39
N MET J 216 -3.15 12.67 -51.41
CA MET J 216 -3.45 13.75 -52.37
C MET J 216 -4.87 14.24 -52.26
N ASP J 217 -5.60 13.92 -51.21
CA ASP J 217 -7.02 14.33 -51.07
C ASP J 217 -7.29 15.03 -49.78
N CYS J 218 -7.24 14.24 -48.70
CA CYS J 218 -7.51 14.76 -47.35
C CYS J 218 -6.84 13.97 -46.27
N LEU J 219 -6.58 14.68 -45.16
CA LEU J 219 -6.01 14.12 -43.93
C LEU J 219 -7.13 13.47 -43.10
N ALA J 220 -6.78 12.81 -42.01
CA ALA J 220 -7.75 12.16 -41.12
C ALA J 220 -7.29 12.28 -39.68
N TYR J 221 -8.31 12.40 -38.80
CA TYR J 221 -8.06 12.53 -37.35
C TYR J 221 -8.83 11.40 -36.70
N ARG J 222 -8.27 10.83 -35.67
CA ARG J 222 -8.94 9.70 -34.98
C ARG J 222 -9.54 10.19 -33.67
N PHE J 223 -10.83 10.04 -33.45
CA PHE J 223 -11.40 10.50 -32.13
C PHE J 223 -12.32 9.36 -31.63
N ASP J 224 -11.86 8.67 -30.60
CA ASP J 224 -12.67 7.57 -30.03
C ASP J 224 -13.40 8.14 -28.80
N ILE J 225 -14.60 7.67 -28.57
CA ILE J 225 -15.43 8.14 -27.45
C ILE J 225 -15.78 6.97 -26.54
N VAL J 226 -15.64 7.19 -25.25
CA VAL J 226 -15.92 6.20 -24.23
C VAL J 226 -17.14 6.69 -23.39
N LEU J 227 -18.19 5.89 -23.49
CA LEU J 227 -19.45 6.15 -22.77
C LEU J 227 -19.47 5.28 -21.49
N ARG J 228 -20.38 5.65 -20.57
CA ARG J 228 -20.51 4.90 -19.31
C ARG J 228 -20.60 3.40 -19.58
N GLY J 229 -19.95 2.63 -18.73
CA GLY J 229 -19.95 1.17 -18.84
C GLY J 229 -21.35 0.66 -18.54
N GLN J 230 -21.79 -0.32 -19.33
CA GLN J 230 -23.10 -0.95 -19.21
C GLN J 230 -22.98 -2.37 -18.68
N ARG J 231 -23.65 -2.71 -17.63
CA ARG J 231 -23.61 -4.06 -17.08
C ARG J 231 -25.04 -4.55 -16.82
N LYS J 232 -25.19 -5.85 -16.67
CA LYS J 232 -26.46 -6.52 -16.38
C LYS J 232 -26.72 -6.34 -14.86
N THR J 233 -28.00 -6.19 -14.50
CA THR J 233 -28.28 -6.02 -13.05
C THR J 233 -27.95 -7.38 -12.43
N HIS J 234 -27.76 -7.43 -11.14
CA HIS J 234 -27.44 -8.70 -10.47
C HIS J 234 -27.79 -8.60 -9.01
N PHE J 235 -28.29 -9.65 -8.44
CA PHE J 235 -28.70 -9.76 -7.03
C PHE J 235 -29.47 -8.52 -6.55
N GLU J 236 -30.32 -7.95 -7.36
CA GLU J 236 -31.07 -6.76 -6.99
C GLU J 236 -32.49 -7.08 -6.44
N PRO K 1 4.53 28.78 -26.83
CA PRO K 1 4.13 30.14 -27.21
C PRO K 1 5.16 31.12 -26.62
N ILE K 2 5.02 32.38 -27.07
CA ILE K 2 5.92 33.43 -26.53
C ILE K 2 5.46 33.78 -25.11
N GLU K 3 6.41 33.86 -24.21
CA GLU K 3 6.11 34.27 -22.82
C GLU K 3 6.97 35.47 -22.47
N LEU K 4 6.35 36.54 -22.03
CA LEU K 4 7.05 37.77 -21.63
C LEU K 4 7.50 37.70 -20.17
N LEU K 5 8.06 38.80 -19.66
CA LEU K 5 8.44 38.74 -18.20
C LEU K 5 7.03 38.84 -17.51
N PRO K 6 6.87 38.16 -16.42
CA PRO K 6 5.59 38.25 -15.66
C PRO K 6 5.51 39.58 -14.93
N GLU K 7 4.28 40.12 -14.92
CA GLU K 7 4.06 41.42 -14.24
C GLU K 7 4.11 41.14 -12.74
N THR K 8 4.59 42.12 -12.02
CA THR K 8 4.67 42.00 -10.54
C THR K 8 3.24 41.80 -10.00
N PRO K 9 3.06 40.79 -9.17
CA PRO K 9 1.79 40.51 -8.55
C PRO K 9 1.29 41.64 -7.66
N SER K 10 -0.01 41.82 -7.75
CA SER K 10 -0.72 42.86 -6.93
C SER K 10 -0.87 42.34 -5.50
N GLN K 11 -0.93 43.25 -4.55
CA GLN K 11 -1.13 42.88 -3.11
C GLN K 11 -2.17 43.87 -2.54
N THR K 12 -2.93 43.49 -1.53
CA THR K 12 -3.96 44.45 -1.03
C THR K 12 -3.25 45.70 -0.63
N ALA K 13 -3.94 46.84 -0.65
CA ALA K 13 -3.39 48.13 -0.22
C ALA K 13 -3.27 48.17 1.31
N GLY K 14 -4.08 47.38 1.97
CA GLY K 14 -4.08 47.34 3.44
C GLY K 14 -4.96 48.44 4.03
N PRO K 15 -5.12 48.37 5.35
CA PRO K 15 -5.94 49.30 6.11
C PRO K 15 -5.31 50.65 6.31
N TYR K 16 -3.99 50.68 6.29
CA TYR K 16 -3.22 51.89 6.48
C TYR K 16 -2.80 52.57 5.19
N VAL K 17 -3.42 52.26 4.09
CA VAL K 17 -3.10 52.87 2.79
C VAL K 17 -3.06 54.38 2.91
N HIS K 18 -3.85 54.91 3.83
CA HIS K 18 -3.94 56.37 4.00
C HIS K 18 -2.64 57.07 4.26
N ILE K 19 -1.79 56.43 5.05
CA ILE K 19 -0.50 57.06 5.40
C ILE K 19 0.35 57.34 4.18
N GLY K 20 0.21 56.53 3.12
CA GLY K 20 1.00 56.69 1.93
C GLY K 20 0.40 57.50 0.84
N LEU K 21 -0.89 57.36 0.64
CA LEU K 21 -1.66 58.02 -0.42
C LEU K 21 -2.76 58.96 0.00
N ALA K 22 -2.88 59.26 1.28
CA ALA K 22 -3.98 60.17 1.74
C ALA K 22 -3.68 60.58 3.19
N LEU K 23 -2.53 61.31 3.25
CA LEU K 23 -1.92 61.80 4.48
C LEU K 23 -2.91 62.45 5.41
N GLU K 24 -3.67 63.39 4.90
CA GLU K 24 -4.70 64.11 5.73
C GLU K 24 -5.52 63.06 6.50
N ALA K 25 -6.22 62.23 5.73
CA ALA K 25 -7.06 61.16 6.31
C ALA K 25 -6.33 60.37 7.37
N ALA K 26 -5.08 59.97 7.07
CA ALA K 26 -4.30 59.19 8.07
C ALA K 26 -4.24 59.96 9.39
N GLY K 27 -4.41 61.27 9.24
CA GLY K 27 -4.35 62.22 10.36
C GLY K 27 -2.87 62.59 10.57
N ASN K 28 -2.14 62.64 9.45
CA ASN K 28 -0.73 62.96 9.44
C ASN K 28 -0.51 64.22 8.60
N PRO K 29 0.55 64.95 8.94
CA PRO K 29 0.96 66.16 8.21
C PRO K 29 1.12 65.79 6.73
N THR K 30 0.76 66.68 5.85
CA THR K 30 0.92 66.37 4.39
C THR K 30 2.15 67.13 3.91
N ARG K 31 2.47 66.98 2.63
CA ARG K 31 3.65 67.69 2.07
C ARG K 31 3.14 68.87 1.25
N ASP K 32 4.05 69.64 0.70
CA ASP K 32 3.71 70.80 -0.13
C ASP K 32 2.65 70.38 -1.16
N GLN K 33 3.06 69.42 -1.99
CA GLN K 33 2.15 68.95 -3.04
C GLN K 33 1.59 67.57 -2.73
N GLU K 34 0.26 67.51 -2.86
CA GLU K 34 -0.54 66.31 -2.65
C GLU K 34 -1.57 66.13 -3.74
N ILE K 35 -1.79 64.90 -4.15
CA ILE K 35 -2.79 64.55 -5.17
C ILE K 35 -4.05 64.20 -4.37
N TRP K 36 -5.10 64.97 -4.58
CA TRP K 36 -6.34 64.81 -3.81
C TRP K 36 -7.58 64.91 -4.64
N ASN K 37 -8.74 65.07 -4.02
CA ASN K 37 -10.03 65.11 -4.69
C ASN K 37 -10.54 66.34 -5.36
N ARG K 38 -9.75 67.35 -5.56
CA ARG K 38 -10.24 68.62 -6.26
C ARG K 38 -9.66 68.59 -7.64
N LEU K 39 -10.38 68.09 -8.63
CA LEU K 39 -9.83 68.03 -10.01
C LEU K 39 -9.85 69.34 -10.77
N ALA K 40 -10.85 70.15 -10.49
CA ALA K 40 -10.99 71.45 -11.20
C ALA K 40 -10.97 72.65 -10.25
N LYS K 41 -10.35 73.69 -10.80
CA LYS K 41 -10.29 75.01 -10.09
C LYS K 41 -11.53 75.77 -10.59
N PRO K 42 -12.14 76.50 -9.68
CA PRO K 42 -13.37 77.26 -9.98
C PRO K 42 -13.39 77.87 -11.33
N ASP K 43 -12.24 78.31 -11.81
CA ASP K 43 -12.18 78.98 -13.14
C ASP K 43 -11.91 78.02 -14.28
N ALA K 44 -12.35 76.80 -14.12
CA ALA K 44 -12.12 75.81 -15.21
C ALA K 44 -13.44 75.68 -15.97
N PRO K 45 -13.31 75.58 -17.28
CA PRO K 45 -14.46 75.42 -18.17
C PRO K 45 -15.24 74.15 -17.87
N GLY K 46 -16.50 74.18 -18.22
CA GLY K 46 -17.41 73.02 -18.06
C GLY K 46 -18.30 73.18 -16.85
N GLU K 47 -19.24 72.24 -16.73
CA GLU K 47 -20.19 72.24 -15.63
C GLU K 47 -19.58 71.61 -14.39
N HIS K 48 -19.30 72.44 -13.41
CA HIS K 48 -18.69 71.94 -12.15
C HIS K 48 -19.75 71.14 -11.43
N ILE K 49 -19.34 69.99 -10.91
CA ILE K 49 -20.30 69.10 -10.19
C ILE K 49 -19.55 68.53 -8.99
N LEU K 50 -20.36 68.01 -8.11
CA LEU K 50 -19.88 67.38 -6.87
C LEU K 50 -20.28 65.89 -6.97
N LEU K 51 -19.33 65.02 -6.76
CA LEU K 51 -19.59 63.56 -6.82
C LEU K 51 -19.40 63.05 -5.38
N LEU K 52 -20.27 62.11 -5.04
CA LEU K 52 -20.19 61.50 -3.69
C LEU K 52 -20.77 60.10 -3.71
N GLY K 53 -20.37 59.33 -2.69
CA GLY K 53 -20.88 57.97 -2.56
C GLY K 53 -20.21 57.22 -1.42
N GLN K 54 -20.80 56.05 -1.20
CA GLN K 54 -20.31 55.10 -0.17
C GLN K 54 -19.98 53.78 -0.89
N VAL K 55 -19.33 52.91 -0.13
CA VAL K 55 -18.95 51.57 -0.65
C VAL K 55 -19.45 50.58 0.38
N TYR K 56 -20.09 49.52 -0.10
CA TYR K 56 -20.62 48.46 0.75
C TYR K 56 -19.93 47.14 0.44
N ASP K 57 -19.80 46.32 1.45
CA ASP K 57 -19.23 44.98 1.33
C ASP K 57 -20.45 44.06 1.03
N GLY K 58 -20.20 42.81 0.85
CA GLY K 58 -21.21 41.81 0.60
C GLY K 58 -22.23 41.71 1.75
N ASN K 59 -21.95 42.21 2.93
CA ASN K 59 -22.91 42.09 4.04
C ASN K 59 -23.83 43.32 4.15
N GLY K 60 -23.55 44.28 3.32
CA GLY K 60 -24.28 45.52 3.29
C GLY K 60 -23.67 46.53 4.22
N HIS K 61 -22.51 46.24 4.75
CA HIS K 61 -21.79 47.15 5.67
C HIS K 61 -20.85 48.05 4.89
N LEU K 62 -20.72 49.29 5.39
CA LEU K 62 -19.88 50.30 4.80
C LEU K 62 -18.38 49.89 4.93
N VAL K 63 -17.69 50.19 3.86
CA VAL K 63 -16.22 49.94 3.78
C VAL K 63 -15.65 51.33 4.09
N ARG K 64 -15.14 51.54 5.25
CA ARG K 64 -14.62 52.84 5.66
C ARG K 64 -13.15 53.07 5.44
N ASP K 65 -12.48 52.12 4.79
CA ASP K 65 -11.03 52.22 4.58
C ASP K 65 -10.69 52.15 3.11
N SER K 66 -11.66 52.42 2.27
CA SER K 66 -11.39 52.37 0.84
C SER K 66 -10.76 53.63 0.28
N PHE K 67 -9.96 53.44 -0.75
CA PHE K 67 -9.21 54.47 -1.45
C PHE K 67 -9.58 54.30 -2.94
N LEU K 68 -9.89 55.43 -3.57
CA LEU K 68 -10.27 55.46 -4.96
C LEU K 68 -9.37 56.40 -5.74
N GLU K 69 -9.20 56.11 -7.01
CA GLU K 69 -8.42 56.93 -7.94
C GLU K 69 -9.33 57.17 -9.14
N VAL K 70 -9.33 58.39 -9.68
CA VAL K 70 -10.25 58.69 -10.81
C VAL K 70 -9.49 59.23 -12.01
N TRP K 71 -10.01 59.03 -13.18
CA TRP K 71 -9.38 59.46 -14.44
C TRP K 71 -10.51 59.82 -15.42
N GLN K 72 -10.53 61.09 -15.75
CA GLN K 72 -11.62 61.53 -16.68
C GLN K 72 -11.09 62.56 -17.67
N ALA K 73 -11.91 62.81 -18.68
CA ALA K 73 -11.60 63.83 -19.70
C ALA K 73 -12.14 65.16 -19.11
N ASP K 74 -11.57 66.23 -19.59
CA ASP K 74 -12.04 67.59 -19.15
C ASP K 74 -13.42 67.77 -19.84
N ALA K 75 -13.82 69.00 -19.99
CA ALA K 75 -15.15 69.32 -20.60
C ALA K 75 -15.11 69.20 -22.10
N ASN K 76 -13.96 69.44 -22.68
CA ASN K 76 -13.75 69.37 -24.15
C ASN K 76 -13.53 67.97 -24.62
N GLY K 77 -13.65 67.02 -23.68
CA GLY K 77 -13.51 65.59 -23.96
C GLY K 77 -12.06 65.20 -24.13
N GLU K 78 -11.15 65.97 -23.56
CA GLU K 78 -9.71 65.64 -23.65
C GLU K 78 -9.07 65.35 -22.31
N TYR K 79 -8.13 64.40 -22.37
CA TYR K 79 -7.39 63.95 -21.16
C TYR K 79 -6.13 64.75 -20.93
N GLN K 80 -6.15 65.41 -19.79
CA GLN K 80 -4.98 66.25 -19.37
C GLN K 80 -4.08 65.36 -18.54
N ASP K 81 -3.08 64.79 -19.19
CA ASP K 81 -2.18 63.87 -18.49
C ASP K 81 -1.06 64.59 -17.78
N ALA K 82 -0.78 65.81 -18.22
CA ALA K 82 0.32 66.56 -17.56
C ALA K 82 -0.26 67.07 -16.24
N TYR K 83 0.02 66.34 -15.17
CA TYR K 83 -0.49 66.67 -13.83
C TYR K 83 0.24 67.81 -13.16
N ASN K 84 -0.48 68.86 -12.87
CA ASN K 84 0.09 70.04 -12.15
C ASN K 84 -1.02 70.68 -11.30
N LEU K 85 -0.65 71.07 -10.09
CA LEU K 85 -1.57 71.71 -9.14
C LEU K 85 -2.04 73.08 -9.64
N GLU K 86 -1.20 73.73 -10.41
CA GLU K 86 -1.47 75.04 -10.98
C GLU K 86 -2.57 74.94 -12.01
N ASN K 87 -2.65 73.80 -12.69
CA ASN K 87 -3.69 73.63 -13.75
C ASN K 87 -5.05 73.96 -13.16
N ALA K 88 -5.94 74.37 -14.06
CA ALA K 88 -7.33 74.72 -13.65
C ALA K 88 -8.11 73.39 -13.50
N PHE K 89 -7.61 72.43 -14.29
CA PHE K 89 -8.21 71.09 -14.30
C PHE K 89 -7.16 70.00 -14.53
N ASN K 90 -7.28 68.97 -13.68
CA ASN K 90 -6.40 67.78 -13.77
C ASN K 90 -7.35 66.59 -14.03
N SER K 91 -6.95 65.76 -14.95
CA SER K 91 -7.73 64.56 -15.36
C SER K 91 -7.65 63.45 -14.30
N PHE K 92 -6.66 63.61 -13.41
CA PHE K 92 -6.41 62.65 -12.33
C PHE K 92 -6.74 63.18 -10.94
N GLY K 93 -7.25 62.26 -10.10
CA GLY K 93 -7.52 62.67 -8.70
C GLY K 93 -7.57 61.47 -7.77
N ARG K 94 -7.57 61.76 -6.46
CA ARG K 94 -7.65 60.64 -5.47
C ARG K 94 -8.63 61.05 -4.37
N THR K 95 -9.36 60.06 -3.86
CA THR K 95 -10.33 60.32 -2.77
C THR K 95 -10.36 59.08 -1.90
N ALA K 96 -10.96 59.16 -0.75
CA ALA K 96 -11.09 58.06 0.22
C ALA K 96 -12.38 58.28 1.03
N THR K 97 -12.84 57.24 1.72
CA THR K 97 -14.06 57.28 2.54
C THR K 97 -13.72 57.53 4.00
N THR K 98 -14.55 58.36 4.63
CA THR K 98 -14.37 58.75 6.05
C THR K 98 -14.45 57.52 6.95
N PHE K 99 -13.71 57.56 8.05
CA PHE K 99 -13.75 56.44 9.02
C PHE K 99 -15.02 56.60 9.87
N ASP K 100 -15.77 57.63 9.61
CA ASP K 100 -17.04 57.90 10.36
C ASP K 100 -18.16 57.45 9.41
N ALA K 101 -18.89 58.45 8.95
CA ALA K 101 -20.02 58.26 8.02
C ALA K 101 -19.61 57.48 6.77
N GLY K 102 -18.32 57.50 6.47
CA GLY K 102 -17.76 56.80 5.35
C GLY K 102 -18.22 57.11 3.98
N GLU K 103 -18.12 58.37 3.60
CA GLU K 103 -18.55 58.84 2.24
C GLU K 103 -17.32 59.48 1.63
N TRP K 104 -17.20 59.37 0.31
CA TRP K 104 -16.03 60.01 -0.38
C TRP K 104 -16.69 61.13 -1.22
N THR K 105 -15.91 62.09 -1.58
CA THR K 105 -16.36 63.22 -2.40
C THR K 105 -15.26 63.65 -3.36
N LEU K 106 -15.73 64.16 -4.48
CA LEU K 106 -14.77 64.63 -5.52
C LEU K 106 -15.37 65.95 -6.02
N HIS K 107 -14.48 66.81 -6.42
CA HIS K 107 -14.87 68.16 -6.98
C HIS K 107 -14.22 68.18 -8.36
N THR K 108 -15.04 68.15 -9.37
CA THR K 108 -14.52 68.15 -10.76
C THR K 108 -15.60 68.77 -11.67
N VAL K 109 -15.44 68.60 -12.95
CA VAL K 109 -16.38 69.06 -13.97
C VAL K 109 -16.82 67.82 -14.79
N LYS K 110 -18.05 67.86 -15.27
CA LYS K 110 -18.60 66.77 -16.09
C LYS K 110 -17.78 66.63 -17.38
N PRO K 111 -17.25 65.41 -17.59
CA PRO K 111 -16.41 65.10 -18.74
C PRO K 111 -17.13 65.14 -20.06
N GLY K 112 -16.38 65.53 -21.10
CA GLY K 112 -17.01 65.58 -22.47
C GLY K 112 -16.83 64.16 -23.04
N VAL K 113 -17.39 63.87 -24.16
CA VAL K 113 -17.35 62.63 -24.88
C VAL K 113 -16.02 62.32 -25.57
N VAL K 114 -15.56 61.08 -25.48
CA VAL K 114 -14.30 60.65 -26.16
C VAL K 114 -14.76 59.41 -26.96
N ASN K 115 -14.07 59.12 -28.03
CA ASN K 115 -14.49 57.96 -28.88
C ASN K 115 -13.72 56.71 -28.46
N ASN K 116 -14.24 55.58 -28.83
CA ASN K 116 -13.58 54.28 -28.52
C ASN K 116 -12.53 54.09 -29.65
N ALA K 117 -11.90 52.94 -29.61
CA ALA K 117 -10.84 52.64 -30.59
C ALA K 117 -11.44 52.61 -31.98
N ALA K 118 -12.68 52.20 -32.13
CA ALA K 118 -13.31 52.12 -33.46
C ALA K 118 -13.88 53.45 -33.88
N GLY K 119 -13.67 54.47 -33.10
CA GLY K 119 -14.19 55.80 -33.42
C GLY K 119 -15.59 56.10 -32.94
N VAL K 120 -16.29 55.13 -32.38
CA VAL K 120 -17.65 55.38 -31.84
C VAL K 120 -17.51 56.08 -30.48
N PRO K 121 -18.30 57.09 -30.27
CA PRO K 121 -18.32 57.89 -29.04
C PRO K 121 -18.97 57.11 -27.89
N MET K 122 -18.36 57.34 -26.73
CA MET K 122 -18.78 56.71 -25.46
C MET K 122 -19.51 57.79 -24.66
N ALA K 123 -20.51 57.42 -23.89
CA ALA K 123 -21.23 58.49 -23.09
C ALA K 123 -20.20 58.98 -22.09
N PRO K 124 -20.39 60.17 -21.57
CA PRO K 124 -19.47 60.76 -20.59
C PRO K 124 -19.35 59.81 -19.40
N HIS K 125 -18.12 59.63 -18.93
CA HIS K 125 -17.84 58.75 -17.79
C HIS K 125 -16.51 59.12 -17.14
N ILE K 126 -16.42 58.58 -15.94
CA ILE K 126 -15.25 58.70 -15.07
C ILE K 126 -14.77 57.26 -14.78
N ASN K 127 -13.49 57.04 -15.04
CA ASN K 127 -12.90 55.72 -14.76
C ASN K 127 -12.47 55.76 -13.27
N ILE K 128 -12.84 54.72 -12.57
CA ILE K 128 -12.51 54.59 -11.15
C ILE K 128 -11.84 53.24 -10.86
N SER K 129 -10.90 53.27 -9.98
CA SER K 129 -10.14 52.11 -9.46
C SER K 129 -10.36 52.14 -7.92
N LEU K 130 -10.82 51.03 -7.40
CA LEU K 130 -11.08 50.91 -5.96
C LEU K 130 -10.04 50.06 -5.27
N PHE K 131 -9.49 50.59 -4.18
CA PHE K 131 -8.50 49.92 -3.36
C PHE K 131 -8.96 49.86 -1.88
N ALA K 132 -8.57 48.78 -1.21
CA ALA K 132 -8.83 48.61 0.21
C ALA K 132 -8.37 47.27 0.75
N ARG K 133 -8.31 47.25 2.09
CA ARG K 133 -7.95 45.99 2.78
C ARG K 133 -9.06 45.03 2.32
N GLY K 134 -8.71 43.78 2.12
CA GLY K 134 -9.66 42.80 1.64
C GLY K 134 -9.68 42.72 0.11
N ILE K 135 -9.13 43.67 -0.56
CA ILE K 135 -9.10 43.68 -2.07
C ILE K 135 -7.67 43.43 -2.57
N ASN K 136 -7.46 42.19 -3.01
CA ASN K 136 -6.16 41.70 -3.47
C ASN K 136 -5.62 42.41 -4.70
N ILE K 137 -6.49 42.68 -5.63
CA ILE K 137 -6.25 43.37 -6.89
C ILE K 137 -7.40 44.36 -7.07
N HIS K 138 -7.08 45.62 -7.31
CA HIS K 138 -8.00 46.67 -7.47
C HIS K 138 -9.09 46.40 -8.51
N LEU K 139 -10.21 47.04 -8.24
CA LEU K 139 -11.44 47.00 -9.00
C LEU K 139 -11.56 48.25 -9.85
N HIS K 140 -11.85 48.03 -11.13
CA HIS K 140 -12.07 49.04 -12.14
C HIS K 140 -13.61 49.11 -12.38
N THR K 141 -14.14 50.29 -12.49
CA THR K 141 -15.55 50.56 -12.77
C THR K 141 -15.61 51.93 -13.44
N ARG K 142 -16.77 52.28 -13.97
CA ARG K 142 -16.91 53.61 -14.62
C ARG K 142 -18.15 54.29 -14.04
N LEU K 143 -18.12 55.58 -13.94
CA LEU K 143 -19.32 56.35 -13.47
C LEU K 143 -19.91 57.06 -14.71
N TYR K 144 -21.19 56.91 -14.90
CA TYR K 144 -22.07 57.46 -15.90
C TYR K 144 -23.11 58.33 -15.13
N PHE K 145 -23.65 59.29 -15.86
CA PHE K 145 -24.63 60.25 -15.26
C PHE K 145 -26.02 59.91 -15.75
N ASP K 146 -27.00 60.02 -14.86
CA ASP K 146 -28.37 59.70 -15.21
C ASP K 146 -28.99 60.69 -16.21
N ASP K 147 -28.50 61.91 -16.23
CA ASP K 147 -29.04 62.91 -17.15
C ASP K 147 -28.41 62.81 -18.52
N GLU K 148 -27.93 61.65 -18.92
CA GLU K 148 -27.29 61.50 -20.25
C GLU K 148 -27.74 60.21 -20.90
N ALA K 149 -28.94 59.80 -20.52
CA ALA K 149 -29.57 58.60 -21.02
C ALA K 149 -29.44 58.42 -22.54
N GLN K 150 -29.52 59.51 -23.28
CA GLN K 150 -29.42 59.36 -24.77
C GLN K 150 -28.07 58.70 -25.10
N ALA K 151 -27.05 59.38 -24.60
CA ALA K 151 -25.66 58.93 -24.77
C ALA K 151 -25.45 57.53 -24.21
N ASN K 152 -25.91 57.35 -22.98
CA ASN K 152 -25.76 56.07 -22.26
C ASN K 152 -26.33 54.91 -23.06
N ALA K 153 -27.40 55.18 -23.78
CA ALA K 153 -28.07 54.11 -24.55
C ALA K 153 -27.22 53.66 -25.71
N LYS K 154 -26.40 54.58 -26.15
CA LYS K 154 -25.53 54.36 -27.31
C LYS K 154 -24.13 53.93 -26.98
N CYS K 155 -23.70 53.96 -25.74
CA CYS K 155 -22.36 53.61 -25.33
C CYS K 155 -21.99 52.18 -25.72
N PRO K 156 -20.87 52.11 -26.43
CA PRO K 156 -20.31 50.83 -26.87
C PRO K 156 -19.84 49.98 -25.69
N VAL K 157 -19.38 50.63 -24.64
CA VAL K 157 -18.90 49.98 -23.41
C VAL K 157 -20.06 49.41 -22.58
N LEU K 158 -21.00 50.28 -22.26
CA LEU K 158 -22.20 49.97 -21.46
C LEU K 158 -23.00 48.91 -22.17
N ASN K 159 -22.91 48.93 -23.50
CA ASN K 159 -23.58 47.94 -24.35
C ASN K 159 -22.86 46.62 -24.34
N LEU K 160 -21.72 46.55 -23.66
CA LEU K 160 -20.96 45.29 -23.58
C LEU K 160 -21.52 44.45 -22.44
N ILE K 161 -22.18 45.13 -21.53
CA ILE K 161 -22.77 44.44 -20.34
C ILE K 161 -24.04 43.73 -20.83
N GLU K 162 -23.96 42.41 -20.82
CA GLU K 162 -25.03 41.55 -21.28
C GLU K 162 -26.40 41.86 -20.75
N GLN K 163 -26.53 41.95 -19.44
CA GLN K 163 -27.81 42.23 -18.77
C GLN K 163 -28.04 43.71 -18.48
N PRO K 164 -29.03 44.24 -19.15
CA PRO K 164 -29.44 45.65 -19.01
C PRO K 164 -29.51 46.06 -17.56
N GLN K 165 -30.02 45.20 -16.70
CA GLN K 165 -30.16 45.46 -15.27
C GLN K 165 -28.83 45.89 -14.64
N ARG K 166 -27.71 45.27 -15.06
CA ARG K 166 -26.40 45.55 -14.49
C ARG K 166 -25.82 46.87 -14.96
N ARG K 167 -26.32 47.35 -16.09
CA ARG K 167 -25.85 48.62 -16.67
C ARG K 167 -26.24 49.77 -15.76
N GLU K 168 -27.35 49.56 -15.07
CA GLU K 168 -27.89 50.54 -14.15
C GLU K 168 -27.06 50.79 -12.92
N THR K 169 -26.26 49.83 -12.52
CA THR K 169 -25.38 49.92 -11.38
C THR K 169 -24.24 50.91 -11.66
N LEU K 170 -24.06 51.31 -12.90
CA LEU K 170 -23.02 52.25 -13.28
C LEU K 170 -23.44 53.69 -13.41
N ILE K 171 -24.72 53.97 -13.38
CA ILE K 171 -25.30 55.31 -13.56
C ILE K 171 -25.55 56.05 -12.27
N ALA K 172 -24.86 57.16 -12.11
CA ALA K 172 -24.96 58.02 -10.93
C ALA K 172 -26.25 58.86 -10.98
N LYS K 173 -26.90 58.89 -9.84
CA LYS K 173 -28.14 59.59 -9.58
C LYS K 173 -27.84 61.06 -9.19
N ARG K 174 -28.34 61.91 -10.06
CA ARG K 174 -28.22 63.34 -10.01
C ARG K 174 -29.04 63.91 -8.84
N CYS K 175 -28.41 64.89 -8.19
CA CYS K 175 -29.00 65.56 -7.04
C CYS K 175 -28.36 66.94 -6.90
N GLU K 176 -28.55 67.52 -5.72
CA GLU K 176 -27.99 68.86 -5.46
C GLU K 176 -27.56 68.88 -3.99
N VAL K 177 -26.39 69.50 -3.79
CA VAL K 177 -25.81 69.62 -2.43
C VAL K 177 -25.48 71.10 -2.23
N ASP K 178 -26.28 71.68 -1.33
CA ASP K 178 -26.14 73.13 -1.03
C ASP K 178 -26.40 73.87 -2.35
N GLY K 179 -27.51 73.50 -2.97
CA GLY K 179 -27.90 74.12 -4.24
C GLY K 179 -26.77 74.07 -5.25
N LYS K 180 -26.09 72.95 -5.25
CA LYS K 180 -24.96 72.72 -6.23
C LYS K 180 -25.24 71.35 -6.84
N THR K 181 -24.98 71.20 -8.12
CA THR K 181 -25.22 69.91 -8.78
C THR K 181 -24.22 68.88 -8.20
N ALA K 182 -24.82 67.78 -7.82
CA ALA K 182 -24.15 66.61 -7.22
C ALA K 182 -24.68 65.37 -7.88
N TYR K 183 -23.95 64.27 -7.76
CA TYR K 183 -24.37 62.96 -8.35
C TYR K 183 -23.88 61.94 -7.30
N ARG K 184 -24.72 61.00 -6.97
CA ARG K 184 -24.35 60.00 -5.95
C ARG K 184 -23.99 58.66 -6.61
N PHE K 185 -22.81 58.19 -6.24
CA PHE K 185 -22.31 56.91 -6.81
C PHE K 185 -21.89 55.94 -5.69
N ASP K 186 -22.78 55.01 -5.46
CA ASP K 186 -22.66 53.96 -4.48
C ASP K 186 -22.09 52.73 -5.20
N ILE K 187 -21.07 52.20 -4.59
CA ILE K 187 -20.39 51.01 -5.13
C ILE K 187 -20.77 49.86 -4.20
N ARG K 188 -21.31 48.83 -4.78
CA ARG K 188 -21.65 47.61 -4.01
C ARG K 188 -20.69 46.55 -4.61
N ILE K 189 -19.73 46.17 -3.80
CA ILE K 189 -18.69 45.24 -4.14
C ILE K 189 -19.20 43.82 -4.38
N GLN K 190 -20.18 43.49 -3.53
CA GLN K 190 -20.67 42.11 -3.59
C GLN K 190 -22.12 42.00 -3.27
N GLY K 191 -22.75 40.98 -3.89
CA GLY K 191 -24.16 40.72 -3.64
C GLY K 191 -25.15 41.41 -4.50
N GLU K 192 -26.25 41.82 -3.83
CA GLU K 192 -27.41 42.48 -4.42
C GLU K 192 -27.06 43.84 -4.96
N GLY K 193 -27.33 44.02 -6.25
CA GLY K 193 -27.02 45.28 -6.94
C GLY K 193 -25.51 45.41 -7.13
N GLU K 194 -24.78 44.29 -7.01
CA GLU K 194 -23.32 44.31 -7.18
C GLU K 194 -23.00 45.13 -8.42
N THR K 195 -22.10 46.06 -8.22
CA THR K 195 -21.65 46.94 -9.32
C THR K 195 -20.81 46.15 -10.33
N VAL K 196 -20.90 46.60 -11.57
CA VAL K 196 -20.11 46.04 -12.68
C VAL K 196 -18.68 46.58 -12.52
N PHE K 197 -17.80 45.62 -12.65
CA PHE K 197 -16.34 45.85 -12.59
C PHE K 197 -15.79 45.32 -13.95
N PHE K 198 -14.85 46.03 -14.50
CA PHE K 198 -14.21 45.68 -15.78
C PHE K 198 -12.79 45.16 -15.63
N ASP K 199 -12.39 44.57 -16.75
CA ASP K 199 -11.06 43.99 -17.02
C ASP K 199 -10.70 44.52 -18.43
N PHE K 200 -9.51 45.04 -18.54
CA PHE K 200 -8.95 45.59 -19.76
C PHE K 200 -7.42 45.59 -19.75
N PRO L 1 -3.10 66.95 -25.53
CA PRO L 1 -3.66 66.00 -24.54
C PRO L 1 -3.14 64.60 -24.84
N ALA L 2 -3.48 63.66 -23.93
CA ALA L 2 -2.99 62.27 -24.14
C ALA L 2 -3.65 61.74 -25.40
N GLN L 3 -3.00 60.72 -25.97
CA GLN L 3 -3.50 60.07 -27.18
C GLN L 3 -3.42 58.56 -27.07
N ASP L 4 -4.43 57.91 -27.65
CA ASP L 4 -4.55 56.45 -27.68
C ASP L 4 -3.55 55.86 -28.70
N ASN L 5 -2.32 55.63 -28.26
CA ASN L 5 -1.36 55.04 -29.24
C ASN L 5 -0.79 53.70 -28.79
N SER L 6 -1.10 53.30 -27.57
CA SER L 6 -0.56 52.03 -27.08
C SER L 6 -1.70 51.05 -26.81
N ARG L 7 -1.24 49.83 -26.66
CA ARG L 7 -2.09 48.71 -26.27
C ARG L 7 -1.20 48.09 -25.14
N PHE L 8 -1.88 47.55 -24.13
CA PHE L 8 -1.19 46.91 -23.01
C PHE L 8 -1.55 45.45 -23.00
N VAL L 9 -0.57 44.63 -22.67
CA VAL L 9 -0.73 43.18 -22.62
C VAL L 9 -1.79 42.83 -21.57
N ILE L 10 -2.75 42.02 -21.98
CA ILE L 10 -3.81 41.58 -21.05
C ILE L 10 -3.13 41.04 -19.78
N ARG L 11 -3.77 41.29 -18.61
CA ARG L 11 -3.23 40.82 -17.35
C ARG L 11 -3.49 39.31 -17.22
N ASP L 12 -2.68 38.68 -16.45
CA ASP L 12 -2.80 37.24 -16.16
C ASP L 12 -3.45 37.21 -14.76
N ARG L 13 -4.74 37.05 -14.70
CA ARG L 13 -5.50 37.02 -13.43
C ARG L 13 -5.37 35.73 -12.67
N ASN L 14 -4.46 34.87 -13.17
CA ASN L 14 -4.14 33.59 -12.46
C ASN L 14 -2.74 33.75 -11.84
N TRP L 15 -2.05 34.80 -12.24
CA TRP L 15 -0.69 35.09 -11.78
C TRP L 15 -0.82 35.93 -10.50
N HIS L 16 -1.68 36.91 -10.69
CA HIS L 16 -2.07 37.82 -9.57
C HIS L 16 -3.02 37.00 -8.66
N PRO L 17 -3.10 37.42 -7.41
CA PRO L 17 -4.02 36.77 -6.44
C PRO L 17 -5.45 36.97 -6.96
N LYS L 18 -6.26 35.99 -6.66
CA LYS L 18 -7.72 36.08 -7.04
C LYS L 18 -8.40 36.95 -5.96
N ALA L 19 -9.60 37.35 -6.30
CA ALA L 19 -10.44 38.23 -5.45
C ALA L 19 -10.76 37.53 -4.13
N LEU L 20 -11.28 36.30 -4.22
CA LEU L 20 -11.63 35.54 -3.04
C LEU L 20 -10.59 34.54 -2.62
N THR L 21 -9.96 34.84 -1.50
CA THR L 21 -8.92 34.00 -0.87
C THR L 21 -9.29 33.95 0.63
N PRO L 22 -10.10 32.94 0.97
CA PRO L 22 -10.66 32.73 2.28
C PRO L 22 -9.78 32.85 3.46
N ASP L 23 -8.55 32.43 3.43
CA ASP L 23 -7.63 32.50 4.58
C ASP L 23 -7.35 33.94 4.97
N TYR L 24 -7.54 34.78 3.99
CA TYR L 24 -7.40 36.26 4.17
C TYR L 24 -8.88 36.72 4.37
N LYS L 25 -9.30 36.62 5.62
CA LYS L 25 -10.65 36.84 6.11
C LYS L 25 -11.41 37.96 5.48
N THR L 26 -10.84 39.12 5.40
CA THR L 26 -11.48 40.29 4.81
C THR L 26 -11.88 40.15 3.36
N SER L 27 -11.14 39.39 2.57
CA SER L 27 -11.44 39.17 1.17
C SER L 27 -12.82 38.53 0.99
N ILE L 28 -13.34 37.82 1.99
CA ILE L 28 -14.63 37.15 1.89
C ILE L 28 -15.80 38.03 1.48
N ALA L 29 -15.97 39.14 2.15
CA ALA L 29 -17.05 40.11 1.90
C ALA L 29 -16.71 41.21 0.97
N ARG L 30 -15.43 41.26 0.57
CA ARG L 30 -14.94 42.32 -0.32
C ARG L 30 -14.46 41.83 -1.67
N SER L 31 -15.13 40.80 -2.13
CA SER L 31 -14.78 40.19 -3.44
C SER L 31 -16.09 40.03 -4.19
N PRO L 32 -16.08 40.51 -5.42
CA PRO L 32 -17.29 40.43 -6.27
C PRO L 32 -17.57 38.95 -6.53
N ARG L 33 -18.84 38.65 -6.70
CA ARG L 33 -19.29 37.29 -7.00
C ARG L 33 -19.62 37.22 -8.49
N GLN L 34 -19.86 38.32 -9.14
CA GLN L 34 -20.16 38.27 -10.60
C GLN L 34 -18.81 38.27 -11.32
N ALA L 35 -18.75 37.88 -12.58
CA ALA L 35 -17.43 37.88 -13.33
C ALA L 35 -17.13 39.33 -13.71
N LEU L 36 -15.85 39.62 -13.93
CA LEU L 36 -15.46 41.02 -14.36
C LEU L 36 -15.99 41.07 -15.82
N VAL L 37 -16.23 42.22 -16.35
CA VAL L 37 -16.70 42.37 -17.73
C VAL L 37 -15.44 42.84 -18.52
N SER L 38 -15.06 42.08 -19.53
CA SER L 38 -13.85 42.45 -20.31
C SER L 38 -14.21 43.53 -21.31
N ILE L 39 -13.43 44.62 -21.36
CA ILE L 39 -13.73 45.64 -22.40
C ILE L 39 -12.44 45.87 -23.21
N PRO L 40 -12.63 46.28 -24.44
CA PRO L 40 -11.48 46.58 -25.36
C PRO L 40 -10.82 47.85 -24.82
N GLN L 41 -9.54 48.01 -25.14
CA GLN L 41 -8.81 49.21 -24.66
C GLN L 41 -9.21 50.38 -25.56
N SER L 42 -9.30 51.54 -24.93
CA SER L 42 -9.63 52.81 -25.55
C SER L 42 -8.75 53.84 -24.85
N ILE L 43 -8.83 55.04 -25.29
CA ILE L 43 -8.02 56.16 -24.72
C ILE L 43 -8.32 56.30 -23.25
N SER L 44 -9.54 55.85 -22.87
CA SER L 44 -9.87 55.98 -21.41
C SER L 44 -8.92 55.15 -20.56
N GLU L 45 -8.70 53.92 -20.99
CA GLU L 45 -7.83 52.96 -20.30
C GLU L 45 -6.36 53.02 -20.64
N THR L 46 -5.99 53.45 -21.84
CA THR L 46 -4.57 53.45 -22.23
C THR L 46 -3.85 54.72 -21.94
N THR L 47 -4.42 55.68 -21.26
CA THR L 47 -3.77 56.95 -20.90
C THR L 47 -3.74 56.97 -19.37
N GLY L 48 -2.99 57.86 -18.79
CA GLY L 48 -2.83 58.02 -17.36
C GLY L 48 -2.05 59.31 -17.15
N PRO L 49 -2.03 59.74 -15.88
CA PRO L 49 -1.33 60.97 -15.53
C PRO L 49 0.18 60.80 -15.59
N ASN L 50 0.87 61.89 -15.81
CA ASN L 50 2.33 61.97 -15.83
C ASN L 50 2.63 62.96 -14.67
N PHE L 51 3.40 62.51 -13.73
CA PHE L 51 3.70 63.33 -12.55
C PHE L 51 5.02 64.05 -12.64
N SER L 52 5.51 64.20 -13.87
CA SER L 52 6.77 64.91 -14.12
C SER L 52 6.78 66.28 -13.47
N HIS L 53 5.67 66.98 -13.51
CA HIS L 53 5.63 68.31 -12.91
C HIS L 53 5.20 68.33 -11.48
N LEU L 54 5.20 67.17 -10.82
CA LEU L 54 4.81 67.21 -9.38
C LEU L 54 6.00 67.86 -8.66
N GLY L 55 5.67 68.66 -7.66
CA GLY L 55 6.67 69.39 -6.90
C GLY L 55 7.12 68.55 -5.72
N PHE L 56 8.23 67.85 -5.94
CA PHE L 56 8.79 66.94 -4.94
C PHE L 56 9.75 67.66 -4.00
N GLY L 57 9.55 67.39 -2.72
CA GLY L 57 10.42 67.92 -1.65
C GLY L 57 11.77 67.20 -1.79
N ALA L 58 12.76 67.81 -1.21
CA ALA L 58 14.14 67.36 -1.21
C ALA L 58 14.32 65.99 -0.59
N HIS L 59 13.52 65.74 0.44
CA HIS L 59 13.64 64.46 1.16
C HIS L 59 12.43 63.56 0.96
N ASP L 60 11.73 63.76 -0.13
CA ASP L 60 10.53 62.96 -0.37
C ASP L 60 10.79 61.47 -0.29
N HIS L 61 11.97 61.05 -0.72
CA HIS L 61 12.30 59.62 -0.75
C HIS L 61 13.24 59.20 0.34
N ASP L 62 13.50 60.06 1.32
CA ASP L 62 14.42 59.72 2.41
C ASP L 62 13.66 59.75 3.73
N LEU L 63 13.23 58.56 4.16
CA LEU L 63 12.44 58.38 5.36
C LEU L 63 13.23 58.57 6.62
N LEU L 64 14.53 58.65 6.51
CA LEU L 64 15.38 58.88 7.68
C LEU L 64 15.40 60.36 8.03
N LEU L 65 14.93 61.22 7.12
CA LEU L 65 14.96 62.66 7.34
C LEU L 65 13.68 63.42 7.02
N ASN L 66 12.73 62.82 6.35
CA ASN L 66 11.50 63.51 5.95
C ASN L 66 10.49 63.62 7.07
N PHE L 67 10.78 63.17 8.27
CA PHE L 67 9.74 63.30 9.32
C PHE L 67 10.36 64.16 10.48
N GLY L 71 15.95 63.95 15.65
CA GLY L 71 16.94 62.91 15.55
C GLY L 71 16.66 61.94 14.40
N LEU L 72 17.38 60.82 14.49
CA LEU L 72 17.30 59.73 13.52
C LEU L 72 16.42 58.61 14.03
N PRO L 73 15.69 57.97 13.13
CA PRO L 73 14.85 56.82 13.51
C PRO L 73 15.74 55.72 14.10
N ILE L 74 15.15 54.91 14.95
CA ILE L 74 15.84 53.73 15.51
C ILE L 74 15.51 52.57 14.56
N GLY L 75 16.44 51.72 14.22
CA GLY L 75 16.13 50.62 13.29
C GLY L 75 17.30 50.50 12.30
N GLU L 76 17.23 49.43 11.56
CA GLU L 76 18.28 49.08 10.56
C GLU L 76 18.14 49.98 9.34
N ARG L 77 19.18 50.77 9.16
CA ARG L 77 19.24 51.74 8.04
C ARG L 77 19.51 50.92 6.75
N ILE L 78 18.63 51.10 5.80
CA ILE L 78 18.71 50.44 4.53
C ILE L 78 18.27 51.36 3.39
N ILE L 79 18.74 51.01 2.20
CA ILE L 79 18.36 51.64 0.95
C ILE L 79 17.55 50.60 0.18
N VAL L 80 16.42 50.99 -0.37
CA VAL L 80 15.59 50.11 -1.19
C VAL L 80 15.65 50.76 -2.61
N ALA L 81 16.25 50.08 -3.52
CA ALA L 81 16.41 50.66 -4.90
C ALA L 81 16.07 49.60 -5.89
N GLY L 82 15.80 50.01 -7.11
CA GLY L 82 15.49 48.96 -8.14
C GLY L 82 15.08 49.72 -9.39
N ARG L 83 14.54 48.95 -10.30
CA ARG L 83 14.12 49.59 -11.59
C ARG L 83 12.72 49.19 -11.99
N VAL L 84 12.03 50.00 -12.74
CA VAL L 84 10.68 49.66 -13.22
C VAL L 84 10.82 49.43 -14.73
N VAL L 85 10.43 48.24 -15.14
CA VAL L 85 10.46 47.87 -16.58
C VAL L 85 9.05 47.34 -16.94
N ASP L 86 8.76 47.20 -18.19
CA ASP L 86 7.48 46.65 -18.65
C ASP L 86 7.80 45.20 -18.95
N GLN L 87 6.84 44.44 -19.46
CA GLN L 87 7.06 43.01 -19.69
C GLN L 87 8.03 42.76 -20.88
N TYR L 88 8.28 43.82 -21.64
CA TYR L 88 9.19 43.69 -22.81
C TYR L 88 10.61 44.01 -22.37
N GLY L 89 10.79 44.36 -21.11
CA GLY L 89 12.03 44.70 -20.48
C GLY L 89 12.42 46.17 -20.68
N LYS L 90 11.53 46.94 -21.19
CA LYS L 90 11.79 48.40 -21.46
C LYS L 90 11.63 49.15 -20.16
N PRO L 91 12.48 50.13 -19.90
CA PRO L 91 12.44 50.93 -18.68
C PRO L 91 11.22 51.84 -18.73
N VAL L 92 10.70 52.17 -17.55
CA VAL L 92 9.54 53.11 -17.49
C VAL L 92 10.08 54.35 -16.75
N PRO L 93 10.47 55.34 -17.53
CA PRO L 93 11.05 56.59 -16.95
C PRO L 93 9.96 57.52 -16.50
N ASN L 94 10.30 58.39 -15.58
CA ASN L 94 9.50 59.42 -14.97
C ASN L 94 8.15 58.92 -14.46
N THR L 95 8.18 57.77 -13.81
CA THR L 95 6.92 57.15 -13.28
C THR L 95 6.94 57.36 -11.79
N LEU L 96 5.75 57.44 -11.18
CA LEU L 96 5.66 57.69 -9.75
C LEU L 96 5.61 56.39 -8.94
N VAL L 97 6.44 56.32 -7.95
CA VAL L 97 6.60 55.24 -7.01
C VAL L 97 6.32 55.81 -5.61
N GLU L 98 5.34 55.21 -4.94
CA GLU L 98 5.06 55.68 -3.54
C GLU L 98 5.17 54.48 -2.65
N MET L 99 5.65 54.68 -1.43
CA MET L 99 5.83 53.62 -0.47
C MET L 99 5.43 54.10 0.93
N TRP L 100 4.99 53.17 1.76
CA TRP L 100 4.58 53.44 3.14
C TRP L 100 4.85 52.17 3.94
N GLN L 101 5.13 52.29 5.22
CA GLN L 101 5.42 51.08 6.02
C GLN L 101 5.32 51.38 7.52
N ALA L 102 5.52 50.37 8.31
CA ALA L 102 5.54 50.56 9.79
C ALA L 102 6.97 50.88 10.19
N ASN L 103 7.20 51.18 11.42
CA ASN L 103 8.55 51.45 11.97
C ASN L 103 9.24 50.11 12.31
N ALA L 104 10.39 50.26 12.93
CA ALA L 104 11.24 49.13 13.30
C ALA L 104 10.56 48.11 14.17
N GLY L 105 9.55 48.53 14.93
CA GLY L 105 8.79 47.73 15.83
C GLY L 105 7.47 47.19 15.30
N GLY L 106 7.20 47.47 14.04
CA GLY L 106 5.97 47.00 13.42
C GLY L 106 4.77 47.88 13.73
N ARG L 107 5.04 49.09 14.20
CA ARG L 107 3.95 50.05 14.49
C ARG L 107 3.81 51.05 13.36
N TYR L 108 2.59 51.33 12.95
CA TYR L 108 2.25 52.28 11.89
C TYR L 108 1.86 53.63 12.55
N ARG L 109 2.12 54.67 11.78
CA ARG L 109 1.78 56.04 12.29
C ARG L 109 0.43 56.34 11.67
N HIS L 110 -0.58 55.70 12.27
CA HIS L 110 -1.97 55.80 11.79
C HIS L 110 -2.91 55.69 12.96
N LYS L 111 -3.97 56.46 12.92
CA LYS L 111 -5.02 56.56 13.90
C LYS L 111 -5.47 55.22 14.51
N ASN L 112 -5.83 54.36 13.56
CA ASN L 112 -6.36 53.04 13.76
C ASN L 112 -5.36 51.96 14.13
N ASP L 113 -4.09 52.26 14.25
CA ASP L 113 -3.11 51.20 14.63
C ASP L 113 -2.86 51.31 16.14
N ARG L 114 -3.42 50.32 16.85
CA ARG L 114 -3.29 50.31 18.31
C ARG L 114 -2.32 49.23 18.76
N TYR L 115 -1.47 48.76 17.85
CA TYR L 115 -0.49 47.70 18.26
C TYR L 115 0.28 48.38 19.39
N LEU L 116 0.70 47.63 20.36
CA LEU L 116 1.38 48.11 21.54
C LEU L 116 2.83 48.50 21.37
N ALA L 117 3.44 48.22 20.22
CA ALA L 117 4.90 48.66 20.09
C ALA L 117 4.80 50.17 19.92
N PRO L 118 5.75 50.91 20.44
CA PRO L 118 5.70 52.36 20.37
C PRO L 118 5.95 52.91 18.99
N LEU L 119 5.55 54.18 18.88
CA LEU L 119 5.79 54.98 17.66
C LEU L 119 7.22 55.53 17.88
N ASP L 120 7.84 55.81 16.74
CA ASP L 120 9.23 56.38 16.81
C ASP L 120 9.01 57.86 16.43
N PRO L 121 9.41 58.72 17.36
CA PRO L 121 9.28 60.17 17.21
C PRO L 121 9.94 60.68 15.96
N ASN L 122 10.97 60.01 15.44
CA ASN L 122 11.65 60.46 14.23
C ASN L 122 11.23 59.73 12.99
N PHE L 123 10.16 58.97 13.02
CA PHE L 123 9.77 58.21 11.79
C PHE L 123 8.32 58.47 11.43
N GLY L 124 8.12 58.69 10.14
CA GLY L 124 6.84 58.94 9.50
C GLY L 124 6.33 57.65 8.82
N GLY L 125 7.08 57.25 7.80
CA GLY L 125 6.79 56.03 7.04
C GLY L 125 6.22 56.18 5.68
N VAL L 126 6.31 57.31 5.03
CA VAL L 126 5.83 57.61 3.68
C VAL L 126 7.00 58.16 2.83
N GLY L 127 6.98 57.89 1.56
CA GLY L 127 8.02 58.34 0.61
C GLY L 127 7.48 58.24 -0.80
N ARG L 128 8.03 59.01 -1.70
CA ARG L 128 7.59 58.99 -3.13
C ARG L 128 8.86 59.31 -3.89
N CYS L 129 8.94 58.91 -5.13
CA CYS L 129 10.14 59.09 -5.98
C CYS L 129 9.70 58.96 -7.43
N LEU L 130 10.23 59.78 -8.29
CA LEU L 130 9.91 59.63 -9.75
C LEU L 130 11.10 58.87 -10.37
N THR L 131 10.83 57.83 -11.12
CA THR L 131 11.92 57.06 -11.74
C THR L 131 12.70 57.96 -12.67
N ASP L 132 13.99 57.67 -12.82
CA ASP L 132 14.84 58.47 -13.72
C ASP L 132 14.65 57.93 -15.13
N SER L 133 15.49 58.47 -16.01
CA SER L 133 15.47 58.11 -17.44
C SER L 133 15.59 56.63 -17.62
N ASP L 134 16.33 55.96 -16.73
CA ASP L 134 16.48 54.50 -16.82
C ASP L 134 15.48 53.63 -16.12
N GLY L 135 14.49 54.22 -15.47
CA GLY L 135 13.49 53.44 -14.73
C GLY L 135 13.95 53.16 -13.32
N TYR L 136 14.91 53.89 -12.82
CA TYR L 136 15.49 53.73 -11.49
C TYR L 136 14.92 54.61 -10.42
N TYR L 137 14.64 53.95 -9.30
CA TYR L 137 14.09 54.69 -8.11
C TYR L 137 14.96 54.18 -6.94
N SER L 138 14.95 55.00 -5.89
CA SER L 138 15.66 54.60 -4.68
C SER L 138 15.07 55.32 -3.48
N PHE L 139 14.99 54.59 -2.40
CA PHE L 139 14.48 55.13 -1.11
C PHE L 139 15.49 54.80 -0.01
N ARG L 140 15.49 55.58 1.03
CA ARG L 140 16.36 55.31 2.20
C ARG L 140 15.36 55.28 3.39
N THR L 141 15.42 54.17 4.11
CA THR L 141 14.47 54.02 5.24
C THR L 141 15.10 53.12 6.26
N ILE L 142 14.21 52.62 7.14
CA ILE L 142 14.65 51.61 8.12
C ILE L 142 13.81 50.34 7.82
N LYS L 143 14.37 49.18 8.13
CA LYS L 143 13.63 47.92 7.87
C LYS L 143 12.50 47.85 8.92
N PRO L 144 11.29 47.63 8.42
CA PRO L 144 10.10 47.55 9.27
C PRO L 144 10.03 46.19 9.95
N GLY L 145 9.32 46.13 11.08
CA GLY L 145 9.12 44.88 11.80
C GLY L 145 7.80 44.25 11.40
N PRO L 146 7.71 42.96 11.62
CA PRO L 146 6.49 42.17 11.35
C PRO L 146 5.40 42.78 12.25
N TYR L 147 4.17 42.57 11.85
CA TYR L 147 2.98 43.15 12.51
C TYR L 147 1.89 42.10 12.72
N PRO L 148 1.46 42.01 13.98
CA PRO L 148 0.38 41.07 14.38
C PRO L 148 -0.92 41.68 13.87
N TRP L 149 -1.83 40.85 13.41
CA TRP L 149 -3.10 41.42 12.91
C TRP L 149 -4.22 40.45 13.22
N ARG L 150 -5.43 41.01 13.27
CA ARG L 150 -6.57 40.13 13.59
C ARG L 150 -7.09 39.38 12.39
N ASN L 151 -6.49 38.29 12.03
CA ASN L 151 -6.89 37.39 10.92
C ASN L 151 -7.18 36.08 11.69
N GLY L 152 -6.19 35.23 11.73
CA GLY L 152 -6.33 33.96 12.53
C GLY L 152 -5.90 34.45 13.94
N PRO L 153 -5.88 33.57 14.91
CA PRO L 153 -5.50 33.90 16.28
C PRO L 153 -4.06 34.25 16.49
N ASN L 154 -3.14 33.86 15.57
CA ASN L 154 -1.72 34.20 15.76
C ASN L 154 -1.08 34.49 14.40
N ASP L 155 -1.65 35.42 13.65
CA ASP L 155 -1.20 35.86 12.37
C ASP L 155 -0.28 37.06 12.56
N TRP L 156 0.85 36.96 11.79
CA TRP L 156 1.87 38.01 11.80
C TRP L 156 2.26 38.36 10.37
N ARG L 157 2.16 39.65 10.04
CA ARG L 157 2.59 40.02 8.67
C ARG L 157 4.14 39.96 8.71
N PRO L 158 4.67 39.47 7.60
CA PRO L 158 6.16 39.48 7.44
C PRO L 158 6.53 40.99 7.32
N ALA L 159 7.73 41.35 7.65
CA ALA L 159 8.14 42.77 7.47
C ALA L 159 7.93 43.07 5.97
N HIS L 160 7.34 44.19 5.64
CA HIS L 160 7.01 44.59 4.27
C HIS L 160 6.89 46.11 4.15
N ILE L 161 6.94 46.57 2.93
CA ILE L 161 6.80 47.99 2.56
C ILE L 161 5.76 47.99 1.41
N HIS L 162 4.72 48.78 1.58
CA HIS L 162 3.68 48.90 0.53
C HIS L 162 4.21 49.78 -0.59
N PHE L 163 3.85 49.45 -1.81
CA PHE L 163 4.31 50.20 -2.98
C PHE L 163 3.11 50.44 -3.90
N GLY L 164 3.12 51.59 -4.50
CA GLY L 164 2.06 51.97 -5.50
C GLY L 164 2.91 52.52 -6.68
N ILE L 165 2.64 52.09 -7.86
CA ILE L 165 3.39 52.52 -9.06
C ILE L 165 2.40 52.92 -10.14
N SER L 166 2.61 54.16 -10.65
CA SER L 166 1.69 54.66 -11.70
C SER L 166 1.85 54.00 -13.03
N GLY L 167 3.03 53.98 -13.60
CA GLY L 167 3.28 53.38 -14.95
C GLY L 167 2.74 54.41 -15.97
N PRO L 168 2.78 54.04 -17.26
CA PRO L 168 2.27 54.89 -18.31
C PRO L 168 0.79 55.05 -18.44
N SER L 169 -0.03 54.19 -17.89
CA SER L 169 -1.51 54.32 -18.03
C SER L 169 -2.20 53.84 -16.76
N ILE L 170 -3.52 53.99 -16.71
CA ILE L 170 -4.30 53.55 -15.54
C ILE L 170 -4.41 52.02 -15.67
N ALA L 171 -4.05 51.54 -16.87
CA ALA L 171 -4.08 50.09 -17.13
C ALA L 171 -2.87 49.43 -16.46
N THR L 172 -1.83 50.21 -16.23
CA THR L 172 -0.59 49.77 -15.63
C THR L 172 -0.48 50.01 -14.14
N LYS L 173 -1.25 50.94 -13.59
CA LYS L 173 -1.16 51.26 -12.13
C LYS L 173 -1.31 49.96 -11.35
N LEU L 174 -0.48 49.85 -10.31
CA LEU L 174 -0.43 48.72 -9.42
C LEU L 174 -0.03 49.08 -7.99
N ILE L 175 -0.61 48.37 -7.05
CA ILE L 175 -0.22 48.48 -5.60
C ILE L 175 0.28 47.05 -5.25
N THR L 176 1.34 46.99 -4.48
CA THR L 176 1.92 45.69 -4.10
C THR L 176 2.63 45.88 -2.78
N GLN L 177 3.30 44.80 -2.37
CA GLN L 177 4.13 44.82 -1.16
C GLN L 177 5.48 44.16 -1.53
N LEU L 178 6.48 44.61 -0.82
CA LEU L 178 7.85 44.11 -0.86
C LEU L 178 8.10 43.35 0.47
N TYR L 179 8.65 42.18 0.30
CA TYR L 179 9.05 41.33 1.47
C TYR L 179 10.55 41.25 1.44
N PHE L 180 11.18 40.88 2.54
CA PHE L 180 12.63 40.80 2.66
C PHE L 180 13.12 39.37 2.61
N GLU L 181 14.13 39.23 1.74
CA GLU L 181 14.75 37.94 1.51
C GLU L 181 15.03 37.18 2.77
N GLY L 182 14.56 35.94 2.84
CA GLY L 182 14.77 35.00 3.91
C GLY L 182 13.83 35.11 5.11
N ASP L 183 12.94 36.07 5.10
CA ASP L 183 11.99 36.19 6.30
C ASP L 183 11.18 34.93 6.43
N PRO L 184 11.33 34.24 7.57
CA PRO L 184 10.57 32.98 7.80
C PRO L 184 9.07 33.21 7.92
N LEU L 185 8.61 34.47 8.00
CA LEU L 185 7.14 34.66 8.10
C LEU L 185 6.47 34.62 6.73
N ILE L 186 7.28 34.79 5.67
CA ILE L 186 6.67 34.87 4.34
C ILE L 186 5.72 33.78 3.94
N PRO L 187 6.14 32.52 4.09
CA PRO L 187 5.35 31.38 3.68
C PRO L 187 4.10 31.16 4.53
N MET L 188 4.02 31.78 5.68
CA MET L 188 2.90 31.58 6.59
C MET L 188 1.80 32.62 6.43
N CYS L 189 2.07 33.67 5.73
CA CYS L 189 1.09 34.75 5.59
C CYS L 189 0.03 34.54 4.57
N PRO L 190 -1.24 34.63 5.02
CA PRO L 190 -2.41 34.47 4.18
C PRO L 190 -2.52 35.49 3.08
N ILE L 191 -2.04 36.70 3.25
CA ILE L 191 -2.06 37.73 2.20
C ILE L 191 -1.09 37.28 1.07
N VAL L 192 0.12 36.90 1.46
CA VAL L 192 1.15 36.43 0.54
C VAL L 192 0.48 35.24 -0.20
N LYS L 193 0.01 34.29 0.58
CA LYS L 193 -0.63 33.10 0.01
C LYS L 193 -1.82 33.35 -0.84
N SER L 194 -2.24 34.60 -0.95
CA SER L 194 -3.39 34.89 -1.85
C SER L 194 -2.83 34.68 -3.28
N ILE L 195 -1.51 34.61 -3.39
CA ILE L 195 -0.82 34.41 -4.66
C ILE L 195 -0.68 32.89 -4.81
N ALA L 196 -1.41 32.31 -5.72
CA ALA L 196 -1.40 30.86 -5.96
C ALA L 196 -0.08 30.29 -6.42
N ASN L 197 0.65 30.90 -7.31
CA ASN L 197 1.92 30.40 -7.82
C ASN L 197 3.14 30.90 -7.05
N PRO L 198 3.96 29.97 -6.61
CA PRO L 198 5.17 30.23 -5.84
C PRO L 198 6.18 31.07 -6.59
N GLU L 199 6.15 30.96 -7.93
CA GLU L 199 7.08 31.75 -8.71
C GLU L 199 6.68 33.22 -8.60
N ALA L 200 5.39 33.46 -8.50
CA ALA L 200 4.87 34.84 -8.40
C ALA L 200 5.28 35.48 -7.08
N VAL L 201 5.39 34.67 -6.03
CA VAL L 201 5.73 35.15 -4.69
C VAL L 201 7.14 35.66 -4.65
N GLN L 202 8.01 34.93 -5.40
CA GLN L 202 9.42 35.22 -5.52
C GLN L 202 9.65 36.61 -6.06
N GLN L 203 8.76 37.09 -6.90
CA GLN L 203 8.84 38.43 -7.49
C GLN L 203 8.67 39.59 -6.51
N LEU L 204 8.13 39.32 -5.35
CA LEU L 204 7.84 40.26 -4.31
C LEU L 204 8.92 40.32 -3.25
N ILE L 205 9.93 39.46 -3.41
CA ILE L 205 11.01 39.40 -2.44
C ILE L 205 12.25 40.18 -2.84
N ALA L 206 12.55 41.18 -2.03
CA ALA L 206 13.69 42.03 -2.23
C ALA L 206 14.94 41.23 -1.82
N LYS L 207 15.97 41.33 -2.67
CA LYS L 207 17.23 40.67 -2.44
C LYS L 207 18.22 41.60 -1.72
N LEU L 208 18.94 41.03 -0.80
CA LEU L 208 19.98 41.83 -0.08
C LEU L 208 20.95 42.23 -1.26
N ASP L 209 21.37 43.46 -1.19
CA ASP L 209 22.31 43.95 -2.27
C ASP L 209 23.51 44.61 -1.62
N MET L 210 24.54 43.86 -1.30
CA MET L 210 25.78 44.30 -0.70
C MET L 210 26.55 45.28 -1.57
N ASN L 211 26.34 45.20 -2.86
CA ASN L 211 27.03 46.06 -3.85
C ASN L 211 26.57 47.51 -3.74
N ASN L 212 25.33 47.68 -3.38
CA ASN L 212 24.66 48.95 -3.27
C ASN L 212 24.72 49.58 -1.90
N ALA L 213 25.23 48.85 -0.95
CA ALA L 213 25.33 49.28 0.45
C ALA L 213 26.42 50.28 0.73
N ASN L 214 26.21 51.13 1.71
CA ASN L 214 27.23 52.13 2.09
C ASN L 214 27.92 51.55 3.32
N PRO L 215 29.16 51.14 3.15
CA PRO L 215 29.97 50.56 4.22
C PRO L 215 29.94 51.45 5.43
N MET L 216 29.91 50.88 6.58
CA MET L 216 29.86 51.48 7.88
C MET L 216 28.62 52.37 8.04
N ASP L 217 27.60 52.19 7.22
CA ASP L 217 26.41 53.07 7.30
C ASP L 217 25.08 52.43 7.14
N CYS L 218 24.80 51.87 5.96
CA CYS L 218 23.51 51.23 5.71
C CYS L 218 23.59 50.12 4.70
N LEU L 219 22.70 49.17 4.83
CA LEU L 219 22.60 48.03 3.87
C LEU L 219 21.68 48.46 2.72
N ALA L 220 21.53 47.58 1.72
CA ALA L 220 20.66 47.90 0.57
C ALA L 220 19.94 46.61 0.15
N TYR L 221 18.78 46.83 -0.42
CA TYR L 221 17.85 45.81 -0.90
C TYR L 221 17.46 46.21 -2.29
N ARG L 222 17.31 45.21 -3.14
CA ARG L 222 16.98 45.57 -4.56
C ARG L 222 15.61 45.06 -4.84
N PHE L 223 14.84 45.90 -5.50
CA PHE L 223 13.46 45.53 -5.82
C PHE L 223 13.04 46.05 -7.17
N ASP L 224 13.00 45.13 -8.12
CA ASP L 224 12.63 45.50 -9.50
C ASP L 224 11.15 45.24 -9.66
N ILE L 225 10.52 46.04 -10.49
CA ILE L 225 9.09 45.97 -10.71
C ILE L 225 8.80 45.92 -12.19
N VAL L 226 7.96 45.02 -12.63
CA VAL L 226 7.57 44.87 -14.04
C VAL L 226 6.11 45.27 -14.24
N LEU L 227 5.88 46.32 -15.04
CA LEU L 227 4.46 46.71 -15.31
C LEU L 227 4.08 46.05 -16.64
N ARG L 228 2.80 46.08 -16.96
CA ARG L 228 2.28 45.49 -18.18
C ARG L 228 3.10 45.95 -19.40
N GLY L 229 3.33 45.01 -20.29
CA GLY L 229 4.07 45.29 -21.55
C GLY L 229 3.25 46.28 -22.37
N GLN L 230 3.95 47.30 -22.91
CA GLN L 230 3.26 48.29 -23.75
C GLN L 230 3.68 48.04 -25.21
N ARG L 231 2.72 48.14 -26.10
CA ARG L 231 3.04 47.91 -27.54
C ARG L 231 2.20 48.90 -28.32
N LYS L 232 2.64 49.11 -29.55
CA LYS L 232 1.92 50.04 -30.47
C LYS L 232 0.77 49.18 -31.02
N THR L 233 -0.25 49.92 -31.44
CA THR L 233 -1.45 49.22 -32.03
C THR L 233 -0.98 48.83 -33.43
N HIS L 234 -1.61 47.82 -33.97
CA HIS L 234 -1.25 47.35 -35.31
C HIS L 234 -2.47 46.71 -35.96
N PHE L 235 -2.64 47.00 -37.23
CA PHE L 235 -3.72 46.43 -38.02
C PHE L 235 -5.05 46.66 -37.33
N GLU L 236 -5.08 47.69 -36.48
CA GLU L 236 -6.38 47.96 -35.81
C GLU L 236 -7.42 48.55 -36.75
FE FE M . -9.24 -21.35 6.09
C1 BME N . -24.58 -16.88 -11.01
C2 BME N . -23.25 -17.39 -10.48
O1 BME N . -24.52 -15.43 -10.87
S2 BME N . -23.05 -19.15 -10.89
N1 INO O . -7.21 -22.01 7.75
C2 INO O . -6.57 -22.42 6.68
C3 INO O . -5.51 -23.30 6.76
C4 INO O . -5.09 -23.76 8.02
C5 INO O . -5.75 -23.26 9.16
C6 INO O . -6.84 -22.39 8.99
C7 INO O . -3.95 -24.81 8.14
O1 INO O . -3.41 -25.22 7.13
O2 INO O . -3.57 -25.22 9.24
O3 INO O . -6.91 -22.02 5.55
O4 INO O . -8.21 -21.15 7.64
FE FE P . 33.73 -18.64 21.24
C1 BME Q . 29.50 -2.23 37.66
C2 BME Q . 29.63 -3.42 36.69
O1 BME Q . 28.91 -1.16 36.87
S2 BME Q . 28.37 -4.60 37.27
N1 INO R . 33.88 -20.51 19.19
C2 INO R . 32.57 -20.36 19.19
C3 INO R . 31.71 -21.32 18.63
C4 INO R . 32.29 -22.49 18.11
C5 INO R . 33.69 -22.61 18.13
C6 INO R . 34.46 -21.61 18.72
C7 INO R . 31.42 -23.64 17.57
O1 INO R . 30.20 -23.57 17.55
O2 INO R . 31.97 -24.65 17.13
O3 INO R . 32.05 -19.36 19.70
O4 INO R . 34.67 -19.55 19.63
FE FE S . 25.40 -33.74 -20.99
C1 BME T . 46.44 -29.04 -30.20
C2 BME T . 45.87 -28.80 -28.83
O1 BME T . 46.58 -27.75 -30.84
S2 BME T . 46.04 -30.26 -27.75
N1 INO U . 23.06 -34.27 -19.54
C2 INO U . 23.77 -33.90 -18.49
C3 INO U . 23.39 -34.26 -17.19
C4 INO U . 22.17 -34.98 -17.04
C5 INO U . 21.45 -35.38 -18.20
C6 INO U . 21.94 -34.98 -19.43
C7 INO U . 21.73 -35.48 -15.65
O1 INO U . 22.36 -35.18 -14.66
O2 INO U . 20.71 -36.18 -15.54
O3 INO U . 24.84 -33.26 -18.66
O4 INO U . 23.46 -33.92 -20.78
FE FE V . -20.30 6.79 10.94
C1 BME W . -9.35 0.31 30.70
C2 BME W . -9.29 1.51 29.81
O1 BME W . -8.27 -0.54 30.15
S2 BME W . -10.54 2.75 30.22
N1 INO X . -21.51 7.87 8.50
C2 INO X . -20.83 8.92 8.87
C3 INO X . -21.12 10.19 8.38
C4 INO X . -22.23 10.34 7.50
C5 INO X . -22.98 9.21 7.18
C6 INO X . -22.56 7.97 7.69
C7 INO X . -22.64 11.74 7.02
O1 INO X . -22.02 12.73 7.36
O2 INO X . -23.61 11.87 6.24
O3 INO X . -19.88 8.81 9.67
O4 INO X . -21.21 6.65 8.96
FE FE Y . -17.86 26.23 -30.21
C1 BME Z . -20.56 6.98 -42.89
C2 BME Z . -20.55 7.58 -41.50
O1 BME Z . -19.37 6.14 -42.94
S2 BME Z . -22.21 7.36 -40.71
N1 INO AA . -17.57 28.51 -28.48
C2 INO AA . -17.83 27.59 -27.58
C3 INO AA . -18.28 27.94 -26.30
C4 INO AA . -18.47 29.33 -26.03
C5 INO AA . -18.14 30.27 -27.01
C6 INO AA . -17.71 29.82 -28.27
C7 INO AA . -19.08 29.76 -24.69
O1 INO AA . -19.34 28.89 -23.84
O2 INO AA . -19.24 30.98 -24.43
O3 INO AA . -17.69 26.38 -27.84
O4 INO AA . -17.11 28.13 -29.68
FE FE BA . 0.94 46.62 6.12
C1 BME CA . 16.33 59.86 -5.78
C2 BME CA . 15.27 58.79 -5.74
O1 BME CA . 17.58 59.21 -6.04
S2 BME CA . 13.68 59.47 -6.28
N1 INO DA . -1.03 45.00 7.02
C2 INO DA . -1.37 44.81 5.77
C3 INO DA . -2.64 44.34 5.43
C4 INO DA . -3.58 44.09 6.47
C5 INO DA . -3.19 44.30 7.81
C6 INO DA . -1.88 44.78 8.05
C7 INO DA . -4.99 43.64 6.14
O1 INO DA . -5.36 43.43 4.97
O2 INO DA . -5.81 43.46 7.07
O3 INO DA . -0.57 45.07 4.87
O4 INO DA . 0.18 45.45 7.34
#